data_2LKO
#
_entry.id   2LKO
#
loop_
_entity.id
_entity.type
_entity.pdbx_description
1 polymer 'Fermitin family homolog 2'
2 non-polymer INOSITOL-(1,3,4,5)-TETRAKISPHOSPHATE
#
_entity_poly.entity_id   1
_entity_poly.type   'polypeptide(L)'
_entity_poly.pdbx_seq_one_letter_code
;GSHMGDITSIPELADYIKVFKPKKLTLKGYKQYWCTFKDTSISCYKSKEESSGTPAHQMNLRGCEVTPDVNISGQKFNIK
LLIPVAEGMNEIWLRCDNEKQYAHWMAACRLASKGKTMADSSYNLEVQNILSFLKMQH
;
_entity_poly.pdbx_strand_id   A
#
loop_
_chem_comp.id
_chem_comp.type
_chem_comp.name
_chem_comp.formula
4IP non-polymer INOSITOL-(1,3,4,5)-TETRAKISPHOSPHATE 'C6 H16 O18 P4'
#
# COMPACT_ATOMS: atom_id res chain seq x y z
N GLY A 1 9.91 -1.71 19.74
CA GLY A 1 10.98 -0.96 20.53
C GLY A 1 12.20 -0.47 19.83
N SER A 2 13.21 -0.10 20.56
CA SER A 2 14.47 0.41 19.91
C SER A 2 15.63 0.26 20.89
N HIS A 3 16.17 -0.93 21.02
CA HIS A 3 17.33 -1.14 21.95
C HIS A 3 18.32 -2.11 21.30
N MET A 4 18.14 -3.40 21.50
CA MET A 4 19.09 -4.37 20.87
C MET A 4 18.78 -4.49 19.38
N GLY A 5 17.78 -5.25 19.04
CA GLY A 5 17.42 -5.42 17.59
C GLY A 5 16.31 -4.44 17.23
N ASP A 6 15.74 -4.58 16.06
CA ASP A 6 14.64 -3.66 15.64
C ASP A 6 15.07 -2.20 15.86
N ILE A 7 16.32 -1.90 15.59
CA ILE A 7 16.80 -0.50 15.78
C ILE A 7 15.81 0.49 15.15
N THR A 8 15.61 0.40 13.86
CA THR A 8 14.66 1.34 13.18
C THR A 8 13.84 0.58 12.14
N SER A 9 13.25 1.27 11.21
CA SER A 9 12.43 0.59 10.16
C SER A 9 13.34 0.06 9.06
N ILE A 10 13.80 -1.16 9.19
CA ILE A 10 14.71 -1.74 8.16
C ILE A 10 14.03 -1.74 6.78
N PRO A 11 12.76 -2.09 6.69
CA PRO A 11 12.02 -2.13 5.40
C PRO A 11 11.29 -0.82 5.12
N GLU A 12 11.91 0.07 4.38
CA GLU A 12 11.24 1.38 4.07
C GLU A 12 10.51 1.29 2.73
N LEU A 13 9.23 1.55 2.75
CA LEU A 13 8.41 1.52 1.50
C LEU A 13 7.31 2.57 1.64
N ALA A 14 7.26 3.55 0.78
CA ALA A 14 6.21 4.60 0.95
C ALA A 14 5.88 5.25 -0.40
N ASP A 15 4.66 5.68 -0.56
CA ASP A 15 4.23 6.36 -1.81
C ASP A 15 2.90 7.05 -1.55
N TYR A 16 2.47 7.90 -2.44
CA TYR A 16 1.18 8.64 -2.25
C TYR A 16 0.17 8.25 -3.32
N ILE A 17 -0.96 7.71 -2.94
CA ILE A 17 -2.00 7.32 -3.95
C ILE A 17 -3.39 7.70 -3.40
N LYS A 18 -4.40 7.58 -4.22
CA LYS A 18 -5.78 7.96 -3.77
C LYS A 18 -6.46 6.76 -3.13
N VAL A 19 -7.37 7.02 -2.23
CA VAL A 19 -8.13 5.92 -1.56
C VAL A 19 -9.60 6.35 -1.46
N PHE A 20 -10.51 5.43 -1.54
CA PHE A 20 -11.95 5.81 -1.45
C PHE A 20 -12.75 4.63 -0.89
N LYS A 21 -13.42 4.82 0.22
CA LYS A 21 -14.21 3.73 0.86
C LYS A 21 -15.70 4.13 0.85
N PRO A 22 -16.60 3.18 0.91
CA PRO A 22 -18.05 3.49 0.92
C PRO A 22 -18.47 4.02 2.29
N LYS A 23 -17.61 3.87 3.26
CA LYS A 23 -17.90 4.37 4.62
C LYS A 23 -19.14 3.73 5.18
N LYS A 24 -19.03 3.24 6.38
CA LYS A 24 -20.18 2.58 7.06
C LYS A 24 -21.17 3.67 7.52
N LEU A 25 -20.67 4.73 8.10
CA LEU A 25 -21.58 5.82 8.57
C LEU A 25 -21.67 6.91 7.48
N THR A 26 -20.62 7.66 7.28
CA THR A 26 -20.66 8.72 6.23
C THR A 26 -19.23 9.14 5.84
N LEU A 27 -18.52 9.78 6.74
CA LEU A 27 -17.13 10.21 6.41
C LEU A 27 -17.13 10.94 5.07
N LYS A 28 -16.00 11.03 4.43
CA LYS A 28 -15.93 11.77 3.11
C LYS A 28 -15.08 11.00 2.08
N GLY A 29 -14.36 9.98 2.47
CA GLY A 29 -13.54 9.22 1.46
C GLY A 29 -12.72 10.18 0.60
N TYR A 30 -12.16 9.70 -0.48
CA TYR A 30 -11.35 10.58 -1.36
C TYR A 30 -10.31 11.33 -0.51
N LYS A 31 -9.11 10.83 -0.45
CA LYS A 31 -8.07 11.50 0.39
C LYS A 31 -6.68 11.10 -0.09
N GLN A 32 -5.77 12.03 -0.05
CA GLN A 32 -4.35 11.77 -0.44
C GLN A 32 -3.54 11.56 0.83
N TYR A 33 -3.05 10.36 1.04
CA TYR A 33 -2.22 10.08 2.26
C TYR A 33 -1.01 9.24 1.87
N TRP A 34 0.10 9.47 2.53
CA TRP A 34 1.35 8.71 2.23
C TRP A 34 1.65 7.74 3.39
N CYS A 35 1.24 6.51 3.27
CA CYS A 35 1.50 5.53 4.37
C CYS A 35 2.88 4.90 4.16
N THR A 36 3.48 4.37 5.20
CA THR A 36 4.83 3.74 5.07
C THR A 36 4.90 2.46 5.90
N PHE A 37 5.70 1.52 5.47
CA PHE A 37 5.83 0.23 6.22
C PHE A 37 7.02 0.32 7.18
N LYS A 38 6.75 0.50 8.44
CA LYS A 38 7.85 0.63 9.44
C LYS A 38 8.33 -0.76 9.90
N ASP A 39 9.18 -0.78 10.89
CA ASP A 39 9.74 -2.06 11.45
C ASP A 39 8.82 -3.25 11.18
N THR A 40 7.65 -3.27 11.75
CA THR A 40 6.72 -4.41 11.53
C THR A 40 5.28 -3.91 11.59
N SER A 41 5.09 -2.63 11.74
CA SER A 41 3.71 -2.05 11.81
C SER A 41 3.60 -0.94 10.75
N ILE A 42 2.40 -0.50 10.47
CA ILE A 42 2.21 0.58 9.45
C ILE A 42 1.99 1.92 10.15
N SER A 43 2.07 2.99 9.41
CA SER A 43 1.84 4.35 10.00
C SER A 43 1.09 5.17 8.95
N CYS A 44 0.40 6.21 9.36
CA CYS A 44 -0.37 7.02 8.35
C CYS A 44 -0.32 8.51 8.70
N TYR A 45 0.05 9.33 7.74
CA TYR A 45 0.11 10.81 7.96
C TYR A 45 -0.63 11.50 6.81
N LYS A 46 -1.55 12.38 7.11
CA LYS A 46 -2.29 13.11 6.03
C LYS A 46 -1.62 14.45 5.82
N SER A 47 -0.84 14.86 6.78
CA SER A 47 -0.13 16.16 6.68
C SER A 47 1.02 16.17 7.69
N LYS A 48 2.23 16.13 7.22
CA LYS A 48 3.39 16.12 8.17
C LYS A 48 3.21 17.22 9.22
N GLU A 49 2.26 18.10 9.05
CA GLU A 49 2.07 19.19 10.06
C GLU A 49 1.17 18.69 11.21
N GLU A 50 -0.07 18.36 10.92
CA GLU A 50 -1.01 17.87 11.98
C GLU A 50 -0.78 18.62 13.30
N SER A 51 -0.26 19.81 13.22
CA SER A 51 0.00 20.60 14.46
C SER A 51 1.16 19.95 15.25
N SER A 52 1.22 18.64 15.26
CA SER A 52 2.31 17.93 16.01
C SER A 52 3.00 16.94 15.06
N GLY A 53 2.38 16.63 13.95
CA GLY A 53 3.00 15.68 12.98
C GLY A 53 2.66 14.25 13.39
N THR A 54 1.93 14.07 14.45
CA THR A 54 1.56 12.71 14.89
C THR A 54 0.60 12.08 13.85
N PRO A 55 0.82 10.84 13.43
CA PRO A 55 -0.07 10.20 12.42
C PRO A 55 -1.48 9.94 12.99
N ALA A 56 -2.46 9.80 12.14
CA ALA A 56 -3.84 9.55 12.63
C ALA A 56 -4.06 8.05 12.83
N HIS A 57 -3.56 7.23 11.94
CA HIS A 57 -3.75 5.75 12.06
C HIS A 57 -2.37 5.07 12.14
N GLN A 58 -2.20 4.19 13.10
CA GLN A 58 -0.90 3.48 13.24
C GLN A 58 -1.17 2.09 13.82
N MET A 59 -0.98 1.07 13.05
CA MET A 59 -1.23 -0.30 13.54
C MET A 59 -0.70 -1.32 12.52
N ASN A 60 -0.67 -2.58 12.90
CA ASN A 60 -0.18 -3.65 11.97
C ASN A 60 -1.39 -4.30 11.30
N LEU A 61 -1.73 -3.83 10.14
CA LEU A 61 -2.90 -4.41 9.42
C LEU A 61 -2.50 -5.71 8.73
N ARG A 62 -1.50 -5.67 7.89
CA ARG A 62 -1.03 -6.90 7.18
C ARG A 62 -2.24 -7.70 6.67
N GLY A 63 -2.01 -8.88 6.19
CA GLY A 63 -3.11 -9.74 5.68
C GLY A 63 -3.78 -9.05 4.50
N CYS A 64 -3.17 -8.02 3.96
CA CYS A 64 -3.79 -7.32 2.81
C CYS A 64 -4.02 -8.30 1.67
N GLU A 65 -5.20 -8.32 1.14
CA GLU A 65 -5.53 -9.24 0.01
C GLU A 65 -5.47 -8.43 -1.29
N VAL A 66 -4.64 -8.82 -2.22
CA VAL A 66 -4.50 -8.05 -3.50
C VAL A 66 -5.10 -8.82 -4.67
N THR A 67 -5.75 -8.10 -5.57
CA THR A 67 -6.35 -8.73 -6.79
C THR A 67 -5.75 -8.03 -8.03
N PRO A 68 -4.87 -8.67 -8.77
CA PRO A 68 -4.23 -8.05 -9.96
C PRO A 68 -5.12 -8.04 -11.21
N ASP A 69 -5.47 -6.88 -11.67
CA ASP A 69 -6.31 -6.76 -12.89
C ASP A 69 -6.01 -5.43 -13.55
N VAL A 70 -4.99 -5.37 -14.36
CA VAL A 70 -4.60 -4.11 -15.04
C VAL A 70 -4.52 -4.31 -16.55
N ASN A 71 -5.42 -3.69 -17.27
CA ASN A 71 -5.39 -3.78 -18.75
C ASN A 71 -4.58 -2.61 -19.27
N ILE A 72 -3.48 -2.86 -19.92
CA ILE A 72 -2.65 -1.75 -20.41
C ILE A 72 -3.26 -1.11 -21.65
N SER A 73 -4.17 -1.79 -22.29
CA SER A 73 -4.78 -1.25 -23.54
C SER A 73 -5.12 0.24 -23.33
N GLY A 74 -5.82 0.56 -22.28
CA GLY A 74 -6.16 1.99 -22.00
C GLY A 74 -5.29 2.42 -20.82
N GLN A 75 -4.21 1.73 -20.60
CA GLN A 75 -3.31 2.08 -19.46
C GLN A 75 -4.15 2.17 -18.20
N LYS A 76 -5.04 1.21 -18.00
CA LYS A 76 -5.93 1.23 -16.80
C LYS A 76 -5.46 0.19 -15.77
N PHE A 77 -5.05 0.65 -14.62
CA PHE A 77 -4.61 -0.30 -13.54
C PHE A 77 -5.72 -0.38 -12.48
N ASN A 78 -6.21 -1.56 -12.18
CA ASN A 78 -7.30 -1.68 -11.16
C ASN A 78 -6.94 -2.73 -10.09
N ILE A 79 -6.44 -2.28 -8.95
CA ILE A 79 -6.08 -3.21 -7.84
C ILE A 79 -7.00 -2.94 -6.66
N LYS A 80 -7.75 -3.93 -6.26
CA LYS A 80 -8.69 -3.73 -5.10
C LYS A 80 -7.97 -4.15 -3.82
N LEU A 81 -8.11 -3.38 -2.76
CA LEU A 81 -7.40 -3.73 -1.48
C LEU A 81 -8.43 -4.25 -0.44
N LEU A 82 -8.43 -5.53 -0.17
CA LEU A 82 -9.41 -6.09 0.82
C LEU A 82 -8.66 -6.61 2.06
N ILE A 83 -9.23 -6.44 3.23
CA ILE A 83 -8.56 -6.91 4.48
C ILE A 83 -9.62 -7.51 5.44
N PRO A 84 -9.49 -8.77 5.83
CA PRO A 84 -10.48 -9.40 6.78
C PRO A 84 -10.24 -8.93 8.22
N VAL A 85 -11.30 -8.62 8.95
CA VAL A 85 -11.12 -8.16 10.37
C VAL A 85 -12.26 -8.72 11.23
N ALA A 86 -12.27 -8.38 12.50
CA ALA A 86 -13.33 -8.89 13.41
C ALA A 86 -14.68 -8.33 13.00
N GLU A 87 -14.75 -7.05 12.71
CA GLU A 87 -16.05 -6.44 12.30
C GLU A 87 -16.54 -7.14 11.03
N GLY A 88 -15.64 -7.58 10.20
CA GLY A 88 -16.05 -8.25 8.94
C GLY A 88 -14.90 -8.16 7.93
N MET A 89 -15.01 -7.26 7.00
CA MET A 89 -13.93 -7.10 5.99
C MET A 89 -13.83 -5.62 5.61
N ASN A 90 -12.64 -5.08 5.62
CA ASN A 90 -12.49 -3.64 5.27
C ASN A 90 -12.32 -3.52 3.75
N GLU A 91 -13.37 -3.23 3.05
CA GLU A 91 -13.25 -3.11 1.57
C GLU A 91 -12.59 -1.78 1.25
N ILE A 92 -11.44 -1.84 0.63
CA ILE A 92 -10.69 -0.59 0.28
C ILE A 92 -10.10 -0.77 -1.10
N TRP A 93 -10.06 0.28 -1.86
CA TRP A 93 -9.48 0.19 -3.22
C TRP A 93 -8.80 1.53 -3.52
N LEU A 94 -7.59 1.49 -4.03
CA LEU A 94 -6.87 2.76 -4.33
C LEU A 94 -7.00 3.08 -5.82
N ARG A 95 -6.95 4.34 -6.17
CA ARG A 95 -7.09 4.72 -7.62
C ARG A 95 -5.73 4.62 -8.32
N CYS A 96 -5.74 4.52 -9.61
CA CYS A 96 -4.46 4.40 -10.37
C CYS A 96 -3.87 5.80 -10.63
N ASP A 97 -2.61 5.87 -10.97
CA ASP A 97 -1.97 7.19 -11.23
C ASP A 97 -0.87 7.06 -12.28
N ASN A 98 -0.12 5.99 -12.26
CA ASN A 98 0.97 5.82 -13.27
C ASN A 98 1.65 4.45 -13.06
N GLU A 99 2.18 3.89 -14.10
CA GLU A 99 2.85 2.56 -13.97
C GLU A 99 3.74 2.55 -12.73
N LYS A 100 4.44 3.62 -12.49
CA LYS A 100 5.33 3.69 -11.30
C LYS A 100 4.50 3.43 -10.04
N GLN A 101 3.22 3.58 -10.13
CA GLN A 101 2.35 3.35 -8.94
C GLN A 101 2.25 1.85 -8.65
N TYR A 102 1.60 1.10 -9.51
CA TYR A 102 1.46 -0.37 -9.27
C TYR A 102 2.78 -0.96 -8.76
N ALA A 103 3.88 -0.55 -9.32
CA ALA A 103 5.18 -1.12 -8.88
C ALA A 103 5.40 -0.94 -7.37
N HIS A 104 5.07 0.21 -6.83
CA HIS A 104 5.35 0.43 -5.37
C HIS A 104 4.37 -0.33 -4.46
N TRP A 105 3.10 -0.01 -4.46
CA TRP A 105 2.16 -0.70 -3.51
C TRP A 105 1.73 -2.09 -4.02
N MET A 106 1.34 -2.26 -5.26
CA MET A 106 0.89 -3.63 -5.70
C MET A 106 1.94 -4.66 -5.24
N ALA A 107 3.19 -4.36 -5.39
CA ALA A 107 4.22 -5.33 -4.95
C ALA A 107 4.24 -5.34 -3.42
N ALA A 108 4.54 -4.23 -2.81
CA ALA A 108 4.56 -4.18 -1.32
C ALA A 108 3.29 -4.82 -0.77
N CYS A 109 2.15 -4.46 -1.29
CA CYS A 109 0.88 -5.07 -0.80
C CYS A 109 1.01 -6.59 -0.83
N ARG A 110 1.42 -7.15 -1.94
CA ARG A 110 1.57 -8.63 -2.02
C ARG A 110 2.51 -9.06 -0.88
N LEU A 111 3.71 -8.57 -0.89
CA LEU A 111 4.68 -8.92 0.20
C LEU A 111 4.01 -8.71 1.55
N ALA A 112 3.53 -7.52 1.77
CA ALA A 112 2.85 -7.20 3.07
C ALA A 112 1.93 -8.36 3.46
N SER A 113 1.55 -9.17 2.50
CA SER A 113 0.66 -10.32 2.80
C SER A 113 1.44 -11.37 3.61
N LYS A 114 2.63 -11.72 3.20
CA LYS A 114 3.40 -12.74 3.97
C LYS A 114 3.89 -12.12 5.29
N GLY A 115 3.54 -10.88 5.54
CA GLY A 115 3.95 -10.20 6.81
C GLY A 115 5.12 -9.24 6.55
N LYS A 116 6.05 -9.60 5.71
CA LYS A 116 7.20 -8.69 5.45
C LYS A 116 6.86 -7.73 4.31
N THR A 117 7.76 -6.83 4.01
CA THR A 117 7.54 -5.83 2.92
C THR A 117 8.52 -6.12 1.77
N MET A 118 8.69 -5.17 0.87
CA MET A 118 9.61 -5.37 -0.29
C MET A 118 11.05 -5.64 0.17
N ALA A 119 11.25 -6.21 1.33
CA ALA A 119 12.64 -6.49 1.79
C ALA A 119 13.07 -7.85 1.24
N ASP A 120 12.20 -8.50 0.54
CA ASP A 120 12.53 -9.84 -0.03
C ASP A 120 12.93 -9.70 -1.50
N SER A 121 13.96 -10.40 -1.90
CA SER A 121 14.43 -10.30 -3.31
C SER A 121 13.29 -10.71 -4.25
N SER A 122 12.35 -11.48 -3.75
CA SER A 122 11.22 -11.94 -4.62
C SER A 122 10.48 -10.72 -5.19
N TYR A 123 10.17 -9.75 -4.37
CA TYR A 123 9.44 -8.55 -4.87
C TYR A 123 10.04 -8.06 -6.20
N ASN A 124 11.33 -8.18 -6.36
CA ASN A 124 11.96 -7.72 -7.63
C ASN A 124 11.22 -8.33 -8.82
N LEU A 125 10.95 -9.59 -8.76
CA LEU A 125 10.24 -10.26 -9.89
C LEU A 125 8.83 -9.66 -10.03
N GLU A 126 8.25 -9.20 -8.96
CA GLU A 126 6.89 -8.62 -9.05
C GLU A 126 6.93 -7.28 -9.78
N VAL A 127 7.80 -6.40 -9.40
CA VAL A 127 7.89 -5.08 -10.09
C VAL A 127 8.51 -5.29 -11.47
N GLN A 128 9.54 -6.07 -11.54
CA GLN A 128 10.19 -6.32 -12.86
C GLN A 128 9.18 -6.95 -13.81
N ASN A 129 8.12 -7.50 -13.29
CA ASN A 129 7.11 -8.15 -14.18
C ASN A 129 6.21 -7.08 -14.83
N ILE A 130 5.71 -6.15 -14.07
CA ILE A 130 4.82 -5.11 -14.65
C ILE A 130 5.58 -4.29 -15.71
N LEU A 131 6.61 -3.60 -15.31
CA LEU A 131 7.38 -2.77 -16.28
C LEU A 131 7.68 -3.60 -17.54
N SER A 132 7.70 -4.90 -17.44
CA SER A 132 7.99 -5.74 -18.63
C SER A 132 6.92 -5.52 -19.70
N PHE A 133 5.69 -5.30 -19.31
CA PHE A 133 4.62 -5.09 -20.32
C PHE A 133 4.82 -3.75 -21.02
N LEU A 134 5.37 -2.78 -20.35
CA LEU A 134 5.59 -1.47 -20.99
C LEU A 134 6.58 -1.66 -22.13
N LYS A 135 7.63 -2.37 -21.87
CA LYS A 135 8.63 -2.62 -22.94
C LYS A 135 7.92 -3.23 -24.14
N MET A 136 7.00 -4.11 -23.89
CA MET A 136 6.26 -4.75 -25.01
C MET A 136 5.45 -3.68 -25.74
N GLN A 137 4.78 -2.82 -25.01
CA GLN A 137 3.98 -1.75 -25.68
C GLN A 137 3.45 -0.80 -24.61
N HIS A 138 3.64 0.48 -24.79
CA HIS A 138 3.14 1.46 -23.80
C HIS A 138 1.69 1.14 -23.45
C1 4IP B . -11.22 9.19 7.76
O1 4IP B . -12.39 10.00 7.60
C2 4IP B . -10.98 8.42 6.44
O2 4IP B . -12.16 7.65 6.12
C3 4IP B . -9.79 7.47 6.59
O3 4IP B . -9.63 6.72 5.38
C4 4IP B . -10.04 6.49 7.74
O4 4IP B . -11.21 5.71 7.47
C5 4IP B . -10.25 7.26 9.05
O5 4IP B . -10.49 6.35 10.12
C6 4IP B . -11.44 8.21 8.91
O6 4IP B . -11.59 8.95 10.13
P1 4IP B . -12.61 11.28 8.56
O1P 4IP B . -13.25 10.93 9.86
O2P 4IP B . -13.49 12.32 7.71
O3P 4IP B . -11.17 11.97 8.74
P3 4IP B . -8.28 5.87 5.14
O4P 4IP B . -8.36 4.51 5.71
O5P 4IP B . -7.08 6.74 5.79
O6P 4IP B . -8.02 5.88 3.55
P4 4IP B . -11.42 4.29 8.20
O7P 4IP B . -12.26 3.35 7.42
O8P 4IP B . -12.06 4.63 9.65
O9P 4IP B . -9.94 3.71 8.50
P5 4IP B . -10.67 6.89 11.63
OPF 4IP B . -12.07 7.22 11.95
OPG 4IP B . -9.68 8.15 11.76
OPH 4IP B . -10.06 5.76 12.59
H1 4IP B . -10.37 9.80 7.96
H2 4IP B . -10.79 9.12 5.65
HO2 4IP B . -11.99 7.13 5.29
H3 4IP B . -8.91 8.05 6.79
H4 4IP B . -9.19 5.84 7.84
H5 4IP B . -9.36 7.83 9.26
H6 4IP B . -12.33 7.63 8.74
HO6 4IP B . -12.49 9.39 10.15
N GLY A 1 7.63 5.69 20.25
CA GLY A 1 7.97 5.60 21.74
C GLY A 1 9.03 6.49 22.29
N SER A 2 9.44 6.24 23.51
CA SER A 2 10.50 7.08 24.13
C SER A 2 11.87 6.69 23.56
N HIS A 3 11.97 5.52 23.01
CA HIS A 3 13.28 5.08 22.44
C HIS A 3 13.04 3.88 21.50
N MET A 4 11.98 3.15 21.72
CA MET A 4 11.70 1.97 20.84
C MET A 4 10.99 2.45 19.57
N GLY A 5 11.14 1.74 18.49
CA GLY A 5 10.48 2.15 17.22
C GLY A 5 11.08 3.47 16.74
N ASP A 6 12.37 3.53 16.60
CA ASP A 6 13.02 4.79 16.15
C ASP A 6 12.69 5.04 14.68
N ILE A 7 13.48 5.83 14.01
CA ILE A 7 13.21 6.13 12.57
C ILE A 7 13.95 5.12 11.67
N THR A 8 14.71 4.23 12.26
CA THR A 8 15.46 3.23 11.44
C THR A 8 14.62 1.96 11.28
N SER A 9 13.61 2.02 10.46
CA SER A 9 12.75 0.82 10.25
C SER A 9 13.46 -0.14 9.28
N ILE A 10 13.78 -1.32 9.72
CA ILE A 10 14.50 -2.28 8.83
C ILE A 10 13.61 -2.64 7.62
N PRO A 11 12.34 -2.90 7.83
CA PRO A 11 11.39 -3.25 6.75
C PRO A 11 10.53 -2.05 6.35
N GLU A 12 11.08 -1.11 5.63
CA GLU A 12 10.29 0.09 5.24
C GLU A 12 9.81 -0.01 3.77
N LEU A 13 8.56 0.24 3.55
CA LEU A 13 7.99 0.20 2.16
C LEU A 13 6.89 1.26 2.09
N ALA A 14 7.12 2.31 1.33
CA ALA A 14 6.09 3.39 1.27
C ALA A 14 6.11 4.09 -0.09
N ASP A 15 5.06 4.81 -0.38
CA ASP A 15 4.97 5.56 -1.65
C ASP A 15 3.90 6.64 -1.50
N TYR A 16 3.84 7.57 -2.41
CA TYR A 16 2.81 8.67 -2.31
C TYR A 16 1.63 8.36 -3.24
N ILE A 17 0.54 7.86 -2.70
CA ILE A 17 -0.66 7.58 -3.55
C ILE A 17 -1.92 7.87 -2.76
N LYS A 18 -3.02 8.09 -3.42
CA LYS A 18 -4.30 8.42 -2.72
C LYS A 18 -5.20 7.18 -2.69
N VAL A 19 -6.20 7.20 -1.85
CA VAL A 19 -7.14 6.02 -1.74
C VAL A 19 -8.58 6.51 -1.65
N PHE A 20 -9.51 5.68 -2.02
CA PHE A 20 -10.95 6.07 -1.95
C PHE A 20 -11.80 4.81 -1.73
N LYS A 21 -12.51 4.75 -0.62
CA LYS A 21 -13.36 3.56 -0.33
C LYS A 21 -14.75 4.06 0.11
N PRO A 22 -15.65 3.18 0.44
CA PRO A 22 -17.03 3.58 0.86
C PRO A 22 -17.05 4.24 2.26
N LYS A 23 -16.12 3.87 3.12
CA LYS A 23 -16.09 4.46 4.48
C LYS A 23 -17.47 4.30 5.13
N LYS A 24 -17.59 3.36 6.03
CA LYS A 24 -18.90 3.17 6.72
C LYS A 24 -19.03 4.22 7.82
N LEU A 25 -17.93 4.78 8.25
CA LEU A 25 -17.97 5.79 9.34
C LEU A 25 -18.07 7.22 8.76
N THR A 26 -17.11 7.65 7.95
CA THR A 26 -17.20 9.04 7.39
C THR A 26 -16.57 9.11 5.97
N LEU A 27 -17.42 9.32 5.00
CA LEU A 27 -17.04 9.41 3.55
C LEU A 27 -15.62 9.97 3.32
N LYS A 28 -15.54 11.19 2.81
CA LYS A 28 -14.25 11.88 2.45
C LYS A 28 -13.74 11.29 1.13
N GLY A 29 -13.20 10.12 1.19
CA GLY A 29 -12.67 9.47 -0.05
C GLY A 29 -11.73 10.43 -0.80
N TYR A 30 -11.08 9.94 -1.83
CA TYR A 30 -10.14 10.80 -2.62
C TYR A 30 -9.33 11.72 -1.70
N LYS A 31 -8.43 11.14 -0.94
CA LYS A 31 -7.57 11.96 -0.01
C LYS A 31 -6.10 11.73 -0.39
N GLN A 32 -5.21 12.40 0.29
CA GLN A 32 -3.75 12.23 0.02
C GLN A 32 -3.08 11.72 1.29
N TYR A 33 -2.67 10.48 1.31
CA TYR A 33 -2.02 9.91 2.53
C TYR A 33 -0.80 9.06 2.14
N TRP A 34 0.21 9.07 2.97
CA TRP A 34 1.46 8.29 2.68
C TRP A 34 1.61 7.18 3.73
N CYS A 35 1.18 5.98 3.42
CA CYS A 35 1.32 4.86 4.39
C CYS A 35 2.72 4.26 4.27
N THR A 36 3.15 3.51 5.24
CA THR A 36 4.52 2.91 5.16
C THR A 36 4.63 1.70 6.08
N PHE A 37 5.49 0.75 5.76
CA PHE A 37 5.65 -0.44 6.65
C PHE A 37 6.75 -0.12 7.66
N LYS A 38 6.65 -0.63 8.85
CA LYS A 38 7.68 -0.31 9.88
C LYS A 38 7.86 -1.48 10.84
N ASP A 39 9.07 -1.96 10.97
CA ASP A 39 9.32 -3.09 11.92
C ASP A 39 8.33 -4.23 11.64
N THR A 40 7.28 -4.29 12.41
CA THR A 40 6.27 -5.38 12.22
C THR A 40 4.86 -4.80 12.35
N SER A 41 4.72 -3.51 12.21
CA SER A 41 3.37 -2.88 12.32
C SER A 41 3.27 -1.74 11.30
N ILE A 42 2.08 -1.41 10.88
CA ILE A 42 1.91 -0.32 9.88
C ILE A 42 1.62 1.01 10.59
N SER A 43 1.70 2.09 9.86
CA SER A 43 1.42 3.44 10.44
C SER A 43 0.64 4.25 9.42
N CYS A 44 -0.11 5.24 9.85
CA CYS A 44 -0.90 6.06 8.88
C CYS A 44 -0.95 7.53 9.30
N TYR A 45 -0.22 8.38 8.61
CA TYR A 45 -0.23 9.83 8.93
C TYR A 45 -0.53 10.61 7.65
N LYS A 46 -1.49 11.49 7.71
CA LYS A 46 -1.86 12.31 6.50
C LYS A 46 -1.19 13.68 6.58
N SER A 47 -0.68 14.03 7.73
CA SER A 47 -0.03 15.37 7.88
C SER A 47 0.87 15.36 9.12
N LYS A 48 1.68 16.38 9.27
CA LYS A 48 2.60 16.45 10.43
C LYS A 48 1.87 17.06 11.65
N GLU A 49 0.74 17.69 11.44
CA GLU A 49 0.02 18.31 12.59
C GLU A 49 -0.87 17.28 13.30
N GLU A 50 -1.84 16.75 12.59
CA GLU A 50 -2.75 15.73 13.20
C GLU A 50 -3.10 16.13 14.64
N SER A 51 -3.05 17.41 14.93
CA SER A 51 -3.36 17.88 16.31
C SER A 51 -2.29 17.35 17.26
N SER A 52 -2.23 16.05 17.43
CA SER A 52 -1.20 15.46 18.33
C SER A 52 0.07 15.19 17.51
N GLY A 53 -0.07 14.98 16.23
CA GLY A 53 1.12 14.72 15.36
C GLY A 53 1.26 13.22 15.11
N THR A 54 0.83 12.41 16.04
CA THR A 54 0.97 10.93 15.83
C THR A 54 0.06 10.50 14.68
N PRO A 55 0.36 9.37 14.07
CA PRO A 55 -0.45 8.83 12.93
C PRO A 55 -1.90 8.55 13.33
N ALA A 56 -2.80 8.62 12.38
CA ALA A 56 -4.23 8.34 12.68
C ALA A 56 -4.35 7.02 13.44
N HIS A 57 -3.74 5.98 12.93
CA HIS A 57 -3.82 4.66 13.63
C HIS A 57 -2.70 3.75 13.10
N GLN A 58 -2.10 2.98 13.99
CA GLN A 58 -1.01 2.05 13.57
C GLN A 58 -1.39 0.62 13.99
N MET A 59 -1.66 -0.23 13.02
CA MET A 59 -2.05 -1.64 13.35
C MET A 59 -1.31 -2.61 12.44
N ASN A 60 -1.15 -3.84 12.87
CA ASN A 60 -0.43 -4.85 12.03
C ASN A 60 -1.47 -5.60 11.18
N LEU A 61 -1.71 -5.15 9.98
CA LEU A 61 -2.70 -5.85 9.11
C LEU A 61 -2.08 -7.14 8.58
N ARG A 62 -0.99 -7.03 7.87
CA ARG A 62 -0.30 -8.24 7.33
C ARG A 62 -1.30 -9.14 6.59
N GLY A 63 -0.81 -10.12 5.89
CA GLY A 63 -1.72 -11.05 5.16
C GLY A 63 -2.80 -10.29 4.40
N CYS A 64 -2.45 -9.69 3.29
CA CYS A 64 -3.46 -8.95 2.47
C CYS A 64 -3.60 -9.64 1.12
N GLU A 65 -4.73 -9.52 0.48
CA GLU A 65 -4.92 -10.17 -0.84
C GLU A 65 -4.37 -9.25 -1.92
N VAL A 66 -3.48 -9.74 -2.75
CA VAL A 66 -2.89 -8.90 -3.83
C VAL A 66 -3.56 -9.20 -5.17
N THR A 67 -4.02 -8.19 -5.83
CA THR A 67 -4.67 -8.37 -7.15
C THR A 67 -4.57 -7.05 -7.94
N PRO A 68 -3.62 -6.92 -8.86
CA PRO A 68 -3.45 -5.66 -9.64
C PRO A 68 -4.37 -5.59 -10.88
N ASP A 69 -4.79 -4.39 -11.25
CA ASP A 69 -5.68 -4.25 -12.44
C ASP A 69 -5.63 -2.82 -12.98
N VAL A 70 -4.90 -2.59 -14.05
CA VAL A 70 -4.80 -1.22 -14.65
C VAL A 70 -5.26 -1.27 -16.12
N ASN A 71 -6.08 -0.33 -16.53
CA ASN A 71 -6.57 -0.30 -17.95
C ASN A 71 -5.86 0.84 -18.70
N ILE A 72 -5.34 0.56 -19.87
CA ILE A 72 -4.64 1.63 -20.64
C ILE A 72 -5.66 2.56 -21.30
N SER A 73 -6.88 2.13 -21.45
CA SER A 73 -7.90 3.00 -22.10
C SER A 73 -7.85 4.41 -21.52
N GLY A 74 -7.91 4.53 -20.21
CA GLY A 74 -7.86 5.88 -19.55
C GLY A 74 -6.65 5.93 -18.61
N GLN A 75 -5.75 4.99 -18.72
CA GLN A 75 -4.57 4.97 -17.82
C GLN A 75 -5.05 4.95 -16.36
N LYS A 76 -5.96 4.07 -16.04
CA LYS A 76 -6.48 4.00 -14.64
C LYS A 76 -5.66 2.96 -13.85
N PHE A 77 -4.91 3.42 -12.89
CA PHE A 77 -4.10 2.48 -12.05
C PHE A 77 -4.91 2.14 -10.80
N ASN A 78 -5.45 0.94 -10.71
CA ASN A 78 -6.26 0.55 -9.52
C ASN A 78 -5.75 -0.79 -8.97
N ILE A 79 -4.97 -0.78 -7.93
CA ILE A 79 -4.52 -2.07 -7.36
C ILE A 79 -5.66 -2.57 -6.48
N LYS A 80 -6.22 -3.71 -6.79
CA LYS A 80 -7.35 -4.22 -5.97
C LYS A 80 -6.78 -4.91 -4.74
N LEU A 81 -6.71 -4.19 -3.65
CA LEU A 81 -6.16 -4.78 -2.39
C LEU A 81 -7.33 -5.15 -1.49
N LEU A 82 -7.39 -6.39 -1.06
CA LEU A 82 -8.51 -6.84 -0.18
C LEU A 82 -7.94 -7.61 1.01
N ILE A 83 -8.58 -7.53 2.17
CA ILE A 83 -8.07 -8.24 3.37
C ILE A 83 -9.26 -8.79 4.19
N PRO A 84 -9.25 -10.06 4.55
CA PRO A 84 -10.36 -10.65 5.36
C PRO A 84 -10.26 -10.25 6.83
N VAL A 85 -11.36 -9.88 7.45
CA VAL A 85 -11.29 -9.47 8.90
C VAL A 85 -12.58 -9.88 9.62
N ALA A 86 -12.71 -9.49 10.86
CA ALA A 86 -13.92 -9.84 11.65
C ALA A 86 -15.16 -9.24 10.99
N GLU A 87 -15.09 -7.99 10.61
CA GLU A 87 -16.27 -7.34 9.95
C GLU A 87 -16.59 -8.11 8.67
N GLY A 88 -15.59 -8.68 8.05
CA GLY A 88 -15.82 -9.45 6.79
C GLY A 88 -14.62 -9.26 5.88
N MET A 89 -14.56 -8.18 5.16
CA MET A 89 -13.42 -7.92 4.25
C MET A 89 -13.17 -6.41 4.17
N ASN A 90 -11.97 -5.98 4.41
CA ASN A 90 -11.67 -4.52 4.33
C ASN A 90 -11.31 -4.19 2.89
N GLU A 91 -12.19 -3.53 2.18
CA GLU A 91 -11.90 -3.19 0.77
C GLU A 91 -10.94 -2.01 0.70
N ILE A 92 -9.90 -2.15 -0.08
CA ILE A 92 -8.89 -1.08 -0.22
C ILE A 92 -8.65 -0.82 -1.71
N TRP A 93 -8.74 0.41 -2.14
CA TRP A 93 -8.52 0.74 -3.58
C TRP A 93 -7.56 1.92 -3.70
N LEU A 94 -6.30 1.65 -3.95
CA LEU A 94 -5.30 2.74 -4.08
C LEU A 94 -5.27 3.20 -5.54
N ARG A 95 -5.30 4.47 -5.77
CA ARG A 95 -5.26 4.98 -7.18
C ARG A 95 -3.82 5.37 -7.51
N CYS A 96 -3.48 5.40 -8.78
CA CYS A 96 -2.10 5.77 -9.18
C CYS A 96 -2.15 6.39 -10.58
N ASP A 97 -1.05 6.90 -11.07
CA ASP A 97 -1.07 7.55 -12.42
C ASP A 97 0.19 7.16 -13.22
N ASN A 98 0.88 6.14 -12.82
CA ASN A 98 2.12 5.74 -13.59
C ASN A 98 2.45 4.28 -13.31
N GLU A 99 3.26 3.68 -14.16
CA GLU A 99 3.65 2.25 -13.96
C GLU A 99 4.57 2.14 -12.74
N LYS A 100 5.44 3.10 -12.55
CA LYS A 100 6.36 3.05 -11.39
C LYS A 100 5.54 2.94 -10.10
N GLN A 101 4.61 3.83 -9.91
CA GLN A 101 3.77 3.78 -8.68
C GLN A 101 3.24 2.35 -8.51
N TYR A 102 2.57 1.83 -9.51
CA TYR A 102 2.02 0.44 -9.42
C TYR A 102 3.06 -0.50 -8.76
N ALA A 103 4.21 -0.60 -9.35
CA ALA A 103 5.30 -1.49 -8.82
C ALA A 103 5.59 -1.24 -7.33
N HIS A 104 5.24 -0.11 -6.78
CA HIS A 104 5.59 0.13 -5.34
C HIS A 104 4.69 -0.67 -4.39
N TRP A 105 3.41 -0.40 -4.36
CA TRP A 105 2.51 -1.13 -3.41
C TRP A 105 2.07 -2.48 -3.98
N MET A 106 1.86 -2.61 -5.26
CA MET A 106 1.41 -3.94 -5.78
C MET A 106 2.48 -4.99 -5.45
N ALA A 107 3.71 -4.74 -5.79
CA ALA A 107 4.78 -5.73 -5.48
C ALA A 107 4.91 -5.87 -3.97
N ALA A 108 4.64 -4.82 -3.24
CA ALA A 108 4.75 -4.91 -1.76
C ALA A 108 3.72 -5.91 -1.22
N CYS A 109 2.48 -5.73 -1.59
CA CYS A 109 1.42 -6.65 -1.10
C CYS A 109 1.89 -8.10 -1.25
N ARG A 110 2.58 -8.40 -2.31
CA ARG A 110 3.07 -9.80 -2.49
C ARG A 110 3.99 -10.13 -1.31
N LEU A 111 4.96 -9.29 -1.06
CA LEU A 111 5.89 -9.55 0.08
C LEU A 111 5.07 -9.80 1.35
N ALA A 112 4.00 -9.09 1.52
CA ALA A 112 3.16 -9.27 2.73
C ALA A 112 2.82 -10.76 2.87
N SER A 113 2.66 -11.43 1.76
CA SER A 113 2.32 -12.89 1.81
C SER A 113 3.39 -13.63 2.63
N LYS A 114 4.63 -13.44 2.32
CA LYS A 114 5.70 -14.14 3.09
C LYS A 114 5.86 -13.48 4.45
N GLY A 115 4.97 -12.58 4.80
CA GLY A 115 5.05 -11.91 6.13
C GLY A 115 6.23 -10.94 6.17
N LYS A 116 7.15 -11.07 5.26
CA LYS A 116 8.34 -10.15 5.25
C LYS A 116 8.06 -8.94 4.35
N THR A 117 8.97 -8.03 4.28
CA THR A 117 8.82 -6.82 3.42
C THR A 117 10.19 -6.49 2.84
N MET A 118 10.26 -5.57 1.91
CA MET A 118 11.57 -5.19 1.32
C MET A 118 12.42 -6.44 1.05
N ALA A 119 11.78 -7.55 0.76
CA ALA A 119 12.54 -8.80 0.49
C ALA A 119 13.50 -8.57 -0.68
N ASP A 120 13.15 -7.68 -1.57
CA ASP A 120 14.04 -7.38 -2.74
C ASP A 120 14.11 -8.59 -3.68
N SER A 121 14.36 -9.75 -3.14
CA SER A 121 14.48 -10.98 -4.00
C SER A 121 13.29 -11.09 -4.97
N SER A 122 12.09 -11.13 -4.47
CA SER A 122 10.91 -11.28 -5.38
C SER A 122 10.42 -9.90 -5.87
N TYR A 123 10.61 -8.88 -5.10
CA TYR A 123 10.16 -7.52 -5.52
C TYR A 123 10.52 -7.24 -6.98
N ASN A 124 11.79 -7.18 -7.27
CA ASN A 124 12.23 -6.89 -8.67
C ASN A 124 11.53 -7.83 -9.66
N LEU A 125 11.26 -9.04 -9.28
CA LEU A 125 10.60 -9.98 -10.23
C LEU A 125 9.12 -9.58 -10.41
N GLU A 126 8.53 -8.95 -9.44
CA GLU A 126 7.10 -8.53 -9.57
C GLU A 126 7.00 -7.34 -10.51
N VAL A 127 7.74 -6.31 -10.23
CA VAL A 127 7.68 -5.09 -11.09
C VAL A 127 8.07 -5.45 -12.52
N GLN A 128 9.08 -6.26 -12.67
CA GLN A 128 9.54 -6.66 -14.01
C GLN A 128 8.45 -7.47 -14.71
N ASN A 129 7.50 -7.96 -13.96
CA ASN A 129 6.42 -8.79 -14.61
C ASN A 129 5.36 -7.90 -15.25
N ILE A 130 4.90 -6.87 -14.58
CA ILE A 130 3.84 -6.00 -15.20
C ILE A 130 4.48 -5.03 -16.19
N LEU A 131 5.66 -4.55 -15.90
CA LEU A 131 6.32 -3.60 -16.84
C LEU A 131 6.29 -4.21 -18.26
N SER A 132 6.47 -5.50 -18.37
CA SER A 132 6.46 -6.13 -19.72
C SER A 132 5.02 -6.35 -20.19
N PHE A 133 4.12 -6.58 -19.27
CA PHE A 133 2.70 -6.81 -19.65
C PHE A 133 2.10 -5.50 -20.18
N LEU A 134 2.22 -4.45 -19.43
CA LEU A 134 1.65 -3.16 -19.86
C LEU A 134 2.48 -2.62 -21.03
N LYS A 135 3.75 -2.92 -21.08
CA LYS A 135 4.58 -2.42 -22.23
C LYS A 135 3.85 -2.75 -23.53
N MET A 136 3.03 -3.76 -23.52
CA MET A 136 2.29 -4.11 -24.75
C MET A 136 1.13 -3.12 -24.94
N GLN A 137 0.10 -3.24 -24.14
CA GLN A 137 -1.08 -2.32 -24.25
C GLN A 137 -2.18 -2.82 -23.31
N HIS A 138 -1.82 -3.45 -22.23
CA HIS A 138 -2.85 -3.98 -21.29
C HIS A 138 -2.27 -4.06 -19.87
C1 4IP B . -11.02 7.97 6.93
O1 4IP B . -12.16 8.69 6.46
C2 4IP B . -10.51 7.07 5.79
O2 4IP B . -11.53 6.15 5.42
C3 4IP B . -9.29 6.28 6.27
O3 4IP B . -8.81 5.45 5.21
C4 4IP B . -9.69 5.39 7.46
O4 4IP B . -10.70 4.47 7.05
C5 4IP B . -10.23 6.25 8.61
O5 4IP B . -10.65 5.41 9.69
C6 4IP B . -11.42 7.11 8.14
O6 4IP B . -11.80 7.97 9.21
P1 4IP B . -13.01 9.60 7.48
O1P 4IP B . -13.80 8.80 8.42
O2P 4IP B . -13.91 10.55 6.55
O3P 4IP B . -11.94 10.57 8.21
P3 4IP B . -7.27 5.55 4.72
O4P 4IP B . -7.06 6.59 3.68
O5P 4IP B . -6.88 4.07 4.20
O6P 4IP B . -6.40 5.80 6.05
P4 4IP B . -11.26 3.36 8.08
O7P 4IP B . -11.73 2.14 7.40
O8P 4IP B . -12.41 4.09 8.93
O9P 4IP B . -10.05 3.08 9.11
P5 4IP B . -10.26 5.78 11.22
OPF 4IP B . -8.93 5.26 11.61
OPG 4IP B . -11.45 5.21 12.13
OPH 4IP B . -10.36 7.38 11.31
H1 4IP B . -10.24 8.65 7.22
H2 4IP B . -10.24 7.68 4.96
HO2 4IP B . -11.14 5.39 4.92
H3 4IP B . -8.52 6.96 6.58
H4 4IP B . -8.82 4.84 7.80
H5 4IP B . -9.44 6.90 8.95
H6 4IP B . -12.24 6.47 7.87
HO6 4IP B . -11.00 8.43 9.58
N GLY A 1 7.12 -0.57 22.87
CA GLY A 1 7.69 -0.74 24.28
C GLY A 1 8.95 -0.02 24.64
N SER A 2 9.51 -0.33 25.79
CA SER A 2 10.77 0.35 26.22
C SER A 2 11.97 -0.38 25.62
N HIS A 3 11.88 -0.80 24.38
CA HIS A 3 13.02 -1.53 23.75
C HIS A 3 13.06 -1.20 22.25
N MET A 4 13.25 0.04 21.91
CA MET A 4 13.29 0.42 20.48
C MET A 4 13.89 1.82 20.34
N GLY A 5 15.14 1.91 19.99
CA GLY A 5 15.78 3.26 19.83
C GLY A 5 15.53 3.80 18.42
N ASP A 6 14.95 4.96 18.32
CA ASP A 6 14.66 5.55 16.98
C ASP A 6 13.71 4.65 16.19
N ILE A 7 13.47 4.99 14.95
CA ILE A 7 12.54 4.17 14.11
C ILE A 7 13.24 2.88 13.69
N THR A 8 14.38 2.98 13.06
CA THR A 8 15.11 1.77 12.61
C THR A 8 14.19 0.92 11.72
N SER A 9 13.16 1.53 11.19
CA SER A 9 12.22 0.78 10.30
C SER A 9 13.01 -0.06 9.30
N ILE A 10 13.06 -1.36 9.48
CA ILE A 10 13.84 -2.21 8.53
C ILE A 10 13.13 -2.29 7.16
N PRO A 11 11.81 -2.34 7.13
CA PRO A 11 11.04 -2.44 5.88
C PRO A 11 10.38 -1.10 5.50
N GLU A 12 11.14 -0.06 5.43
CA GLU A 12 10.56 1.27 5.09
C GLU A 12 10.04 1.28 3.64
N LEU A 13 8.76 1.53 3.48
CA LEU A 13 8.17 1.59 2.10
C LEU A 13 7.04 2.62 2.14
N ALA A 14 7.16 3.70 1.42
CA ALA A 14 6.07 4.72 1.45
C ALA A 14 6.01 5.47 0.11
N ASP A 15 4.85 5.97 -0.23
CA ASP A 15 4.69 6.72 -1.51
C ASP A 15 3.37 7.49 -1.47
N TYR A 16 3.24 8.48 -2.30
CA TYR A 16 1.97 9.26 -2.31
C TYR A 16 0.89 8.43 -3.01
N ILE A 17 -0.29 8.33 -2.46
CA ILE A 17 -1.34 7.50 -3.11
C ILE A 17 -2.73 8.02 -2.73
N LYS A 18 -3.72 7.73 -3.55
CA LYS A 18 -5.12 8.21 -3.27
C LYS A 18 -6.05 6.99 -3.16
N VAL A 19 -6.92 6.99 -2.19
CA VAL A 19 -7.87 5.85 -2.00
C VAL A 19 -9.27 6.40 -1.69
N PHE A 20 -10.29 5.71 -2.07
CA PHE A 20 -11.69 6.17 -1.80
C PHE A 20 -12.62 4.96 -1.73
N LYS A 21 -13.36 4.81 -0.66
CA LYS A 21 -14.29 3.63 -0.55
C LYS A 21 -15.59 4.06 0.17
N PRO A 22 -16.68 3.32 0.00
CA PRO A 22 -17.97 3.63 0.66
C PRO A 22 -18.19 2.77 1.90
N LYS A 23 -17.14 2.47 2.61
CA LYS A 23 -17.23 1.62 3.82
C LYS A 23 -18.52 1.87 4.61
N LYS A 24 -18.54 2.87 5.45
CA LYS A 24 -19.75 3.12 6.30
C LYS A 24 -20.60 4.29 5.81
N LEU A 25 -20.19 5.49 6.15
CA LEU A 25 -20.97 6.71 5.75
C LEU A 25 -20.31 7.40 4.56
N THR A 26 -19.05 7.12 4.31
CA THR A 26 -18.35 7.77 3.16
C THR A 26 -18.30 9.29 3.35
N LEU A 27 -17.28 9.78 4.03
CA LEU A 27 -17.14 11.26 4.24
C LEU A 27 -16.05 11.79 3.30
N LYS A 28 -14.82 11.84 3.74
CA LYS A 28 -13.73 12.34 2.86
C LYS A 28 -13.54 11.34 1.70
N GLY A 29 -13.09 10.15 1.99
CA GLY A 29 -12.90 9.15 0.90
C GLY A 29 -11.83 9.65 -0.08
N TYR A 30 -12.17 10.62 -0.89
CA TYR A 30 -11.18 11.16 -1.87
C TYR A 30 -10.09 11.91 -1.10
N LYS A 31 -8.95 11.30 -0.94
CA LYS A 31 -7.83 11.97 -0.22
C LYS A 31 -6.51 11.38 -0.67
N GLN A 32 -5.43 11.88 -0.14
CA GLN A 32 -4.08 11.37 -0.48
C GLN A 32 -3.35 11.01 0.81
N TYR A 33 -2.98 9.75 1.01
CA TYR A 33 -2.26 9.37 2.26
C TYR A 33 -1.05 8.50 1.94
N TRP A 34 0.06 8.77 2.59
CA TRP A 34 1.31 7.98 2.35
C TRP A 34 1.65 7.16 3.60
N CYS A 35 1.44 5.87 3.54
CA CYS A 35 1.76 5.01 4.72
C CYS A 35 3.21 4.52 4.62
N THR A 36 3.82 4.19 5.73
CA THR A 36 5.23 3.69 5.72
C THR A 36 5.28 2.34 6.44
N PHE A 37 5.98 1.37 5.90
CA PHE A 37 6.04 0.04 6.60
C PHE A 37 7.21 -0.01 7.58
N LYS A 38 6.92 -0.21 8.84
CA LYS A 38 8.01 -0.29 9.87
C LYS A 38 8.30 -1.75 10.23
N ASP A 39 9.16 -1.95 11.20
CA ASP A 39 9.54 -3.33 11.65
C ASP A 39 8.39 -4.32 11.43
N THR A 40 7.19 -3.95 11.79
CA THR A 40 6.05 -4.87 11.60
C THR A 40 4.74 -4.09 11.71
N SER A 41 4.80 -2.88 12.20
CA SER A 41 3.55 -2.06 12.34
C SER A 41 3.52 -0.97 11.27
N ILE A 42 2.40 -0.82 10.61
CA ILE A 42 2.27 0.22 9.55
C ILE A 42 1.61 1.48 10.13
N SER A 43 2.06 2.64 9.73
CA SER A 43 1.45 3.92 10.22
C SER A 43 0.62 4.53 9.09
N CYS A 44 -0.16 5.54 9.39
CA CYS A 44 -1.00 6.16 8.32
C CYS A 44 -1.01 7.69 8.48
N TYR A 45 -0.26 8.39 7.68
CA TYR A 45 -0.22 9.89 7.76
C TYR A 45 -0.88 10.46 6.50
N LYS A 46 -1.79 11.37 6.67
CA LYS A 46 -2.53 11.95 5.52
C LYS A 46 -1.93 13.31 5.11
N SER A 47 -1.38 14.04 6.03
CA SER A 47 -0.79 15.36 5.65
C SER A 47 0.00 15.94 6.82
N LYS A 48 0.66 17.05 6.60
CA LYS A 48 1.45 17.69 7.70
C LYS A 48 0.50 18.26 8.75
N GLU A 49 -0.72 18.51 8.37
CA GLU A 49 -1.70 19.07 9.34
C GLU A 49 -1.77 18.17 10.57
N GLU A 50 -1.51 16.89 10.40
CA GLU A 50 -1.56 15.95 11.57
C GLU A 50 -0.20 15.92 12.27
N SER A 51 0.72 16.73 11.83
CA SER A 51 2.06 16.75 12.47
C SER A 51 1.90 16.78 13.99
N SER A 52 0.87 17.44 14.46
CA SER A 52 0.61 17.52 15.93
C SER A 52 -0.50 16.53 16.29
N GLY A 53 -0.71 15.54 15.47
CA GLY A 53 -1.78 14.53 15.73
C GLY A 53 -1.24 13.14 15.41
N THR A 54 -1.60 12.16 16.18
CA THR A 54 -1.10 10.79 15.92
C THR A 54 -1.77 10.24 14.65
N PRO A 55 -1.08 9.43 13.87
CA PRO A 55 -1.67 8.87 12.62
C PRO A 55 -3.14 8.47 12.81
N ALA A 56 -3.95 8.71 11.81
CA ALA A 56 -5.40 8.35 11.93
C ALA A 56 -5.53 6.86 12.30
N HIS A 57 -4.56 6.07 11.95
CA HIS A 57 -4.62 4.62 12.28
C HIS A 57 -3.20 4.04 12.27
N GLN A 58 -2.95 3.04 13.08
CA GLN A 58 -1.59 2.44 13.11
C GLN A 58 -1.64 1.04 13.72
N MET A 59 -1.36 0.04 12.94
CA MET A 59 -1.41 -1.35 13.48
C MET A 59 -0.64 -2.30 12.54
N ASN A 60 -0.40 -3.51 12.98
CA ASN A 60 0.35 -4.49 12.13
C ASN A 60 -0.65 -5.42 11.44
N LEU A 61 -1.00 -5.13 10.22
CA LEU A 61 -1.96 -6.00 9.50
C LEU A 61 -1.20 -7.17 8.90
N ARG A 62 -0.21 -6.89 8.08
CA ARG A 62 0.60 -7.97 7.44
C ARG A 62 -0.31 -8.97 6.71
N GLY A 63 0.23 -9.64 5.72
CA GLY A 63 -0.56 -10.65 4.97
C GLY A 63 -1.79 -10.02 4.32
N CYS A 64 -1.60 -9.07 3.43
CA CYS A 64 -2.76 -8.44 2.75
C CYS A 64 -3.13 -9.30 1.53
N GLU A 65 -4.27 -9.03 0.93
CA GLU A 65 -4.69 -9.82 -0.27
C GLU A 65 -4.31 -9.04 -1.53
N VAL A 66 -3.36 -9.52 -2.28
CA VAL A 66 -2.94 -8.78 -3.53
C VAL A 66 -3.74 -9.28 -4.73
N THR A 67 -4.27 -8.37 -5.50
CA THR A 67 -5.07 -8.76 -6.70
C THR A 67 -5.04 -7.59 -7.71
N PRO A 68 -4.37 -7.73 -8.84
CA PRO A 68 -4.29 -6.64 -9.86
C PRO A 68 -5.50 -6.59 -10.82
N ASP A 69 -5.84 -5.41 -11.29
CA ASP A 69 -6.99 -5.30 -12.22
C ASP A 69 -6.90 -3.95 -12.96
N VAL A 70 -6.23 -3.91 -14.08
CA VAL A 70 -6.09 -2.62 -14.83
C VAL A 70 -6.21 -2.86 -16.35
N ASN A 71 -6.78 -1.91 -17.04
CA ASN A 71 -6.93 -2.01 -18.52
C ASN A 71 -5.91 -1.06 -19.17
N ILE A 72 -5.17 -1.53 -20.13
CA ILE A 72 -4.16 -0.64 -20.77
C ILE A 72 -4.84 0.32 -21.74
N SER A 73 -6.05 0.01 -22.14
CA SER A 73 -6.77 0.91 -23.10
C SER A 73 -6.64 2.36 -22.63
N GLY A 74 -6.95 2.62 -21.38
CA GLY A 74 -6.87 4.01 -20.84
C GLY A 74 -5.84 4.08 -19.70
N GLN A 75 -4.94 3.13 -19.62
CA GLN A 75 -3.92 3.15 -18.53
C GLN A 75 -4.63 3.39 -17.20
N LYS A 76 -5.52 2.52 -16.82
CA LYS A 76 -6.27 2.68 -15.54
C LYS A 76 -5.65 1.78 -14.47
N PHE A 77 -4.69 2.28 -13.75
CA PHE A 77 -4.06 1.44 -12.70
C PHE A 77 -5.03 1.30 -11.52
N ASN A 78 -5.72 0.18 -11.44
CA ASN A 78 -6.70 -0.03 -10.33
C ASN A 78 -6.35 -1.35 -9.63
N ILE A 79 -5.65 -1.29 -8.52
CA ILE A 79 -5.29 -2.53 -7.79
C ILE A 79 -6.34 -2.82 -6.73
N LYS A 80 -6.82 -4.03 -6.70
CA LYS A 80 -7.85 -4.41 -5.69
C LYS A 80 -7.12 -4.93 -4.46
N LEU A 81 -6.97 -4.10 -3.46
CA LEU A 81 -6.26 -4.51 -2.21
C LEU A 81 -7.31 -4.80 -1.13
N LEU A 82 -7.26 -5.97 -0.54
CA LEU A 82 -8.26 -6.32 0.53
C LEU A 82 -7.52 -6.96 1.70
N ILE A 83 -8.04 -6.82 2.90
CA ILE A 83 -7.35 -7.40 4.10
C ILE A 83 -8.42 -7.92 5.09
N PRO A 84 -8.31 -9.13 5.57
CA PRO A 84 -9.29 -9.69 6.55
C PRO A 84 -9.04 -9.11 7.95
N VAL A 85 -10.05 -8.57 8.58
CA VAL A 85 -9.85 -7.96 9.94
C VAL A 85 -11.06 -8.21 10.84
N ALA A 86 -11.02 -7.70 12.05
CA ALA A 86 -12.17 -7.90 13.00
C ALA A 86 -13.43 -7.27 12.43
N GLU A 87 -13.32 -6.09 11.87
CA GLU A 87 -14.53 -5.44 11.29
C GLU A 87 -15.12 -6.36 10.23
N GLY A 88 -14.30 -7.23 9.68
CA GLY A 88 -14.79 -8.18 8.64
C GLY A 88 -13.75 -8.26 7.53
N MET A 89 -13.83 -7.37 6.59
CA MET A 89 -12.87 -7.35 5.45
C MET A 89 -12.64 -5.90 5.07
N ASN A 90 -11.42 -5.45 5.06
CA ASN A 90 -11.14 -4.02 4.71
C ASN A 90 -11.00 -3.89 3.20
N GLU A 91 -12.07 -3.52 2.54
CA GLU A 91 -12.02 -3.36 1.07
C GLU A 91 -11.30 -2.04 0.77
N ILE A 92 -10.27 -2.10 -0.02
CA ILE A 92 -9.50 -0.85 -0.36
C ILE A 92 -9.37 -0.73 -1.88
N TRP A 93 -9.46 0.47 -2.36
CA TRP A 93 -9.35 0.72 -3.82
C TRP A 93 -8.45 1.93 -4.03
N LEU A 94 -7.29 1.73 -4.57
CA LEU A 94 -6.35 2.87 -4.77
C LEU A 94 -6.63 3.55 -6.12
N ARG A 95 -6.43 4.84 -6.20
CA ARG A 95 -6.70 5.55 -7.49
C ARG A 95 -5.50 5.41 -8.43
N CYS A 96 -5.74 5.52 -9.71
CA CYS A 96 -4.62 5.38 -10.69
C CYS A 96 -3.79 6.66 -10.72
N ASP A 97 -2.54 6.57 -11.15
CA ASP A 97 -1.68 7.79 -11.20
C ASP A 97 -0.65 7.65 -12.33
N ASN A 98 0.21 6.66 -12.27
CA ASN A 98 1.22 6.47 -13.34
C ASN A 98 1.67 5.01 -13.31
N GLU A 99 2.45 4.58 -14.26
CA GLU A 99 2.90 3.17 -14.26
C GLU A 99 3.97 2.94 -13.19
N LYS A 100 4.83 3.89 -12.97
CA LYS A 100 5.87 3.72 -11.92
C LYS A 100 5.17 3.59 -10.56
N GLN A 101 4.09 4.29 -10.40
CA GLN A 101 3.35 4.24 -9.10
C GLN A 101 3.04 2.79 -8.75
N TYR A 102 2.27 2.11 -9.56
CA TYR A 102 1.91 0.69 -9.24
C TYR A 102 3.17 -0.15 -9.01
N ALA A 103 4.19 0.03 -9.80
CA ALA A 103 5.43 -0.78 -9.62
C ALA A 103 5.89 -0.80 -8.16
N HIS A 104 5.71 0.27 -7.42
CA HIS A 104 6.19 0.29 -6.01
C HIS A 104 5.18 -0.36 -5.05
N TRP A 105 4.01 0.21 -4.92
CA TRP A 105 3.01 -0.35 -3.97
C TRP A 105 2.78 -1.84 -4.26
N MET A 106 2.59 -2.22 -5.50
CA MET A 106 2.37 -3.68 -5.79
C MET A 106 3.39 -4.52 -5.00
N ALA A 107 4.66 -4.25 -5.16
CA ALA A 107 5.67 -5.03 -4.41
C ALA A 107 5.42 -4.84 -2.91
N ALA A 108 4.75 -3.77 -2.54
CA ALA A 108 4.47 -3.52 -1.09
C ALA A 108 3.31 -4.38 -0.62
N CYS A 109 2.42 -4.74 -1.52
CA CYS A 109 1.26 -5.58 -1.14
C CYS A 109 1.75 -7.03 -1.13
N ARG A 110 2.61 -7.37 -2.04
CA ARG A 110 3.15 -8.75 -2.02
C ARG A 110 4.11 -8.82 -0.83
N LEU A 111 4.68 -7.68 -0.45
CA LEU A 111 5.58 -7.66 0.75
C LEU A 111 4.73 -8.17 1.89
N ALA A 112 3.51 -7.73 1.92
CA ALA A 112 2.55 -8.20 2.95
C ALA A 112 2.66 -9.72 3.05
N SER A 113 3.11 -10.32 1.98
CA SER A 113 3.28 -11.80 1.94
C SER A 113 4.56 -12.22 2.68
N LYS A 114 5.71 -11.67 2.32
CA LYS A 114 6.98 -12.07 3.00
C LYS A 114 7.30 -11.10 4.14
N GLY A 115 6.53 -10.05 4.28
CA GLY A 115 6.80 -9.08 5.38
C GLY A 115 8.00 -8.17 5.02
N LYS A 116 8.98 -8.70 4.33
CA LYS A 116 10.17 -7.85 3.97
C LYS A 116 9.81 -6.90 2.82
N THR A 117 10.61 -5.89 2.64
CA THR A 117 10.36 -4.88 1.55
C THR A 117 11.42 -5.04 0.46
N MET A 118 11.53 -4.06 -0.42
CA MET A 118 12.54 -4.14 -1.52
C MET A 118 13.87 -4.64 -0.96
N ALA A 119 14.05 -4.56 0.33
CA ALA A 119 15.33 -5.04 0.93
C ALA A 119 15.45 -6.52 0.64
N ASP A 120 14.44 -7.08 0.04
CA ASP A 120 14.45 -8.52 -0.29
C ASP A 120 15.16 -8.71 -1.64
N SER A 121 15.74 -9.85 -1.87
CA SER A 121 16.45 -10.09 -3.16
C SER A 121 15.46 -10.52 -4.23
N SER A 122 14.31 -11.01 -3.82
CA SER A 122 13.29 -11.46 -4.82
C SER A 122 12.41 -10.27 -5.24
N TYR A 123 12.39 -9.22 -4.47
CA TYR A 123 11.54 -8.04 -4.84
C TYR A 123 11.77 -7.69 -6.31
N ASN A 124 12.99 -7.71 -6.75
CA ASN A 124 13.29 -7.39 -8.18
C ASN A 124 12.37 -8.21 -9.08
N LEU A 125 12.16 -9.45 -8.73
CA LEU A 125 11.29 -10.32 -9.58
C LEU A 125 9.83 -9.85 -9.44
N GLU A 126 9.50 -9.16 -8.39
CA GLU A 126 8.10 -8.69 -8.21
C GLU A 126 7.85 -7.43 -9.04
N VAL A 127 8.75 -6.48 -8.98
CA VAL A 127 8.56 -5.23 -9.77
C VAL A 127 8.80 -5.55 -11.24
N GLN A 128 9.78 -6.35 -11.51
CA GLN A 128 10.09 -6.72 -12.93
C GLN A 128 8.89 -7.46 -13.52
N ASN A 129 8.02 -7.94 -12.69
CA ASN A 129 6.84 -8.69 -13.20
C ASN A 129 5.72 -7.71 -13.60
N ILE A 130 5.72 -6.52 -13.07
CA ILE A 130 4.64 -5.55 -13.42
C ILE A 130 5.00 -4.82 -14.72
N LEU A 131 6.05 -4.04 -14.71
CA LEU A 131 6.46 -3.29 -15.93
C LEU A 131 6.39 -4.20 -17.16
N SER A 132 6.61 -5.47 -16.98
CA SER A 132 6.58 -6.42 -18.14
C SER A 132 5.15 -6.88 -18.42
N PHE A 133 4.26 -6.70 -17.48
CA PHE A 133 2.84 -7.16 -17.69
C PHE A 133 2.05 -6.15 -18.52
N LEU A 134 2.21 -4.89 -18.21
CA LEU A 134 1.42 -3.85 -18.92
C LEU A 134 2.00 -3.52 -20.30
N LYS A 135 3.29 -3.61 -20.46
CA LYS A 135 3.88 -3.26 -21.79
C LYS A 135 3.57 -4.34 -22.81
N MET A 136 3.30 -5.53 -22.37
CA MET A 136 3.00 -6.61 -23.38
C MET A 136 1.65 -6.33 -24.02
N GLN A 137 0.66 -5.94 -23.25
CA GLN A 137 -0.70 -5.62 -23.80
C GLN A 137 -1.70 -5.62 -22.64
N HIS A 138 -1.39 -6.33 -21.59
CA HIS A 138 -2.33 -6.38 -20.43
C HIS A 138 -1.65 -7.12 -19.26
C1 4IP B . -10.86 8.27 7.66
O1 4IP B . -11.97 9.15 7.45
C2 4IP B . -10.39 7.73 6.31
O2 4IP B . -11.48 7.04 5.69
C3 4IP B . -9.22 6.76 6.50
O3 4IP B . -8.84 6.23 5.22
C4 4IP B . -9.63 5.61 7.42
O4 4IP B . -10.70 4.88 6.81
C5 4IP B . -10.11 6.15 8.77
O5 4IP B . -10.54 5.06 9.60
C6 4IP B . -11.27 7.12 8.58
O6 4IP B . -11.67 7.65 9.84
P1 4IP B . -12.66 9.89 8.70
O1P 4IP B . -13.71 9.09 9.34
O2P 4IP B . -13.19 11.31 8.13
O3P 4IP B . -11.45 10.26 9.71
P3 4IP B . -7.33 5.71 4.97
O4P 4IP B . -6.40 6.80 4.62
O5P 4IP B . -7.44 4.58 3.82
O6P 4IP B . -6.89 4.92 6.30
P4 4IP B . -11.19 3.48 7.44
O7P 4IP B . -11.57 2.48 6.41
O8P 4IP B . -12.40 3.83 8.44
O9P 4IP B . -9.98 2.98 8.38
P5 4IP B . -10.33 5.12 11.20
OPF 4IP B . -9.01 4.62 11.63
OPG 4IP B . -11.56 4.27 11.83
OPH 4IP B . -10.59 6.65 11.63
H1 4IP B . -10.05 8.83 8.12
H2 4IP B . -10.07 8.55 5.68
HO2 4IP B . -11.87 6.40 6.34
H3 4IP B . -8.39 7.28 6.94
H4 4IP B . -8.80 4.95 7.57
H5 4IP B . -9.29 6.65 9.25
H6 4IP B . -12.11 6.60 8.13
HO6 4IP B . -11.92 6.91 10.46
N GLY A 1 6.67 -0.72 29.31
CA GLY A 1 5.89 -0.57 28.00
C GLY A 1 6.29 -1.37 26.81
N SER A 2 5.80 -1.00 25.66
CA SER A 2 6.17 -1.76 24.43
C SER A 2 5.90 -0.90 23.19
N HIS A 3 6.37 0.33 23.21
CA HIS A 3 6.15 1.22 22.04
C HIS A 3 7.05 0.79 20.89
N MET A 4 8.32 1.03 21.01
CA MET A 4 9.27 0.64 19.92
C MET A 4 8.74 1.17 18.58
N GLY A 5 9.11 2.38 18.23
CA GLY A 5 8.63 2.95 16.94
C GLY A 5 9.39 4.24 16.64
N ASP A 6 10.55 4.15 16.05
CA ASP A 6 11.36 5.36 15.72
C ASP A 6 11.31 5.62 14.21
N ILE A 7 12.14 6.50 13.73
CA ILE A 7 12.14 6.81 12.26
C ILE A 7 13.11 5.88 11.54
N THR A 8 13.96 5.21 12.27
CA THR A 8 14.95 4.30 11.64
C THR A 8 14.25 3.02 11.14
N SER A 9 13.43 3.13 10.14
CA SER A 9 12.72 1.93 9.60
C SER A 9 13.67 1.16 8.69
N ILE A 10 14.13 0.01 9.11
CA ILE A 10 15.06 -0.77 8.26
C ILE A 10 14.36 -1.22 6.97
N PRO A 11 13.12 -1.62 7.04
CA PRO A 11 12.34 -2.07 5.87
C PRO A 11 11.44 -0.94 5.35
N GLU A 12 11.97 -0.05 4.56
CA GLU A 12 11.15 1.09 4.06
C GLU A 12 10.50 0.78 2.71
N LEU A 13 9.23 1.00 2.63
CA LEU A 13 8.46 0.79 1.36
C LEU A 13 7.35 1.83 1.39
N ALA A 14 7.41 2.83 0.55
CA ALA A 14 6.34 3.88 0.60
C ALA A 14 6.19 4.61 -0.72
N ASP A 15 5.04 5.21 -0.91
CA ASP A 15 4.76 6.00 -2.14
C ASP A 15 3.53 6.85 -1.87
N TYR A 16 3.34 7.90 -2.62
CA TYR A 16 2.15 8.80 -2.39
C TYR A 16 1.06 8.52 -3.44
N ILE A 17 -0.03 7.90 -3.03
CA ILE A 17 -1.14 7.62 -3.99
C ILE A 17 -2.47 7.91 -3.27
N LYS A 18 -3.53 8.15 -4.00
CA LYS A 18 -4.83 8.48 -3.35
C LYS A 18 -5.63 7.20 -3.08
N VAL A 19 -6.37 7.18 -2.01
CA VAL A 19 -7.19 5.97 -1.67
C VAL A 19 -8.57 6.42 -1.17
N PHE A 20 -9.60 5.66 -1.44
CA PHE A 20 -10.96 6.05 -0.97
C PHE A 20 -11.81 4.80 -0.78
N LYS A 21 -12.46 4.66 0.35
CA LYS A 21 -13.32 3.45 0.62
C LYS A 21 -14.73 3.94 0.98
N PRO A 22 -15.65 3.03 1.23
CA PRO A 22 -17.05 3.40 1.61
C PRO A 22 -17.06 4.27 2.86
N LYS A 23 -15.93 4.38 3.51
CA LYS A 23 -15.80 5.19 4.74
C LYS A 23 -16.61 4.56 5.86
N LYS A 24 -16.02 4.42 7.00
CA LYS A 24 -16.69 3.80 8.14
C LYS A 24 -17.62 4.82 8.82
N LEU A 25 -17.07 5.74 9.56
CA LEU A 25 -17.89 6.76 10.27
C LEU A 25 -18.13 7.95 9.33
N THR A 26 -17.83 7.81 8.06
CA THR A 26 -18.03 8.94 7.11
C THR A 26 -17.29 10.19 7.59
N LEU A 27 -16.01 10.27 7.29
CA LEU A 27 -15.19 11.46 7.71
C LEU A 27 -14.55 12.09 6.48
N LYS A 28 -13.70 11.34 5.81
CA LYS A 28 -13.00 11.88 4.59
C LYS A 28 -13.04 10.84 3.45
N GLY A 29 -12.16 9.87 3.46
CA GLY A 29 -12.16 8.86 2.35
C GLY A 29 -11.38 9.38 1.15
N TYR A 30 -11.75 10.51 0.60
CA TYR A 30 -11.02 11.06 -0.59
C TYR A 30 -9.86 11.95 -0.14
N LYS A 31 -8.71 11.39 0.00
CA LYS A 31 -7.51 12.19 0.42
C LYS A 31 -6.24 11.46 -0.03
N GLN A 32 -5.09 11.89 0.42
CA GLN A 32 -3.81 11.23 0.03
C GLN A 32 -3.16 10.57 1.25
N TYR A 33 -2.80 9.33 1.12
CA TYR A 33 -2.17 8.57 2.23
C TYR A 33 -0.78 8.11 1.79
N TRP A 34 0.22 8.38 2.58
CA TRP A 34 1.60 7.89 2.26
C TRP A 34 2.03 7.03 3.43
N CYS A 35 1.82 5.74 3.32
CA CYS A 35 2.16 4.81 4.42
C CYS A 35 3.59 4.30 4.27
N THR A 36 4.10 3.63 5.26
CA THR A 36 5.49 3.09 5.19
C THR A 36 5.59 1.82 6.03
N PHE A 37 6.40 0.89 5.60
CA PHE A 37 6.58 -0.38 6.37
C PHE A 37 7.71 -0.17 7.38
N LYS A 38 7.49 -0.54 8.62
CA LYS A 38 8.54 -0.34 9.67
C LYS A 38 8.69 -1.62 10.49
N ASP A 39 9.89 -2.12 10.58
CA ASP A 39 10.11 -3.36 11.38
C ASP A 39 9.10 -4.42 10.96
N THR A 40 8.16 -4.74 11.82
CA THR A 40 7.14 -5.79 11.49
C THR A 40 5.75 -5.16 11.55
N SER A 41 5.69 -3.85 11.61
CA SER A 41 4.37 -3.14 11.67
C SER A 41 4.41 -1.95 10.72
N ILE A 42 3.27 -1.51 10.28
CA ILE A 42 3.22 -0.35 9.33
C ILE A 42 2.91 0.93 10.11
N SER A 43 3.14 2.06 9.48
CA SER A 43 2.85 3.38 10.13
C SER A 43 2.07 4.24 9.14
N CYS A 44 0.88 4.66 9.51
CA CYS A 44 0.05 5.47 8.57
C CYS A 44 0.27 6.97 8.78
N TYR A 45 1.01 7.60 7.90
CA TYR A 45 1.25 9.07 8.03
C TYR A 45 0.51 9.77 6.88
N LYS A 46 -0.26 10.80 7.17
CA LYS A 46 -1.03 11.49 6.10
C LYS A 46 -0.28 12.73 5.61
N SER A 47 0.13 13.58 6.51
CA SER A 47 0.87 14.80 6.10
C SER A 47 1.12 15.69 7.31
N LYS A 48 1.87 16.74 7.14
CA LYS A 48 2.15 17.65 8.29
C LYS A 48 0.84 18.15 8.88
N GLU A 49 -0.28 17.83 8.27
CA GLU A 49 -1.58 18.29 8.82
C GLU A 49 -1.68 17.86 10.28
N GLU A 50 -1.29 16.65 10.59
CA GLU A 50 -1.35 16.17 11.99
C GLU A 50 -0.23 16.81 12.78
N SER A 51 0.95 16.84 12.22
CA SER A 51 2.13 17.46 12.90
C SER A 51 2.14 17.13 14.39
N SER A 52 1.47 17.92 15.17
CA SER A 52 1.42 17.68 16.64
C SER A 52 0.52 16.48 16.94
N GLY A 53 0.29 15.63 15.95
CA GLY A 53 -0.58 14.44 16.16
C GLY A 53 0.24 13.17 15.97
N THR A 54 -0.41 12.03 15.93
CA THR A 54 0.29 10.73 15.75
C THR A 54 -0.32 9.99 14.54
N PRO A 55 0.43 9.16 13.84
CA PRO A 55 -0.10 8.42 12.66
C PRO A 55 -1.57 8.01 12.87
N ALA A 56 -2.38 8.15 11.87
CA ALA A 56 -3.83 7.78 12.01
C ALA A 56 -3.95 6.42 12.69
N HIS A 57 -3.02 5.54 12.46
CA HIS A 57 -3.08 4.20 13.10
C HIS A 57 -1.78 3.45 12.81
N GLN A 58 -1.33 2.64 13.75
CA GLN A 58 -0.08 1.86 13.53
C GLN A 58 -0.36 0.38 13.81
N MET A 59 -0.33 -0.44 12.81
CA MET A 59 -0.61 -1.88 13.00
C MET A 59 0.02 -2.70 11.86
N ASN A 60 0.20 -3.97 12.07
CA ASN A 60 0.79 -4.83 11.00
C ASN A 60 -0.35 -5.41 10.15
N LEU A 61 -0.39 -5.08 8.89
CA LEU A 61 -1.48 -5.63 8.03
C LEU A 61 -1.12 -7.06 7.65
N ARG A 62 0.01 -7.24 7.00
CA ARG A 62 0.47 -8.61 6.63
C ARG A 62 -0.63 -9.42 5.91
N GLY A 63 -0.22 -10.39 5.13
CA GLY A 63 -1.18 -11.27 4.39
C GLY A 63 -2.35 -10.48 3.78
N CYS A 64 -2.08 -9.39 3.11
CA CYS A 64 -3.20 -8.64 2.47
C CYS A 64 -3.56 -9.33 1.13
N GLU A 65 -4.78 -9.21 0.68
CA GLU A 65 -5.16 -9.87 -0.60
C GLU A 65 -4.75 -8.96 -1.77
N VAL A 66 -4.08 -9.50 -2.74
CA VAL A 66 -3.62 -8.66 -3.91
C VAL A 66 -4.38 -8.99 -5.19
N THR A 67 -5.04 -8.00 -5.76
CA THR A 67 -5.77 -8.20 -7.04
C THR A 67 -5.53 -6.95 -7.93
N PRO A 68 -4.60 -7.00 -8.86
CA PRO A 68 -4.29 -5.84 -9.74
C PRO A 68 -5.24 -5.72 -10.94
N ASP A 69 -5.42 -4.53 -11.45
CA ASP A 69 -6.33 -4.36 -12.61
C ASP A 69 -6.02 -3.05 -13.33
N VAL A 70 -5.42 -3.12 -14.49
CA VAL A 70 -5.08 -1.88 -15.26
C VAL A 70 -5.57 -2.00 -16.70
N ASN A 71 -6.26 -0.99 -17.19
CA ASN A 71 -6.76 -1.00 -18.59
C ASN A 71 -5.86 -0.08 -19.43
N ILE A 72 -5.31 -0.58 -20.50
CA ILE A 72 -4.41 0.27 -21.33
C ILE A 72 -5.23 1.24 -22.19
N SER A 73 -6.50 0.99 -22.35
CA SER A 73 -7.33 1.92 -23.19
C SER A 73 -7.04 3.36 -22.81
N GLY A 74 -7.14 3.70 -21.54
CA GLY A 74 -6.86 5.11 -21.09
C GLY A 74 -5.72 5.10 -20.07
N GLN A 75 -4.92 4.06 -20.05
CA GLN A 75 -3.80 4.00 -19.08
C GLN A 75 -4.33 4.24 -17.66
N LYS A 76 -5.14 3.34 -17.16
CA LYS A 76 -5.72 3.50 -15.80
C LYS A 76 -5.26 2.36 -14.90
N PHE A 77 -4.28 2.57 -14.07
CA PHE A 77 -3.80 1.47 -13.17
C PHE A 77 -4.55 1.54 -11.83
N ASN A 78 -5.37 0.55 -11.54
CA ASN A 78 -6.14 0.54 -10.24
C ASN A 78 -5.97 -0.81 -9.54
N ILE A 79 -5.36 -0.84 -8.37
CA ILE A 79 -5.17 -2.14 -7.65
C ILE A 79 -6.31 -2.34 -6.65
N LYS A 80 -6.93 -3.50 -6.67
CA LYS A 80 -8.02 -3.78 -5.70
C LYS A 80 -7.37 -4.47 -4.49
N LEU A 81 -6.99 -3.70 -3.51
CA LEU A 81 -6.37 -4.29 -2.28
C LEU A 81 -7.49 -4.68 -1.32
N LEU A 82 -7.49 -5.91 -0.87
CA LEU A 82 -8.56 -6.36 0.08
C LEU A 82 -7.89 -7.13 1.23
N ILE A 83 -8.36 -6.95 2.44
CA ILE A 83 -7.75 -7.66 3.60
C ILE A 83 -8.85 -8.16 4.55
N PRO A 84 -8.80 -9.39 5.00
CA PRO A 84 -9.83 -9.96 5.93
C PRO A 84 -9.63 -9.44 7.37
N VAL A 85 -10.68 -9.00 8.02
CA VAL A 85 -10.56 -8.50 9.43
C VAL A 85 -11.70 -9.06 10.29
N ALA A 86 -11.79 -8.63 11.51
CA ALA A 86 -12.86 -9.15 12.42
C ALA A 86 -14.24 -8.77 11.87
N GLU A 87 -14.44 -7.52 11.55
CA GLU A 87 -15.77 -7.10 11.03
C GLU A 87 -16.06 -7.86 9.73
N GLY A 88 -15.04 -8.12 8.96
CA GLY A 88 -15.25 -8.86 7.69
C GLY A 88 -14.04 -8.64 6.78
N MET A 89 -14.12 -7.69 5.90
CA MET A 89 -12.97 -7.41 4.98
C MET A 89 -12.87 -5.91 4.71
N ASN A 90 -11.67 -5.39 4.73
CA ASN A 90 -11.47 -3.93 4.49
C ASN A 90 -11.32 -3.68 2.99
N GLU A 91 -12.32 -3.12 2.37
CA GLU A 91 -12.24 -2.85 0.90
C GLU A 91 -11.39 -1.60 0.67
N ILE A 92 -10.33 -1.73 -0.09
CA ILE A 92 -9.44 -0.56 -0.38
C ILE A 92 -9.36 -0.33 -1.88
N TRP A 93 -9.16 0.90 -2.29
CA TRP A 93 -9.07 1.21 -3.75
C TRP A 93 -8.05 2.33 -3.97
N LEU A 94 -6.94 2.03 -4.60
CA LEU A 94 -5.92 3.09 -4.86
C LEU A 94 -6.25 3.77 -6.19
N ARG A 95 -6.01 5.04 -6.31
CA ARG A 95 -6.33 5.74 -7.59
C ARG A 95 -5.20 5.55 -8.60
N CYS A 96 -5.50 5.74 -9.86
CA CYS A 96 -4.47 5.54 -10.93
C CYS A 96 -3.62 6.81 -11.10
N ASP A 97 -2.33 6.64 -11.26
CA ASP A 97 -1.42 7.81 -11.45
C ASP A 97 -0.37 7.47 -12.52
N ASN A 98 0.33 6.38 -12.35
CA ASN A 98 1.38 5.99 -13.36
C ASN A 98 1.72 4.50 -13.18
N GLU A 99 2.39 3.91 -14.14
CA GLU A 99 2.77 2.47 -14.00
C GLU A 99 3.79 2.34 -12.87
N LYS A 100 4.71 3.26 -12.79
CA LYS A 100 5.72 3.20 -11.70
C LYS A 100 4.97 3.08 -10.38
N GLN A 101 3.80 3.63 -10.31
CA GLN A 101 2.99 3.56 -9.07
C GLN A 101 2.69 2.08 -8.78
N TYR A 102 2.21 1.37 -9.76
CA TYR A 102 1.90 -0.07 -9.56
C TYR A 102 3.08 -0.78 -8.88
N ALA A 103 4.22 -0.75 -9.50
CA ALA A 103 5.42 -1.43 -8.93
C ALA A 103 5.70 -1.01 -7.48
N HIS A 104 5.22 0.10 -7.01
CA HIS A 104 5.53 0.48 -5.60
C HIS A 104 4.61 -0.33 -4.65
N TRP A 105 3.32 -0.09 -4.71
CA TRP A 105 2.39 -0.83 -3.81
C TRP A 105 2.02 -2.22 -4.38
N MET A 106 1.80 -2.36 -5.66
CA MET A 106 1.43 -3.72 -6.17
C MET A 106 2.47 -4.73 -5.71
N ALA A 107 3.73 -4.46 -5.92
CA ALA A 107 4.77 -5.43 -5.47
C ALA A 107 4.73 -5.53 -3.95
N ALA A 108 4.21 -4.51 -3.32
CA ALA A 108 4.15 -4.53 -1.82
C ALA A 108 3.07 -5.50 -1.34
N CYS A 109 1.88 -5.41 -1.87
CA CYS A 109 0.81 -6.33 -1.41
C CYS A 109 1.24 -7.78 -1.68
N ARG A 110 1.79 -8.03 -2.83
CA ARG A 110 2.26 -9.42 -3.14
C ARG A 110 3.43 -9.74 -2.20
N LEU A 111 4.36 -8.84 -2.12
CA LEU A 111 5.54 -9.05 -1.23
C LEU A 111 5.05 -9.18 0.21
N ALA A 112 4.26 -8.24 0.67
CA ALA A 112 3.74 -8.32 2.06
C ALA A 112 3.19 -9.73 2.31
N SER A 113 2.90 -10.45 1.26
CA SER A 113 2.37 -11.83 1.42
C SER A 113 3.43 -12.75 2.02
N LYS A 114 4.67 -12.65 1.60
CA LYS A 114 5.71 -13.56 2.19
C LYS A 114 5.89 -13.22 3.67
N GLY A 115 5.29 -12.14 4.12
CA GLY A 115 5.39 -11.76 5.56
C GLY A 115 6.48 -10.70 5.78
N LYS A 116 7.47 -10.64 4.91
CA LYS A 116 8.57 -9.64 5.08
C LYS A 116 8.51 -8.62 3.94
N THR A 117 9.04 -7.45 4.18
CA THR A 117 9.07 -6.37 3.15
C THR A 117 10.54 -6.04 2.88
N MET A 118 10.84 -5.31 1.86
CA MET A 118 12.26 -4.97 1.58
C MET A 118 13.05 -6.28 1.41
N ALA A 119 12.48 -7.26 0.76
CA ALA A 119 13.21 -8.54 0.56
C ALA A 119 14.35 -8.30 -0.43
N ASP A 120 14.12 -7.43 -1.38
CA ASP A 120 15.18 -7.11 -2.40
C ASP A 120 15.25 -8.23 -3.45
N SER A 121 15.78 -9.36 -3.08
CA SER A 121 15.89 -10.48 -4.05
C SER A 121 14.57 -10.67 -4.80
N SER A 122 13.50 -10.88 -4.09
CA SER A 122 12.18 -11.08 -4.77
C SER A 122 11.54 -9.74 -5.08
N TYR A 123 11.81 -8.74 -4.30
CA TYR A 123 11.21 -7.39 -4.53
C TYR A 123 11.19 -7.04 -6.02
N ASN A 124 12.33 -6.94 -6.62
CA ASN A 124 12.39 -6.57 -8.07
C ASN A 124 11.62 -7.58 -8.93
N LEU A 125 11.99 -8.82 -8.91
CA LEU A 125 11.30 -9.84 -9.77
C LEU A 125 9.77 -9.61 -9.75
N GLU A 126 9.25 -8.94 -8.76
CA GLU A 126 7.77 -8.71 -8.72
C GLU A 126 7.40 -7.53 -9.61
N VAL A 127 8.21 -6.51 -9.66
CA VAL A 127 7.87 -5.34 -10.51
C VAL A 127 8.03 -5.73 -11.99
N GLN A 128 9.11 -6.37 -12.30
CA GLN A 128 9.36 -6.80 -13.71
C GLN A 128 8.28 -7.79 -14.12
N ASN A 129 7.59 -8.34 -13.15
CA ASN A 129 6.55 -9.36 -13.48
C ASN A 129 5.23 -8.73 -13.97
N ILE A 130 4.63 -7.81 -13.26
CA ILE A 130 3.33 -7.24 -13.76
C ILE A 130 3.59 -6.13 -14.78
N LEU A 131 4.57 -5.30 -14.54
CA LEU A 131 4.86 -4.20 -15.52
C LEU A 131 4.94 -4.80 -16.93
N SER A 132 5.44 -6.00 -17.04
CA SER A 132 5.56 -6.64 -18.38
C SER A 132 4.18 -6.88 -19.01
N PHE A 133 3.22 -7.31 -18.24
CA PHE A 133 1.85 -7.58 -18.80
C PHE A 133 1.42 -6.42 -19.69
N LEU A 134 1.71 -5.21 -19.29
CA LEU A 134 1.30 -4.03 -20.11
C LEU A 134 2.09 -4.03 -21.40
N LYS A 135 3.35 -4.34 -21.31
CA LYS A 135 4.22 -4.36 -22.51
C LYS A 135 3.66 -5.35 -23.53
N MET A 136 3.03 -6.38 -23.05
CA MET A 136 2.47 -7.44 -23.97
C MET A 136 0.95 -7.56 -23.82
N GLN A 137 0.32 -6.72 -23.05
CA GLN A 137 -1.16 -6.83 -22.89
C GLN A 137 -1.81 -6.94 -24.27
N HIS A 138 -1.42 -6.08 -25.19
CA HIS A 138 -2.01 -6.13 -26.56
C HIS A 138 -1.19 -7.06 -27.44
C1 4IP B . -9.19 8.53 8.74
O1 4IP B . -9.62 9.55 9.64
C2 4IP B . -10.20 8.42 7.60
O2 4IP B . -11.50 8.17 8.17
C3 4IP B . -9.83 7.28 6.64
O3 4IP B . -10.79 7.15 5.58
C4 4IP B . -9.74 5.95 7.40
O4 4IP B . -10.99 5.63 7.98
C5 4IP B . -8.69 6.07 8.52
O5 4IP B . -8.60 4.84 9.24
C6 4IP B . -9.08 7.20 9.48
O6 4IP B . -8.08 7.31 10.50
P1 4IP B . -8.60 10.13 10.74
O1P 4IP B . -8.53 9.31 11.96
O2P 4IP B . -9.08 11.64 11.04
O3P 4IP B . -7.17 10.26 10.00
P3 4IP B . -12.35 7.49 5.78
O4P 4IP B . -12.62 8.94 5.88
O5P 4IP B . -12.83 6.67 7.07
O6P 4IP B . -13.11 6.81 4.53
P4 4IP B . -11.20 4.19 8.69
O7P 4IP B . -12.61 3.72 8.61
O8P 4IP B . -10.69 4.36 10.19
O9P 4IP B . -10.17 3.19 7.97
P5 4IP B . -7.48 3.75 8.85
OPF 4IP B . -6.20 3.96 9.57
OPG 4IP B . -7.31 3.83 7.25
OPH 4IP B . -8.14 2.31 9.15
H1 4IP B . -8.22 8.80 8.34
H2 4IP B . -10.22 9.35 7.06
HO2 4IP B . -11.77 8.96 8.72
H3 4IP B . -8.87 7.50 6.21
H4 4IP B . -9.44 5.17 6.71
H5 4IP B . -7.73 6.30 8.07
H6 4IP B . -10.03 6.97 9.93
HO6 4IP B . -7.21 7.57 10.10
N GLY A 1 9.66 -0.48 23.20
CA GLY A 1 9.99 0.96 23.58
C GLY A 1 10.97 1.74 22.76
N SER A 2 11.45 2.83 23.28
CA SER A 2 12.44 3.64 22.51
C SER A 2 13.83 3.04 22.66
N HIS A 3 14.32 2.93 23.87
CA HIS A 3 15.68 2.35 24.07
C HIS A 3 16.70 3.10 23.21
N MET A 4 17.48 2.39 22.44
CA MET A 4 18.49 3.06 21.58
C MET A 4 19.01 2.06 20.54
N GLY A 5 18.13 1.22 20.03
CA GLY A 5 18.56 0.22 19.01
C GLY A 5 18.44 0.83 17.61
N ASP A 6 17.27 1.31 17.26
CA ASP A 6 17.10 1.91 15.91
C ASP A 6 15.71 2.56 15.83
N ILE A 7 15.65 3.86 15.84
CA ILE A 7 14.34 4.57 15.76
C ILE A 7 13.93 4.75 14.30
N THR A 8 14.67 4.20 13.38
CA THR A 8 14.34 4.35 11.93
C THR A 8 13.56 3.12 11.44
N SER A 9 12.94 3.23 10.30
CA SER A 9 12.16 2.07 9.76
C SER A 9 13.10 1.09 9.05
N ILE A 10 13.37 -0.03 9.66
CA ILE A 10 14.30 -1.03 9.03
C ILE A 10 13.76 -1.44 7.64
N PRO A 11 12.48 -1.67 7.53
CA PRO A 11 11.82 -2.08 6.26
C PRO A 11 11.18 -0.88 5.56
N GLU A 12 11.86 -0.28 4.60
CA GLU A 12 11.28 0.92 3.91
C GLU A 12 10.53 0.54 2.63
N LEU A 13 9.24 0.79 2.62
CA LEU A 13 8.40 0.51 1.41
C LEU A 13 7.26 1.53 1.43
N ALA A 14 7.17 2.42 0.45
CA ALA A 14 6.08 3.42 0.49
C ALA A 14 5.92 4.14 -0.86
N ASP A 15 4.82 4.80 -1.02
CA ASP A 15 4.55 5.56 -2.29
C ASP A 15 3.42 6.55 -2.02
N TYR A 16 3.18 7.48 -2.93
CA TYR A 16 2.10 8.49 -2.71
C TYR A 16 0.90 8.18 -3.62
N ILE A 17 -0.17 7.64 -3.06
CA ILE A 17 -1.38 7.34 -3.88
C ILE A 17 -2.64 7.73 -3.10
N LYS A 18 -3.78 7.78 -3.76
CA LYS A 18 -5.05 8.20 -3.07
C LYS A 18 -6.10 7.08 -3.18
N VAL A 19 -7.04 7.08 -2.27
CA VAL A 19 -8.10 6.03 -2.27
C VAL A 19 -9.46 6.67 -1.95
N PHE A 20 -10.54 6.03 -2.35
CA PHE A 20 -11.90 6.58 -2.07
C PHE A 20 -12.83 5.45 -1.60
N LYS A 21 -13.20 5.46 -0.34
CA LYS A 21 -14.11 4.41 0.21
C LYS A 21 -15.45 5.07 0.61
N PRO A 22 -16.37 4.32 1.16
CA PRO A 22 -17.69 4.87 1.60
C PRO A 22 -17.66 5.29 3.08
N LYS A 23 -16.70 4.82 3.82
CA LYS A 23 -16.58 5.18 5.26
C LYS A 23 -17.90 4.92 5.99
N LYS A 24 -17.93 3.92 6.83
CA LYS A 24 -19.19 3.61 7.56
C LYS A 24 -19.56 4.79 8.46
N LEU A 25 -18.61 5.62 8.81
CA LEU A 25 -18.91 6.76 9.70
C LEU A 25 -19.61 7.87 8.87
N THR A 26 -18.91 8.46 7.95
CA THR A 26 -19.52 9.53 7.10
C THR A 26 -18.91 9.46 5.70
N LEU A 27 -18.23 10.48 5.27
CA LEU A 27 -17.63 10.42 3.92
C LEU A 27 -16.66 11.59 3.71
N LYS A 28 -16.09 11.64 2.53
CA LYS A 28 -15.13 12.72 2.12
C LYS A 28 -14.31 12.15 0.97
N GLY A 29 -13.95 10.90 1.08
CA GLY A 29 -13.17 10.22 0.01
C GLY A 29 -12.14 11.15 -0.62
N TYR A 30 -11.65 10.76 -1.78
CA TYR A 30 -10.63 11.56 -2.53
C TYR A 30 -9.67 12.26 -1.56
N LYS A 31 -8.72 11.52 -1.05
CA LYS A 31 -7.71 12.10 -0.13
C LYS A 31 -6.38 11.40 -0.41
N GLN A 32 -5.30 12.07 -0.15
CA GLN A 32 -3.96 11.50 -0.42
C GLN A 32 -3.36 10.91 0.85
N TYR A 33 -3.28 9.60 0.91
CA TYR A 33 -2.68 8.93 2.12
C TYR A 33 -1.27 8.46 1.78
N TRP A 34 -0.31 8.77 2.61
CA TRP A 34 1.09 8.30 2.35
C TRP A 34 1.50 7.42 3.52
N CYS A 35 1.36 6.12 3.36
CA CYS A 35 1.70 5.17 4.46
C CYS A 35 3.06 4.53 4.19
N THR A 36 3.62 3.89 5.18
CA THR A 36 4.95 3.23 5.00
C THR A 36 5.03 2.02 5.93
N PHE A 37 5.78 1.03 5.54
CA PHE A 37 5.93 -0.19 6.38
C PHE A 37 7.12 0.02 7.33
N LYS A 38 6.93 -0.21 8.61
CA LYS A 38 8.06 -0.03 9.58
C LYS A 38 8.16 -1.23 10.51
N ASP A 39 9.32 -1.44 11.07
CA ASP A 39 9.56 -2.59 12.00
C ASP A 39 8.71 -3.81 11.61
N THR A 40 7.61 -4.04 12.30
CA THR A 40 6.75 -5.23 11.98
C THR A 40 5.28 -4.80 11.86
N SER A 41 4.99 -3.55 12.09
CA SER A 41 3.58 -3.05 11.98
C SER A 41 3.53 -1.94 10.93
N ILE A 42 2.36 -1.46 10.61
CA ILE A 42 2.23 -0.38 9.59
C ILE A 42 1.93 0.95 10.28
N SER A 43 2.05 2.02 9.55
CA SER A 43 1.77 3.38 10.11
C SER A 43 0.93 4.14 9.09
N CYS A 44 0.22 5.16 9.50
CA CYS A 44 -0.63 5.91 8.52
C CYS A 44 -0.62 7.41 8.83
N TYR A 45 -0.06 8.20 7.95
CA TYR A 45 -0.02 9.68 8.15
C TYR A 45 -0.72 10.34 6.95
N LYS A 46 -1.65 11.22 7.19
CA LYS A 46 -2.35 11.88 6.04
C LYS A 46 -1.56 13.12 5.62
N SER A 47 -1.09 13.88 6.57
CA SER A 47 -0.30 15.11 6.23
C SER A 47 0.76 15.36 7.31
N LYS A 48 1.27 16.56 7.35
CA LYS A 48 2.31 16.90 8.37
C LYS A 48 1.63 17.29 9.69
N GLU A 49 0.34 17.35 9.72
CA GLU A 49 -0.37 17.73 10.97
C GLU A 49 -0.04 16.74 12.09
N GLU A 50 -0.28 15.47 11.87
CA GLU A 50 0.00 14.45 12.93
C GLU A 50 1.50 14.19 13.05
N SER A 51 2.29 14.61 12.11
CA SER A 51 3.75 14.36 12.21
C SER A 51 4.23 14.77 13.61
N SER A 52 3.43 15.54 14.31
CA SER A 52 3.80 15.98 15.69
C SER A 52 2.85 15.33 16.70
N GLY A 53 2.06 14.40 16.25
CA GLY A 53 1.09 13.70 17.14
C GLY A 53 1.20 12.20 16.89
N THR A 54 0.09 11.54 16.66
CA THR A 54 0.11 10.06 16.40
C THR A 54 -0.62 9.78 15.07
N PRO A 55 -0.16 8.84 14.28
CA PRO A 55 -0.82 8.52 12.98
C PRO A 55 -2.30 8.15 13.18
N ALA A 56 -3.15 8.60 12.30
CA ALA A 56 -4.59 8.29 12.43
C ALA A 56 -4.82 6.78 12.52
N HIS A 57 -3.92 6.00 12.01
CA HIS A 57 -4.10 4.51 12.06
C HIS A 57 -2.74 3.83 12.21
N GLN A 58 -2.62 2.92 13.14
CA GLN A 58 -1.32 2.21 13.33
C GLN A 58 -1.59 0.79 13.82
N MET A 59 -1.30 -0.19 13.00
CA MET A 59 -1.56 -1.59 13.42
C MET A 59 -0.88 -2.56 12.44
N ASN A 60 -0.77 -3.80 12.81
CA ASN A 60 -0.12 -4.82 11.93
C ASN A 60 -1.21 -5.68 11.29
N LEU A 61 -1.61 -5.33 10.09
CA LEU A 61 -2.67 -6.12 9.41
C LEU A 61 -2.06 -7.33 8.73
N ARG A 62 -1.12 -7.12 7.85
CA ARG A 62 -0.45 -8.26 7.16
C ARG A 62 -1.49 -9.20 6.51
N GLY A 63 -1.06 -10.00 5.58
CA GLY A 63 -1.99 -10.96 4.91
C GLY A 63 -3.14 -10.23 4.22
N CYS A 64 -2.89 -9.12 3.60
CA CYS A 64 -3.99 -8.40 2.89
C CYS A 64 -4.27 -9.13 1.58
N GLU A 65 -5.39 -8.86 0.96
CA GLU A 65 -5.70 -9.53 -0.33
C GLU A 65 -5.23 -8.65 -1.48
N VAL A 66 -4.67 -9.25 -2.50
CA VAL A 66 -4.16 -8.46 -3.67
C VAL A 66 -4.70 -9.04 -4.98
N THR A 67 -5.30 -8.21 -5.78
CA THR A 67 -5.86 -8.67 -7.09
C THR A 67 -5.57 -7.60 -8.16
N PRO A 68 -4.60 -7.82 -9.03
CA PRO A 68 -4.24 -6.81 -10.07
C PRO A 68 -5.15 -6.86 -11.31
N ASP A 69 -5.58 -5.72 -11.77
CA ASP A 69 -6.46 -5.68 -12.98
C ASP A 69 -6.40 -4.28 -13.59
N VAL A 70 -5.86 -4.16 -14.78
CA VAL A 70 -5.76 -2.82 -15.42
C VAL A 70 -5.93 -2.95 -16.94
N ASN A 71 -6.44 -1.90 -17.54
CA ASN A 71 -6.63 -1.88 -19.02
C ASN A 71 -5.58 -0.98 -19.66
N ILE A 72 -4.84 -1.49 -20.61
CA ILE A 72 -3.80 -0.64 -21.26
C ILE A 72 -4.47 0.47 -22.06
N SER A 73 -5.73 0.33 -22.35
CA SER A 73 -6.44 1.39 -23.13
C SER A 73 -6.25 2.73 -22.42
N GLY A 74 -6.37 2.72 -21.13
CA GLY A 74 -6.19 3.97 -20.32
C GLY A 74 -5.07 3.73 -19.32
N GLN A 75 -4.36 2.65 -19.48
CA GLN A 75 -3.23 2.34 -18.57
C GLN A 75 -3.70 2.54 -17.12
N LYS A 76 -4.98 2.47 -16.92
CA LYS A 76 -5.57 2.64 -15.56
C LYS A 76 -5.01 1.59 -14.61
N PHE A 77 -3.96 1.89 -13.89
CA PHE A 77 -3.41 0.89 -12.94
C PHE A 77 -4.33 0.81 -11.73
N ASN A 78 -5.28 -0.09 -11.77
CA ASN A 78 -6.28 -0.22 -10.64
C ASN A 78 -5.98 -1.47 -9.82
N ILE A 79 -5.34 -1.33 -8.69
CA ILE A 79 -5.05 -2.51 -7.83
C ILE A 79 -6.19 -2.68 -6.82
N LYS A 80 -6.81 -3.83 -6.81
CA LYS A 80 -7.93 -4.07 -5.85
C LYS A 80 -7.33 -4.57 -4.54
N LEU A 81 -7.51 -3.83 -3.47
CA LEU A 81 -6.98 -4.24 -2.14
C LEU A 81 -8.15 -4.52 -1.21
N LEU A 82 -8.16 -5.68 -0.61
CA LEU A 82 -9.26 -6.06 0.32
C LEU A 82 -8.64 -6.78 1.52
N ILE A 83 -9.25 -6.68 2.68
CA ILE A 83 -8.67 -7.34 3.90
C ILE A 83 -9.80 -7.88 4.78
N PRO A 84 -9.75 -9.14 5.20
CA PRO A 84 -10.79 -9.72 6.08
C PRO A 84 -10.61 -9.28 7.54
N VAL A 85 -11.64 -8.76 8.17
CA VAL A 85 -11.50 -8.30 9.59
C VAL A 85 -12.71 -8.74 10.41
N ALA A 86 -12.68 -8.51 11.69
CA ALA A 86 -13.82 -8.93 12.57
C ALA A 86 -15.12 -8.30 12.07
N GLU A 87 -15.11 -7.03 11.77
CA GLU A 87 -16.36 -6.37 11.29
C GLU A 87 -16.80 -7.05 9.99
N GLY A 88 -15.86 -7.51 9.21
CA GLY A 88 -16.22 -8.20 7.93
C GLY A 88 -15.05 -8.08 6.96
N MET A 89 -15.06 -7.07 6.12
CA MET A 89 -13.96 -6.88 5.15
C MET A 89 -13.75 -5.38 4.91
N ASN A 90 -12.54 -4.91 4.97
CA ASN A 90 -12.27 -3.46 4.75
C ASN A 90 -12.09 -3.22 3.25
N GLU A 91 -13.04 -2.58 2.63
CA GLU A 91 -12.93 -2.32 1.17
C GLU A 91 -11.93 -1.18 0.92
N ILE A 92 -10.95 -1.44 0.10
CA ILE A 92 -9.92 -0.40 -0.22
C ILE A 92 -9.73 -0.31 -1.73
N TRP A 93 -9.53 0.88 -2.24
CA TRP A 93 -9.34 1.04 -3.72
C TRP A 93 -8.34 2.18 -3.99
N LEU A 94 -7.18 1.87 -4.51
CA LEU A 94 -6.19 2.94 -4.81
C LEU A 94 -6.47 3.47 -6.22
N ARG A 95 -6.34 4.76 -6.41
CA ARG A 95 -6.62 5.33 -7.76
C ARG A 95 -5.37 5.22 -8.64
N CYS A 96 -5.56 5.08 -9.93
CA CYS A 96 -4.40 4.98 -10.86
C CYS A 96 -3.61 6.28 -10.83
N ASP A 97 -2.32 6.20 -11.01
CA ASP A 97 -1.49 7.44 -10.98
C ASP A 97 -0.25 7.26 -11.89
N ASN A 98 0.42 6.14 -11.80
CA ASN A 98 1.63 5.94 -12.66
C ASN A 98 1.96 4.43 -12.70
N GLU A 99 2.37 3.93 -13.83
CA GLU A 99 2.73 2.48 -13.90
C GLU A 99 3.87 2.23 -12.91
N LYS A 100 4.64 3.25 -12.64
CA LYS A 100 5.76 3.09 -11.67
C LYS A 100 5.17 3.02 -10.27
N GLN A 101 4.20 3.85 -9.98
CA GLN A 101 3.57 3.82 -8.64
C GLN A 101 3.09 2.38 -8.37
N TYR A 102 2.38 1.81 -9.31
CA TYR A 102 1.88 0.43 -9.14
C TYR A 102 2.99 -0.47 -8.58
N ALA A 103 4.09 -0.55 -9.27
CA ALA A 103 5.22 -1.42 -8.83
C ALA A 103 5.45 -1.31 -7.32
N HIS A 104 5.06 -0.23 -6.69
CA HIS A 104 5.31 -0.10 -5.23
C HIS A 104 4.29 -0.90 -4.41
N TRP A 105 3.04 -0.53 -4.44
CA TRP A 105 2.04 -1.27 -3.63
C TRP A 105 1.64 -2.61 -4.27
N MET A 106 1.50 -2.68 -5.58
CA MET A 106 1.09 -4.00 -6.17
C MET A 106 2.07 -5.08 -5.71
N ALA A 107 3.33 -4.74 -5.57
CA ALA A 107 4.32 -5.76 -5.10
C ALA A 107 4.30 -5.82 -3.58
N ALA A 108 3.86 -4.77 -2.94
CA ALA A 108 3.81 -4.78 -1.45
C ALA A 108 2.65 -5.66 -1.00
N CYS A 109 1.47 -5.39 -1.47
CA CYS A 109 0.30 -6.22 -1.07
C CYS A 109 0.67 -7.68 -1.28
N ARG A 110 1.45 -7.95 -2.28
CA ARG A 110 1.89 -9.33 -2.53
C ARG A 110 2.83 -9.73 -1.39
N LEU A 111 3.54 -8.77 -0.81
CA LEU A 111 4.44 -9.10 0.32
C LEU A 111 3.55 -9.48 1.49
N ALA A 112 2.45 -8.82 1.63
CA ALA A 112 1.49 -9.15 2.73
C ALA A 112 1.35 -10.67 2.78
N SER A 113 1.62 -11.30 1.67
CA SER A 113 1.54 -12.78 1.60
C SER A 113 2.75 -13.42 2.32
N LYS A 114 3.96 -12.97 2.06
CA LYS A 114 5.13 -13.59 2.76
C LYS A 114 5.32 -12.89 4.11
N GLY A 115 4.71 -11.76 4.31
CA GLY A 115 4.82 -11.05 5.63
C GLY A 115 6.19 -10.39 5.83
N LYS A 116 6.93 -10.10 4.79
CA LYS A 116 8.28 -9.42 4.97
C LYS A 116 8.42 -8.30 3.94
N THR A 117 9.26 -7.36 4.26
CA THR A 117 9.50 -6.21 3.34
C THR A 117 10.87 -6.36 2.67
N MET A 118 11.17 -5.49 1.74
CA MET A 118 12.47 -5.53 1.01
C MET A 118 13.00 -6.95 0.86
N ALA A 119 12.13 -7.90 0.64
CA ALA A 119 12.60 -9.30 0.48
C ALA A 119 13.58 -9.31 -0.68
N ASP A 120 13.24 -8.62 -1.74
CA ASP A 120 14.15 -8.52 -2.93
C ASP A 120 14.04 -9.76 -3.83
N SER A 121 14.44 -10.90 -3.35
CA SER A 121 14.39 -12.13 -4.19
C SER A 121 13.05 -12.23 -4.95
N SER A 122 11.95 -12.22 -4.24
CA SER A 122 10.63 -12.32 -4.92
C SER A 122 10.12 -10.93 -5.32
N TYR A 123 10.40 -9.94 -4.52
CA TYR A 123 9.92 -8.56 -4.82
C TYR A 123 10.22 -8.18 -6.27
N ASN A 124 11.35 -8.56 -6.79
CA ASN A 124 11.69 -8.20 -8.18
C ASN A 124 10.69 -8.83 -9.15
N LEU A 125 10.60 -10.13 -9.17
CA LEU A 125 9.66 -10.81 -10.09
C LEU A 125 8.29 -10.10 -10.09
N GLU A 126 7.99 -9.34 -9.08
CA GLU A 126 6.66 -8.66 -9.04
C GLU A 126 6.69 -7.38 -9.89
N VAL A 127 7.75 -6.64 -9.86
CA VAL A 127 7.80 -5.39 -10.68
C VAL A 127 8.03 -5.78 -12.13
N GLN A 128 8.77 -6.84 -12.34
CA GLN A 128 9.05 -7.30 -13.72
C GLN A 128 7.74 -7.76 -14.35
N ASN A 129 6.75 -8.00 -13.55
CA ASN A 129 5.45 -8.48 -14.12
C ASN A 129 4.72 -7.31 -14.80
N ILE A 130 4.74 -6.14 -14.22
CA ILE A 130 4.01 -4.99 -14.86
C ILE A 130 4.88 -4.30 -15.90
N LEU A 131 5.96 -3.70 -15.48
CA LEU A 131 6.85 -2.97 -16.42
C LEU A 131 7.14 -3.82 -17.67
N SER A 132 7.57 -5.04 -17.50
CA SER A 132 7.89 -5.88 -18.69
C SER A 132 6.64 -6.18 -19.53
N PHE A 133 5.50 -6.31 -18.91
CA PHE A 133 4.27 -6.62 -19.68
C PHE A 133 3.71 -5.34 -20.29
N LEU A 134 3.68 -4.27 -19.54
CA LEU A 134 3.14 -2.99 -20.09
C LEU A 134 4.06 -2.51 -21.21
N LYS A 135 5.34 -2.75 -21.10
CA LYS A 135 6.28 -2.30 -22.16
C LYS A 135 5.93 -3.01 -23.46
N MET A 136 5.28 -4.14 -23.37
CA MET A 136 4.90 -4.89 -24.60
C MET A 136 3.66 -4.25 -25.23
N GLN A 137 2.81 -3.66 -24.41
CA GLN A 137 1.53 -3.00 -24.86
C GLN A 137 0.37 -3.94 -24.55
N HIS A 138 0.60 -4.90 -23.68
CA HIS A 138 -0.47 -5.86 -23.30
C HIS A 138 -0.18 -6.41 -21.91
C1 4IP B . -11.80 9.32 7.08
O1 4IP B . -13.13 9.75 6.73
C2 4IP B . -11.28 8.39 5.97
O2 4IP B . -12.21 7.33 5.78
C3 4IP B . -9.92 7.78 6.36
O3 4IP B . -9.53 6.84 5.35
C4 4IP B . -10.02 7.05 7.70
O4 4IP B . -10.96 5.97 7.57
C5 4IP B . -10.50 8.00 8.79
O5 4IP B . -10.59 7.30 10.03
C6 4IP B . -11.86 8.59 8.42
O6 4IP B . -12.26 9.49 9.45
P1 4IP B . -14.05 10.52 7.80
O1P 4IP B . -14.69 9.60 8.77
O2P 4IP B . -15.12 11.36 6.94
O3P 4IP B . -13.10 11.60 8.51
P3 4IP B . -8.07 6.14 5.39
O4P 4IP B . -7.36 6.20 4.09
O5P 4IP B . -8.32 4.63 5.88
O6P 4IP B . -7.25 6.87 6.58
P4 4IP B . -10.91 4.73 8.59
O7P 4IP B . -11.39 3.47 7.98
O8P 4IP B . -11.78 5.17 9.87
O9P 4IP B . -9.39 4.64 9.10
P5 4IP B . -9.30 7.21 10.99
OPF 4IP B . -9.17 8.38 11.89
OPG 4IP B . -8.03 7.01 10.03
OPH 4IP B . -9.46 5.81 11.80
H1 4IP B . -11.16 10.18 7.17
H2 4IP B . -11.17 8.96 5.06
HO2 4IP B . -12.39 6.86 6.64
H3 4IP B . -9.18 8.57 6.42
H4 4IP B . -9.06 6.66 7.96
H5 4IP B . -9.78 8.81 8.88
H6 4IP B . -12.58 7.78 8.36
HO6 4IP B . -12.22 9.04 10.34
N GLY A 1 19.18 -6.62 22.31
CA GLY A 1 19.92 -5.83 23.39
C GLY A 1 19.13 -5.03 24.37
N SER A 2 17.83 -5.11 24.31
CA SER A 2 17.00 -4.33 25.26
C SER A 2 15.57 -4.87 25.23
N HIS A 3 15.36 -6.00 24.62
CA HIS A 3 13.99 -6.60 24.54
C HIS A 3 13.08 -5.71 23.69
N MET A 4 13.23 -4.42 23.79
CA MET A 4 12.36 -3.50 22.99
C MET A 4 12.38 -3.93 21.52
N GLY A 5 13.29 -3.39 20.74
CA GLY A 5 13.35 -3.77 19.31
C GLY A 5 14.72 -3.43 18.73
N ASP A 6 15.58 -4.41 18.59
CA ASP A 6 16.92 -4.17 18.02
C ASP A 6 16.79 -3.77 16.54
N ILE A 7 17.18 -4.65 15.66
CA ILE A 7 17.06 -4.35 14.21
C ILE A 7 15.63 -4.59 13.75
N THR A 8 14.84 -5.19 14.61
CA THR A 8 13.41 -5.48 14.28
C THR A 8 13.22 -5.78 12.79
N SER A 9 12.89 -4.79 12.04
CA SER A 9 12.67 -5.00 10.57
C SER A 9 12.74 -3.66 9.84
N ILE A 10 12.28 -2.60 10.47
CA ILE A 10 12.30 -1.22 9.87
C ILE A 10 12.51 -1.25 8.34
N PRO A 11 11.52 -1.72 7.62
CA PRO A 11 11.57 -1.79 6.15
C PRO A 11 10.95 -0.54 5.52
N GLU A 12 11.73 0.25 4.84
CA GLU A 12 11.17 1.51 4.25
C GLU A 12 10.48 1.26 2.90
N LEU A 13 9.20 1.48 2.86
CA LEU A 13 8.42 1.34 1.59
C LEU A 13 7.29 2.35 1.68
N ALA A 14 7.29 3.36 0.86
CA ALA A 14 6.19 4.37 0.94
C ALA A 14 5.94 5.02 -0.42
N ASP A 15 4.78 5.57 -0.60
CA ASP A 15 4.42 6.24 -1.87
C ASP A 15 3.23 7.15 -1.62
N TYR A 16 2.92 8.01 -2.56
CA TYR A 16 1.77 8.95 -2.39
C TYR A 16 0.77 8.76 -3.53
N ILE A 17 -0.36 8.15 -3.25
CA ILE A 17 -1.40 7.95 -4.30
C ILE A 17 -2.77 8.35 -3.72
N LYS A 18 -3.79 8.41 -4.53
CA LYS A 18 -5.14 8.83 -4.04
C LYS A 18 -6.04 7.60 -3.91
N VAL A 19 -7.03 7.68 -3.06
CA VAL A 19 -7.96 6.52 -2.85
C VAL A 19 -9.40 7.04 -2.74
N PHE A 20 -10.36 6.19 -3.06
CA PHE A 20 -11.79 6.58 -2.98
C PHE A 20 -12.59 5.36 -2.53
N LYS A 21 -12.96 5.30 -1.27
CA LYS A 21 -13.70 4.13 -0.73
C LYS A 21 -15.20 4.51 -0.61
N PRO A 22 -16.05 3.59 -0.21
CA PRO A 22 -17.50 3.87 -0.04
C PRO A 22 -17.78 4.41 1.37
N LYS A 23 -16.85 4.23 2.26
CA LYS A 23 -17.00 4.73 3.66
C LYS A 23 -18.27 4.20 4.30
N LYS A 24 -18.14 3.59 5.44
CA LYS A 24 -19.36 3.09 6.14
C LYS A 24 -20.36 4.25 6.24
N LEU A 25 -19.91 5.34 6.83
CA LEU A 25 -20.79 6.53 6.99
C LEU A 25 -20.66 7.42 5.73
N THR A 26 -19.60 8.19 5.66
CA THR A 26 -19.38 9.10 4.49
C THR A 26 -18.39 10.20 4.91
N LEU A 27 -17.18 10.17 4.40
CA LEU A 27 -16.15 11.19 4.78
C LEU A 27 -15.54 11.81 3.50
N LYS A 28 -14.28 12.18 3.56
CA LYS A 28 -13.63 12.81 2.35
C LYS A 28 -13.63 11.83 1.17
N GLY A 29 -12.68 10.93 1.12
CA GLY A 29 -12.63 9.94 -0.01
C GLY A 29 -11.61 10.39 -1.05
N TYR A 30 -12.01 11.21 -1.98
CA TYR A 30 -11.07 11.66 -3.05
C TYR A 30 -10.00 12.58 -2.44
N LYS A 31 -8.86 12.03 -2.14
CA LYS A 31 -7.76 12.86 -1.58
C LYS A 31 -6.42 12.18 -1.84
N GLN A 32 -5.38 12.73 -1.30
CA GLN A 32 -4.01 12.15 -1.46
C GLN A 32 -3.38 11.92 -0.09
N TYR A 33 -3.13 10.68 0.26
CA TYR A 33 -2.50 10.39 1.60
C TYR A 33 -1.35 9.40 1.39
N TRP A 34 -0.32 9.49 2.19
CA TRP A 34 0.85 8.56 2.03
C TRP A 34 0.96 7.65 3.24
N CYS A 35 1.31 6.40 3.00
CA CYS A 35 1.48 5.41 4.12
C CYS A 35 2.87 4.80 4.01
N THR A 36 3.36 4.18 5.05
CA THR A 36 4.72 3.57 4.99
C THR A 36 4.88 2.49 6.05
N PHE A 37 5.73 1.53 5.82
CA PHE A 37 5.96 0.45 6.82
C PHE A 37 7.09 0.87 7.76
N LYS A 38 6.84 0.86 9.03
CA LYS A 38 7.89 1.26 10.03
C LYS A 38 7.84 0.27 11.20
N ASP A 39 8.97 -0.27 11.58
CA ASP A 39 8.97 -1.25 12.69
C ASP A 39 7.94 -2.35 12.36
N THR A 40 7.38 -2.98 13.35
CA THR A 40 6.38 -4.06 13.10
C THR A 40 4.97 -3.46 13.08
N SER A 41 4.87 -2.15 13.00
CA SER A 41 3.52 -1.49 12.96
C SER A 41 3.47 -0.51 11.80
N ILE A 42 2.29 -0.21 11.32
CA ILE A 42 2.14 0.74 10.17
C ILE A 42 1.78 2.12 10.69
N SER A 43 1.86 3.10 9.84
CA SER A 43 1.52 4.51 10.25
C SER A 43 0.69 5.14 9.13
N CYS A 44 -0.09 6.15 9.44
CA CYS A 44 -0.94 6.79 8.38
C CYS A 44 -0.99 8.30 8.60
N TYR A 45 -0.45 9.07 7.68
CA TYR A 45 -0.47 10.56 7.80
C TYR A 45 -1.00 11.15 6.50
N LYS A 46 -1.83 12.15 6.59
CA LYS A 46 -2.42 12.76 5.36
C LYS A 46 -1.65 14.03 4.97
N SER A 47 -1.17 14.79 5.93
CA SER A 47 -0.44 16.06 5.60
C SER A 47 1.05 15.91 5.93
N LYS A 48 1.85 16.84 5.48
CA LYS A 48 3.30 16.78 5.77
C LYS A 48 3.56 17.43 7.12
N GLU A 49 3.19 18.67 7.23
CA GLU A 49 3.43 19.43 8.47
C GLU A 49 3.09 18.59 9.70
N GLU A 50 1.88 18.07 9.77
CA GLU A 50 1.49 17.25 10.95
C GLU A 50 1.96 17.92 12.25
N SER A 51 2.24 19.18 12.19
CA SER A 51 2.71 19.91 13.40
C SER A 51 1.81 19.54 14.59
N SER A 52 0.54 19.37 14.35
CA SER A 52 -0.42 19.02 15.45
C SER A 52 -1.36 17.91 14.97
N GLY A 53 -1.19 17.48 13.74
CA GLY A 53 -2.07 16.40 13.19
C GLY A 53 -1.34 15.06 13.26
N THR A 54 -1.46 14.37 14.35
CA THR A 54 -0.79 13.05 14.48
C THR A 54 -1.45 12.07 13.49
N PRO A 55 -0.75 11.05 13.07
CA PRO A 55 -1.31 10.06 12.10
C PRO A 55 -2.70 9.60 12.53
N ALA A 56 -3.66 9.70 11.66
CA ALA A 56 -5.05 9.29 12.01
C ALA A 56 -5.04 7.93 12.71
N HIS A 57 -4.22 7.01 12.29
CA HIS A 57 -4.22 5.68 12.96
C HIS A 57 -2.92 4.92 12.64
N GLN A 58 -2.44 4.15 13.59
CA GLN A 58 -1.18 3.35 13.35
C GLN A 58 -1.33 1.99 14.04
N MET A 59 -1.41 0.95 13.28
CA MET A 59 -1.57 -0.42 13.87
C MET A 59 -0.77 -1.45 13.06
N ASN A 60 -0.64 -2.65 13.56
CA ASN A 60 0.12 -3.71 12.84
C ASN A 60 -0.86 -4.67 12.15
N LEU A 61 -1.23 -4.39 10.93
CA LEU A 61 -2.16 -5.33 10.22
C LEU A 61 -1.35 -6.47 9.63
N ARG A 62 -0.40 -6.13 8.77
CA ARG A 62 0.49 -7.14 8.12
C ARG A 62 -0.30 -8.35 7.60
N GLY A 63 -0.17 -8.62 6.33
CA GLY A 63 -0.88 -9.78 5.71
C GLY A 63 -2.11 -9.30 4.95
N CYS A 64 -2.04 -8.14 4.35
CA CYS A 64 -3.20 -7.61 3.58
C CYS A 64 -3.36 -8.46 2.32
N GLU A 65 -4.52 -8.46 1.72
CA GLU A 65 -4.72 -9.26 0.48
C GLU A 65 -4.27 -8.41 -0.72
N VAL A 66 -3.90 -9.04 -1.79
CA VAL A 66 -3.43 -8.28 -3.00
C VAL A 66 -4.01 -8.89 -4.28
N THR A 67 -4.55 -8.06 -5.14
CA THR A 67 -5.13 -8.57 -6.42
C THR A 67 -5.11 -7.42 -7.46
N PRO A 68 -4.29 -7.50 -8.49
CA PRO A 68 -4.18 -6.42 -9.53
C PRO A 68 -5.29 -6.51 -10.60
N ASP A 69 -5.73 -5.39 -11.11
CA ASP A 69 -6.78 -5.42 -12.18
C ASP A 69 -6.86 -4.05 -12.87
N VAL A 70 -6.28 -3.92 -14.05
CA VAL A 70 -6.35 -2.61 -14.80
C VAL A 70 -6.81 -2.86 -16.23
N ASN A 71 -7.65 -2.00 -16.72
CA ASN A 71 -8.15 -2.14 -18.13
C ASN A 71 -7.39 -1.17 -19.03
N ILE A 72 -6.74 -1.66 -20.05
CA ILE A 72 -5.97 -0.77 -20.95
C ILE A 72 -6.93 0.14 -21.73
N SER A 73 -8.17 -0.24 -21.83
CA SER A 73 -9.14 0.61 -22.58
C SER A 73 -9.04 2.06 -22.08
N GLY A 74 -9.10 2.26 -20.79
CA GLY A 74 -8.99 3.64 -20.22
C GLY A 74 -7.77 3.72 -19.30
N GLN A 75 -6.92 2.73 -19.31
CA GLN A 75 -5.71 2.76 -18.45
C GLN A 75 -6.12 2.97 -16.99
N LYS A 76 -6.99 2.13 -16.48
CA LYS A 76 -7.45 2.29 -15.07
C LYS A 76 -6.51 1.52 -14.11
N PHE A 77 -5.56 2.20 -13.52
CA PHE A 77 -4.64 1.50 -12.57
C PHE A 77 -5.41 1.26 -11.28
N ASN A 78 -5.90 0.06 -11.06
CA ASN A 78 -6.68 -0.19 -9.80
C ASN A 78 -6.02 -1.27 -8.95
N ILE A 79 -5.26 -0.87 -7.96
CA ILE A 79 -4.66 -1.88 -7.05
C ILE A 79 -5.78 -2.28 -6.09
N LYS A 80 -6.29 -3.48 -6.19
CA LYS A 80 -7.41 -3.89 -5.30
C LYS A 80 -6.85 -4.28 -3.93
N LEU A 81 -6.76 -3.34 -3.03
CA LEU A 81 -6.24 -3.63 -1.67
C LEU A 81 -7.40 -4.10 -0.80
N LEU A 82 -7.33 -5.30 -0.30
CA LEU A 82 -8.42 -5.83 0.57
C LEU A 82 -7.81 -6.39 1.85
N ILE A 83 -8.49 -6.27 2.96
CA ILE A 83 -7.91 -6.77 4.25
C ILE A 83 -9.04 -7.29 5.16
N PRO A 84 -8.96 -8.52 5.65
CA PRO A 84 -10.02 -9.08 6.55
C PRO A 84 -9.90 -8.51 7.98
N VAL A 85 -10.96 -7.97 8.51
CA VAL A 85 -10.93 -7.39 9.89
C VAL A 85 -12.10 -7.93 10.72
N ALA A 86 -12.25 -7.46 11.92
CA ALA A 86 -13.38 -7.95 12.78
C ALA A 86 -14.71 -7.53 12.17
N GLU A 87 -14.82 -6.31 11.74
CA GLU A 87 -16.11 -5.85 11.13
C GLU A 87 -16.41 -6.71 9.89
N GLY A 88 -15.38 -7.16 9.22
CA GLY A 88 -15.59 -8.00 8.02
C GLY A 88 -14.37 -7.86 7.11
N MET A 89 -14.46 -7.03 6.10
CA MET A 89 -13.31 -6.82 5.18
C MET A 89 -13.25 -5.35 4.77
N ASN A 90 -12.08 -4.76 4.77
CA ASN A 90 -11.96 -3.33 4.41
C ASN A 90 -11.75 -3.21 2.89
N GLU A 91 -12.78 -2.87 2.18
CA GLU A 91 -12.66 -2.72 0.71
C GLU A 91 -11.98 -1.39 0.40
N ILE A 92 -10.85 -1.43 -0.25
CA ILE A 92 -10.10 -0.16 -0.56
C ILE A 92 -9.70 -0.14 -2.04
N TRP A 93 -9.55 1.05 -2.60
CA TRP A 93 -9.17 1.17 -4.04
C TRP A 93 -8.25 2.38 -4.22
N LEU A 94 -6.98 2.15 -4.51
CA LEU A 94 -6.03 3.28 -4.72
C LEU A 94 -5.94 3.58 -6.22
N ARG A 95 -6.12 4.82 -6.60
CA ARG A 95 -6.04 5.16 -8.06
C ARG A 95 -4.58 5.41 -8.44
N CYS A 96 -4.23 5.21 -9.67
CA CYS A 96 -2.83 5.44 -10.11
C CYS A 96 -2.83 5.76 -11.60
N ASP A 97 -1.69 6.11 -12.16
CA ASP A 97 -1.65 6.45 -13.60
C ASP A 97 -0.21 6.32 -14.11
N ASN A 98 0.59 5.49 -13.50
CA ASN A 98 2.01 5.35 -13.97
C ASN A 98 2.56 3.96 -13.59
N GLU A 99 3.22 3.32 -14.51
CA GLU A 99 3.79 1.97 -14.24
C GLU A 99 4.58 2.00 -12.92
N LYS A 100 5.35 3.02 -12.71
CA LYS A 100 6.15 3.12 -11.47
C LYS A 100 5.22 2.99 -10.25
N GLN A 101 4.04 3.52 -10.35
CA GLN A 101 3.09 3.44 -9.19
C GLN A 101 2.68 1.98 -8.97
N TYR A 102 2.09 1.35 -9.95
CA TYR A 102 1.65 -0.08 -9.79
C TYR A 102 2.72 -0.88 -9.02
N ALA A 103 3.97 -0.71 -9.34
CA ALA A 103 5.04 -1.51 -8.66
C ALA A 103 5.30 -1.05 -7.22
N HIS A 104 5.14 0.21 -6.92
CA HIS A 104 5.43 0.66 -5.52
C HIS A 104 4.66 -0.18 -4.49
N TRP A 105 3.36 -0.13 -4.48
CA TRP A 105 2.59 -0.92 -3.47
C TRP A 105 2.50 -2.41 -3.87
N MET A 106 2.26 -2.73 -5.12
CA MET A 106 2.12 -4.18 -5.50
C MET A 106 3.18 -5.02 -4.79
N ALA A 107 4.43 -4.78 -5.03
CA ALA A 107 5.47 -5.59 -4.35
C ALA A 107 5.18 -5.54 -2.86
N ALA A 108 5.14 -4.36 -2.32
CA ALA A 108 4.85 -4.21 -0.87
C ALA A 108 3.63 -5.08 -0.49
N CYS A 109 2.53 -4.91 -1.17
CA CYS A 109 1.33 -5.73 -0.87
C CYS A 109 1.70 -7.21 -1.02
N ARG A 110 2.47 -7.54 -2.02
CA ARG A 110 2.87 -8.96 -2.21
C ARG A 110 3.83 -9.33 -1.07
N LEU A 111 4.88 -8.56 -0.88
CA LEU A 111 5.83 -8.85 0.23
C LEU A 111 5.01 -8.97 1.52
N ALA A 112 4.15 -8.03 1.79
CA ALA A 112 3.32 -8.08 3.02
C ALA A 112 2.79 -9.52 3.20
N SER A 113 2.77 -10.28 2.14
CA SER A 113 2.29 -11.68 2.24
C SER A 113 3.33 -12.51 3.00
N LYS A 114 4.59 -12.28 2.75
CA LYS A 114 5.64 -13.05 3.46
C LYS A 114 5.70 -12.56 4.91
N GLY A 115 4.86 -11.62 5.25
CA GLY A 115 4.84 -11.10 6.66
C GLY A 115 5.69 -9.83 6.77
N LYS A 116 6.81 -9.79 6.10
CA LYS A 116 7.71 -8.58 6.18
C LYS A 116 7.48 -7.69 4.94
N THR A 117 8.20 -6.61 4.84
CA THR A 117 8.02 -5.69 3.66
C THR A 117 9.39 -5.17 3.20
N MET A 118 9.49 -4.79 1.96
CA MET A 118 10.77 -4.28 1.43
C MET A 118 11.91 -5.24 1.78
N ALA A 119 11.71 -6.51 1.61
CA ALA A 119 12.79 -7.47 1.92
C ALA A 119 14.00 -7.15 1.05
N ASP A 120 13.83 -7.24 -0.26
CA ASP A 120 14.91 -6.93 -1.27
C ASP A 120 14.83 -7.95 -2.42
N SER A 121 15.30 -9.15 -2.19
CA SER A 121 15.30 -10.19 -3.26
C SER A 121 13.96 -10.21 -4.01
N SER A 122 12.88 -10.44 -3.32
CA SER A 122 11.57 -10.48 -4.03
C SER A 122 11.23 -9.09 -4.56
N TYR A 123 11.40 -8.08 -3.77
CA TYR A 123 11.09 -6.69 -4.22
C TYR A 123 11.59 -6.45 -5.65
N ASN A 124 12.68 -7.05 -6.04
CA ASN A 124 13.21 -6.81 -7.42
C ASN A 124 12.53 -7.68 -8.48
N LEU A 125 12.50 -8.97 -8.28
CA LEU A 125 11.90 -9.88 -9.30
C LEU A 125 10.38 -9.76 -9.32
N GLU A 126 9.76 -9.43 -8.23
CA GLU A 126 8.28 -9.35 -8.22
C GLU A 126 7.78 -8.17 -9.09
N VAL A 127 8.45 -7.04 -9.08
CA VAL A 127 7.96 -5.91 -9.94
C VAL A 127 8.23 -6.27 -11.39
N GLN A 128 9.37 -6.85 -11.61
CA GLN A 128 9.75 -7.26 -12.99
C GLN A 128 8.64 -8.10 -13.59
N ASN A 129 7.77 -8.63 -12.77
CA ASN A 129 6.67 -9.50 -13.31
C ASN A 129 5.49 -8.63 -13.75
N ILE A 130 5.12 -7.64 -12.98
CA ILE A 130 3.96 -6.79 -13.37
C ILE A 130 4.22 -6.17 -14.75
N LEU A 131 5.38 -5.61 -14.96
CA LEU A 131 5.68 -4.97 -16.29
C LEU A 131 5.37 -5.97 -17.41
N SER A 132 5.72 -7.22 -17.24
CA SER A 132 5.45 -8.22 -18.31
C SER A 132 4.00 -8.10 -18.78
N PHE A 133 3.08 -7.87 -17.90
CA PHE A 133 1.66 -7.75 -18.31
C PHE A 133 1.44 -6.44 -19.06
N LEU A 134 1.99 -5.36 -18.59
CA LEU A 134 1.81 -4.06 -19.27
C LEU A 134 2.62 -4.08 -20.56
N LYS A 135 3.72 -4.77 -20.58
CA LYS A 135 4.53 -4.81 -21.82
C LYS A 135 3.61 -5.20 -22.98
N MET A 136 2.69 -6.09 -22.73
CA MET A 136 1.74 -6.51 -23.79
C MET A 136 0.49 -5.62 -23.72
N GLN A 137 0.37 -4.82 -22.66
CA GLN A 137 -0.80 -3.89 -22.47
C GLN A 137 -1.74 -3.85 -23.68
N HIS A 138 -1.24 -3.46 -24.83
CA HIS A 138 -2.10 -3.39 -26.04
C HIS A 138 -2.48 -4.81 -26.48
C1 4IP B . -10.58 9.57 7.08
O1 4IP B . -11.64 10.48 7.40
C2 4IP B . -10.69 9.18 5.60
O2 4IP B . -11.97 8.59 5.36
C3 4IP B . -9.60 8.16 5.25
O3 4IP B . -9.72 7.76 3.89
C4 4IP B . -9.72 6.92 6.14
O4 4IP B . -11.00 6.31 5.93
C5 4IP B . -9.60 7.32 7.62
O5 4IP B . -9.72 6.17 8.45
C6 4IP B . -10.70 8.33 7.97
O6 4IP B . -10.57 8.71 9.35
P1 4IP B . -11.43 11.64 8.49
O1P 4IP B . -10.90 12.90 7.91
O2P 4IP B . -10.44 11.01 9.61
O3P 4IP B . -12.84 11.83 9.23
P3 4IP B . -8.59 6.83 3.22
O4P 4IP B . -8.71 5.40 3.59
O5P 4IP B . -7.17 7.46 3.68
O6P 4IP B . -8.69 7.07 1.63
P4 4IP B . -11.22 4.74 6.20
O7P 4IP B . -10.62 4.29 7.48
O8P 4IP B . -10.60 3.97 4.92
O9P 4IP B . -12.80 4.49 6.14
P5 4IP B . -8.42 5.27 8.78
OPF 4IP B . -7.65 5.77 9.93
OPG 4IP B . -7.55 5.23 7.41
OPH 4IP B . -8.96 3.77 9.00
H1 4IP B . -9.64 10.05 7.26
H2 4IP B . -10.56 10.05 5.00
HO2 4IP B . -12.69 9.23 5.62
H3 4IP B . -8.63 8.61 5.41
H4 4IP B . -8.95 6.22 5.88
H5 4IP B . -8.64 7.78 7.77
H6 4IP B . -11.67 7.87 7.82
HO6 4IP B . -11.29 9.36 9.58
N GLY A 1 4.38 10.19 26.68
CA GLY A 1 3.85 9.25 25.58
C GLY A 1 4.43 7.89 25.44
N SER A 2 4.55 7.41 24.24
CA SER A 2 5.13 6.05 24.02
C SER A 2 6.63 6.08 24.31
N HIS A 3 7.44 5.67 23.37
CA HIS A 3 8.91 5.66 23.60
C HIS A 3 9.62 5.39 22.28
N MET A 4 10.08 6.43 21.61
CA MET A 4 10.79 6.24 20.31
C MET A 4 12.30 6.46 20.49
N GLY A 5 12.78 7.61 20.11
CA GLY A 5 14.24 7.90 20.26
C GLY A 5 14.97 7.43 19.00
N ASP A 6 14.39 6.51 18.28
CA ASP A 6 15.05 6.01 17.04
C ASP A 6 14.10 5.08 16.29
N ILE A 7 13.65 5.48 15.13
CA ILE A 7 12.72 4.62 14.35
C ILE A 7 13.53 3.71 13.43
N THR A 8 14.20 4.27 12.46
CA THR A 8 15.01 3.44 11.52
C THR A 8 14.19 2.26 11.02
N SER A 9 13.53 2.41 9.90
CA SER A 9 12.72 1.29 9.35
C SER A 9 13.63 0.42 8.48
N ILE A 10 14.12 -0.67 9.00
CA ILE A 10 15.04 -1.53 8.19
C ILE A 10 14.44 -1.75 6.80
N PRO A 11 13.16 -2.02 6.69
CA PRO A 11 12.48 -2.24 5.42
C PRO A 11 11.67 -1.00 5.00
N GLU A 12 12.23 -0.17 4.17
CA GLU A 12 11.50 1.09 3.78
C GLU A 12 10.75 0.92 2.43
N LEU A 13 9.46 1.11 2.46
CA LEU A 13 8.63 1.05 1.23
C LEU A 13 7.50 2.08 1.42
N ALA A 14 7.49 3.14 0.65
CA ALA A 14 6.42 4.17 0.81
C ALA A 14 6.12 4.81 -0.55
N ASP A 15 4.96 5.40 -0.69
CA ASP A 15 4.61 6.04 -1.99
C ASP A 15 3.40 6.97 -1.80
N TYR A 16 3.13 7.78 -2.80
CA TYR A 16 1.96 8.70 -2.70
C TYR A 16 0.73 7.92 -3.15
N ILE A 17 -0.36 8.02 -2.43
CA ILE A 17 -1.55 7.21 -2.83
C ILE A 17 -2.85 7.89 -2.36
N LYS A 18 -3.92 7.71 -3.09
CA LYS A 18 -5.22 8.33 -2.69
C LYS A 18 -6.33 7.30 -2.95
N VAL A 19 -7.15 7.07 -1.97
CA VAL A 19 -8.26 6.08 -2.11
C VAL A 19 -9.52 6.64 -1.49
N PHE A 20 -10.66 6.13 -1.87
CA PHE A 20 -11.95 6.60 -1.28
C PHE A 20 -12.64 5.39 -0.66
N LYS A 21 -12.67 5.32 0.64
CA LYS A 21 -13.28 4.15 1.33
C LYS A 21 -14.81 4.24 1.25
N PRO A 22 -15.49 3.11 1.20
CA PRO A 22 -16.97 3.08 1.12
C PRO A 22 -17.62 3.58 2.41
N LYS A 23 -17.60 2.77 3.45
CA LYS A 23 -18.21 3.19 4.72
C LYS A 23 -17.46 2.54 5.89
N LYS A 24 -16.33 3.09 6.27
CA LYS A 24 -15.56 2.52 7.40
C LYS A 24 -15.79 3.37 8.65
N LEU A 25 -15.25 4.57 8.67
CA LEU A 25 -15.42 5.45 9.86
C LEU A 25 -16.64 6.36 9.67
N THR A 26 -16.54 7.36 8.82
CA THR A 26 -17.71 8.26 8.62
C THR A 26 -17.67 8.89 7.22
N LEU A 27 -16.53 9.35 6.74
CA LEU A 27 -16.52 9.97 5.39
C LEU A 27 -15.07 10.25 4.93
N LYS A 28 -14.75 11.49 4.66
CA LYS A 28 -13.36 11.84 4.21
C LYS A 28 -13.09 11.12 2.87
N GLY A 29 -12.89 9.85 2.92
CA GLY A 29 -12.64 9.04 1.69
C GLY A 29 -11.64 9.73 0.76
N TYR A 30 -12.10 10.60 -0.10
CA TYR A 30 -11.20 11.26 -1.09
C TYR A 30 -10.08 12.05 -0.40
N LYS A 31 -8.93 11.45 -0.29
CA LYS A 31 -7.76 12.15 0.30
C LYS A 31 -6.49 11.43 -0.17
N GLN A 32 -5.37 11.74 0.44
CA GLN A 32 -4.07 11.10 0.05
C GLN A 32 -3.46 10.37 1.25
N TYR A 33 -3.21 9.09 1.12
CA TYR A 33 -2.60 8.32 2.26
C TYR A 33 -1.16 7.94 1.91
N TRP A 34 -0.19 8.41 2.66
CA TRP A 34 1.22 7.99 2.39
C TRP A 34 1.64 7.12 3.58
N CYS A 35 1.49 5.83 3.44
CA CYS A 35 1.85 4.89 4.54
C CYS A 35 3.21 4.28 4.25
N THR A 36 3.74 3.52 5.18
CA THR A 36 5.08 2.91 4.94
C THR A 36 5.19 1.59 5.71
N PHE A 37 5.82 0.60 5.14
CA PHE A 37 5.96 -0.72 5.85
C PHE A 37 7.24 -0.70 6.68
N LYS A 38 7.11 -0.52 7.97
CA LYS A 38 8.32 -0.50 8.86
C LYS A 38 8.33 -1.74 9.75
N ASP A 39 9.47 -2.06 10.31
CA ASP A 39 9.61 -3.26 11.20
C ASP A 39 8.69 -4.39 10.72
N THR A 40 7.55 -4.54 11.34
CA THR A 40 6.58 -5.61 10.94
C THR A 40 5.17 -5.03 10.99
N SER A 41 5.04 -3.74 10.87
CA SER A 41 3.69 -3.10 10.91
C SER A 41 3.68 -1.84 10.05
N ILE A 42 2.53 -1.46 9.56
CA ILE A 42 2.43 -0.25 8.69
C ILE A 42 2.13 1.00 9.53
N SER A 43 2.27 2.15 8.94
CA SER A 43 1.97 3.44 9.64
C SER A 43 0.88 4.15 8.83
N CYS A 44 0.10 5.01 9.44
CA CYS A 44 -1.00 5.70 8.69
C CYS A 44 -1.03 7.20 9.01
N TYR A 45 -0.63 8.02 8.07
CA TYR A 45 -0.66 9.50 8.29
C TYR A 45 -1.13 10.16 6.98
N LYS A 46 -2.16 10.98 7.01
CA LYS A 46 -2.65 11.64 5.76
C LYS A 46 -2.11 13.07 5.64
N SER A 47 -1.47 13.58 6.67
CA SER A 47 -0.95 14.99 6.62
C SER A 47 0.57 14.99 6.48
N LYS A 48 1.15 16.15 6.31
CA LYS A 48 2.64 16.24 6.17
C LYS A 48 3.28 16.26 7.56
N GLU A 49 2.51 16.40 8.60
CA GLU A 49 3.09 16.42 9.98
C GLU A 49 4.08 15.25 10.11
N GLU A 50 3.98 14.31 9.22
CA GLU A 50 4.89 13.12 9.25
C GLU A 50 6.31 13.56 9.57
N SER A 51 6.62 14.79 9.33
CA SER A 51 7.99 15.31 9.62
C SER A 51 8.46 14.78 10.99
N SER A 52 7.82 15.23 12.05
CA SER A 52 8.20 14.76 13.41
C SER A 52 6.93 14.49 14.23
N GLY A 53 5.82 14.27 13.56
CA GLY A 53 4.54 14.00 14.28
C GLY A 53 4.31 12.50 14.35
N THR A 54 3.12 12.09 14.71
CA THR A 54 2.80 10.64 14.82
C THR A 54 1.55 10.32 13.98
N PRO A 55 1.47 9.14 13.38
CA PRO A 55 0.29 8.75 12.55
C PRO A 55 -0.98 8.56 13.39
N ALA A 56 -2.13 8.69 12.77
CA ALA A 56 -3.40 8.50 13.53
C ALA A 56 -3.58 7.01 13.86
N HIS A 57 -2.94 6.14 13.12
CA HIS A 57 -3.10 4.69 13.40
C HIS A 57 -1.85 3.94 12.90
N GLN A 58 -1.49 2.88 13.58
CA GLN A 58 -0.30 2.07 13.16
C GLN A 58 -0.57 0.63 13.57
N MET A 59 -0.74 -0.26 12.62
CA MET A 59 -1.02 -1.68 12.98
C MET A 59 -0.55 -2.60 11.85
N ASN A 60 -0.46 -3.88 12.11
CA ASN A 60 0.00 -4.85 11.08
C ASN A 60 -1.20 -5.65 10.57
N LEU A 61 -1.67 -5.37 9.39
CA LEU A 61 -2.84 -6.12 8.86
C LEU A 61 -2.35 -7.47 8.31
N ARG A 62 -1.39 -7.45 7.42
CA ARG A 62 -0.83 -8.71 6.86
C ARG A 62 -1.94 -9.59 6.28
N GLY A 63 -1.58 -10.55 5.46
CA GLY A 63 -2.59 -11.46 4.86
C GLY A 63 -3.66 -10.65 4.14
N CYS A 64 -3.28 -9.66 3.38
CA CYS A 64 -4.28 -8.84 2.65
C CYS A 64 -4.66 -9.53 1.34
N GLU A 65 -5.84 -9.27 0.83
CA GLU A 65 -6.26 -9.89 -0.45
C GLU A 65 -5.75 -9.04 -1.62
N VAL A 66 -4.92 -9.59 -2.46
CA VAL A 66 -4.36 -8.81 -3.61
C VAL A 66 -4.96 -9.31 -4.94
N THR A 67 -5.44 -8.41 -5.74
CA THR A 67 -6.02 -8.79 -7.06
C THR A 67 -5.89 -7.59 -8.02
N PRO A 68 -4.92 -7.57 -8.90
CA PRO A 68 -4.70 -6.44 -9.83
C PRO A 68 -5.57 -6.50 -11.10
N ASP A 69 -6.07 -5.37 -11.52
CA ASP A 69 -6.90 -5.32 -12.76
C ASP A 69 -6.61 -4.00 -13.47
N VAL A 70 -5.57 -3.97 -14.29
CA VAL A 70 -5.19 -2.71 -15.00
C VAL A 70 -5.53 -2.80 -16.49
N ASN A 71 -6.20 -1.79 -16.99
CA ASN A 71 -6.54 -1.74 -18.44
C ASN A 71 -5.62 -0.70 -19.08
N ILE A 72 -4.54 -1.13 -19.65
CA ILE A 72 -3.60 -0.16 -20.27
C ILE A 72 -4.22 0.46 -21.52
N SER A 73 -5.23 -0.15 -22.06
CA SER A 73 -5.86 0.40 -23.31
C SER A 73 -6.07 1.91 -23.14
N GLY A 74 -6.47 2.34 -21.96
CA GLY A 74 -6.67 3.79 -21.69
C GLY A 74 -5.70 4.21 -20.59
N GLN A 75 -4.71 3.39 -20.31
CA GLN A 75 -3.72 3.71 -19.25
C GLN A 75 -4.43 3.83 -17.89
N LYS A 76 -4.94 2.74 -17.36
CA LYS A 76 -5.65 2.82 -16.03
C LYS A 76 -5.26 1.65 -15.11
N PHE A 77 -4.55 1.94 -14.06
CA PHE A 77 -4.16 0.88 -13.07
C PHE A 77 -5.07 0.97 -11.84
N ASN A 78 -5.86 -0.05 -11.58
CA ASN A 78 -6.78 -0.02 -10.40
C ASN A 78 -6.61 -1.29 -9.55
N ILE A 79 -5.88 -1.21 -8.47
CA ILE A 79 -5.66 -2.39 -7.62
C ILE A 79 -6.83 -2.57 -6.64
N LYS A 80 -7.39 -3.75 -6.58
CA LYS A 80 -8.51 -4.02 -5.62
C LYS A 80 -7.90 -4.57 -4.33
N LEU A 81 -7.95 -3.83 -3.25
CA LEU A 81 -7.33 -4.31 -1.96
C LEU A 81 -8.43 -4.69 -0.95
N LEU A 82 -8.47 -5.94 -0.53
CA LEU A 82 -9.51 -6.36 0.47
C LEU A 82 -8.82 -7.15 1.60
N ILE A 83 -9.38 -7.11 2.79
CA ILE A 83 -8.74 -7.83 3.94
C ILE A 83 -9.83 -8.38 4.89
N PRO A 84 -9.76 -9.65 5.27
CA PRO A 84 -10.76 -10.24 6.22
C PRO A 84 -10.47 -9.80 7.65
N VAL A 85 -11.44 -9.26 8.34
CA VAL A 85 -11.21 -8.80 9.75
C VAL A 85 -12.38 -9.24 10.63
N ALA A 86 -12.23 -9.10 11.93
CA ALA A 86 -13.33 -9.50 12.85
C ALA A 86 -14.58 -8.68 12.52
N GLU A 87 -14.43 -7.44 12.17
CA GLU A 87 -15.62 -6.60 11.82
C GLU A 87 -16.33 -7.24 10.63
N GLY A 88 -15.56 -7.81 9.75
CA GLY A 88 -16.16 -8.46 8.54
C GLY A 88 -15.10 -8.55 7.44
N MET A 89 -15.13 -7.66 6.50
CA MET A 89 -14.13 -7.68 5.40
C MET A 89 -13.88 -6.23 4.97
N ASN A 90 -12.67 -5.75 5.13
CA ASN A 90 -12.37 -4.33 4.77
C ASN A 90 -12.02 -4.24 3.29
N GLU A 91 -12.94 -3.79 2.49
CA GLU A 91 -12.67 -3.64 1.03
C GLU A 91 -11.96 -2.30 0.84
N ILE A 92 -10.85 -2.30 0.16
CA ILE A 92 -10.08 -1.04 -0.06
C ILE A 92 -9.47 -1.07 -1.46
N TRP A 93 -9.35 0.06 -2.09
CA TRP A 93 -8.76 0.08 -3.45
C TRP A 93 -7.97 1.38 -3.64
N LEU A 94 -6.97 1.37 -4.48
CA LEU A 94 -6.15 2.62 -4.69
C LEU A 94 -6.55 3.29 -6.01
N ARG A 95 -6.40 4.58 -6.09
CA ARG A 95 -6.78 5.30 -7.34
C ARG A 95 -5.64 5.24 -8.37
N CYS A 96 -5.98 5.25 -9.62
CA CYS A 96 -4.94 5.20 -10.70
C CYS A 96 -4.02 6.42 -10.57
N ASP A 97 -2.76 6.25 -10.88
CA ASP A 97 -1.80 7.41 -10.78
C ASP A 97 -0.73 7.28 -11.86
N ASN A 98 -0.24 6.10 -12.11
CA ASN A 98 0.80 5.92 -13.16
C ASN A 98 1.34 4.48 -13.10
N GLU A 99 2.11 4.09 -14.08
CA GLU A 99 2.67 2.71 -14.07
C GLU A 99 3.68 2.56 -12.93
N LYS A 100 4.21 3.66 -12.47
CA LYS A 100 5.21 3.60 -11.37
C LYS A 100 4.50 3.24 -10.06
N GLN A 101 3.39 3.86 -9.79
CA GLN A 101 2.64 3.55 -8.54
C GLN A 101 2.37 2.05 -8.48
N TYR A 102 1.89 1.49 -9.55
CA TYR A 102 1.58 0.03 -9.57
C TYR A 102 2.86 -0.79 -9.30
N ALA A 103 3.86 -0.62 -10.10
CA ALA A 103 5.13 -1.40 -9.93
C ALA A 103 5.53 -1.52 -8.44
N HIS A 104 5.50 -0.46 -7.70
CA HIS A 104 5.92 -0.54 -6.27
C HIS A 104 4.90 -1.30 -5.42
N TRP A 105 3.70 -0.80 -5.32
CA TRP A 105 2.67 -1.47 -4.47
C TRP A 105 2.22 -2.80 -5.10
N MET A 106 2.16 -2.92 -6.41
CA MET A 106 1.75 -4.23 -7.00
C MET A 106 2.57 -5.32 -6.31
N ALA A 107 3.77 -5.00 -5.94
CA ALA A 107 4.61 -5.98 -5.24
C ALA A 107 4.25 -5.97 -3.77
N ALA A 108 4.22 -4.81 -3.16
CA ALA A 108 3.87 -4.73 -1.70
C ALA A 108 2.65 -5.60 -1.42
N CYS A 109 1.59 -5.39 -2.15
CA CYS A 109 0.36 -6.21 -1.93
C CYS A 109 0.74 -7.69 -1.88
N ARG A 110 1.42 -8.18 -2.88
CA ARG A 110 1.82 -9.63 -2.85
C ARG A 110 2.92 -9.81 -1.81
N LEU A 111 3.96 -9.03 -1.89
CA LEU A 111 5.08 -9.16 -0.90
C LEU A 111 4.49 -9.08 0.52
N ALA A 112 3.41 -8.38 0.69
CA ALA A 112 2.79 -8.32 2.03
C ALA A 112 2.32 -9.73 2.40
N SER A 113 2.17 -10.58 1.41
CA SER A 113 1.71 -11.97 1.67
C SER A 113 2.79 -12.72 2.44
N LYS A 114 4.04 -12.40 2.21
CA LYS A 114 5.13 -13.11 2.94
C LYS A 114 5.02 -12.78 4.42
N GLY A 115 4.36 -11.69 4.75
CA GLY A 115 4.20 -11.29 6.18
C GLY A 115 5.10 -10.09 6.50
N LYS A 116 6.16 -9.91 5.75
CA LYS A 116 7.08 -8.74 6.01
C LYS A 116 7.39 -8.07 4.67
N THR A 117 8.24 -7.07 4.67
CA THR A 117 8.60 -6.34 3.42
C THR A 117 10.10 -6.53 3.16
N MET A 118 10.68 -5.75 2.28
CA MET A 118 12.12 -5.89 1.99
C MET A 118 12.38 -7.34 1.54
N ALA A 119 11.42 -7.94 0.90
CA ALA A 119 11.60 -9.34 0.42
C ALA A 119 12.81 -9.40 -0.51
N ASP A 120 12.86 -8.52 -1.47
CA ASP A 120 14.02 -8.48 -2.41
C ASP A 120 14.06 -9.73 -3.29
N SER A 121 14.32 -10.88 -2.71
CA SER A 121 14.40 -12.13 -3.51
C SER A 121 13.16 -12.28 -4.41
N SER A 122 11.99 -12.31 -3.84
CA SER A 122 10.75 -12.47 -4.68
C SER A 122 10.25 -11.10 -5.14
N TYR A 123 10.66 -10.05 -4.49
CA TYR A 123 10.19 -8.69 -4.88
C TYR A 123 10.69 -8.31 -6.28
N ASN A 124 11.98 -8.18 -6.44
CA ASN A 124 12.56 -7.78 -7.77
C ASN A 124 11.92 -8.55 -8.93
N LEU A 125 11.61 -9.80 -8.73
CA LEU A 125 11.02 -10.61 -9.84
C LEU A 125 9.58 -10.16 -10.15
N GLU A 126 8.82 -9.79 -9.16
CA GLU A 126 7.40 -9.39 -9.42
C GLU A 126 7.33 -7.98 -10.05
N VAL A 127 8.18 -7.06 -9.69
CA VAL A 127 8.10 -5.70 -10.32
C VAL A 127 8.47 -5.86 -11.80
N GLN A 128 9.37 -6.74 -12.06
CA GLN A 128 9.82 -6.98 -13.46
C GLN A 128 8.63 -7.54 -14.25
N ASN A 129 7.64 -8.04 -13.56
CA ASN A 129 6.46 -8.61 -14.25
C ASN A 129 5.49 -7.49 -14.66
N ILE A 130 5.32 -6.50 -13.82
CA ILE A 130 4.38 -5.39 -14.17
C ILE A 130 5.08 -4.39 -15.10
N LEU A 131 6.13 -3.78 -14.64
CA LEU A 131 6.86 -2.79 -15.47
C LEU A 131 7.07 -3.35 -16.88
N SER A 132 6.99 -4.64 -17.04
CA SER A 132 7.19 -5.24 -18.40
C SER A 132 5.88 -5.14 -19.19
N PHE A 133 4.76 -5.17 -18.53
CA PHE A 133 3.47 -5.09 -19.26
C PHE A 133 3.46 -3.81 -20.12
N LEU A 134 3.71 -2.69 -19.52
CA LEU A 134 3.71 -1.41 -20.27
C LEU A 134 4.79 -1.44 -21.35
N LYS A 135 5.86 -2.17 -21.13
CA LYS A 135 6.94 -2.21 -22.15
C LYS A 135 6.34 -2.47 -23.53
N MET A 136 5.19 -3.10 -23.58
CA MET A 136 4.58 -3.38 -24.89
C MET A 136 3.18 -3.98 -24.69
N GLN A 137 2.34 -3.31 -23.96
CA GLN A 137 0.95 -3.85 -23.74
C GLN A 137 1.03 -5.30 -23.25
N HIS A 138 2.22 -5.79 -22.99
CA HIS A 138 2.35 -7.20 -22.51
C HIS A 138 3.79 -7.45 -22.06
C1 4IP B . -9.15 8.66 8.21
O1 4IP B . -9.21 9.95 8.84
C2 4IP B . -10.54 8.25 7.70
O2 4IP B . -11.45 8.15 8.80
C3 4IP B . -10.47 6.88 7.01
O3 4IP B . -11.78 6.46 6.66
C4 4IP B . -9.87 5.82 7.94
O4 4IP B . -10.76 5.62 9.03
C5 4IP B . -8.51 6.27 8.48
O5 4IP B . -8.01 5.27 9.39
C6 4IP B . -8.65 7.61 9.19
O6 4IP B . -7.38 8.02 9.73
P1 4IP B . -9.75 10.14 10.35
O1P 4IP B . -9.00 9.34 11.34
O2P 4IP B . -11.31 9.80 10.31
O3P 4IP B . -9.66 11.72 10.63
P3 4IP B . -12.77 7.43 5.86
O4P 4IP B . -13.40 8.44 6.75
O5P 4IP B . -13.84 6.47 5.15
O6P 4IP B . -11.89 8.07 4.68
P4 4IP B . -10.49 4.42 10.07
O7P 4IP B . -11.72 3.81 10.58
O8P 4IP B . -9.57 5.04 11.24
O9P 4IP B . -9.54 3.37 9.30
P5 4IP B . -6.49 4.74 9.27
OPF 4IP B . -5.52 5.66 9.90
OPG 4IP B . -6.22 4.53 7.70
OPH 4IP B . -6.48 3.27 9.93
H1 4IP B . -8.48 8.70 7.38
H2 4IP B . -10.89 8.99 7.00
HO2 4IP B . -12.32 7.78 8.48
H3 4IP B . -9.86 6.96 6.12
H4 4IP B . -9.76 4.91 7.38
H5 4IP B . -7.82 6.37 7.65
H6 4IP B . -9.36 7.50 9.99
HO6 4IP B . -6.72 8.12 8.98
N GLY A 1 6.20 -1.76 23.30
CA GLY A 1 6.84 -1.57 24.66
C GLY A 1 8.30 -1.26 24.76
N SER A 2 8.88 -0.76 23.69
CA SER A 2 10.33 -0.44 23.73
C SER A 2 10.59 0.64 24.78
N HIS A 3 10.64 1.88 24.37
CA HIS A 3 10.88 2.97 25.35
C HIS A 3 10.54 4.33 24.71
N MET A 4 10.30 4.34 23.42
CA MET A 4 9.97 5.62 22.75
C MET A 4 9.34 5.32 21.38
N GLY A 5 10.12 4.80 20.46
CA GLY A 5 9.55 4.49 19.12
C GLY A 5 10.69 4.31 18.11
N ASP A 6 10.61 3.32 17.27
CA ASP A 6 11.68 3.08 16.27
C ASP A 6 11.42 3.96 15.04
N ILE A 7 12.27 4.92 14.79
CA ILE A 7 12.06 5.82 13.60
C ILE A 7 12.81 5.22 12.40
N THR A 8 13.32 4.03 12.54
CA THR A 8 14.06 3.39 11.42
C THR A 8 13.07 2.59 10.56
N SER A 9 13.55 1.99 9.50
CA SER A 9 12.66 1.20 8.62
C SER A 9 13.50 0.37 7.65
N ILE A 10 13.97 -0.77 8.08
CA ILE A 10 14.81 -1.61 7.17
C ILE A 10 14.03 -1.90 5.87
N PRO A 11 12.77 -2.20 5.97
CA PRO A 11 11.90 -2.49 4.79
C PRO A 11 11.03 -1.28 4.43
N GLU A 12 11.63 -0.15 4.19
CA GLU A 12 10.83 1.06 3.86
C GLU A 12 10.16 0.93 2.50
N LEU A 13 8.86 1.11 2.46
CA LEU A 13 8.11 1.05 1.18
C LEU A 13 6.94 2.03 1.30
N ALA A 14 7.00 3.13 0.58
CA ALA A 14 5.90 4.13 0.71
C ALA A 14 5.83 5.00 -0.55
N ASP A 15 4.73 5.66 -0.76
CA ASP A 15 4.59 6.53 -1.96
C ASP A 15 3.38 7.47 -1.77
N TYR A 16 3.26 8.46 -2.61
CA TYR A 16 2.08 9.39 -2.51
C TYR A 16 0.93 8.70 -3.24
N ILE A 17 -0.19 8.54 -2.60
CA ILE A 17 -1.30 7.82 -3.28
C ILE A 17 -2.66 8.28 -2.72
N LYS A 18 -3.72 8.02 -3.45
CA LYS A 18 -5.09 8.45 -3.02
C LYS A 18 -6.01 7.24 -3.02
N VAL A 19 -6.84 7.14 -2.03
CA VAL A 19 -7.77 5.98 -1.94
C VAL A 19 -9.14 6.47 -1.45
N PHE A 20 -10.20 5.88 -1.93
CA PHE A 20 -11.58 6.27 -1.51
C PHE A 20 -12.22 5.12 -0.72
N LYS A 21 -12.52 5.33 0.53
CA LYS A 21 -13.13 4.23 1.35
C LYS A 21 -14.65 4.44 1.40
N PRO A 22 -15.41 3.38 1.55
CA PRO A 22 -16.89 3.49 1.67
C PRO A 22 -17.23 4.03 3.06
N LYS A 23 -16.32 3.82 3.98
CA LYS A 23 -16.49 4.30 5.36
C LYS A 23 -17.79 3.75 5.97
N LYS A 24 -17.66 3.13 7.10
CA LYS A 24 -18.83 2.54 7.80
C LYS A 24 -19.38 3.57 8.80
N LEU A 25 -18.62 4.58 9.11
CA LEU A 25 -19.09 5.62 10.07
C LEU A 25 -19.59 6.86 9.31
N THR A 26 -18.70 7.67 8.79
CA THR A 26 -19.12 8.90 8.05
C THR A 26 -18.85 8.72 6.54
N LEU A 27 -17.85 9.39 6.03
CA LEU A 27 -17.55 9.26 4.57
C LEU A 27 -16.12 9.74 4.27
N LYS A 28 -15.57 10.64 5.04
CA LYS A 28 -14.21 11.15 4.78
C LYS A 28 -13.30 9.99 4.42
N GLY A 29 -13.01 9.96 3.18
CA GLY A 29 -12.14 8.89 2.60
C GLY A 29 -11.44 9.43 1.35
N TYR A 30 -12.10 10.27 0.59
CA TYR A 30 -11.46 10.84 -0.63
C TYR A 30 -10.32 11.76 -0.20
N LYS A 31 -9.12 11.26 -0.15
CA LYS A 31 -7.97 12.12 0.26
C LYS A 31 -6.66 11.55 -0.28
N GLN A 32 -5.57 12.08 0.20
CA GLN A 32 -4.22 11.62 -0.23
C GLN A 32 -3.41 11.22 1.00
N TYR A 33 -3.18 9.93 1.20
CA TYR A 33 -2.41 9.48 2.40
C TYR A 33 -1.32 8.49 1.96
N TRP A 34 -0.21 8.48 2.65
CA TRP A 34 0.93 7.59 2.27
C TRP A 34 1.27 6.65 3.43
N CYS A 35 1.01 5.38 3.28
CA CYS A 35 1.35 4.41 4.35
C CYS A 35 2.84 4.06 4.23
N THR A 36 3.40 3.37 5.19
CA THR A 36 4.85 3.03 5.10
C THR A 36 5.15 1.79 5.93
N PHE A 37 5.90 0.86 5.38
CA PHE A 37 6.24 -0.37 6.14
C PHE A 37 7.55 -0.15 6.90
N LYS A 38 7.58 -0.46 8.17
CA LYS A 38 8.83 -0.26 8.96
C LYS A 38 8.97 -1.40 9.99
N ASP A 39 10.18 -1.59 10.48
CA ASP A 39 10.44 -2.68 11.49
C ASP A 39 9.58 -3.90 11.20
N THR A 40 8.90 -4.42 12.20
CA THR A 40 8.04 -5.63 12.00
C THR A 40 6.57 -5.20 12.00
N SER A 41 6.30 -3.92 11.91
CA SER A 41 4.90 -3.44 11.91
C SER A 41 4.76 -2.24 10.97
N ILE A 42 3.56 -1.94 10.54
CA ILE A 42 3.35 -0.80 9.61
C ILE A 42 3.01 0.47 10.40
N SER A 43 3.09 1.59 9.74
CA SER A 43 2.76 2.90 10.39
C SER A 43 2.12 3.80 9.33
N CYS A 44 0.93 4.29 9.58
CA CYS A 44 0.25 5.14 8.57
C CYS A 44 0.51 6.63 8.82
N TYR A 45 0.42 7.44 7.80
CA TYR A 45 0.63 8.91 7.99
C TYR A 45 -0.20 9.66 6.94
N LYS A 46 -0.99 10.62 7.35
CA LYS A 46 -1.82 11.39 6.38
C LYS A 46 -1.12 12.70 6.02
N SER A 47 -0.54 13.36 6.99
CA SER A 47 0.17 14.65 6.70
C SER A 47 1.48 14.68 7.48
N LYS A 48 2.26 15.71 7.30
CA LYS A 48 3.55 15.80 8.03
C LYS A 48 3.31 16.40 9.42
N GLU A 49 2.86 17.62 9.44
CA GLU A 49 2.63 18.31 10.72
C GLU A 49 1.86 17.43 11.71
N GLU A 50 0.70 16.96 11.33
CA GLU A 50 -0.09 16.10 12.26
C GLU A 50 -0.13 16.75 13.64
N SER A 51 0.00 18.05 13.69
CA SER A 51 -0.02 18.75 15.01
C SER A 51 -1.21 18.27 15.84
N SER A 52 -2.31 17.96 15.20
CA SER A 52 -3.52 17.48 15.93
C SER A 52 -4.06 16.21 15.27
N GLY A 53 -3.44 15.78 14.19
CA GLY A 53 -3.90 14.55 13.49
C GLY A 53 -3.03 13.37 13.91
N THR A 54 -3.60 12.19 13.98
CA THR A 54 -2.82 10.97 14.38
C THR A 54 -2.97 9.90 13.28
N PRO A 55 -1.96 9.09 13.06
CA PRO A 55 -2.03 8.02 12.02
C PRO A 55 -3.40 7.34 11.95
N ALA A 56 -3.86 7.03 10.78
CA ALA A 56 -5.18 6.35 10.66
C ALA A 56 -5.10 5.00 11.37
N HIS A 57 -3.94 4.38 11.35
CA HIS A 57 -3.78 3.06 12.02
C HIS A 57 -2.30 2.65 11.99
N GLN A 58 -1.77 2.21 13.10
CA GLN A 58 -0.34 1.77 13.15
C GLN A 58 -0.30 0.37 13.73
N MET A 59 0.04 -0.60 12.94
CA MET A 59 0.08 -1.99 13.48
C MET A 59 0.57 -2.96 12.40
N ASN A 60 0.89 -4.17 12.78
CA ASN A 60 1.38 -5.19 11.80
C ASN A 60 0.19 -5.95 11.23
N LEU A 61 -0.26 -5.59 10.05
CA LEU A 61 -1.43 -6.30 9.47
C LEU A 61 -0.93 -7.58 8.79
N ARG A 62 -0.03 -7.46 7.85
CA ARG A 62 0.52 -8.66 7.16
C ARG A 62 -0.60 -9.53 6.58
N GLY A 63 -0.31 -10.23 5.52
CA GLY A 63 -1.33 -11.11 4.90
C GLY A 63 -2.39 -10.29 4.15
N CYS A 64 -1.99 -9.25 3.49
CA CYS A 64 -2.99 -8.44 2.74
C CYS A 64 -3.32 -9.15 1.43
N GLU A 65 -4.57 -9.14 1.03
CA GLU A 65 -4.95 -9.82 -0.24
C GLU A 65 -4.81 -8.82 -1.39
N VAL A 66 -4.71 -9.29 -2.59
CA VAL A 66 -4.56 -8.35 -3.75
C VAL A 66 -5.12 -8.99 -5.03
N THR A 67 -5.85 -8.21 -5.80
CA THR A 67 -6.42 -8.73 -7.09
C THR A 67 -6.12 -7.68 -8.19
N PRO A 68 -5.34 -8.01 -9.21
CA PRO A 68 -5.00 -7.03 -10.28
C PRO A 68 -6.08 -6.91 -11.37
N ASP A 69 -6.43 -5.69 -11.73
CA ASP A 69 -7.46 -5.49 -12.79
C ASP A 69 -7.24 -4.12 -13.41
N VAL A 70 -6.39 -4.03 -14.41
CA VAL A 70 -6.10 -2.72 -15.06
C VAL A 70 -6.58 -2.73 -16.52
N ASN A 71 -7.21 -1.66 -16.95
CA ASN A 71 -7.70 -1.57 -18.36
C ASN A 71 -6.83 -0.59 -19.16
N ILE A 72 -6.04 -1.07 -20.08
CA ILE A 72 -5.20 -0.13 -20.88
C ILE A 72 -6.12 0.73 -21.73
N SER A 73 -7.24 0.19 -22.11
CA SER A 73 -8.21 0.95 -22.95
C SER A 73 -8.43 2.34 -22.35
N GLY A 74 -8.62 2.41 -21.06
CA GLY A 74 -8.85 3.74 -20.38
C GLY A 74 -7.75 3.99 -19.35
N GLN A 75 -6.71 3.21 -19.38
CA GLN A 75 -5.58 3.39 -18.40
C GLN A 75 -6.13 3.42 -16.97
N LYS A 76 -6.78 2.37 -16.54
CA LYS A 76 -7.35 2.32 -15.15
C LYS A 76 -6.59 1.31 -14.30
N PHE A 77 -5.39 1.61 -13.86
CA PHE A 77 -4.66 0.62 -12.99
C PHE A 77 -5.26 0.68 -11.58
N ASN A 78 -6.09 -0.29 -11.24
CA ASN A 78 -6.74 -0.31 -9.90
C ASN A 78 -6.53 -1.68 -9.23
N ILE A 79 -5.76 -1.71 -8.17
CA ILE A 79 -5.53 -3.02 -7.48
C ILE A 79 -6.57 -3.17 -6.35
N LYS A 80 -7.05 -4.36 -6.16
CA LYS A 80 -8.07 -4.59 -5.09
C LYS A 80 -7.34 -4.94 -3.79
N LEU A 81 -7.14 -3.98 -2.91
CA LEU A 81 -6.45 -4.31 -1.63
C LEU A 81 -7.50 -4.76 -0.62
N LEU A 82 -7.55 -6.04 -0.34
CA LEU A 82 -8.56 -6.57 0.64
C LEU A 82 -7.80 -7.24 1.79
N ILE A 83 -8.30 -7.12 3.00
CA ILE A 83 -7.61 -7.74 4.16
C ILE A 83 -8.65 -8.26 5.17
N PRO A 84 -8.61 -9.52 5.55
CA PRO A 84 -9.58 -10.07 6.54
C PRO A 84 -9.22 -9.63 7.96
N VAL A 85 -9.97 -8.72 8.53
CA VAL A 85 -9.66 -8.22 9.89
C VAL A 85 -10.62 -8.83 10.92
N ALA A 86 -10.56 -8.37 12.14
CA ALA A 86 -11.47 -8.90 13.19
C ALA A 86 -12.89 -8.39 12.94
N GLU A 87 -13.03 -7.15 12.59
CA GLU A 87 -14.39 -6.60 12.33
C GLU A 87 -15.02 -7.38 11.18
N GLY A 88 -14.22 -7.79 10.23
CA GLY A 88 -14.76 -8.55 9.08
C GLY A 88 -13.75 -8.52 7.93
N MET A 89 -13.93 -7.62 7.00
CA MET A 89 -12.98 -7.50 5.86
C MET A 89 -12.83 -6.03 5.52
N ASN A 90 -11.62 -5.56 5.43
CA ASN A 90 -11.41 -4.11 5.12
C ASN A 90 -11.36 -3.92 3.61
N GLU A 91 -12.44 -3.45 3.05
CA GLU A 91 -12.47 -3.22 1.59
C GLU A 91 -11.68 -1.95 1.29
N ILE A 92 -10.58 -2.05 0.59
CA ILE A 92 -9.75 -0.85 0.30
C ILE A 92 -9.35 -0.84 -1.17
N TRP A 93 -9.85 0.12 -1.93
CA TRP A 93 -9.48 0.25 -3.38
C TRP A 93 -8.69 1.55 -3.54
N LEU A 94 -7.48 1.50 -4.05
CA LEU A 94 -6.70 2.78 -4.21
C LEU A 94 -7.01 3.42 -5.56
N ARG A 95 -6.59 4.65 -5.73
CA ARG A 95 -6.87 5.38 -6.99
C ARG A 95 -5.87 5.01 -8.08
N CYS A 96 -6.30 5.11 -9.31
CA CYS A 96 -5.43 4.79 -10.47
C CYS A 96 -4.70 6.09 -10.86
N ASP A 97 -3.46 6.01 -11.27
CA ASP A 97 -2.72 7.27 -11.64
C ASP A 97 -1.81 7.02 -12.84
N ASN A 98 -1.11 5.92 -12.88
CA ASN A 98 -0.20 5.68 -14.04
C ASN A 98 0.39 4.27 -13.93
N GLU A 99 1.20 3.89 -14.86
CA GLU A 99 1.83 2.54 -14.84
C GLU A 99 3.00 2.53 -13.87
N LYS A 100 3.70 3.63 -13.75
CA LYS A 100 4.84 3.69 -12.80
C LYS A 100 4.35 3.31 -11.41
N GLN A 101 3.25 3.89 -11.00
CA GLN A 101 2.69 3.58 -9.67
C GLN A 101 2.50 2.06 -9.51
N TYR A 102 1.83 1.44 -10.45
CA TYR A 102 1.58 -0.03 -10.32
C TYR A 102 2.87 -0.77 -9.88
N ALA A 103 3.96 -0.59 -10.55
CA ALA A 103 5.20 -1.32 -10.16
C ALA A 103 5.64 -0.99 -8.72
N HIS A 104 5.23 0.12 -8.14
CA HIS A 104 5.74 0.46 -6.75
C HIS A 104 4.97 -0.30 -5.64
N TRP A 105 3.71 -0.04 -5.46
CA TRP A 105 2.96 -0.74 -4.37
C TRP A 105 2.66 -2.19 -4.76
N MET A 106 1.99 -2.39 -5.86
CA MET A 106 1.64 -3.77 -6.28
C MET A 106 2.83 -4.70 -6.12
N ALA A 107 3.98 -4.33 -6.59
CA ALA A 107 5.14 -5.24 -6.42
C ALA A 107 5.30 -5.53 -4.93
N ALA A 108 4.98 -4.58 -4.09
CA ALA A 108 5.14 -4.78 -2.63
C ALA A 108 3.89 -5.47 -2.04
N CYS A 109 2.73 -5.12 -2.52
CA CYS A 109 1.49 -5.75 -1.98
C CYS A 109 1.49 -7.26 -2.23
N ARG A 110 1.90 -7.69 -3.38
CA ARG A 110 1.91 -9.16 -3.67
C ARG A 110 2.95 -9.82 -2.74
N LEU A 111 4.19 -9.44 -2.87
CA LEU A 111 5.22 -10.06 -2.00
C LEU A 111 4.87 -9.77 -0.52
N ALA A 112 4.27 -8.64 -0.22
CA ALA A 112 3.89 -8.38 1.21
C ALA A 112 3.19 -9.63 1.75
N SER A 113 2.70 -10.45 0.86
CA SER A 113 2.01 -11.70 1.28
C SER A 113 3.06 -12.78 1.56
N LYS A 114 4.23 -12.69 0.98
CA LYS A 114 5.26 -13.74 1.24
C LYS A 114 5.66 -13.72 2.71
N GLY A 115 5.27 -12.68 3.44
CA GLY A 115 5.59 -12.61 4.91
C GLY A 115 6.33 -11.32 5.27
N LYS A 116 7.08 -10.75 4.35
CA LYS A 116 7.83 -9.48 4.68
C LYS A 116 7.68 -8.48 3.53
N THR A 117 7.90 -7.23 3.81
CA THR A 117 7.81 -6.17 2.76
C THR A 117 9.22 -5.84 2.31
N MET A 118 9.40 -5.34 1.13
CA MET A 118 10.78 -5.05 0.69
C MET A 118 11.58 -6.36 0.73
N ALA A 119 11.12 -7.36 0.03
CA ALA A 119 11.82 -8.68 0.05
C ALA A 119 13.27 -8.48 -0.42
N ASP A 120 13.52 -7.43 -1.13
CA ASP A 120 14.90 -7.14 -1.62
C ASP A 120 15.39 -8.28 -2.53
N SER A 121 15.76 -9.40 -1.96
CA SER A 121 16.26 -10.54 -2.79
C SER A 121 15.29 -10.84 -3.93
N SER A 122 14.06 -11.13 -3.61
CA SER A 122 13.07 -11.46 -4.69
C SER A 122 12.41 -10.17 -5.18
N TYR A 123 12.37 -9.16 -4.36
CA TYR A 123 11.74 -7.88 -4.77
C TYR A 123 12.31 -7.42 -6.11
N ASN A 124 13.49 -7.84 -6.48
CA ASN A 124 14.08 -7.39 -7.77
C ASN A 124 13.46 -8.16 -8.93
N LEU A 125 13.20 -9.42 -8.77
CA LEU A 125 12.61 -10.23 -9.89
C LEU A 125 11.11 -10.03 -9.94
N GLU A 126 10.50 -9.74 -8.83
CA GLU A 126 9.02 -9.57 -8.81
C GLU A 126 8.59 -8.30 -9.57
N VAL A 127 9.37 -7.25 -9.55
CA VAL A 127 8.96 -6.02 -10.32
C VAL A 127 9.20 -6.30 -11.78
N GLN A 128 10.32 -6.90 -12.05
CA GLN A 128 10.67 -7.24 -13.46
C GLN A 128 9.48 -7.91 -14.13
N ASN A 129 8.56 -8.39 -13.33
CA ASN A 129 7.36 -9.07 -13.91
C ASN A 129 6.32 -8.00 -14.26
N ILE A 130 6.00 -7.10 -13.36
CA ILE A 130 5.01 -6.04 -13.69
C ILE A 130 5.56 -5.19 -14.83
N LEU A 131 6.83 -4.90 -14.79
CA LEU A 131 7.44 -4.07 -15.86
C LEU A 131 7.12 -4.66 -17.24
N SER A 132 7.16 -5.96 -17.37
CA SER A 132 6.85 -6.55 -18.70
C SER A 132 5.39 -6.27 -19.04
N PHE A 133 4.59 -6.04 -18.04
CA PHE A 133 3.15 -5.74 -18.28
C PHE A 133 3.02 -4.39 -18.95
N LEU A 134 3.59 -3.39 -18.36
CA LEU A 134 3.50 -2.02 -18.94
C LEU A 134 4.47 -1.89 -20.12
N LYS A 135 5.43 -2.77 -20.22
CA LYS A 135 6.37 -2.70 -21.36
C LYS A 135 5.57 -2.84 -22.65
N MET A 136 4.39 -3.42 -22.58
CA MET A 136 3.56 -3.60 -23.82
C MET A 136 2.17 -2.98 -23.65
N GLN A 137 1.96 -2.19 -22.63
CA GLN A 137 0.60 -1.57 -22.47
C GLN A 137 0.19 -0.90 -23.79
N HIS A 138 0.95 0.05 -24.24
CA HIS A 138 0.60 0.73 -25.52
C HIS A 138 0.86 -0.23 -26.70
C1 4IP B . -10.57 9.52 8.08
O1 4IP B . -11.73 10.37 8.02
C2 4IP B . -10.79 8.31 7.15
O2 4IP B . -12.03 7.70 7.49
C3 4IP B . -9.65 7.30 7.29
O3 4IP B . -9.92 6.15 6.47
C4 4IP B . -9.49 6.86 8.75
O4 4IP B . -10.71 6.23 9.18
C5 4IP B . -9.20 8.05 9.62
O5 4IP B . -9.06 7.63 10.98
C6 4IP B . -10.34 9.07 9.53
O6 4IP B . -10.01 10.21 10.33
P1 4IP B . -12.08 11.43 9.20
O1P 4IP B . -11.05 12.48 9.33
O2P 4IP B . -12.26 10.57 10.55
O3P 4IP B . -13.53 12.02 8.88
P3 4IP B . -8.72 5.23 5.91
O4P 4IP B . -8.10 5.78 4.69
O5P 4IP B . -9.36 3.77 5.68
O6P 4IP B . -7.67 5.06 7.11
P4 4IP B . -10.80 4.64 9.35
O7P 4IP B . -12.17 4.10 9.10
O8P 4IP B . -10.29 4.32 10.85
O9P 4IP B . -9.69 4.02 8.37
P5 4IP B . -8.77 8.68 12.17
OPF 4IP B . -10.01 9.15 12.82
OPG 4IP B . -7.93 9.87 11.49
OPH 4IP B . -7.76 7.94 13.18
H1 4IP B . -9.72 10.09 7.73
H2 4IP B . -10.82 8.66 6.14
HO2 4IP B . -12.17 7.77 8.48
H3 4IP B . -8.73 7.75 6.96
H4 4IP B . -8.68 6.15 8.82
H5 4IP B . -8.29 8.52 9.30
H6 4IP B . -11.25 8.61 9.91
HO6 4IP B . -10.22 10.02 11.29
N GLY A 1 16.96 4.37 30.48
CA GLY A 1 17.17 5.28 29.27
C GLY A 1 16.00 5.69 28.45
N SER A 2 14.81 5.50 28.97
CA SER A 2 13.59 5.89 28.20
C SER A 2 13.67 5.32 26.78
N HIS A 3 14.18 4.13 26.65
CA HIS A 3 14.29 3.51 25.29
C HIS A 3 12.96 2.83 24.94
N MET A 4 12.56 2.89 23.70
CA MET A 4 11.27 2.26 23.29
C MET A 4 11.37 1.79 21.84
N GLY A 5 12.39 2.21 21.13
CA GLY A 5 12.57 1.79 19.71
C GLY A 5 12.31 2.98 18.79
N ASP A 6 13.34 3.58 18.27
CA ASP A 6 13.16 4.75 17.36
C ASP A 6 12.52 4.28 16.05
N ILE A 7 12.72 5.01 14.98
CA ILE A 7 12.11 4.61 13.67
C ILE A 7 12.80 3.36 13.14
N THR A 8 14.11 3.34 13.11
CA THR A 8 14.83 2.15 12.58
C THR A 8 14.23 1.78 11.24
N SER A 9 13.32 0.87 11.26
CA SER A 9 12.63 0.42 10.02
C SER A 9 13.68 0.03 8.96
N ILE A 10 14.27 -1.13 9.07
CA ILE A 10 15.28 -1.55 8.06
C ILE A 10 14.62 -1.69 6.67
N PRO A 11 13.41 -2.21 6.59
CA PRO A 11 12.68 -2.39 5.32
C PRO A 11 11.70 -1.23 5.07
N GLU A 12 12.15 -0.20 4.40
CA GLU A 12 11.26 0.98 4.16
C GLU A 12 10.61 0.90 2.76
N LEU A 13 9.33 1.05 2.72
CA LEU A 13 8.57 1.04 1.43
C LEU A 13 7.39 2.00 1.60
N ALA A 14 7.42 3.13 0.93
CA ALA A 14 6.32 4.12 1.10
C ALA A 14 5.98 4.78 -0.24
N ASP A 15 4.73 5.04 -0.44
CA ASP A 15 4.27 5.70 -1.70
C ASP A 15 2.87 6.26 -1.44
N TYR A 16 2.52 7.35 -2.07
CA TYR A 16 1.18 7.96 -1.84
C TYR A 16 0.23 7.64 -3.00
N ILE A 17 -0.97 7.22 -2.68
CA ILE A 17 -1.99 6.93 -3.73
C ILE A 17 -3.35 7.40 -3.24
N LYS A 18 -4.35 7.40 -4.09
CA LYS A 18 -5.71 7.90 -3.68
C LYS A 18 -6.63 6.72 -3.36
N VAL A 19 -7.41 6.84 -2.32
CA VAL A 19 -8.34 5.74 -1.93
C VAL A 19 -9.71 6.33 -1.55
N PHE A 20 -10.78 5.64 -1.84
CA PHE A 20 -12.14 6.12 -1.48
C PHE A 20 -12.64 5.32 -0.28
N LYS A 21 -13.56 5.87 0.50
CA LYS A 21 -14.08 5.14 1.71
C LYS A 21 -15.58 4.83 1.55
N PRO A 22 -15.91 3.77 0.87
CA PRO A 22 -17.33 3.34 0.67
C PRO A 22 -17.75 2.32 1.73
N LYS A 23 -17.23 2.46 2.92
CA LYS A 23 -17.56 1.49 4.01
C LYS A 23 -18.92 1.84 4.64
N LYS A 24 -18.89 2.54 5.74
CA LYS A 24 -20.14 2.88 6.48
C LYS A 24 -20.56 4.35 6.21
N LEU A 25 -19.93 5.27 6.88
CA LEU A 25 -20.28 6.71 6.72
C LEU A 25 -20.08 7.19 5.28
N THR A 26 -18.89 7.08 4.76
CA THR A 26 -18.64 7.57 3.36
C THR A 26 -18.95 9.06 3.31
N LEU A 27 -18.01 9.89 3.70
CA LEU A 27 -18.23 11.38 3.70
C LEU A 27 -17.11 12.05 2.90
N LYS A 28 -15.92 12.05 3.42
CA LYS A 28 -14.78 12.70 2.71
C LYS A 28 -14.34 11.84 1.53
N GLY A 29 -13.84 10.66 1.80
CA GLY A 29 -13.39 9.79 0.68
C GLY A 29 -12.42 10.58 -0.20
N TYR A 30 -11.87 9.97 -1.23
CA TYR A 30 -10.91 10.71 -2.11
C TYR A 30 -9.89 11.43 -1.22
N LYS A 31 -8.84 10.76 -0.85
CA LYS A 31 -7.82 11.39 0.05
C LYS A 31 -6.42 10.87 -0.33
N GLN A 32 -5.40 11.59 0.05
CA GLN A 32 -4.00 11.16 -0.27
C GLN A 32 -3.34 10.56 0.98
N TYR A 33 -3.20 9.28 1.03
CA TYR A 33 -2.54 8.62 2.21
C TYR A 33 -1.09 8.30 1.86
N TRP A 34 -0.17 8.59 2.76
CA TRP A 34 1.27 8.25 2.53
C TRP A 34 1.71 7.33 3.67
N CYS A 35 1.65 6.04 3.46
CA CYS A 35 2.04 5.09 4.55
C CYS A 35 3.47 4.60 4.35
N THR A 36 4.14 4.31 5.43
CA THR A 36 5.55 3.80 5.36
C THR A 36 5.58 2.43 6.04
N PHE A 37 6.23 1.47 5.43
CA PHE A 37 6.26 0.10 6.02
C PHE A 37 7.49 -0.09 6.93
N LYS A 38 7.26 -0.41 8.19
CA LYS A 38 8.37 -0.65 9.15
C LYS A 38 8.65 -2.15 9.23
N ASP A 39 9.49 -2.55 10.15
CA ASP A 39 9.83 -4.00 10.32
C ASP A 39 8.61 -4.89 10.02
N THR A 40 7.54 -4.68 10.73
CA THR A 40 6.31 -5.51 10.50
C THR A 40 5.08 -4.71 10.89
N SER A 41 5.27 -3.50 11.35
CA SER A 41 4.11 -2.64 11.76
C SER A 41 3.89 -1.56 10.71
N ILE A 42 2.87 -0.76 10.89
CA ILE A 42 2.55 0.31 9.88
C ILE A 42 2.29 1.65 10.59
N SER A 43 2.39 2.73 9.86
CA SER A 43 2.13 4.09 10.42
C SER A 43 1.18 4.78 9.44
N CYS A 44 0.17 5.47 9.93
CA CYS A 44 -0.82 6.12 9.02
C CYS A 44 -1.03 7.60 9.39
N TYR A 45 -0.56 8.50 8.57
CA TYR A 45 -0.75 9.95 8.84
C TYR A 45 -1.26 10.64 7.58
N LYS A 46 -2.32 11.37 7.67
CA LYS A 46 -2.86 12.08 6.47
C LYS A 46 -2.22 13.46 6.38
N SER A 47 -1.33 13.76 7.28
CA SER A 47 -0.64 15.09 7.28
C SER A 47 0.86 14.88 7.40
N LYS A 48 1.65 15.77 6.86
CA LYS A 48 3.13 15.62 6.93
C LYS A 48 3.63 16.08 8.32
N GLU A 49 2.82 16.81 9.04
CA GLU A 49 3.25 17.28 10.38
C GLU A 49 3.23 16.11 11.38
N GLU A 50 2.24 15.27 11.29
CA GLU A 50 2.16 14.11 12.23
C GLU A 50 3.22 13.07 11.85
N SER A 51 3.79 13.21 10.68
CA SER A 51 4.83 12.24 10.24
C SER A 51 5.85 12.00 11.35
N SER A 52 5.83 12.80 12.39
CA SER A 52 6.80 12.63 13.51
C SER A 52 6.08 12.77 14.86
N GLY A 53 4.77 12.89 14.84
CA GLY A 53 4.00 13.02 16.11
C GLY A 53 3.22 11.73 16.36
N THR A 54 1.92 11.77 16.24
CA THR A 54 1.08 10.56 16.45
C THR A 54 0.20 10.33 15.21
N PRO A 55 0.57 9.42 14.34
CA PRO A 55 -0.23 9.15 13.11
C PRO A 55 -1.68 8.79 13.43
N ALA A 56 -2.57 8.91 12.48
CA ALA A 56 -4.00 8.57 12.74
C ALA A 56 -4.06 7.17 13.35
N HIS A 57 -3.20 6.28 12.92
CA HIS A 57 -3.20 4.91 13.48
C HIS A 57 -1.86 4.24 13.18
N GLN A 58 -1.45 3.33 14.02
CA GLN A 58 -0.15 2.63 13.82
C GLN A 58 -0.29 1.19 14.30
N MET A 59 -0.20 0.23 13.42
CA MET A 59 -0.35 -1.17 13.88
C MET A 59 0.02 -2.14 12.77
N ASN A 60 0.15 -3.41 13.07
CA ASN A 60 0.51 -4.41 12.02
C ASN A 60 -0.78 -5.00 11.44
N LEU A 61 -1.19 -4.56 10.27
CA LEU A 61 -2.43 -5.14 9.68
C LEU A 61 -2.08 -6.47 9.01
N ARG A 62 -1.17 -6.43 8.08
CA ARG A 62 -0.75 -7.68 7.38
C ARG A 62 -1.98 -8.50 6.94
N GLY A 63 -1.76 -9.55 6.22
CA GLY A 63 -2.89 -10.41 5.76
C GLY A 63 -3.77 -9.68 4.75
N CYS A 64 -3.26 -8.67 4.10
CA CYS A 64 -4.09 -7.95 3.09
C CYS A 64 -4.19 -8.80 1.83
N GLU A 65 -5.22 -8.62 1.06
CA GLU A 65 -5.39 -9.41 -0.21
C GLU A 65 -5.25 -8.47 -1.40
N VAL A 66 -4.95 -9.00 -2.56
CA VAL A 66 -4.80 -8.10 -3.75
C VAL A 66 -5.15 -8.86 -5.04
N THR A 67 -5.79 -8.17 -5.95
CA THR A 67 -6.17 -8.78 -7.27
C THR A 67 -5.59 -7.88 -8.38
N PRO A 68 -4.61 -8.34 -9.14
CA PRO A 68 -3.98 -7.51 -10.21
C PRO A 68 -4.80 -7.49 -11.51
N ASP A 69 -5.10 -6.32 -12.03
CA ASP A 69 -5.86 -6.23 -13.31
C ASP A 69 -5.72 -4.82 -13.88
N VAL A 70 -4.75 -4.61 -14.75
CA VAL A 70 -4.55 -3.25 -15.35
C VAL A 70 -4.48 -3.37 -16.87
N ASN A 71 -5.47 -2.86 -17.56
CA ASN A 71 -5.48 -2.91 -19.05
C ASN A 71 -5.17 -1.48 -19.51
N ILE A 72 -3.96 -1.22 -19.90
CA ILE A 72 -3.61 0.17 -20.30
C ILE A 72 -4.41 0.55 -21.55
N SER A 73 -4.54 -0.36 -22.48
CA SER A 73 -5.30 -0.06 -23.73
C SER A 73 -6.80 -0.34 -23.53
N GLY A 74 -7.12 -1.46 -22.97
CA GLY A 74 -8.56 -1.81 -22.75
C GLY A 74 -9.17 -0.95 -21.64
N GLN A 75 -8.41 -0.64 -20.63
CA GLN A 75 -8.95 0.18 -19.50
C GLN A 75 -7.85 1.09 -18.95
N LYS A 76 -7.31 0.73 -17.82
CA LYS A 76 -6.24 1.56 -17.20
C LYS A 76 -5.76 0.90 -15.90
N PHE A 77 -5.22 1.65 -14.98
CA PHE A 77 -4.70 1.03 -13.72
C PHE A 77 -5.87 0.63 -12.78
N ASN A 78 -6.13 -0.66 -12.63
CA ASN A 78 -7.26 -1.12 -11.73
C ASN A 78 -6.82 -2.24 -10.75
N ILE A 79 -6.54 -1.92 -9.51
CA ILE A 79 -6.16 -3.00 -8.53
C ILE A 79 -6.94 -2.79 -7.21
N LYS A 80 -7.58 -3.83 -6.74
CA LYS A 80 -8.39 -3.74 -5.49
C LYS A 80 -7.57 -4.24 -4.30
N LEU A 81 -7.88 -3.74 -3.13
CA LEU A 81 -7.17 -4.17 -1.89
C LEU A 81 -8.24 -4.61 -0.87
N LEU A 82 -8.24 -5.86 -0.46
CA LEU A 82 -9.28 -6.33 0.54
C LEU A 82 -8.53 -6.83 1.78
N ILE A 83 -9.12 -6.69 2.95
CA ILE A 83 -8.42 -7.12 4.20
C ILE A 83 -9.43 -7.66 5.23
N PRO A 84 -9.27 -8.88 5.72
CA PRO A 84 -10.20 -9.44 6.75
C PRO A 84 -9.96 -8.78 8.12
N VAL A 85 -10.99 -8.25 8.75
CA VAL A 85 -10.80 -7.59 10.09
C VAL A 85 -11.88 -8.07 11.07
N ALA A 86 -11.93 -7.46 12.23
CA ALA A 86 -12.94 -7.87 13.25
C ALA A 86 -14.35 -7.57 12.74
N GLU A 87 -14.59 -6.38 12.25
CA GLU A 87 -15.95 -6.05 11.74
C GLU A 87 -16.29 -7.01 10.61
N GLY A 88 -15.28 -7.56 9.99
CA GLY A 88 -15.48 -8.52 8.86
C GLY A 88 -14.33 -8.33 7.89
N MET A 89 -14.53 -7.55 6.87
CA MET A 89 -13.44 -7.28 5.90
C MET A 89 -13.55 -5.84 5.42
N ASN A 90 -12.43 -5.19 5.27
CA ASN A 90 -12.44 -3.77 4.83
C ASN A 90 -12.26 -3.72 3.31
N GLU A 91 -13.26 -3.30 2.60
CA GLU A 91 -13.12 -3.19 1.13
C GLU A 91 -12.30 -1.93 0.84
N ILE A 92 -11.22 -2.07 0.12
CA ILE A 92 -10.36 -0.88 -0.16
C ILE A 92 -9.93 -0.91 -1.63
N TRP A 93 -10.21 0.15 -2.33
CA TRP A 93 -9.83 0.25 -3.77
C TRP A 93 -8.97 1.49 -3.96
N LEU A 94 -7.71 1.32 -4.25
CA LEU A 94 -6.81 2.50 -4.42
C LEU A 94 -6.66 2.86 -5.90
N ARG A 95 -6.50 4.12 -6.21
CA ARG A 95 -6.37 4.55 -7.63
C ARG A 95 -4.89 4.76 -7.99
N CYS A 96 -4.57 4.66 -9.24
CA CYS A 96 -3.17 4.87 -9.69
C CYS A 96 -3.18 5.35 -11.15
N ASP A 97 -2.05 5.72 -11.69
CA ASP A 97 -2.05 6.23 -13.09
C ASP A 97 -0.63 6.17 -13.68
N ASN A 98 0.27 5.47 -13.03
CA ASN A 98 1.66 5.39 -13.58
C ASN A 98 2.32 4.09 -13.11
N GLU A 99 2.97 3.41 -14.01
CA GLU A 99 3.65 2.13 -13.65
C GLU A 99 4.50 2.34 -12.40
N LYS A 100 4.98 3.54 -12.21
CA LYS A 100 5.81 3.82 -11.00
C LYS A 100 4.91 3.81 -9.78
N GLN A 101 3.62 3.94 -9.96
CA GLN A 101 2.72 3.97 -8.78
C GLN A 101 2.45 2.53 -8.35
N TYR A 102 1.69 1.79 -9.11
CA TYR A 102 1.42 0.39 -8.72
C TYR A 102 2.72 -0.31 -8.30
N ALA A 103 3.78 -0.12 -9.04
CA ALA A 103 5.07 -0.79 -8.68
C ALA A 103 5.30 -0.77 -7.16
N HIS A 104 5.03 0.34 -6.52
CA HIS A 104 5.26 0.41 -5.04
C HIS A 104 4.21 -0.40 -4.25
N TRP A 105 2.95 -0.06 -4.33
CA TRP A 105 1.93 -0.79 -3.53
C TRP A 105 1.56 -2.14 -4.17
N MET A 106 1.27 -2.17 -5.44
CA MET A 106 0.88 -3.47 -6.08
C MET A 106 1.81 -4.60 -5.62
N ALA A 107 3.06 -4.31 -5.39
CA ALA A 107 4.00 -5.36 -4.93
C ALA A 107 3.87 -5.54 -3.41
N ALA A 108 4.20 -4.51 -2.68
CA ALA A 108 4.11 -4.60 -1.19
C ALA A 108 2.78 -5.22 -0.77
N CYS A 109 1.68 -4.74 -1.27
CA CYS A 109 0.36 -5.32 -0.88
C CYS A 109 0.44 -6.84 -1.03
N ARG A 110 1.13 -7.31 -2.02
CA ARG A 110 1.26 -8.78 -2.21
C ARG A 110 2.26 -9.31 -1.19
N LEU A 111 3.44 -8.76 -1.16
CA LEU A 111 4.45 -9.22 -0.16
C LEU A 111 3.82 -9.17 1.23
N ALA A 112 3.11 -8.12 1.51
CA ALA A 112 2.45 -8.00 2.84
C ALA A 112 1.77 -9.33 3.18
N SER A 113 1.32 -10.04 2.18
CA SER A 113 0.66 -11.35 2.44
C SER A 113 1.63 -12.26 3.20
N LYS A 114 2.84 -12.39 2.71
CA LYS A 114 3.82 -13.26 3.42
C LYS A 114 4.38 -12.51 4.64
N GLY A 115 4.09 -11.24 4.76
CA GLY A 115 4.58 -10.46 5.94
C GLY A 115 6.01 -9.97 5.69
N LYS A 116 6.35 -9.65 4.46
CA LYS A 116 7.73 -9.16 4.14
C LYS A 116 7.63 -7.94 3.21
N THR A 117 8.68 -7.16 3.10
CA THR A 117 8.65 -5.95 2.22
C THR A 117 9.39 -6.23 0.89
N MET A 118 9.60 -5.22 0.09
CA MET A 118 10.30 -5.44 -1.21
C MET A 118 11.76 -5.84 -0.98
N ALA A 119 12.06 -6.46 0.13
CA ALA A 119 13.47 -6.89 0.40
C ALA A 119 13.64 -8.35 0.02
N ASP A 120 12.61 -8.94 -0.51
CA ASP A 120 12.68 -10.37 -0.90
C ASP A 120 13.39 -10.48 -2.26
N SER A 121 14.65 -10.84 -2.26
CA SER A 121 15.40 -10.96 -3.53
C SER A 121 14.57 -11.73 -4.56
N SER A 122 13.56 -12.42 -4.11
CA SER A 122 12.69 -13.19 -5.05
C SER A 122 11.69 -12.26 -5.72
N TYR A 123 10.92 -11.52 -4.96
CA TYR A 123 9.93 -10.62 -5.60
C TYR A 123 10.65 -9.41 -6.19
N ASN A 124 11.81 -9.08 -5.67
CA ASN A 124 12.56 -7.90 -6.22
C ASN A 124 12.51 -7.95 -7.76
N LEU A 125 12.47 -9.13 -8.31
CA LEU A 125 12.39 -9.25 -9.80
C LEU A 125 10.93 -9.09 -10.23
N GLU A 126 10.01 -9.49 -9.39
CA GLU A 126 8.55 -9.38 -9.74
C GLU A 126 8.10 -7.92 -9.76
N VAL A 127 8.65 -7.08 -8.92
CA VAL A 127 8.22 -5.65 -8.92
C VAL A 127 8.93 -4.94 -10.08
N GLN A 128 10.18 -5.24 -10.26
CA GLN A 128 10.97 -4.62 -11.36
C GLN A 128 10.43 -5.15 -12.67
N ASN A 129 9.68 -6.22 -12.61
CA ASN A 129 9.11 -6.82 -13.83
C ASN A 129 7.89 -6.01 -14.26
N ILE A 130 7.07 -5.58 -13.33
CA ILE A 130 5.86 -4.79 -13.69
C ILE A 130 6.26 -3.72 -14.71
N LEU A 131 7.38 -3.08 -14.50
CA LEU A 131 7.84 -2.04 -15.45
C LEU A 131 8.07 -2.68 -16.83
N SER A 132 8.72 -3.82 -16.86
CA SER A 132 8.97 -4.50 -18.16
C SER A 132 7.64 -5.03 -18.71
N PHE A 133 6.64 -5.14 -17.89
CA PHE A 133 5.34 -5.65 -18.38
C PHE A 133 4.79 -4.69 -19.42
N LEU A 134 4.54 -3.48 -19.03
CA LEU A 134 4.00 -2.49 -19.99
C LEU A 134 4.77 -2.55 -21.31
N LYS A 135 6.00 -2.97 -21.26
CA LYS A 135 6.79 -3.05 -22.52
C LYS A 135 6.24 -4.18 -23.40
N MET A 136 5.42 -5.04 -22.84
CA MET A 136 4.85 -6.15 -23.67
C MET A 136 3.53 -5.69 -24.29
N GLN A 137 2.79 -4.85 -23.60
CA GLN A 137 1.49 -4.37 -24.16
C GLN A 137 1.75 -3.17 -25.06
N HIS A 138 2.49 -2.20 -24.60
CA HIS A 138 2.77 -1.01 -25.44
C HIS A 138 1.47 -0.51 -26.07
C1 4IP B . -12.13 9.19 8.12
O1 4IP B . -13.39 9.86 7.92
C2 4IP B . -11.86 8.29 6.91
O2 4IP B . -12.93 7.35 6.76
C3 4IP B . -10.54 7.52 7.11
O3 4IP B . -10.36 6.65 5.98
C4 4IP B . -10.59 6.70 8.40
O4 4IP B . -11.62 5.71 8.30
C5 4IP B . -10.88 7.61 9.60
O5 4IP B . -10.97 6.83 10.79
C6 4IP B . -12.20 8.36 9.39
O6 4IP B . -12.43 9.23 10.51
P1 4IP B . -13.65 10.73 6.59
O1P 4IP B . -14.15 9.92 5.45
O2P 4IP B . -12.26 11.47 6.28
O3P 4IP B . -14.68 11.89 7.03
P3 4IP B . -9.27 5.45 6.02
O4P 4IP B . -9.82 4.19 6.53
O5P 4IP B . -8.03 5.99 6.90
O6P 4IP B . -8.70 5.31 4.51
P4 4IP B . -11.68 4.52 9.38
O7P 4IP B . -12.25 3.27 8.81
O8P 4IP B . -12.55 5.09 10.61
O9P 4IP B . -10.19 4.33 9.93
P5 4IP B . -11.15 7.54 12.21
OPF 4IP B . -12.57 7.84 12.52
OPG 4IP B . -10.24 8.87 12.16
OPH 4IP B . -10.46 6.58 13.30
H1 4IP B . -11.35 9.92 8.20
H2 4IP B . -11.78 8.89 6.02
HO2 4IP B . -12.91 6.70 7.52
H3 4IP B . -9.73 8.22 7.15
H4 4IP B . -9.63 6.22 8.54
H5 4IP B . -10.08 8.32 9.70
H6 4IP B . -13.00 7.65 9.32
HO6 4IP B . -13.33 9.64 10.42
N GLY A 1 11.97 6.05 24.74
CA GLY A 1 11.26 5.36 25.91
C GLY A 1 11.87 4.12 26.49
N SER A 2 13.17 4.06 26.56
CA SER A 2 13.84 2.84 27.12
C SER A 2 13.47 1.63 26.27
N HIS A 3 13.49 1.77 24.98
CA HIS A 3 13.14 0.63 24.10
C HIS A 3 14.33 -0.34 24.01
N MET A 4 14.51 -0.97 22.89
CA MET A 4 15.65 -1.92 22.73
C MET A 4 16.12 -1.90 21.27
N GLY A 5 15.21 -1.73 20.35
CA GLY A 5 15.60 -1.69 18.91
C GLY A 5 15.80 -0.24 18.48
N ASP A 6 15.01 0.23 17.55
CA ASP A 6 15.15 1.64 17.08
C ASP A 6 13.88 2.04 16.33
N ILE A 7 13.36 3.21 16.61
CA ILE A 7 12.12 3.66 15.91
C ILE A 7 12.34 3.72 14.40
N THR A 8 13.52 3.38 13.95
CA THR A 8 13.79 3.42 12.48
C THR A 8 13.19 2.18 11.82
N SER A 9 13.24 2.12 10.52
CA SER A 9 12.67 0.95 9.78
C SER A 9 13.68 0.48 8.73
N ILE A 10 14.49 -0.48 9.07
CA ILE A 10 15.50 -0.99 8.11
C ILE A 10 14.82 -1.30 6.77
N PRO A 11 13.67 -1.94 6.78
CA PRO A 11 12.92 -2.29 5.55
C PRO A 11 11.80 -1.26 5.29
N GLU A 12 12.09 -0.22 4.55
CA GLU A 12 11.05 0.83 4.28
C GLU A 12 10.49 0.75 2.86
N LEU A 13 9.21 0.93 2.73
CA LEU A 13 8.54 0.93 1.41
C LEU A 13 7.37 1.92 1.52
N ALA A 14 7.42 3.01 0.81
CA ALA A 14 6.31 4.01 0.94
C ALA A 14 6.28 4.94 -0.27
N ASP A 15 5.17 5.57 -0.49
CA ASP A 15 5.04 6.50 -1.65
C ASP A 15 3.80 7.38 -1.45
N TYR A 16 3.67 8.41 -2.24
CA TYR A 16 2.47 9.29 -2.12
C TYR A 16 1.33 8.67 -2.92
N ILE A 17 0.20 8.45 -2.30
CA ILE A 17 -0.91 7.81 -3.04
C ILE A 17 -2.26 8.20 -2.43
N LYS A 18 -3.25 8.47 -3.25
CA LYS A 18 -4.59 8.87 -2.73
C LYS A 18 -5.44 7.63 -2.44
N VAL A 19 -6.45 7.78 -1.62
CA VAL A 19 -7.33 6.62 -1.29
C VAL A 19 -8.80 7.06 -1.28
N PHE A 20 -9.68 6.18 -1.67
CA PHE A 20 -11.14 6.49 -1.68
C PHE A 20 -11.90 5.16 -1.53
N LYS A 21 -12.94 5.12 -0.75
CA LYS A 21 -13.68 3.84 -0.57
C LYS A 21 -15.17 4.14 -0.24
N PRO A 22 -16.01 3.14 -0.05
CA PRO A 22 -17.48 3.36 0.23
C PRO A 22 -17.73 4.24 1.46
N LYS A 23 -16.72 4.47 2.25
CA LYS A 23 -16.85 5.32 3.46
C LYS A 23 -17.70 4.61 4.51
N LYS A 24 -17.09 4.41 5.65
CA LYS A 24 -17.73 3.71 6.78
C LYS A 24 -18.16 4.75 7.82
N LEU A 25 -17.20 5.35 8.47
CA LEU A 25 -17.51 6.36 9.53
C LEU A 25 -18.28 7.55 8.95
N THR A 26 -17.78 8.21 7.92
CA THR A 26 -18.51 9.37 7.36
C THR A 26 -18.06 9.57 5.92
N LEU A 27 -17.06 10.39 5.70
CA LEU A 27 -16.59 10.60 4.31
C LEU A 27 -15.18 11.19 4.29
N LYS A 28 -14.68 11.46 3.11
CA LYS A 28 -13.31 12.05 2.92
C LYS A 28 -12.89 11.80 1.46
N GLY A 29 -12.85 10.57 1.06
CA GLY A 29 -12.48 10.23 -0.36
C GLY A 29 -11.11 10.84 -0.70
N TYR A 30 -11.06 11.67 -1.71
CA TYR A 30 -9.77 12.29 -2.12
C TYR A 30 -9.00 12.73 -0.88
N LYS A 31 -8.13 11.89 -0.37
CA LYS A 31 -7.33 12.25 0.83
C LYS A 31 -5.92 11.69 0.66
N GLN A 32 -4.94 12.49 0.93
CA GLN A 32 -3.52 12.03 0.78
C GLN A 32 -3.21 11.01 1.87
N TYR A 33 -2.86 9.81 1.48
CA TYR A 33 -2.54 8.74 2.49
C TYR A 33 -1.29 8.00 2.04
N TRP A 34 -0.20 8.14 2.76
CA TRP A 34 1.08 7.44 2.38
C TRP A 34 1.43 6.43 3.48
N CYS A 35 1.17 5.18 3.24
CA CYS A 35 1.49 4.15 4.27
C CYS A 35 2.98 3.79 4.22
N THR A 36 3.54 3.42 5.34
CA THR A 36 4.98 3.02 5.38
C THR A 36 5.06 1.66 6.06
N PHE A 37 5.87 0.77 5.54
CA PHE A 37 5.98 -0.58 6.17
C PHE A 37 7.05 -0.57 7.25
N LYS A 38 6.65 -0.52 8.48
CA LYS A 38 7.61 -0.50 9.61
C LYS A 38 8.39 -1.82 9.65
N ASP A 39 9.22 -1.94 10.64
CA ASP A 39 10.00 -3.19 10.84
C ASP A 39 9.09 -4.40 10.56
N THR A 40 7.88 -4.32 11.02
CA THR A 40 6.92 -5.41 10.80
C THR A 40 5.50 -4.86 10.97
N SER A 41 5.38 -3.64 11.48
CA SER A 41 4.03 -3.03 11.68
C SER A 41 3.79 -1.96 10.59
N ILE A 42 2.60 -1.42 10.55
CA ILE A 42 2.28 -0.37 9.51
C ILE A 42 1.97 0.96 10.19
N SER A 43 1.93 2.01 9.42
CA SER A 43 1.63 3.36 9.96
C SER A 43 0.75 4.10 8.94
N CYS A 44 0.04 5.13 9.34
CA CYS A 44 -0.84 5.85 8.38
C CYS A 44 -0.81 7.36 8.63
N TYR A 45 -0.09 8.10 7.84
CA TYR A 45 -0.04 9.59 8.02
C TYR A 45 -0.87 10.23 6.90
N LYS A 46 -1.80 11.09 7.22
CA LYS A 46 -2.64 11.74 6.17
C LYS A 46 -2.07 13.11 5.82
N SER A 47 -1.34 13.71 6.73
CA SER A 47 -0.78 15.06 6.46
C SER A 47 -0.08 15.60 7.71
N LYS A 48 0.37 16.82 7.65
CA LYS A 48 1.07 17.42 8.82
C LYS A 48 0.02 17.85 9.84
N GLU A 49 -1.15 18.20 9.38
CA GLU A 49 -2.24 18.64 10.29
C GLU A 49 -2.30 17.71 11.51
N GLU A 50 -1.71 16.55 11.40
CA GLU A 50 -1.73 15.59 12.55
C GLU A 50 -0.70 16.04 13.58
N SER A 51 -0.25 17.26 13.49
CA SER A 51 0.75 17.79 14.46
C SER A 51 0.38 17.35 15.89
N SER A 52 -0.82 17.66 16.30
CA SER A 52 -1.27 17.28 17.67
C SER A 52 -2.10 15.99 17.59
N GLY A 53 -1.93 15.22 16.54
CA GLY A 53 -2.71 13.96 16.39
C GLY A 53 -1.78 12.84 15.93
N THR A 54 -2.12 11.61 16.24
CA THR A 54 -1.27 10.44 15.84
C THR A 54 -1.97 9.69 14.69
N PRO A 55 -1.22 8.97 13.88
CA PRO A 55 -1.79 8.21 12.74
C PRO A 55 -3.15 7.59 13.09
N ALA A 56 -4.19 8.03 12.45
CA ALA A 56 -5.55 7.49 12.75
C ALA A 56 -5.55 5.96 12.64
N HIS A 57 -4.58 5.38 11.98
CA HIS A 57 -4.55 3.89 11.83
C HIS A 57 -3.11 3.39 11.93
N GLN A 58 -2.80 2.59 12.91
CA GLN A 58 -1.41 2.07 13.04
C GLN A 58 -1.47 0.65 13.62
N MET A 59 -1.14 -0.33 12.83
CA MET A 59 -1.19 -1.73 13.32
C MET A 59 -0.57 -2.68 12.29
N ASN A 60 -0.30 -3.89 12.69
CA ASN A 60 0.29 -4.88 11.75
C ASN A 60 -0.83 -5.67 11.07
N LEU A 61 -1.18 -5.34 9.86
CA LEU A 61 -2.26 -6.09 9.17
C LEU A 61 -1.72 -7.42 8.68
N ARG A 62 -0.70 -7.40 7.87
CA ARG A 62 -0.12 -8.67 7.35
C ARG A 62 -1.21 -9.49 6.64
N GLY A 63 -0.81 -10.44 5.84
CA GLY A 63 -1.81 -11.30 5.14
C GLY A 63 -2.83 -10.45 4.38
N CYS A 64 -2.45 -9.32 3.84
CA CYS A 64 -3.42 -8.50 3.08
C CYS A 64 -3.57 -9.11 1.68
N GLU A 65 -4.70 -8.96 1.06
CA GLU A 65 -4.87 -9.53 -0.30
C GLU A 65 -4.17 -8.64 -1.31
N VAL A 66 -3.83 -9.17 -2.44
CA VAL A 66 -3.15 -8.36 -3.50
C VAL A 66 -3.61 -8.82 -4.88
N THR A 67 -4.18 -7.92 -5.64
CA THR A 67 -4.65 -8.28 -7.01
C THR A 67 -4.69 -7.00 -7.87
N PRO A 68 -3.69 -6.78 -8.71
CA PRO A 68 -3.64 -5.56 -9.56
C PRO A 68 -4.48 -5.69 -10.84
N ASP A 69 -5.08 -4.61 -11.27
CA ASP A 69 -5.92 -4.66 -12.50
C ASP A 69 -6.01 -3.25 -13.10
N VAL A 70 -5.27 -3.00 -14.16
CA VAL A 70 -5.29 -1.63 -14.79
C VAL A 70 -5.52 -1.76 -16.30
N ASN A 71 -6.45 -1.02 -16.83
CA ASN A 71 -6.72 -1.05 -18.29
C ASN A 71 -5.91 0.07 -18.94
N ILE A 72 -5.06 -0.25 -19.88
CA ILE A 72 -4.23 0.81 -20.50
C ILE A 72 -5.06 1.64 -21.49
N SER A 73 -5.92 1.00 -22.26
CA SER A 73 -6.75 1.77 -23.23
C SER A 73 -7.35 3.00 -22.54
N GLY A 74 -7.63 2.88 -21.26
CA GLY A 74 -8.20 4.02 -20.48
C GLY A 74 -7.28 4.32 -19.31
N GLN A 75 -6.08 3.74 -19.32
CA GLN A 75 -5.09 3.96 -18.22
C GLN A 75 -5.82 4.16 -16.89
N LYS A 76 -6.27 3.07 -16.34
CA LYS A 76 -7.02 3.11 -15.06
C LYS A 76 -6.23 2.39 -13.98
N PHE A 77 -5.38 3.09 -13.29
CA PHE A 77 -4.60 2.41 -12.23
C PHE A 77 -5.50 2.16 -11.02
N ASN A 78 -5.99 0.95 -10.86
CA ASN A 78 -6.87 0.64 -9.69
C ASN A 78 -6.33 -0.62 -8.99
N ILE A 79 -5.61 -0.43 -7.91
CA ILE A 79 -5.04 -1.58 -7.17
C ILE A 79 -6.13 -2.12 -6.23
N LYS A 80 -6.49 -3.36 -6.39
CA LYS A 80 -7.55 -3.96 -5.54
C LYS A 80 -6.94 -4.48 -4.24
N LEU A 81 -6.90 -3.66 -3.22
CA LEU A 81 -6.33 -4.12 -1.91
C LEU A 81 -7.49 -4.56 -1.01
N LEU A 82 -7.46 -5.79 -0.54
CA LEU A 82 -8.58 -6.28 0.34
C LEU A 82 -7.98 -7.01 1.55
N ILE A 83 -8.62 -6.94 2.69
CA ILE A 83 -8.07 -7.62 3.91
C ILE A 83 -9.22 -8.14 4.80
N PRO A 84 -9.18 -9.39 5.26
CA PRO A 84 -10.24 -9.94 6.15
C PRO A 84 -10.11 -9.38 7.57
N VAL A 85 -11.19 -8.96 8.17
CA VAL A 85 -11.11 -8.39 9.56
C VAL A 85 -12.35 -8.77 10.38
N ALA A 86 -12.47 -8.20 11.55
CA ALA A 86 -13.63 -8.51 12.43
C ALA A 86 -14.94 -8.16 11.72
N GLU A 87 -15.04 -6.98 11.16
CA GLU A 87 -16.30 -6.62 10.46
C GLU A 87 -16.51 -7.59 9.31
N GLY A 88 -15.44 -8.04 8.72
CA GLY A 88 -15.54 -8.99 7.58
C GLY A 88 -14.38 -8.76 6.63
N MET A 89 -14.46 -7.74 5.83
CA MET A 89 -13.35 -7.45 4.88
C MET A 89 -13.21 -5.93 4.71
N ASN A 90 -12.03 -5.42 4.80
CA ASN A 90 -11.82 -3.94 4.65
C ASN A 90 -11.63 -3.62 3.16
N GLU A 91 -12.61 -3.03 2.56
CA GLU A 91 -12.50 -2.68 1.13
C GLU A 91 -11.59 -1.45 0.99
N ILE A 92 -10.55 -1.56 0.21
CA ILE A 92 -9.60 -0.41 0.05
C ILE A 92 -9.26 -0.22 -1.43
N TRP A 93 -9.51 0.95 -1.94
CA TRP A 93 -9.20 1.27 -3.37
C TRP A 93 -8.24 2.45 -3.40
N LEU A 94 -7.14 2.34 -4.12
CA LEU A 94 -6.13 3.46 -4.15
C LEU A 94 -5.99 4.02 -5.57
N ARG A 95 -5.95 5.33 -5.70
CA ARG A 95 -5.80 5.95 -7.04
C ARG A 95 -4.31 6.00 -7.42
N CYS A 96 -4.02 6.12 -8.71
CA CYS A 96 -2.60 6.18 -9.17
C CYS A 96 -2.57 6.99 -10.48
N ASP A 97 -1.40 7.25 -11.02
CA ASP A 97 -1.33 8.07 -12.27
C ASP A 97 -0.22 7.56 -13.20
N ASN A 98 0.44 6.47 -12.87
CA ASN A 98 1.51 5.97 -13.80
C ASN A 98 1.78 4.50 -13.56
N GLU A 99 2.33 3.83 -14.54
CA GLU A 99 2.65 2.38 -14.38
C GLU A 99 3.84 2.30 -13.42
N LYS A 100 4.63 3.34 -13.36
CA LYS A 100 5.80 3.34 -12.45
C LYS A 100 5.29 3.29 -11.01
N GLN A 101 4.35 4.14 -10.68
CA GLN A 101 3.80 4.13 -9.31
C GLN A 101 3.20 2.73 -9.06
N TYR A 102 2.30 2.32 -9.92
CA TYR A 102 1.67 0.99 -9.76
C TYR A 102 2.73 -0.07 -9.38
N ALA A 103 3.72 -0.25 -10.21
CA ALA A 103 4.76 -1.29 -9.94
C ALA A 103 5.26 -1.26 -8.48
N HIS A 104 5.11 -0.18 -7.77
CA HIS A 104 5.66 -0.14 -6.37
C HIS A 104 4.71 -0.75 -5.31
N TRP A 105 3.55 -0.17 -5.11
CA TRP A 105 2.63 -0.70 -4.05
C TRP A 105 2.20 -2.15 -4.30
N MET A 106 1.57 -2.46 -5.40
CA MET A 106 1.14 -3.88 -5.62
C MET A 106 2.34 -4.80 -5.39
N ALA A 107 3.45 -4.54 -6.04
CA ALA A 107 4.63 -5.42 -5.81
C ALA A 107 4.91 -5.46 -4.31
N ALA A 108 4.77 -4.34 -3.65
CA ALA A 108 5.02 -4.31 -2.19
C ALA A 108 3.96 -5.12 -1.45
N CYS A 109 2.76 -5.13 -1.96
CA CYS A 109 1.69 -5.89 -1.29
C CYS A 109 1.96 -7.40 -1.43
N ARG A 110 2.73 -7.77 -2.42
CA ARG A 110 3.02 -9.22 -2.61
C ARG A 110 3.91 -9.75 -1.48
N LEU A 111 5.12 -9.27 -1.33
CA LEU A 111 5.94 -9.82 -0.22
C LEU A 111 5.30 -9.40 1.09
N ALA A 112 4.56 -8.30 1.11
CA ALA A 112 3.88 -7.90 2.37
C ALA A 112 3.21 -9.14 2.95
N SER A 113 2.96 -10.10 2.11
CA SER A 113 2.33 -11.37 2.57
C SER A 113 3.40 -12.30 3.16
N LYS A 114 4.60 -12.30 2.63
CA LYS A 114 5.64 -13.22 3.21
C LYS A 114 5.98 -12.78 4.64
N GLY A 115 5.25 -11.82 5.18
CA GLY A 115 5.50 -11.38 6.58
C GLY A 115 6.42 -10.15 6.60
N LYS A 116 7.28 -9.99 5.62
CA LYS A 116 8.22 -8.83 5.60
C LYS A 116 8.26 -8.21 4.21
N THR A 117 8.59 -6.94 4.13
CA THR A 117 8.68 -6.23 2.82
C THR A 117 10.14 -6.15 2.40
N MET A 118 10.44 -5.49 1.31
CA MET A 118 11.86 -5.41 0.88
C MET A 118 12.42 -6.83 0.80
N ALA A 119 11.71 -7.71 0.14
CA ALA A 119 12.18 -9.11 0.03
C ALA A 119 13.58 -9.14 -0.59
N ASP A 120 13.98 -8.03 -1.13
CA ASP A 120 15.34 -7.93 -1.74
C ASP A 120 15.54 -9.02 -2.80
N SER A 121 15.91 -10.21 -2.39
CA SER A 121 16.15 -11.30 -3.38
C SER A 121 14.89 -11.53 -4.23
N SER A 122 13.78 -11.82 -3.60
CA SER A 122 12.53 -12.07 -4.38
C SER A 122 11.93 -10.73 -4.86
N TYR A 123 12.11 -9.69 -4.09
CA TYR A 123 11.55 -8.36 -4.47
C TYR A 123 11.75 -8.07 -5.96
N ASN A 124 12.97 -8.15 -6.43
CA ASN A 124 13.24 -7.85 -7.86
C ASN A 124 12.37 -8.68 -8.81
N LEU A 125 12.15 -9.93 -8.50
CA LEU A 125 11.33 -10.79 -9.41
C LEU A 125 9.89 -10.27 -9.47
N GLU A 126 9.45 -9.55 -8.47
CA GLU A 126 8.05 -9.04 -8.50
C GLU A 126 7.96 -7.81 -9.41
N VAL A 127 8.70 -6.79 -9.10
CA VAL A 127 8.65 -5.57 -9.95
C VAL A 127 8.89 -5.95 -11.41
N GLN A 128 9.75 -6.89 -11.64
CA GLN A 128 10.04 -7.32 -13.04
C GLN A 128 8.77 -7.92 -13.64
N ASN A 129 7.82 -8.29 -12.82
CA ASN A 129 6.58 -8.91 -13.37
C ASN A 129 5.62 -7.82 -13.85
N ILE A 130 5.26 -6.88 -13.01
CA ILE A 130 4.31 -5.81 -13.45
C ILE A 130 4.74 -5.25 -14.80
N LEU A 131 5.95 -4.79 -14.91
CA LEU A 131 6.42 -4.23 -16.22
C LEU A 131 6.03 -5.19 -17.35
N SER A 132 6.02 -6.46 -17.08
CA SER A 132 5.64 -7.46 -18.13
C SER A 132 4.18 -7.30 -18.53
N PHE A 133 3.37 -6.68 -17.70
CA PHE A 133 1.93 -6.52 -18.06
C PHE A 133 1.82 -5.58 -19.26
N LEU A 134 2.60 -4.54 -19.27
CA LEU A 134 2.55 -3.58 -20.41
C LEU A 134 2.90 -4.32 -21.68
N LYS A 135 3.88 -5.17 -21.62
CA LYS A 135 4.30 -5.93 -22.82
C LYS A 135 3.06 -6.58 -23.44
N MET A 136 2.18 -7.09 -22.64
CA MET A 136 0.95 -7.73 -23.17
C MET A 136 -0.22 -6.73 -23.17
N GLN A 137 0.10 -5.45 -23.20
CA GLN A 137 -0.96 -4.38 -23.20
C GLN A 137 -2.19 -4.86 -23.98
N HIS A 138 -1.98 -5.66 -25.00
CA HIS A 138 -3.12 -6.19 -25.81
C HIS A 138 -3.11 -7.72 -25.78
C1 4IP B . -11.13 8.01 6.67
O1 4IP B . -12.31 8.71 6.25
C2 4IP B . -10.54 7.27 5.46
O2 4IP B . -11.51 6.35 4.95
C3 4IP B . -9.29 6.49 5.88
O3 4IP B . -8.79 5.76 4.75
C4 4IP B . -9.64 5.50 7.00
O4 4IP B . -10.61 4.57 6.54
C5 4IP B . -10.19 6.26 8.21
O5 4IP B . -10.50 5.34 9.25
C6 4IP B . -11.45 7.03 7.79
O6 4IP B . -11.97 7.75 8.92
P1 4IP B . -13.74 7.95 6.12
O1P 4IP B . -13.74 6.86 5.14
O2P 4IP B . -14.81 9.11 5.75
O3P 4IP B . -14.15 7.48 7.61
P3 4IP B . -7.52 4.79 4.91
O4P 4IP B . -7.89 3.42 5.36
O5P 4IP B . -6.53 5.53 5.93
O6P 4IP B . -6.78 4.78 3.49
P4 4IP B . -11.16 3.41 7.51
O7P 4IP B . -11.58 2.20 6.79
O8P 4IP B . -12.37 4.09 8.35
O9P 4IP B . -9.99 3.14 8.58
P5 4IP B . -11.05 5.86 10.67
OPF 4IP B . -12.54 5.91 10.74
OPG 4IP B . -10.38 7.30 10.90
OPH 4IP B . -10.41 4.89 11.78
H1 4IP B . -10.41 8.73 7.02
H2 4IP B . -10.28 7.99 4.70
HO2 4IP B . -11.10 5.83 4.20
H3 4IP B . -8.54 7.17 6.22
H4 4IP B . -8.75 4.98 7.29
H5 4IP B . -9.45 6.96 8.56
H6 4IP B . -12.19 6.31 7.45
HO6 4IP B . -12.52 7.14 9.48
N GLY A 1 10.70 9.20 23.28
CA GLY A 1 11.43 8.33 22.25
C GLY A 1 12.11 7.09 22.72
N SER A 2 11.78 6.61 23.89
CA SER A 2 12.41 5.37 24.40
C SER A 2 11.64 4.15 23.89
N HIS A 3 11.72 3.06 24.61
CA HIS A 3 11.00 1.83 24.18
C HIS A 3 11.37 1.48 22.73
N MET A 4 12.45 0.76 22.55
CA MET A 4 12.87 0.37 21.17
C MET A 4 12.98 1.62 20.29
N GLY A 5 14.17 2.05 20.00
CA GLY A 5 14.35 3.25 19.13
C GLY A 5 14.27 2.81 17.66
N ASP A 6 15.38 2.41 17.10
CA ASP A 6 15.38 1.95 15.67
C ASP A 6 14.58 2.94 14.81
N ILE A 7 14.82 4.20 14.96
CA ILE A 7 14.08 5.21 14.14
C ILE A 7 14.32 4.93 12.66
N THR A 8 15.44 4.37 12.32
CA THR A 8 15.75 4.09 10.89
C THR A 8 15.04 2.80 10.46
N SER A 9 13.77 2.89 10.16
CA SER A 9 13.02 1.67 9.71
C SER A 9 13.86 0.93 8.66
N ILE A 10 14.36 -0.23 8.99
CA ILE A 10 15.23 -0.97 8.02
C ILE A 10 14.46 -1.22 6.70
N PRO A 11 13.20 -1.60 6.76
CA PRO A 11 12.38 -1.87 5.56
C PRO A 11 11.51 -0.67 5.15
N GLU A 12 12.08 0.34 4.54
CA GLU A 12 11.27 1.53 4.15
C GLU A 12 10.57 1.32 2.83
N LEU A 13 9.30 1.56 2.83
CA LEU A 13 8.48 1.43 1.58
C LEU A 13 7.34 2.46 1.67
N ALA A 14 7.34 3.46 0.85
CA ALA A 14 6.25 4.47 0.92
C ALA A 14 6.16 5.27 -0.38
N ASP A 15 5.04 5.92 -0.59
CA ASP A 15 4.87 6.73 -1.83
C ASP A 15 3.67 7.67 -1.65
N TYR A 16 3.52 8.62 -2.52
CA TYR A 16 2.35 9.55 -2.42
C TYR A 16 1.19 8.87 -3.15
N ILE A 17 0.04 8.77 -2.53
CA ILE A 17 -1.08 8.07 -3.21
C ILE A 17 -2.43 8.58 -2.69
N LYS A 18 -3.48 8.35 -3.44
CA LYS A 18 -4.85 8.80 -3.02
C LYS A 18 -5.84 7.69 -3.30
N VAL A 19 -6.85 7.55 -2.48
CA VAL A 19 -7.86 6.46 -2.68
C VAL A 19 -9.28 6.98 -2.46
N PHE A 20 -10.24 6.31 -3.04
CA PHE A 20 -11.68 6.68 -2.87
C PHE A 20 -12.47 5.37 -2.72
N LYS A 21 -13.39 5.30 -1.78
CA LYS A 21 -14.13 4.01 -1.58
C LYS A 21 -15.61 4.27 -1.23
N PRO A 22 -16.45 3.23 -1.22
CA PRO A 22 -17.91 3.37 -0.91
C PRO A 22 -18.17 3.94 0.48
N LYS A 23 -17.25 3.76 1.38
CA LYS A 23 -17.42 4.34 2.73
C LYS A 23 -18.63 3.72 3.46
N LYS A 24 -18.41 3.37 4.70
CA LYS A 24 -19.52 2.78 5.52
C LYS A 24 -20.19 3.90 6.35
N LEU A 25 -19.59 4.29 7.46
CA LEU A 25 -20.20 5.36 8.32
C LEU A 25 -19.46 6.71 8.17
N THR A 26 -18.25 6.80 8.68
CA THR A 26 -17.49 8.07 8.57
C THR A 26 -17.14 8.30 7.12
N LEU A 27 -16.47 9.36 6.77
CA LEU A 27 -16.17 9.56 5.34
C LEU A 27 -15.14 10.66 5.09
N LYS A 28 -15.02 11.00 3.83
CA LYS A 28 -14.07 12.04 3.35
C LYS A 28 -13.90 11.80 1.84
N GLY A 29 -13.66 10.56 1.46
CA GLY A 29 -13.50 10.20 0.02
C GLY A 29 -12.37 11.04 -0.60
N TYR A 30 -11.75 10.56 -1.66
CA TYR A 30 -10.64 11.32 -2.31
C TYR A 30 -9.72 11.97 -1.27
N LYS A 31 -8.75 11.25 -0.80
CA LYS A 31 -7.78 11.82 0.19
C LYS A 31 -6.41 11.21 -0.07
N GLN A 32 -5.37 11.92 0.23
CA GLN A 32 -3.98 11.42 -0.01
C GLN A 32 -3.53 10.51 1.15
N TYR A 33 -3.12 9.30 0.86
CA TYR A 33 -2.65 8.38 1.96
C TYR A 33 -1.20 8.00 1.68
N TRP A 34 -0.34 8.34 2.59
CA TRP A 34 1.11 8.00 2.47
C TRP A 34 1.50 7.19 3.71
N CYS A 35 1.47 5.89 3.62
CA CYS A 35 1.84 5.06 4.80
C CYS A 35 3.32 4.69 4.70
N THR A 36 3.86 4.12 5.75
CA THR A 36 5.30 3.72 5.73
C THR A 36 5.46 2.36 6.39
N PHE A 37 6.24 1.49 5.82
CA PHE A 37 6.42 0.13 6.41
C PHE A 37 7.60 0.15 7.38
N LYS A 38 7.32 0.01 8.66
CA LYS A 38 8.41 0.02 9.69
C LYS A 38 8.87 -1.41 9.97
N ASP A 39 9.72 -1.56 10.95
CA ASP A 39 10.25 -2.92 11.34
C ASP A 39 9.23 -4.02 11.04
N THR A 40 8.02 -3.87 11.51
CA THR A 40 6.99 -4.91 11.25
C THR A 40 5.59 -4.29 11.33
N SER A 41 5.51 -3.09 11.84
CA SER A 41 4.18 -2.41 11.95
C SER A 41 4.05 -1.32 10.89
N ILE A 42 2.87 -0.79 10.72
CA ILE A 42 2.65 0.29 9.69
C ILE A 42 2.08 1.53 10.37
N SER A 43 2.05 2.62 9.65
CA SER A 43 1.49 3.90 10.20
C SER A 43 0.52 4.47 9.17
N CYS A 44 -0.42 5.28 9.58
CA CYS A 44 -1.42 5.83 8.62
C CYS A 44 -1.78 7.28 8.95
N TYR A 45 -1.31 8.22 8.15
CA TYR A 45 -1.64 9.65 8.39
C TYR A 45 -2.08 10.27 7.06
N LYS A 46 -2.97 11.23 7.10
CA LYS A 46 -3.44 11.87 5.85
C LYS A 46 -2.67 13.16 5.59
N SER A 47 -1.79 13.52 6.50
CA SER A 47 -1.00 14.77 6.29
C SER A 47 0.13 14.85 7.30
N LYS A 48 1.14 15.62 7.01
CA LYS A 48 2.29 15.75 7.95
C LYS A 48 1.93 16.81 8.99
N GLU A 49 0.81 17.46 8.83
CA GLU A 49 0.39 18.51 9.80
C GLU A 49 0.53 17.97 11.23
N GLU A 50 0.09 16.76 11.46
CA GLU A 50 0.18 16.15 12.82
C GLU A 50 1.54 16.47 13.44
N SER A 51 2.59 15.95 12.88
CA SER A 51 3.95 16.21 13.41
C SER A 51 4.01 15.89 14.90
N SER A 52 3.59 16.81 15.71
CA SER A 52 3.61 16.56 17.19
C SER A 52 2.48 15.61 17.56
N GLY A 53 1.77 15.10 16.58
CA GLY A 53 0.65 14.15 16.85
C GLY A 53 1.04 12.75 16.36
N THR A 54 0.13 11.82 16.39
CA THR A 54 0.42 10.42 15.93
C THR A 54 -0.60 10.02 14.86
N PRO A 55 -0.21 9.25 13.86
CA PRO A 55 -1.15 8.84 12.77
C PRO A 55 -2.50 8.37 13.33
N ALA A 56 -3.55 8.57 12.58
CA ALA A 56 -4.90 8.13 13.05
C ALA A 56 -4.86 6.68 13.52
N HIS A 57 -4.18 5.83 12.82
CA HIS A 57 -4.11 4.40 13.23
C HIS A 57 -2.75 3.81 12.83
N GLN A 58 -2.18 3.00 13.69
CA GLN A 58 -0.86 2.37 13.40
C GLN A 58 -0.96 0.87 13.74
N MET A 59 -0.92 0.02 12.75
CA MET A 59 -1.03 -1.44 13.03
C MET A 59 -0.41 -2.24 11.88
N ASN A 60 -0.24 -3.51 12.07
CA ASN A 60 0.36 -4.36 11.00
C ASN A 60 -0.72 -4.78 9.99
N LEU A 61 -0.65 -4.28 8.80
CA LEU A 61 -1.66 -4.66 7.77
C LEU A 61 -1.28 -6.03 7.18
N ARG A 62 -0.25 -6.63 7.70
CA ARG A 62 0.19 -7.96 7.19
C ARG A 62 -1.02 -8.88 7.04
N GLY A 63 -1.06 -9.63 5.98
CA GLY A 63 -2.20 -10.58 5.74
C GLY A 63 -3.21 -9.96 4.77
N CYS A 64 -2.79 -9.03 3.94
CA CYS A 64 -3.73 -8.40 2.96
C CYS A 64 -3.67 -9.14 1.63
N GLU A 65 -4.68 -9.00 0.81
CA GLU A 65 -4.68 -9.69 -0.51
C GLU A 65 -4.10 -8.74 -1.56
N VAL A 66 -3.88 -9.20 -2.76
CA VAL A 66 -3.30 -8.31 -3.81
C VAL A 66 -3.76 -8.78 -5.21
N THR A 67 -4.26 -7.86 -6.00
CA THR A 67 -4.73 -8.23 -7.37
C THR A 67 -4.64 -6.97 -8.26
N PRO A 68 -4.02 -7.04 -9.42
CA PRO A 68 -3.88 -5.86 -10.32
C PRO A 68 -5.17 -5.54 -11.09
N ASP A 69 -5.51 -4.28 -11.20
CA ASP A 69 -6.72 -3.86 -11.94
C ASP A 69 -6.48 -2.47 -12.51
N VAL A 70 -5.86 -2.38 -13.66
CA VAL A 70 -5.56 -1.05 -14.27
C VAL A 70 -6.03 -1.04 -15.72
N ASN A 71 -6.76 -0.02 -16.10
CA ASN A 71 -7.25 0.08 -17.51
C ASN A 71 -6.24 0.90 -18.31
N ILE A 72 -5.47 0.28 -19.15
CA ILE A 72 -4.44 1.03 -19.92
C ILE A 72 -5.14 1.93 -20.93
N SER A 73 -6.23 1.50 -21.51
CA SER A 73 -6.93 2.36 -22.50
C SER A 73 -7.14 3.73 -21.88
N GLY A 74 -7.31 3.78 -20.58
CA GLY A 74 -7.50 5.07 -19.86
C GLY A 74 -6.39 5.24 -18.83
N GLN A 75 -5.47 4.32 -18.79
CA GLN A 75 -4.33 4.43 -17.84
C GLN A 75 -4.82 4.54 -16.38
N LYS A 76 -6.04 4.16 -16.10
CA LYS A 76 -6.52 4.25 -14.68
C LYS A 76 -5.78 3.20 -13.84
N PHE A 77 -4.78 3.60 -13.10
CA PHE A 77 -4.05 2.62 -12.24
C PHE A 77 -4.83 2.43 -10.94
N ASN A 78 -5.31 1.24 -10.66
CA ASN A 78 -6.06 1.00 -9.40
C ASN A 78 -5.50 -0.23 -8.67
N ILE A 79 -4.68 -0.04 -7.67
CA ILE A 79 -4.16 -1.24 -6.94
C ILE A 79 -5.35 -1.85 -6.21
N LYS A 80 -5.77 -3.02 -6.58
CA LYS A 80 -6.95 -3.62 -5.89
C LYS A 80 -6.50 -4.25 -4.57
N LEU A 81 -6.62 -3.51 -3.49
CA LEU A 81 -6.19 -4.08 -2.16
C LEU A 81 -7.44 -4.64 -1.47
N LEU A 82 -7.37 -5.86 -0.98
CA LEU A 82 -8.56 -6.46 -0.30
C LEU A 82 -8.10 -7.21 0.95
N ILE A 83 -8.91 -7.25 1.97
CA ILE A 83 -8.50 -7.94 3.23
C ILE A 83 -9.73 -8.60 3.90
N PRO A 84 -9.67 -9.87 4.26
CA PRO A 84 -10.82 -10.54 4.93
C PRO A 84 -10.96 -10.08 6.39
N VAL A 85 -12.15 -9.75 6.82
CA VAL A 85 -12.33 -9.28 8.24
C VAL A 85 -13.67 -9.76 8.79
N ALA A 86 -13.99 -9.37 10.00
CA ALA A 86 -15.27 -9.79 10.62
C ALA A 86 -16.45 -9.29 9.77
N GLU A 87 -16.41 -8.06 9.35
CA GLU A 87 -17.54 -7.54 8.52
C GLU A 87 -17.63 -8.40 7.26
N GLY A 88 -16.53 -8.98 6.87
CA GLY A 88 -16.50 -9.83 5.64
C GLY A 88 -15.20 -9.56 4.89
N MET A 89 -15.15 -8.48 4.16
CA MET A 89 -13.91 -8.13 3.42
C MET A 89 -13.82 -6.61 3.33
N ASN A 90 -12.72 -6.04 3.76
CA ASN A 90 -12.57 -4.56 3.70
C ASN A 90 -12.00 -4.18 2.33
N GLU A 91 -12.80 -3.54 1.52
CA GLU A 91 -12.32 -3.13 0.17
C GLU A 91 -11.42 -1.89 0.31
N ILE A 92 -10.26 -1.95 -0.27
CA ILE A 92 -9.29 -0.82 -0.17
C ILE A 92 -8.46 -0.80 -1.45
N TRP A 93 -8.44 0.28 -2.16
CA TRP A 93 -7.63 0.33 -3.42
C TRP A 93 -6.91 1.69 -3.50
N LEU A 94 -5.87 1.77 -4.31
CA LEU A 94 -5.09 3.04 -4.43
C LEU A 94 -5.03 3.49 -5.89
N ARG A 95 -5.23 4.76 -6.14
CA ARG A 95 -5.17 5.27 -7.55
C ARG A 95 -3.72 5.62 -7.89
N CYS A 96 -3.37 5.60 -9.15
CA CYS A 96 -1.96 5.94 -9.56
C CYS A 96 -2.01 6.49 -11.00
N ASP A 97 -0.89 6.95 -11.52
CA ASP A 97 -0.89 7.52 -12.90
C ASP A 97 0.37 7.09 -13.65
N ASN A 98 1.05 6.04 -13.21
CA ASN A 98 2.29 5.62 -13.92
C ASN A 98 2.57 4.13 -13.65
N GLU A 99 3.36 3.51 -14.48
CA GLU A 99 3.70 2.08 -14.27
C GLU A 99 4.71 1.97 -13.13
N LYS A 100 5.50 2.99 -12.94
CA LYS A 100 6.49 2.95 -11.83
C LYS A 100 5.72 2.82 -10.51
N GLN A 101 4.76 3.68 -10.30
CA GLN A 101 3.96 3.62 -9.06
C GLN A 101 3.43 2.20 -8.86
N TYR A 102 2.70 1.68 -9.81
CA TYR A 102 2.14 0.29 -9.67
C TYR A 102 3.19 -0.66 -9.07
N ALA A 103 4.33 -0.79 -9.69
CA ALA A 103 5.39 -1.71 -9.19
C ALA A 103 5.63 -1.52 -7.67
N HIS A 104 5.90 -0.32 -7.24
CA HIS A 104 6.19 -0.11 -5.79
C HIS A 104 5.14 -0.80 -4.90
N TRP A 105 3.92 -0.37 -4.96
CA TRP A 105 2.87 -1.00 -4.09
C TRP A 105 2.57 -2.44 -4.54
N MET A 106 2.25 -2.65 -5.80
CA MET A 106 1.95 -4.06 -6.26
C MET A 106 2.97 -5.02 -5.64
N ALA A 107 4.22 -4.67 -5.68
CA ALA A 107 5.25 -5.55 -5.08
C ALA A 107 5.09 -5.50 -3.56
N ALA A 108 5.00 -4.31 -3.02
CA ALA A 108 4.83 -4.17 -1.55
C ALA A 108 3.71 -5.08 -1.06
N CYS A 109 2.63 -5.13 -1.77
CA CYS A 109 1.49 -5.99 -1.35
C CYS A 109 1.80 -7.46 -1.66
N ARG A 110 2.69 -7.70 -2.58
CA ARG A 110 3.02 -9.12 -2.94
C ARG A 110 3.86 -9.76 -1.85
N LEU A 111 5.03 -9.25 -1.58
CA LEU A 111 5.83 -9.90 -0.52
C LEU A 111 5.15 -9.68 0.83
N ALA A 112 4.36 -8.63 0.97
CA ALA A 112 3.65 -8.44 2.27
C ALA A 112 2.94 -9.74 2.61
N SER A 113 2.62 -10.51 1.61
CA SER A 113 1.95 -11.81 1.84
C SER A 113 2.87 -12.72 2.65
N LYS A 114 4.10 -12.88 2.22
CA LYS A 114 5.02 -13.77 3.00
C LYS A 114 5.30 -13.14 4.38
N GLY A 115 4.67 -12.04 4.69
CA GLY A 115 4.88 -11.40 6.02
C GLY A 115 6.15 -10.55 6.02
N LYS A 116 6.63 -10.14 4.87
CA LYS A 116 7.87 -9.30 4.81
C LYS A 116 7.63 -8.17 3.80
N THR A 117 8.44 -7.14 3.82
CA THR A 117 8.24 -5.98 2.88
C THR A 117 9.20 -6.09 1.69
N MET A 118 9.31 -5.04 0.91
CA MET A 118 10.23 -5.08 -0.27
C MET A 118 11.69 -5.22 0.18
N ALA A 119 11.92 -5.57 1.42
CA ALA A 119 13.32 -5.72 1.91
C ALA A 119 13.80 -7.16 1.71
N ASP A 120 12.95 -7.98 1.17
CA ASP A 120 13.32 -9.40 0.94
C ASP A 120 14.41 -9.49 -0.13
N SER A 121 15.04 -10.63 -0.25
CA SER A 121 16.13 -10.78 -1.27
C SER A 121 15.52 -11.15 -2.62
N SER A 122 14.40 -11.82 -2.62
CA SER A 122 13.75 -12.23 -3.90
C SER A 122 12.91 -11.07 -4.46
N TYR A 123 12.61 -10.09 -3.65
CA TYR A 123 11.79 -8.95 -4.13
C TYR A 123 12.30 -8.47 -5.51
N ASN A 124 13.58 -8.45 -5.72
CA ASN A 124 14.14 -7.96 -7.02
C ASN A 124 13.33 -8.52 -8.20
N LEU A 125 13.07 -9.79 -8.22
CA LEU A 125 12.31 -10.37 -9.37
C LEU A 125 10.81 -10.10 -9.19
N GLU A 126 10.37 -9.83 -7.99
CA GLU A 126 8.92 -9.57 -7.77
C GLU A 126 8.53 -8.22 -8.39
N VAL A 127 9.38 -7.22 -8.30
CA VAL A 127 9.02 -5.91 -8.90
C VAL A 127 9.18 -6.00 -10.41
N GLN A 128 10.25 -6.62 -10.85
CA GLN A 128 10.48 -6.77 -12.31
C GLN A 128 9.32 -7.54 -12.93
N ASN A 129 8.56 -8.24 -12.11
CA ASN A 129 7.43 -9.02 -12.66
C ASN A 129 6.26 -8.09 -13.00
N ILE A 130 5.78 -7.32 -12.07
CA ILE A 130 4.64 -6.40 -12.36
C ILE A 130 4.88 -5.68 -13.69
N LEU A 131 6.12 -5.42 -14.02
CA LEU A 131 6.43 -4.71 -15.29
C LEU A 131 6.01 -5.58 -16.49
N SER A 132 6.25 -6.86 -16.43
CA SER A 132 5.89 -7.74 -17.57
C SER A 132 4.37 -7.80 -17.76
N PHE A 133 3.64 -7.86 -16.68
CA PHE A 133 2.16 -7.93 -16.78
C PHE A 133 1.61 -6.58 -17.22
N LEU A 134 2.38 -5.53 -17.11
CA LEU A 134 1.89 -4.18 -17.47
C LEU A 134 1.67 -4.06 -18.99
N LYS A 135 2.57 -4.55 -19.80
CA LYS A 135 2.38 -4.41 -21.28
C LYS A 135 1.37 -5.45 -21.76
N MET A 136 1.41 -6.62 -21.19
CA MET A 136 0.45 -7.70 -21.61
C MET A 136 -0.60 -7.90 -20.52
N GLN A 137 -0.95 -6.86 -19.81
CA GLN A 137 -1.97 -6.99 -18.74
C GLN A 137 -3.25 -7.56 -19.36
N HIS A 138 -3.80 -6.87 -20.33
CA HIS A 138 -5.05 -7.36 -20.97
C HIS A 138 -4.70 -8.45 -21.99
C1 4IP B . -11.20 8.40 7.22
O1 4IP B . -12.18 9.39 7.55
C2 4IP B . -11.74 7.57 6.05
O2 4IP B . -13.01 7.05 6.41
C3 4IP B . -10.79 6.44 5.70
O3 4IP B . -11.32 5.69 4.60
C4 4IP B . -10.53 5.54 6.92
O4 4IP B . -11.74 4.92 7.35
C5 4IP B . -9.97 6.38 8.07
O5 4IP B . -9.75 5.56 9.21
C6 4IP B . -10.94 7.50 8.44
O6 4IP B . -10.39 8.27 9.50
P1 4IP B . -12.06 10.24 8.92
O1P 4IP B . -12.55 9.49 10.10
O2P 4IP B . -12.88 11.61 8.67
O3P 4IP B . -10.52 10.68 9.04
P3 4IP B . -12.37 4.48 4.79
O4P 4IP B . -11.72 3.19 5.09
O5P 4IP B . -13.22 4.44 3.43
O6P 4IP B . -13.42 4.93 5.92
P4 4IP B . -11.72 3.56 8.23
O7P 4IP B . -10.48 3.41 9.02
O8P 4IP B . -11.95 2.35 7.20
O9P 4IP B . -13.04 3.62 9.15
P5 4IP B . -8.61 5.94 10.28
OPF 4IP B . -9.09 6.85 11.33
OPG 4IP B . -7.40 6.58 9.41
OPH 4IP B . -8.05 4.55 10.85
H1 4IP B . -10.28 8.88 6.93
H2 4IP B . -11.84 8.22 5.19
HO2 4IP B . -13.68 7.80 6.49
H3 4IP B . -9.84 6.87 5.39
H4 4IP B . -9.81 4.77 6.65
H5 4IP B . -9.04 6.81 7.75
H6 4IP B . -11.87 7.06 8.76
HO6 4IP B . -9.54 8.70 9.19
N GLY A 1 1.86 -6.45 19.74
CA GLY A 1 1.96 -4.93 19.75
C GLY A 1 3.04 -4.26 19.00
N SER A 2 3.25 -2.99 19.23
CA SER A 2 4.33 -2.26 18.51
C SER A 2 4.78 -1.05 19.34
N HIS A 3 6.06 -0.91 19.54
CA HIS A 3 6.56 0.25 20.34
C HIS A 3 8.09 0.32 20.23
N MET A 4 8.75 -0.80 20.40
CA MET A 4 10.24 -0.80 20.31
C MET A 4 10.66 -0.78 18.84
N GLY A 5 11.94 -0.71 18.58
CA GLY A 5 12.41 -0.68 17.17
C GLY A 5 12.05 0.66 16.54
N ASP A 6 12.68 1.72 16.97
CA ASP A 6 12.40 3.07 16.41
C ASP A 6 13.71 3.79 16.09
N ILE A 7 14.65 3.08 15.52
CA ILE A 7 15.95 3.71 15.17
C ILE A 7 15.68 4.81 14.15
N THR A 8 15.35 4.45 12.94
CA THR A 8 15.05 5.48 11.91
C THR A 8 14.42 4.82 10.69
N SER A 9 13.54 3.87 10.93
CA SER A 9 12.87 3.15 9.80
C SER A 9 13.93 2.80 8.74
N ILE A 10 14.56 1.66 8.90
CA ILE A 10 15.65 1.25 7.95
C ILE A 10 15.11 0.44 6.72
N PRO A 11 14.62 -0.80 6.83
CA PRO A 11 14.14 -1.55 5.63
C PRO A 11 12.66 -1.30 5.30
N GLU A 12 12.28 -0.08 5.04
CA GLU A 12 10.83 0.21 4.77
C GLU A 12 10.48 0.29 3.28
N LEU A 13 9.21 0.47 3.03
CA LEU A 13 8.67 0.60 1.66
C LEU A 13 7.67 1.75 1.71
N ALA A 14 7.81 2.77 0.89
CA ALA A 14 6.85 3.92 0.96
C ALA A 14 6.60 4.53 -0.42
N ASP A 15 5.44 5.10 -0.61
CA ASP A 15 5.09 5.74 -1.90
C ASP A 15 3.87 6.64 -1.67
N TYR A 16 3.53 7.47 -2.62
CA TYR A 16 2.36 8.40 -2.46
C TYR A 16 1.24 8.05 -3.44
N ILE A 17 0.11 7.57 -2.94
CA ILE A 17 -1.05 7.23 -3.82
C ILE A 17 -2.34 7.75 -3.15
N LYS A 18 -3.43 7.80 -3.87
CA LYS A 18 -4.72 8.35 -3.30
C LYS A 18 -5.72 7.21 -3.07
N VAL A 19 -6.58 7.34 -2.06
CA VAL A 19 -7.60 6.24 -1.81
C VAL A 19 -8.96 6.86 -1.41
N PHE A 20 -9.99 6.09 -1.63
CA PHE A 20 -11.37 6.51 -1.27
C PHE A 20 -12.12 5.25 -0.81
N LYS A 21 -12.95 5.34 0.21
CA LYS A 21 -13.66 4.10 0.70
C LYS A 21 -15.20 4.29 0.60
N PRO A 22 -15.96 3.21 0.74
CA PRO A 22 -17.46 3.26 0.68
C PRO A 22 -18.00 4.15 1.78
N LYS A 23 -17.10 4.67 2.58
CA LYS A 23 -17.48 5.60 3.67
C LYS A 23 -18.33 4.90 4.73
N LYS A 24 -17.82 4.80 5.94
CA LYS A 24 -18.58 4.16 7.05
C LYS A 24 -19.15 5.26 7.95
N LEU A 25 -18.28 5.97 8.62
CA LEU A 25 -18.73 7.05 9.54
C LEU A 25 -19.60 8.06 8.77
N THR A 26 -18.99 8.92 7.99
CA THR A 26 -19.78 9.93 7.20
C THR A 26 -19.28 9.93 5.75
N LEU A 27 -18.26 10.70 5.46
CA LEU A 27 -17.71 10.72 4.06
C LEU A 27 -16.19 10.62 4.14
N LYS A 28 -15.47 11.62 3.69
CA LYS A 28 -13.99 11.57 3.73
C LYS A 28 -13.55 10.50 2.73
N GLY A 29 -12.40 10.71 2.17
CA GLY A 29 -11.88 9.75 1.13
C GLY A 29 -11.18 10.56 0.02
N TYR A 30 -10.72 9.90 -0.99
CA TYR A 30 -10.06 10.61 -2.13
C TYR A 30 -8.95 11.56 -1.63
N LYS A 31 -8.54 11.43 -0.40
CA LYS A 31 -7.47 12.35 0.10
C LYS A 31 -6.10 11.79 -0.28
N GLN A 32 -5.06 12.32 0.30
CA GLN A 32 -3.68 11.87 -0.02
C GLN A 32 -3.15 10.91 1.06
N TYR A 33 -3.00 9.65 0.72
CA TYR A 33 -2.50 8.64 1.71
C TYR A 33 -1.06 8.26 1.37
N TRP A 34 -0.14 8.59 2.22
CA TRP A 34 1.28 8.19 2.02
C TRP A 34 1.69 7.37 3.24
N CYS A 35 1.58 6.07 3.14
CA CYS A 35 1.94 5.19 4.28
C CYS A 35 3.31 4.59 4.04
N THR A 36 3.89 4.00 5.05
CA THR A 36 5.23 3.38 4.87
C THR A 36 5.35 2.19 5.83
N PHE A 37 6.33 1.36 5.61
CA PHE A 37 6.52 0.19 6.50
C PHE A 37 7.42 0.62 7.66
N LYS A 38 7.47 -0.15 8.71
CA LYS A 38 8.33 0.23 9.86
C LYS A 38 8.81 -1.03 10.55
N ASP A 39 10.06 -1.35 10.42
CA ASP A 39 10.61 -2.56 11.08
C ASP A 39 9.72 -3.76 10.77
N THR A 40 8.70 -3.99 11.57
CA THR A 40 7.78 -5.15 11.34
C THR A 40 6.33 -4.68 11.44
N SER A 41 6.12 -3.39 11.55
CA SER A 41 4.72 -2.85 11.66
C SER A 41 4.53 -1.74 10.62
N ILE A 42 3.34 -1.21 10.55
CA ILE A 42 3.03 -0.14 9.53
C ILE A 42 2.82 1.22 10.21
N SER A 43 2.80 2.26 9.43
CA SER A 43 2.59 3.64 9.97
C SER A 43 1.80 4.44 8.91
N CYS A 44 0.56 4.73 9.18
CA CYS A 44 -0.26 5.47 8.18
C CYS A 44 -0.20 6.99 8.43
N TYR A 45 0.28 7.74 7.47
CA TYR A 45 0.35 9.23 7.60
C TYR A 45 -0.38 9.84 6.41
N LYS A 46 -1.16 10.87 6.61
CA LYS A 46 -1.88 11.51 5.46
C LYS A 46 -1.09 12.73 5.01
N SER A 47 -0.81 13.62 5.93
CA SER A 47 -0.02 14.85 5.58
C SER A 47 -0.19 15.90 6.69
N LYS A 48 -1.05 16.87 6.48
CA LYS A 48 -1.24 17.95 7.50
C LYS A 48 -2.26 17.49 8.55
N GLU A 49 -2.86 16.35 8.38
CA GLU A 49 -3.85 15.89 9.39
C GLU A 49 -3.16 15.75 10.75
N GLU A 50 -2.09 14.99 10.80
CA GLU A 50 -1.35 14.81 12.08
C GLU A 50 -0.20 15.82 12.13
N SER A 51 0.46 16.02 11.02
CA SER A 51 1.59 16.99 10.98
C SER A 51 2.67 16.56 11.98
N SER A 52 2.43 16.79 13.26
CA SER A 52 3.43 16.42 14.31
C SER A 52 2.73 15.53 15.35
N GLY A 53 1.64 14.92 14.98
CA GLY A 53 0.90 14.03 15.94
C GLY A 53 1.31 12.57 15.71
N THR A 54 0.34 11.69 15.59
CA THR A 54 0.62 10.25 15.38
C THR A 54 -0.15 9.78 14.12
N PRO A 55 0.28 8.71 13.48
CA PRO A 55 -0.39 8.18 12.26
C PRO A 55 -1.81 7.69 12.58
N ALA A 56 -2.66 7.62 11.58
CA ALA A 56 -4.05 7.14 11.83
C ALA A 56 -4.01 5.84 12.64
N HIS A 57 -3.12 4.95 12.31
CA HIS A 57 -3.03 3.66 13.06
C HIS A 57 -1.80 2.87 12.58
N GLN A 58 -0.86 2.61 13.46
CA GLN A 58 0.35 1.83 13.05
C GLN A 58 0.16 0.37 13.48
N MET A 59 -0.02 -0.52 12.55
CA MET A 59 -0.24 -1.96 12.94
C MET A 59 0.35 -2.88 11.87
N ASN A 60 0.78 -4.05 12.26
CA ASN A 60 1.33 -5.00 11.26
C ASN A 60 0.15 -5.66 10.54
N LEU A 61 -0.31 -5.09 9.46
CA LEU A 61 -1.45 -5.71 8.73
C LEU A 61 -1.02 -7.08 8.23
N ARG A 62 0.04 -7.15 7.47
CA ARG A 62 0.54 -8.46 6.96
C ARG A 62 -0.59 -9.21 6.23
N GLY A 63 -0.23 -10.18 5.45
CA GLY A 63 -1.24 -11.00 4.70
C GLY A 63 -2.33 -10.12 4.08
N CYS A 64 -1.95 -9.10 3.36
CA CYS A 64 -2.99 -8.23 2.71
C CYS A 64 -3.39 -8.88 1.38
N GLU A 65 -4.59 -8.64 0.93
CA GLU A 65 -5.03 -9.25 -0.35
C GLU A 65 -4.52 -8.38 -1.51
N VAL A 66 -4.08 -9.01 -2.56
CA VAL A 66 -3.54 -8.24 -3.73
C VAL A 66 -4.16 -8.76 -5.04
N THR A 67 -4.69 -7.87 -5.82
CA THR A 67 -5.30 -8.24 -7.12
C THR A 67 -5.22 -7.02 -8.06
N PRO A 68 -4.36 -7.01 -9.05
CA PRO A 68 -4.19 -5.84 -9.96
C PRO A 68 -5.26 -5.76 -11.06
N ASP A 69 -5.69 -4.57 -11.38
CA ASP A 69 -6.71 -4.40 -12.45
C ASP A 69 -6.60 -2.96 -13.00
N VAL A 70 -5.71 -2.76 -13.95
CA VAL A 70 -5.54 -1.39 -14.55
C VAL A 70 -6.07 -1.40 -15.98
N ASN A 71 -6.86 -0.41 -16.34
CA ASN A 71 -7.42 -0.36 -17.73
C ASN A 71 -6.52 0.53 -18.59
N ILE A 72 -6.11 0.05 -19.72
CA ILE A 72 -5.24 0.87 -20.60
C ILE A 72 -6.07 1.93 -21.33
N SER A 73 -7.32 1.64 -21.58
CA SER A 73 -8.20 2.60 -22.30
C SER A 73 -8.05 4.01 -21.71
N GLY A 74 -8.17 4.15 -20.41
CA GLY A 74 -8.06 5.50 -19.76
C GLY A 74 -6.88 5.52 -18.79
N GLN A 75 -5.94 4.64 -18.96
CA GLN A 75 -4.75 4.61 -18.04
C GLN A 75 -5.23 4.70 -16.59
N LYS A 76 -6.19 3.90 -16.23
CA LYS A 76 -6.70 3.93 -14.83
C LYS A 76 -5.96 2.91 -13.96
N PHE A 77 -4.96 3.32 -13.23
CA PHE A 77 -4.24 2.35 -12.36
C PHE A 77 -5.11 2.07 -11.14
N ASN A 78 -5.77 0.93 -11.11
CA ASN A 78 -6.67 0.59 -9.96
C ASN A 78 -6.27 -0.76 -9.35
N ILE A 79 -5.56 -0.74 -8.26
CA ILE A 79 -5.16 -2.00 -7.59
C ILE A 79 -6.19 -2.29 -6.50
N LYS A 80 -6.76 -3.46 -6.53
CA LYS A 80 -7.78 -3.83 -5.50
C LYS A 80 -7.05 -4.33 -4.25
N LEU A 81 -7.04 -3.52 -3.21
CA LEU A 81 -6.36 -3.93 -1.94
C LEU A 81 -7.41 -4.26 -0.90
N LEU A 82 -7.49 -5.49 -0.47
CA LEU A 82 -8.49 -5.89 0.57
C LEU A 82 -7.76 -6.62 1.69
N ILE A 83 -8.23 -6.48 2.91
CA ILE A 83 -7.53 -7.15 4.05
C ILE A 83 -8.57 -7.60 5.10
N PRO A 84 -8.52 -8.84 5.56
CA PRO A 84 -9.49 -9.33 6.59
C PRO A 84 -9.14 -8.80 7.99
N VAL A 85 -10.10 -8.32 8.73
CA VAL A 85 -9.81 -7.80 10.11
C VAL A 85 -10.96 -8.17 11.06
N ALA A 86 -10.84 -7.82 12.31
CA ALA A 86 -11.92 -8.16 13.29
C ALA A 86 -13.25 -7.58 12.84
N GLU A 87 -13.29 -6.34 12.44
CA GLU A 87 -14.57 -5.73 12.00
C GLU A 87 -15.10 -6.54 10.80
N GLY A 88 -14.21 -7.04 10.00
CA GLY A 88 -14.62 -7.84 8.81
C GLY A 88 -13.53 -7.74 7.75
N MET A 89 -13.61 -6.77 6.89
CA MET A 89 -12.56 -6.61 5.83
C MET A 89 -12.37 -5.12 5.54
N ASN A 90 -11.15 -4.68 5.49
CA ASN A 90 -10.90 -3.23 5.21
C ASN A 90 -10.85 -3.02 3.70
N GLU A 91 -11.90 -2.50 3.15
CA GLU A 91 -11.96 -2.26 1.69
C GLU A 91 -11.16 -1.00 1.36
N ILE A 92 -10.20 -1.13 0.47
CA ILE A 92 -9.36 0.05 0.09
C ILE A 92 -9.20 0.10 -1.43
N TRP A 93 -9.13 1.29 -1.98
CA TRP A 93 -8.98 1.44 -3.46
C TRP A 93 -7.90 2.48 -3.74
N LEU A 94 -6.74 2.07 -4.17
CA LEU A 94 -5.64 3.05 -4.43
C LEU A 94 -5.75 3.61 -5.85
N ARG A 95 -5.12 4.74 -6.09
CA ARG A 95 -5.12 5.35 -7.44
C ARG A 95 -3.66 5.61 -7.85
N CYS A 96 -3.39 5.55 -9.12
CA CYS A 96 -2.01 5.79 -9.62
C CYS A 96 -2.12 6.31 -11.06
N ASP A 97 -1.02 6.74 -11.64
CA ASP A 97 -1.10 7.27 -13.04
C ASP A 97 0.13 6.83 -13.84
N ASN A 98 0.88 5.87 -13.37
CA ASN A 98 2.08 5.42 -14.14
C ASN A 98 2.51 4.03 -13.69
N GLU A 99 3.40 3.42 -14.43
CA GLU A 99 3.88 2.05 -14.08
C GLU A 99 4.87 2.15 -12.92
N LYS A 100 5.70 3.15 -12.91
CA LYS A 100 6.68 3.28 -11.80
C LYS A 100 5.93 3.24 -10.48
N GLN A 101 4.87 3.98 -10.36
CA GLN A 101 4.11 4.00 -9.08
C GLN A 101 3.55 2.59 -8.80
N TYR A 102 2.69 2.09 -9.66
CA TYR A 102 2.11 0.74 -9.42
C TYR A 102 3.20 -0.24 -8.91
N ALA A 103 4.34 -0.25 -9.56
CA ALA A 103 5.42 -1.19 -9.13
C ALA A 103 5.82 -0.97 -7.67
N HIS A 104 5.54 0.18 -7.11
CA HIS A 104 5.95 0.40 -5.68
C HIS A 104 5.05 -0.41 -4.74
N TRP A 105 3.78 -0.12 -4.69
CA TRP A 105 2.89 -0.88 -3.77
C TRP A 105 2.67 -2.30 -4.31
N MET A 106 2.52 -2.46 -5.60
CA MET A 106 2.29 -3.83 -6.16
C MET A 106 3.27 -4.81 -5.52
N ALA A 107 4.55 -4.56 -5.61
CA ALA A 107 5.53 -5.48 -5.00
C ALA A 107 5.33 -5.47 -3.48
N ALA A 108 4.99 -4.34 -2.93
CA ALA A 108 4.77 -4.25 -1.45
C ALA A 108 3.60 -5.15 -1.05
N CYS A 109 2.48 -5.00 -1.72
CA CYS A 109 1.29 -5.83 -1.37
C CYS A 109 1.66 -7.31 -1.48
N ARG A 110 2.17 -7.73 -2.60
CA ARG A 110 2.56 -9.16 -2.74
C ARG A 110 3.66 -9.48 -1.71
N LEU A 111 4.66 -8.65 -1.64
CA LEU A 111 5.76 -8.87 -0.66
C LEU A 111 5.15 -9.01 0.73
N ALA A 112 4.32 -8.07 1.11
CA ALA A 112 3.67 -8.12 2.46
C ALA A 112 3.19 -9.54 2.74
N SER A 113 3.00 -10.36 1.73
CA SER A 113 2.52 -11.73 1.96
C SER A 113 3.65 -12.55 2.59
N LYS A 114 4.86 -12.29 2.20
CA LYS A 114 6.01 -13.04 2.78
C LYS A 114 6.17 -12.69 4.26
N GLY A 115 5.60 -11.59 4.70
CA GLY A 115 5.69 -11.20 6.13
C GLY A 115 6.92 -10.33 6.39
N LYS A 116 7.62 -9.94 5.34
CA LYS A 116 8.84 -9.07 5.52
C LYS A 116 8.79 -7.96 4.47
N THR A 117 9.51 -6.89 4.70
CA THR A 117 9.55 -5.76 3.73
C THR A 117 10.92 -5.75 3.06
N MET A 118 11.01 -5.21 1.87
CA MET A 118 12.32 -5.19 1.17
C MET A 118 12.94 -6.59 1.18
N ALA A 119 12.22 -7.57 0.71
CA ALA A 119 12.79 -8.96 0.69
C ALA A 119 14.06 -8.92 -0.14
N ASP A 120 14.05 -8.17 -1.20
CA ASP A 120 15.26 -8.03 -2.09
C ASP A 120 15.35 -9.23 -3.05
N SER A 121 15.47 -10.42 -2.51
CA SER A 121 15.57 -11.62 -3.40
C SER A 121 14.41 -11.65 -4.41
N SER A 122 13.20 -11.63 -3.93
CA SER A 122 12.02 -11.67 -4.87
C SER A 122 11.66 -10.25 -5.32
N TYR A 123 12.05 -9.26 -4.57
CA TYR A 123 11.72 -7.85 -4.94
C TYR A 123 11.96 -7.62 -6.43
N ASN A 124 12.88 -8.33 -7.02
CA ASN A 124 13.16 -8.13 -8.47
C ASN A 124 12.11 -8.83 -9.33
N LEU A 125 11.69 -10.00 -8.95
CA LEU A 125 10.69 -10.73 -9.78
C LEU A 125 9.30 -10.11 -9.61
N GLU A 126 9.02 -9.57 -8.46
CA GLU A 126 7.66 -8.96 -8.23
C GLU A 126 7.42 -7.81 -9.20
N VAL A 127 8.37 -6.94 -9.38
CA VAL A 127 8.15 -5.79 -10.31
C VAL A 127 8.21 -6.30 -11.75
N GLN A 128 9.21 -7.10 -12.04
CA GLN A 128 9.34 -7.65 -13.41
C GLN A 128 8.06 -8.40 -13.77
N ASN A 129 7.28 -8.74 -12.79
CA ASN A 129 6.01 -9.48 -13.07
C ASN A 129 4.91 -8.50 -13.48
N ILE A 130 4.87 -7.33 -12.90
CA ILE A 130 3.80 -6.36 -13.28
C ILE A 130 4.10 -5.77 -14.67
N LEU A 131 5.24 -5.17 -14.83
CA LEU A 131 5.59 -4.57 -16.15
C LEU A 131 5.29 -5.58 -17.26
N SER A 132 5.29 -6.84 -16.94
CA SER A 132 4.98 -7.86 -17.98
C SER A 132 3.56 -7.64 -18.49
N PHE A 133 2.62 -7.44 -17.62
CA PHE A 133 1.22 -7.21 -18.07
C PHE A 133 1.20 -6.03 -19.03
N LEU A 134 1.93 -5.00 -18.74
CA LEU A 134 1.95 -3.82 -19.62
C LEU A 134 2.71 -4.16 -20.91
N LYS A 135 3.74 -4.94 -20.80
CA LYS A 135 4.50 -5.32 -22.01
C LYS A 135 3.53 -5.83 -23.08
N MET A 136 2.29 -6.06 -22.72
CA MET A 136 1.28 -6.54 -23.70
C MET A 136 0.03 -5.64 -23.61
N GLN A 137 0.11 -4.54 -22.90
CA GLN A 137 -1.07 -3.62 -22.79
C GLN A 137 -1.75 -3.48 -24.16
N HIS A 138 -1.05 -2.98 -25.14
CA HIS A 138 -1.66 -2.81 -26.49
C HIS A 138 -0.56 -2.95 -27.55
C1 4IP B . -11.02 9.63 8.12
O1 4IP B . -12.06 10.61 8.28
C2 4IP B . -11.10 9.08 6.71
O2 4IP B . -12.42 8.58 6.45
C3 4IP B . -10.09 7.94 6.52
O3 4IP B . -10.19 7.37 5.19
C4 4IP B . -10.32 6.83 7.52
O4 4IP B . -11.62 6.26 7.33
C5 4IP B . -10.22 7.38 8.95
O5 4IP B . -10.47 6.34 9.90
C6 4IP B . -11.24 8.52 9.15
O6 4IP B . -11.09 9.05 10.47
P1 4IP B . -11.81 11.88 9.24
O1P 4IP B . -11.19 13.03 8.54
O2P 4IP B . -10.91 11.36 10.47
O3P 4IP B . -13.24 12.25 9.87
P3 4IP B . -11.31 7.81 4.10
O4P 4IP B . -12.68 7.43 4.49
O5P 4IP B . -10.85 7.10 2.73
O6P 4IP B . -11.14 9.38 3.86
P4 4IP B . -11.90 4.73 7.77
O7P 4IP B . -12.92 4.07 6.93
O8P 4IP B . -12.32 4.79 9.33
O9P 4IP B . -10.48 3.97 7.72
P5 4IP B . -9.25 5.67 10.72
OPF 4IP B . -8.92 6.38 11.97
OPG 4IP B . -8.01 5.62 9.68
OPH 4IP B . -9.68 4.13 10.96
H1 4IP B . -10.07 10.08 8.27
H2 4IP B . -10.86 9.87 6.03
HO2 4IP B . -12.59 7.78 7.05
H3 4IP B . -9.09 8.33 6.66
H4 4IP B . -9.57 6.07 7.39
H5 4IP B . -9.23 7.78 9.10
H6 4IP B . -12.24 8.11 9.05
HO6 4IP B . -11.26 8.34 11.14
N GLY A 1 2.33 3.63 20.33
CA GLY A 1 2.91 3.76 18.92
C GLY A 1 4.22 3.12 18.61
N SER A 2 4.82 3.48 17.50
CA SER A 2 6.14 2.87 17.13
C SER A 2 7.25 3.61 17.87
N HIS A 3 7.04 4.85 18.21
CA HIS A 3 8.10 5.61 18.93
C HIS A 3 9.40 5.55 18.11
N MET A 4 9.42 6.15 16.96
CA MET A 4 10.65 6.12 16.12
C MET A 4 11.87 6.47 16.98
N GLY A 5 12.82 5.58 17.06
CA GLY A 5 14.03 5.85 17.88
C GLY A 5 15.10 4.80 17.58
N ASP A 6 14.75 3.80 16.79
CA ASP A 6 15.73 2.74 16.45
C ASP A 6 16.62 3.22 15.30
N ILE A 7 16.96 2.34 14.40
CA ILE A 7 17.82 2.74 13.24
C ILE A 7 16.95 3.45 12.19
N THR A 8 16.33 2.71 11.31
CA THR A 8 15.48 3.36 10.27
C THR A 8 14.60 2.31 9.59
N SER A 9 13.76 1.65 10.33
CA SER A 9 12.88 0.63 9.73
C SER A 9 13.69 -0.27 8.79
N ILE A 10 14.25 -1.33 9.30
CA ILE A 10 15.06 -2.24 8.44
C ILE A 10 14.29 -2.54 7.13
N PRO A 11 13.01 -2.80 7.21
CA PRO A 11 12.16 -3.08 6.03
C PRO A 11 11.34 -1.84 5.64
N GLU A 12 11.92 -0.92 4.91
CA GLU A 12 11.18 0.32 4.53
C GLU A 12 10.45 0.17 3.19
N LEU A 13 9.18 0.45 3.17
CA LEU A 13 8.38 0.38 1.91
C LEU A 13 7.28 1.45 2.01
N ALA A 14 7.35 2.50 1.22
CA ALA A 14 6.34 3.58 1.35
C ALA A 14 6.19 4.40 0.06
N ASP A 15 5.10 5.10 -0.07
CA ASP A 15 4.85 5.95 -1.28
C ASP A 15 3.70 6.93 -0.99
N TYR A 16 3.50 7.91 -1.83
CA TYR A 16 2.36 8.87 -1.63
C TYR A 16 1.14 8.29 -2.34
N ILE A 17 0.04 8.11 -1.64
CA ILE A 17 -1.16 7.49 -2.27
C ILE A 17 -2.39 8.42 -2.15
N LYS A 18 -3.43 8.14 -2.90
CA LYS A 18 -4.66 8.98 -2.87
C LYS A 18 -5.88 8.05 -2.79
N VAL A 19 -6.75 8.22 -1.82
CA VAL A 19 -7.92 7.29 -1.72
C VAL A 19 -9.22 8.04 -1.34
N PHE A 20 -10.34 7.44 -1.66
CA PHE A 20 -11.68 8.04 -1.30
C PHE A 20 -12.42 7.03 -0.40
N LYS A 21 -12.39 7.26 0.88
CA LYS A 21 -13.02 6.34 1.86
C LYS A 21 -14.52 6.08 1.58
N PRO A 22 -14.89 4.90 1.13
CA PRO A 22 -16.32 4.54 0.91
C PRO A 22 -16.85 3.64 2.03
N LYS A 23 -16.30 3.72 3.22
CA LYS A 23 -16.76 2.83 4.33
C LYS A 23 -17.98 3.46 5.04
N LYS A 24 -17.95 3.42 6.34
CA LYS A 24 -19.04 3.97 7.19
C LYS A 24 -19.09 5.50 7.10
N LEU A 25 -18.20 6.15 7.80
CA LEU A 25 -18.16 7.63 7.80
C LEU A 25 -18.35 8.18 6.37
N THR A 26 -17.38 7.98 5.51
CA THR A 26 -17.50 8.50 4.10
C THR A 26 -17.61 10.02 4.14
N LEU A 27 -16.52 10.68 4.44
CA LEU A 27 -16.51 12.18 4.52
C LEU A 27 -15.60 12.71 3.41
N LYS A 28 -14.67 13.58 3.72
CA LYS A 28 -13.77 14.12 2.67
C LYS A 28 -13.31 12.97 1.75
N GLY A 29 -12.95 11.86 2.32
CA GLY A 29 -12.52 10.70 1.48
C GLY A 29 -11.33 11.10 0.61
N TYR A 30 -11.57 11.79 -0.48
CA TYR A 30 -10.45 12.21 -1.36
C TYR A 30 -9.34 12.82 -0.49
N LYS A 31 -8.40 12.01 -0.10
CA LYS A 31 -7.30 12.51 0.77
C LYS A 31 -6.04 11.67 0.52
N GLN A 32 -4.90 12.27 0.69
CA GLN A 32 -3.61 11.54 0.47
C GLN A 32 -2.98 11.18 1.82
N TYR A 33 -2.63 9.94 2.01
CA TYR A 33 -2.00 9.52 3.30
C TYR A 33 -0.81 8.60 3.00
N TRP A 34 0.33 8.86 3.59
CA TRP A 34 1.52 7.99 3.35
C TRP A 34 1.57 6.93 4.45
N CYS A 35 2.20 5.82 4.18
CA CYS A 35 2.30 4.73 5.21
C CYS A 35 3.74 4.24 5.21
N THR A 36 4.10 3.41 6.14
CA THR A 36 5.51 2.91 6.16
C THR A 36 5.57 1.57 6.88
N PHE A 37 6.13 0.58 6.25
CA PHE A 37 6.24 -0.75 6.89
C PHE A 37 7.53 -0.80 7.70
N LYS A 38 7.47 -1.19 8.96
CA LYS A 38 8.72 -1.24 9.78
C LYS A 38 8.66 -2.45 10.74
N ASP A 39 9.79 -3.00 11.06
CA ASP A 39 9.82 -4.16 11.98
C ASP A 39 8.87 -5.25 11.47
N THR A 40 7.62 -5.21 11.87
CA THR A 40 6.66 -6.25 11.40
C THR A 40 5.23 -5.71 11.43
N SER A 41 5.05 -4.41 11.38
CA SER A 41 3.67 -3.85 11.40
C SER A 41 3.65 -2.52 10.64
N ILE A 42 2.49 -2.05 10.25
CA ILE A 42 2.38 -0.78 9.49
C ILE A 42 1.93 0.35 10.42
N SER A 43 2.24 1.56 10.06
CA SER A 43 1.82 2.76 10.86
C SER A 43 1.09 3.72 9.93
N CYS A 44 -0.14 4.06 10.24
CA CYS A 44 -0.93 4.96 9.35
C CYS A 44 -0.68 6.44 9.71
N TYR A 45 -0.20 7.20 8.77
CA TYR A 45 0.05 8.66 9.00
C TYR A 45 -0.67 9.44 7.88
N LYS A 46 -1.25 10.57 8.20
CA LYS A 46 -1.98 11.37 7.16
C LYS A 46 -1.10 12.52 6.67
N SER A 47 -0.53 13.29 7.55
CA SER A 47 0.33 14.42 7.10
C SER A 47 1.24 14.88 8.23
N LYS A 48 2.39 15.41 7.90
CA LYS A 48 3.33 15.87 8.95
C LYS A 48 2.65 16.95 9.80
N GLU A 49 1.49 17.39 9.41
CA GLU A 49 0.77 18.43 10.19
C GLU A 49 0.44 17.87 11.58
N GLU A 50 0.36 16.56 11.69
CA GLU A 50 0.04 15.94 13.01
C GLU A 50 1.33 15.55 13.72
N SER A 51 2.37 16.31 13.54
CA SER A 51 3.66 15.99 14.20
C SER A 51 3.41 15.67 15.68
N SER A 52 2.51 16.37 16.29
CA SER A 52 2.19 16.10 17.73
C SER A 52 1.08 15.05 17.81
N GLY A 53 0.92 14.26 16.78
CA GLY A 53 -0.15 13.22 16.78
C GLY A 53 0.45 11.90 16.28
N THR A 54 0.26 10.85 17.03
CA THR A 54 0.81 9.52 16.62
C THR A 54 -0.16 8.86 15.64
N PRO A 55 0.30 7.92 14.85
CA PRO A 55 -0.56 7.22 13.86
C PRO A 55 -1.86 6.71 14.50
N ALA A 56 -2.98 7.08 13.94
CA ALA A 56 -4.29 6.65 14.53
C ALA A 56 -4.33 5.12 14.64
N HIS A 57 -4.15 4.42 13.55
CA HIS A 57 -4.21 2.92 13.56
C HIS A 57 -2.83 2.33 13.29
N GLN A 58 -2.64 1.08 13.61
CA GLN A 58 -1.34 0.39 13.38
C GLN A 58 -1.59 -1.11 13.32
N MET A 59 -1.41 -1.73 12.18
CA MET A 59 -1.67 -3.19 12.09
C MET A 59 -0.84 -3.83 10.98
N ASN A 60 -0.80 -5.15 10.95
CA ASN A 60 -0.01 -5.86 9.88
C ASN A 60 -0.96 -6.28 8.75
N LEU A 61 -0.61 -5.97 7.54
CA LEU A 61 -1.49 -6.35 6.39
C LEU A 61 -1.18 -7.80 6.00
N ARG A 62 -0.33 -8.46 6.75
CA ARG A 62 0.02 -9.88 6.44
C ARG A 62 -1.23 -10.66 6.04
N GLY A 63 -1.14 -11.42 5.00
CA GLY A 63 -2.32 -12.22 4.55
C GLY A 63 -3.38 -11.27 3.95
N CYS A 64 -2.97 -10.14 3.44
CA CYS A 64 -3.96 -9.20 2.85
C CYS A 64 -4.44 -9.73 1.50
N GLU A 65 -5.64 -9.39 1.11
CA GLU A 65 -6.17 -9.88 -0.19
C GLU A 65 -5.63 -8.98 -1.30
N VAL A 66 -4.79 -9.50 -2.15
CA VAL A 66 -4.22 -8.68 -3.26
C VAL A 66 -4.90 -9.02 -4.59
N THR A 67 -5.49 -8.05 -5.22
CA THR A 67 -6.17 -8.28 -6.53
C THR A 67 -5.93 -7.06 -7.43
N PRO A 68 -4.95 -7.12 -8.31
CA PRO A 68 -4.64 -5.99 -9.24
C PRO A 68 -5.43 -6.04 -10.54
N ASP A 69 -5.81 -4.90 -11.07
CA ASP A 69 -6.58 -4.89 -12.36
C ASP A 69 -6.32 -3.57 -13.08
N VAL A 70 -5.75 -3.61 -14.26
CA VAL A 70 -5.47 -2.34 -14.99
C VAL A 70 -5.61 -2.49 -16.50
N ASN A 71 -6.21 -1.51 -17.12
CA ASN A 71 -6.38 -1.53 -18.61
C ASN A 71 -5.38 -0.51 -19.19
N ILE A 72 -4.25 -0.96 -19.64
CA ILE A 72 -3.24 -0.01 -20.18
C ILE A 72 -3.87 0.92 -21.22
N SER A 73 -4.75 0.44 -22.03
CA SER A 73 -5.37 1.34 -23.06
C SER A 73 -5.86 2.61 -22.37
N GLY A 74 -6.17 2.52 -21.11
CA GLY A 74 -6.65 3.71 -20.33
C GLY A 74 -5.74 3.92 -19.13
N GLN A 75 -4.65 3.23 -19.08
CA GLN A 75 -3.67 3.39 -17.97
C GLN A 75 -4.40 3.55 -16.63
N LYS A 76 -5.41 2.75 -16.41
CA LYS A 76 -6.18 2.83 -15.14
C LYS A 76 -5.60 1.86 -14.11
N PHE A 77 -4.56 2.24 -13.42
CA PHE A 77 -3.98 1.29 -12.42
C PHE A 77 -4.86 1.29 -11.15
N ASN A 78 -5.71 0.28 -11.00
CA ASN A 78 -6.63 0.20 -9.81
C ASN A 78 -6.51 -1.16 -9.10
N ILE A 79 -5.98 -1.18 -7.89
CA ILE A 79 -5.85 -2.47 -7.13
C ILE A 79 -6.93 -2.53 -6.06
N LYS A 80 -7.54 -3.68 -5.88
CA LYS A 80 -8.59 -3.83 -4.85
C LYS A 80 -7.94 -4.46 -3.62
N LEU A 81 -7.54 -3.66 -2.67
CA LEU A 81 -6.90 -4.22 -1.45
C LEU A 81 -8.00 -4.49 -0.41
N LEU A 82 -8.09 -5.71 0.07
CA LEU A 82 -9.14 -6.05 1.08
C LEU A 82 -8.49 -6.95 2.14
N ILE A 83 -8.89 -6.80 3.37
CA ILE A 83 -8.31 -7.64 4.46
C ILE A 83 -9.40 -7.99 5.49
N PRO A 84 -9.51 -9.23 5.91
CA PRO A 84 -10.53 -9.62 6.92
C PRO A 84 -10.11 -9.13 8.32
N VAL A 85 -10.99 -8.50 9.05
CA VAL A 85 -10.60 -7.97 10.40
C VAL A 85 -11.75 -8.14 11.40
N ALA A 86 -11.56 -7.66 12.60
CA ALA A 86 -12.62 -7.79 13.64
C ALA A 86 -13.88 -7.04 13.22
N GLU A 87 -13.74 -5.86 12.68
CA GLU A 87 -14.93 -5.09 12.25
C GLU A 87 -15.69 -5.90 11.19
N GLY A 88 -14.97 -6.67 10.42
CA GLY A 88 -15.63 -7.50 9.35
C GLY A 88 -14.70 -7.62 8.15
N MET A 89 -14.66 -6.60 7.31
CA MET A 89 -13.79 -6.65 6.11
C MET A 89 -13.37 -5.22 5.78
N ASN A 90 -12.09 -4.99 5.64
CA ASN A 90 -11.62 -3.60 5.34
C ASN A 90 -11.59 -3.39 3.82
N GLU A 91 -12.62 -2.81 3.28
CA GLU A 91 -12.64 -2.55 1.83
C GLU A 91 -11.75 -1.34 1.55
N ILE A 92 -10.70 -1.52 0.79
CA ILE A 92 -9.77 -0.38 0.50
C ILE A 92 -9.56 -0.24 -1.02
N TRP A 93 -9.71 0.96 -1.52
CA TRP A 93 -9.53 1.21 -2.99
C TRP A 93 -8.53 2.37 -3.16
N LEU A 94 -7.36 2.07 -3.67
CA LEU A 94 -6.35 3.17 -3.87
C LEU A 94 -6.56 3.80 -5.25
N ARG A 95 -6.34 5.09 -5.38
CA ARG A 95 -6.56 5.73 -6.72
C ARG A 95 -5.33 5.53 -7.60
N CYS A 96 -5.50 5.67 -8.89
CA CYS A 96 -4.38 5.49 -9.86
C CYS A 96 -3.49 6.74 -9.84
N ASP A 97 -2.25 6.59 -10.22
CA ASP A 97 -1.32 7.76 -10.23
C ASP A 97 -0.30 7.60 -11.37
N ASN A 98 0.26 6.43 -11.52
CA ASN A 98 1.26 6.21 -12.61
C ASN A 98 1.77 4.77 -12.53
N GLU A 99 2.23 4.24 -13.63
CA GLU A 99 2.74 2.83 -13.62
C GLU A 99 3.82 2.66 -12.54
N LYS A 100 4.73 3.60 -12.44
CA LYS A 100 5.80 3.46 -11.40
C LYS A 100 5.18 3.23 -10.04
N GLN A 101 4.06 3.85 -9.77
CA GLN A 101 3.41 3.67 -8.45
C GLN A 101 3.05 2.18 -8.25
N TYR A 102 2.32 1.60 -9.16
CA TYR A 102 1.95 0.15 -9.01
C TYR A 102 3.18 -0.67 -8.59
N ALA A 103 4.22 -0.62 -9.36
CA ALA A 103 5.43 -1.42 -9.04
C ALA A 103 5.75 -1.40 -7.53
N HIS A 104 5.44 -0.34 -6.83
CA HIS A 104 5.77 -0.30 -5.37
C HIS A 104 4.71 -1.02 -4.53
N TRP A 105 3.49 -0.57 -4.52
CA TRP A 105 2.45 -1.23 -3.67
C TRP A 105 2.06 -2.61 -4.21
N MET A 106 1.57 -2.70 -5.43
CA MET A 106 1.17 -4.04 -5.96
C MET A 106 2.27 -5.07 -5.64
N ALA A 107 3.50 -4.76 -5.91
CA ALA A 107 4.59 -5.74 -5.60
C ALA A 107 4.66 -5.92 -4.08
N ALA A 108 4.56 -4.85 -3.35
CA ALA A 108 4.63 -4.95 -1.86
C ALA A 108 3.47 -5.80 -1.34
N CYS A 109 2.27 -5.54 -1.78
CA CYS A 109 1.11 -6.33 -1.30
C CYS A 109 1.35 -7.82 -1.57
N ARG A 110 1.84 -8.16 -2.73
CA ARG A 110 2.08 -9.60 -3.04
C ARG A 110 3.08 -10.18 -2.04
N LEU A 111 4.28 -9.66 -2.02
CA LEU A 111 5.28 -10.19 -1.06
C LEU A 111 4.79 -9.94 0.37
N ALA A 112 4.16 -8.83 0.64
CA ALA A 112 3.64 -8.59 2.03
C ALA A 112 2.93 -9.85 2.49
N SER A 113 2.55 -10.69 1.56
CA SER A 113 1.85 -11.96 1.91
C SER A 113 2.89 -13.00 2.32
N LYS A 114 4.09 -12.91 1.80
CA LYS A 114 5.12 -13.91 2.19
C LYS A 114 5.43 -13.73 3.67
N GLY A 115 4.78 -12.79 4.30
CA GLY A 115 4.98 -12.59 5.78
C GLY A 115 6.09 -11.57 6.06
N LYS A 116 6.87 -11.20 5.07
CA LYS A 116 7.97 -10.21 5.32
C LYS A 116 7.99 -9.18 4.19
N THR A 117 8.63 -8.06 4.40
CA THR A 117 8.70 -7.00 3.34
C THR A 117 10.17 -6.85 2.90
N MET A 118 10.44 -6.03 1.92
CA MET A 118 11.85 -5.86 1.47
C MET A 118 12.38 -7.23 1.03
N ALA A 119 11.55 -8.04 0.44
CA ALA A 119 12.01 -9.39 0.00
C ALA A 119 13.17 -9.23 -0.98
N ASP A 120 13.15 -8.18 -1.76
CA ASP A 120 14.24 -7.93 -2.74
C ASP A 120 14.27 -9.06 -3.77
N SER A 121 14.66 -10.24 -3.37
CA SER A 121 14.73 -11.37 -4.33
C SER A 121 13.45 -11.46 -5.16
N SER A 122 12.32 -11.59 -4.53
CA SER A 122 11.04 -11.69 -5.29
C SER A 122 10.57 -10.30 -5.73
N TYR A 123 10.73 -9.31 -4.90
CA TYR A 123 10.27 -7.94 -5.25
C TYR A 123 10.66 -7.59 -6.70
N ASN A 124 11.91 -7.73 -7.04
CA ASN A 124 12.37 -7.40 -8.42
C ASN A 124 11.53 -8.15 -9.47
N LEU A 125 11.40 -9.43 -9.32
CA LEU A 125 10.63 -10.23 -10.32
C LEU A 125 9.20 -9.69 -10.43
N GLU A 126 8.69 -9.08 -9.40
CA GLU A 126 7.30 -8.54 -9.45
C GLU A 126 7.24 -7.31 -10.35
N VAL A 127 8.01 -6.32 -10.04
CA VAL A 127 7.99 -5.07 -10.88
C VAL A 127 8.44 -5.39 -12.30
N GLN A 128 9.34 -6.31 -12.43
CA GLN A 128 9.83 -6.68 -13.79
C GLN A 128 8.70 -7.38 -14.55
N ASN A 129 7.70 -7.83 -13.87
CA ASN A 129 6.59 -8.56 -14.56
C ASN A 129 5.59 -7.58 -15.19
N ILE A 130 5.21 -6.56 -14.48
CA ILE A 130 4.21 -5.59 -15.05
C ILE A 130 4.88 -4.73 -16.13
N LEU A 131 5.98 -4.11 -15.80
CA LEU A 131 6.69 -3.24 -16.79
C LEU A 131 6.82 -4.02 -18.11
N SER A 132 7.17 -5.28 -18.03
CA SER A 132 7.33 -6.09 -19.26
C SER A 132 5.94 -6.38 -19.85
N PHE A 133 4.92 -6.36 -19.05
CA PHE A 133 3.55 -6.66 -19.55
C PHE A 133 3.00 -5.42 -20.28
N LEU A 134 2.96 -4.31 -19.62
CA LEU A 134 2.42 -3.10 -20.27
C LEU A 134 3.31 -2.69 -21.44
N LYS A 135 4.50 -3.21 -21.50
CA LYS A 135 5.41 -2.87 -22.62
C LYS A 135 5.14 -3.81 -23.78
N MET A 136 4.33 -4.83 -23.57
CA MET A 136 4.03 -5.81 -24.66
C MET A 136 2.52 -6.00 -24.84
N GLN A 137 1.71 -5.33 -24.07
CA GLN A 137 0.23 -5.50 -24.23
C GLN A 137 -0.17 -5.07 -25.65
N HIS A 138 0.05 -3.83 -25.98
CA HIS A 138 -0.33 -3.35 -27.35
C HIS A 138 0.45 -2.05 -27.64
C1 4IP B . -10.47 9.34 7.81
O1 4IP B . -11.66 10.08 7.53
C2 4IP B . -10.26 8.33 6.68
O2 4IP B . -11.41 7.48 6.57
C3 4IP B . -9.03 7.46 6.95
O3 4IP B . -8.86 6.51 5.90
C4 4IP B . -9.19 6.72 8.27
O4 4IP B . -10.33 5.87 8.22
C5 4IP B . -9.38 7.74 9.41
O5 4IP B . -9.55 7.04 10.65
C6 4IP B . -10.61 8.61 9.15
O6 4IP B . -10.74 9.57 10.20
P1 4IP B . -12.19 11.20 8.57
O1P 4IP B . -11.15 12.17 8.96
O2P 4IP B . -12.82 10.40 9.81
O3P 4IP B . -13.44 11.90 7.84
P3 4IP B . -7.47 5.73 5.71
O4P 4IP B . -7.37 4.51 6.55
O5P 4IP B . -6.32 6.81 6.04
O6P 4IP B . -7.35 5.43 4.14
P4 4IP B . -10.37 4.50 9.07
O7P 4IP B . -9.75 4.65 10.41
O8P 4IP B . -9.63 3.39 8.16
O9P 4IP B . -11.92 4.06 9.14
P5 4IP B . -8.26 6.64 11.53
OPF 4IP B . -7.80 7.75 12.40
OPG 4IP B . -7.14 6.17 10.47
OPH 4IP B . -8.68 5.33 12.36
H1 4IP B . -9.63 10.00 7.86
H2 4IP B . -10.12 8.87 5.75
HO2 4IP B . -12.22 8.05 6.44
H3 4IP B . -8.17 8.10 6.99
H4 4IP B . -8.30 6.13 8.46
H5 4IP B . -8.51 8.37 9.47
H6 4IP B . -11.49 7.97 9.13
HO6 4IP B . -9.90 10.09 10.28
N GLY A 1 2.92 4.71 21.42
CA GLY A 1 3.70 5.50 20.38
C GLY A 1 5.11 5.90 20.67
N SER A 2 5.64 6.82 19.93
CA SER A 2 7.04 7.26 20.17
C SER A 2 7.34 8.51 19.32
N HIS A 3 7.82 8.33 18.13
CA HIS A 3 8.13 9.50 17.26
C HIS A 3 8.14 9.07 15.80
N MET A 4 9.21 9.36 15.09
CA MET A 4 9.28 8.96 13.66
C MET A 4 9.80 7.53 13.55
N GLY A 5 9.92 7.03 12.35
CA GLY A 5 10.42 5.64 12.17
C GLY A 5 10.97 5.48 10.75
N ASP A 6 12.14 6.02 10.50
CA ASP A 6 12.74 5.90 9.13
C ASP A 6 14.26 5.86 9.25
N ILE A 7 14.76 5.82 10.45
CA ILE A 7 16.25 5.76 10.64
C ILE A 7 16.70 4.31 10.44
N THR A 8 15.89 3.37 10.83
CA THR A 8 16.24 1.92 10.68
C THR A 8 15.38 1.32 9.57
N SER A 9 14.52 0.42 9.91
CA SER A 9 13.63 -0.21 8.90
C SER A 9 14.48 -0.89 7.82
N ILE A 10 14.93 -2.09 8.06
CA ILE A 10 15.77 -2.78 7.03
C ILE A 10 15.00 -2.87 5.71
N PRO A 11 13.72 -3.17 5.76
CA PRO A 11 12.87 -3.28 4.55
C PRO A 11 12.03 -2.02 4.34
N GLU A 12 12.52 -1.06 3.61
CA GLU A 12 11.75 0.20 3.40
C GLU A 12 10.95 0.15 2.07
N LEU A 13 9.67 0.33 2.16
CA LEU A 13 8.79 0.34 0.95
C LEU A 13 7.65 1.32 1.24
N ALA A 14 7.63 2.45 0.60
CA ALA A 14 6.55 3.44 0.87
C ALA A 14 6.31 4.32 -0.36
N ASP A 15 5.22 5.02 -0.39
CA ASP A 15 4.90 5.89 -1.55
C ASP A 15 3.80 6.88 -1.18
N TYR A 16 3.58 7.87 -2.00
CA TYR A 16 2.52 8.89 -1.72
C TYR A 16 1.23 8.36 -2.34
N ILE A 17 0.12 8.47 -1.66
CA ILE A 17 -1.14 7.90 -2.23
C ILE A 17 -2.35 8.74 -1.83
N LYS A 18 -3.29 8.87 -2.75
CA LYS A 18 -4.56 9.63 -2.49
C LYS A 18 -5.70 8.63 -2.62
N VAL A 19 -6.47 8.44 -1.58
CA VAL A 19 -7.59 7.45 -1.65
C VAL A 19 -8.82 8.02 -0.96
N PHE A 20 -9.98 7.63 -1.43
CA PHE A 20 -11.25 8.09 -0.79
C PHE A 20 -11.86 6.86 -0.09
N LYS A 21 -12.77 7.05 0.84
CA LYS A 21 -13.34 5.87 1.56
C LYS A 21 -14.87 6.01 1.74
N PRO A 22 -15.68 5.07 1.27
CA PRO A 22 -17.13 5.14 1.51
C PRO A 22 -17.35 5.23 3.01
N LYS A 23 -16.64 4.41 3.75
CA LYS A 23 -16.71 4.46 5.21
C LYS A 23 -18.03 3.89 5.73
N LYS A 24 -17.90 3.14 6.77
CA LYS A 24 -19.05 2.51 7.46
C LYS A 24 -20.09 3.60 7.78
N LEU A 25 -19.65 4.69 8.37
CA LEU A 25 -20.59 5.82 8.70
C LEU A 25 -20.42 6.94 7.66
N THR A 26 -19.35 7.72 7.79
CA THR A 26 -19.07 8.85 6.81
C THR A 26 -18.32 9.97 7.55
N LEU A 27 -17.10 10.26 7.15
CA LEU A 27 -16.31 11.36 7.81
C LEU A 27 -15.75 12.29 6.74
N LYS A 28 -14.68 11.88 6.08
CA LYS A 28 -14.08 12.74 4.99
C LYS A 28 -13.92 11.89 3.72
N GLY A 29 -12.96 11.00 3.71
CA GLY A 29 -12.72 10.14 2.50
C GLY A 29 -11.51 10.67 1.75
N TYR A 30 -11.70 11.59 0.85
CA TYR A 30 -10.54 12.15 0.09
C TYR A 30 -9.40 12.47 1.08
N LYS A 31 -8.38 11.68 1.06
CA LYS A 31 -7.24 11.93 2.01
C LYS A 31 -5.95 11.32 1.47
N GLN A 32 -4.87 12.02 1.65
CA GLN A 32 -3.55 11.51 1.22
C GLN A 32 -3.01 10.61 2.33
N TYR A 33 -2.63 9.39 2.02
CA TYR A 33 -2.13 8.47 3.10
C TYR A 33 -0.89 7.73 2.64
N TRP A 34 0.16 7.78 3.43
CA TRP A 34 1.43 7.08 3.05
C TRP A 34 1.82 6.09 4.14
N CYS A 35 1.73 4.81 3.86
CA CYS A 35 2.12 3.79 4.88
C CYS A 35 3.59 3.45 4.65
N THR A 36 4.23 2.80 5.60
CA THR A 36 5.67 2.45 5.42
C THR A 36 5.94 1.09 6.08
N PHE A 37 6.60 0.21 5.40
CA PHE A 37 6.90 -1.13 5.99
C PHE A 37 8.24 -1.04 6.71
N LYS A 38 8.32 -1.58 7.90
CA LYS A 38 9.59 -1.53 8.69
C LYS A 38 9.75 -2.84 9.44
N ASP A 39 10.92 -3.42 9.41
CA ASP A 39 11.14 -4.70 10.13
C ASP A 39 10.07 -5.71 9.71
N THR A 40 9.02 -5.81 10.48
CA THR A 40 7.93 -6.77 10.15
C THR A 40 6.58 -6.21 10.60
N SER A 41 6.51 -4.91 10.77
CA SER A 41 5.23 -4.27 11.21
C SER A 41 5.02 -2.98 10.39
N ILE A 42 3.79 -2.69 10.06
CA ILE A 42 3.47 -1.47 9.27
C ILE A 42 3.17 -0.31 10.24
N SER A 43 3.31 0.90 9.76
CA SER A 43 3.02 2.10 10.61
C SER A 43 2.20 3.09 9.78
N CYS A 44 1.05 3.47 10.25
CA CYS A 44 0.20 4.42 9.48
C CYS A 44 0.61 5.86 9.77
N TYR A 45 0.73 6.67 8.74
CA TYR A 45 1.09 8.11 8.94
C TYR A 45 0.43 8.92 7.83
N LYS A 46 -0.29 9.96 8.18
CA LYS A 46 -0.98 10.78 7.13
C LYS A 46 -0.06 11.94 6.72
N SER A 47 0.44 12.67 7.71
CA SER A 47 1.37 13.84 7.48
C SER A 47 1.01 14.95 8.47
N LYS A 48 1.15 16.20 8.10
CA LYS A 48 0.81 17.30 9.05
C LYS A 48 -0.68 17.26 9.39
N GLU A 49 -1.48 16.72 8.53
CA GLU A 49 -2.94 16.65 8.80
C GLU A 49 -3.18 16.09 10.21
N GLU A 50 -2.34 15.22 10.65
CA GLU A 50 -2.52 14.61 12.01
C GLU A 50 -2.54 15.71 13.07
N SER A 51 -2.25 16.93 12.71
CA SER A 51 -2.25 18.04 13.72
C SER A 51 -3.54 17.98 14.53
N SER A 52 -4.55 17.33 14.02
CA SER A 52 -5.85 17.24 14.74
C SER A 52 -6.39 15.82 14.64
N GLY A 53 -5.53 14.87 14.38
CA GLY A 53 -6.00 13.46 14.26
C GLY A 53 -4.81 12.51 14.43
N THR A 54 -4.98 11.43 15.14
CA THR A 54 -3.86 10.46 15.33
C THR A 54 -3.98 9.35 14.28
N PRO A 55 -2.89 8.94 13.65
CA PRO A 55 -2.93 7.87 12.62
C PRO A 55 -3.87 6.72 13.00
N ALA A 56 -4.20 5.87 12.08
CA ALA A 56 -5.11 4.75 12.40
C ALA A 56 -4.47 3.86 13.46
N HIS A 57 -3.34 3.27 13.15
CA HIS A 57 -2.67 2.39 14.16
C HIS A 57 -1.32 1.92 13.62
N GLN A 58 -0.61 1.16 14.42
CA GLN A 58 0.72 0.62 14.00
C GLN A 58 0.69 -0.90 14.22
N MET A 59 0.73 -1.67 13.17
CA MET A 59 0.69 -3.15 13.36
C MET A 59 0.99 -3.86 12.04
N ASN A 60 1.20 -5.14 12.10
CA ASN A 60 1.49 -5.91 10.85
C ASN A 60 0.19 -6.31 10.16
N LEU A 61 -0.14 -5.65 9.08
CA LEU A 61 -1.39 -5.99 8.34
C LEU A 61 -1.14 -7.22 7.48
N ARG A 62 0.02 -7.83 7.62
CA ARG A 62 0.38 -9.05 6.82
C ARG A 62 -0.87 -9.91 6.56
N GLY A 63 -0.98 -10.43 5.38
CA GLY A 63 -2.17 -11.28 5.03
C GLY A 63 -3.16 -10.46 4.19
N CYS A 64 -2.70 -9.36 3.63
CA CYS A 64 -3.62 -8.54 2.81
C CYS A 64 -3.89 -9.25 1.49
N GLU A 65 -4.88 -8.81 0.75
CA GLU A 65 -5.19 -9.46 -0.56
C GLU A 65 -4.73 -8.53 -1.69
N VAL A 66 -4.20 -9.09 -2.73
CA VAL A 66 -3.71 -8.27 -3.89
C VAL A 66 -4.55 -8.57 -5.14
N THR A 67 -5.02 -7.54 -5.80
CA THR A 67 -5.82 -7.76 -7.04
C THR A 67 -5.63 -6.53 -7.95
N PRO A 68 -4.79 -6.61 -8.95
CA PRO A 68 -4.52 -5.46 -9.87
C PRO A 68 -5.55 -5.35 -11.00
N ASP A 69 -5.85 -4.14 -11.41
CA ASP A 69 -6.81 -3.94 -12.53
C ASP A 69 -6.50 -2.60 -13.20
N VAL A 70 -6.06 -2.63 -14.43
CA VAL A 70 -5.70 -1.35 -15.13
C VAL A 70 -6.27 -1.34 -16.55
N ASN A 71 -6.87 -0.24 -16.94
CA ASN A 71 -7.44 -0.13 -18.32
C ASN A 71 -6.43 0.63 -19.17
N ILE A 72 -6.01 0.07 -20.27
CA ILE A 72 -5.02 0.77 -21.12
C ILE A 72 -5.70 1.91 -21.89
N SER A 73 -7.00 1.89 -21.98
CA SER A 73 -7.69 2.98 -22.72
C SER A 73 -7.20 4.33 -22.21
N GLY A 74 -7.22 4.54 -20.92
CA GLY A 74 -6.75 5.85 -20.34
C GLY A 74 -5.58 5.61 -19.38
N GLN A 75 -4.91 4.49 -19.48
CA GLN A 75 -3.77 4.23 -18.56
C GLN A 75 -4.23 4.48 -17.12
N LYS A 76 -5.14 3.66 -16.64
CA LYS A 76 -5.68 3.85 -15.26
C LYS A 76 -5.15 2.76 -14.34
N PHE A 77 -3.93 2.86 -13.90
CA PHE A 77 -3.39 1.80 -13.00
C PHE A 77 -3.97 1.99 -11.60
N ASN A 78 -5.03 1.29 -11.29
CA ASN A 78 -5.68 1.42 -9.94
C ASN A 78 -5.41 0.19 -9.07
N ILE A 79 -4.73 0.37 -7.96
CA ILE A 79 -4.44 -0.78 -7.05
C ILE A 79 -5.71 -1.08 -6.22
N LYS A 80 -6.07 -2.34 -6.13
CA LYS A 80 -7.27 -2.74 -5.33
C LYS A 80 -6.81 -3.58 -4.15
N LEU A 81 -6.74 -3.02 -2.96
CA LEU A 81 -6.28 -3.80 -1.77
C LEU A 81 -7.50 -4.24 -0.96
N LEU A 82 -7.47 -5.44 -0.45
CA LEU A 82 -8.60 -5.95 0.39
C LEU A 82 -8.00 -6.74 1.54
N ILE A 83 -8.61 -6.71 2.69
CA ILE A 83 -8.06 -7.47 3.86
C ILE A 83 -9.21 -8.05 4.69
N PRO A 84 -9.23 -9.34 4.96
CA PRO A 84 -10.32 -9.96 5.77
C PRO A 84 -10.15 -9.70 7.27
N VAL A 85 -11.21 -9.36 7.95
CA VAL A 85 -11.11 -9.08 9.41
C VAL A 85 -12.37 -9.60 10.12
N ALA A 86 -12.42 -9.47 11.41
CA ALA A 86 -13.60 -9.97 12.17
C ALA A 86 -14.84 -9.17 11.76
N GLU A 87 -14.72 -7.89 11.59
CA GLU A 87 -15.90 -7.07 11.19
C GLU A 87 -16.41 -7.56 9.83
N GLY A 88 -15.52 -7.99 8.98
CA GLY A 88 -15.96 -8.48 7.64
C GLY A 88 -14.78 -8.40 6.67
N MET A 89 -14.69 -7.32 5.92
CA MET A 89 -13.58 -7.18 4.96
C MET A 89 -13.26 -5.69 4.79
N ASN A 90 -12.03 -5.31 4.93
CA ASN A 90 -11.68 -3.87 4.77
C ASN A 90 -11.44 -3.63 3.27
N GLU A 91 -12.43 -3.15 2.59
CA GLU A 91 -12.31 -2.92 1.12
C GLU A 91 -11.50 -1.64 0.86
N ILE A 92 -10.33 -1.77 0.28
CA ILE A 92 -9.46 -0.56 -0.01
C ILE A 92 -9.27 -0.37 -1.53
N TRP A 93 -9.09 0.87 -1.91
CA TRP A 93 -8.88 1.23 -3.35
C TRP A 93 -7.93 2.46 -3.42
N LEU A 94 -6.80 2.34 -4.07
CA LEU A 94 -5.87 3.52 -4.14
C LEU A 94 -6.05 4.22 -5.49
N ARG A 95 -5.68 5.48 -5.60
CA ARG A 95 -5.85 6.19 -6.90
C ARG A 95 -4.68 5.86 -7.83
N CYS A 96 -4.89 6.01 -9.11
CA CYS A 96 -3.84 5.69 -10.12
C CYS A 96 -2.89 6.89 -10.27
N ASP A 97 -1.78 6.70 -10.96
CA ASP A 97 -0.83 7.83 -11.12
C ASP A 97 0.25 7.49 -12.17
N ASN A 98 0.64 6.24 -12.30
CA ASN A 98 1.70 5.90 -13.30
C ASN A 98 2.11 4.43 -13.16
N GLU A 99 2.67 3.85 -14.19
CA GLU A 99 3.11 2.43 -14.11
C GLU A 99 4.08 2.29 -12.93
N LYS A 100 4.71 3.38 -12.57
CA LYS A 100 5.66 3.33 -11.43
C LYS A 100 4.87 2.99 -10.16
N GLN A 101 3.84 3.75 -9.89
CA GLN A 101 3.02 3.48 -8.68
C GLN A 101 2.67 1.99 -8.61
N TYR A 102 2.20 1.42 -9.69
CA TYR A 102 1.85 -0.03 -9.66
C TYR A 102 2.97 -0.84 -9.00
N ALA A 103 4.16 -0.78 -9.55
CA ALA A 103 5.29 -1.57 -8.98
C ALA A 103 5.53 -1.22 -7.50
N HIS A 104 5.15 -0.07 -7.05
CA HIS A 104 5.40 0.29 -5.63
C HIS A 104 4.59 -0.61 -4.69
N TRP A 105 3.28 -0.58 -4.79
CA TRP A 105 2.43 -1.41 -3.89
C TRP A 105 2.04 -2.73 -4.54
N MET A 106 1.60 -2.71 -5.77
CA MET A 106 1.17 -3.98 -6.43
C MET A 106 2.20 -5.09 -6.17
N ALA A 107 3.47 -4.76 -6.16
CA ALA A 107 4.50 -5.80 -5.88
C ALA A 107 4.62 -5.99 -4.37
N ALA A 108 4.76 -4.90 -3.66
CA ALA A 108 4.89 -4.98 -2.17
C ALA A 108 3.69 -5.73 -1.58
N CYS A 109 2.50 -5.35 -1.94
CA CYS A 109 1.31 -6.05 -1.39
C CYS A 109 1.48 -7.55 -1.57
N ARG A 110 2.13 -7.95 -2.62
CA ARG A 110 2.37 -9.41 -2.85
C ARG A 110 3.36 -9.89 -1.80
N LEU A 111 4.47 -9.20 -1.68
CA LEU A 111 5.48 -9.61 -0.66
C LEU A 111 4.77 -9.74 0.68
N ALA A 112 3.71 -9.02 0.86
CA ALA A 112 2.95 -9.11 2.13
C ALA A 112 2.63 -10.58 2.37
N SER A 113 2.30 -11.27 1.31
CA SER A 113 1.99 -12.72 1.42
C SER A 113 3.10 -13.41 2.24
N LYS A 114 4.33 -13.25 1.86
CA LYS A 114 5.43 -13.88 2.65
C LYS A 114 5.66 -13.08 3.92
N GLY A 115 4.78 -12.15 4.21
CA GLY A 115 4.92 -11.34 5.45
C GLY A 115 6.09 -10.37 5.31
N LYS A 116 7.13 -10.77 4.62
CA LYS A 116 8.31 -9.88 4.46
C LYS A 116 8.03 -8.90 3.32
N THR A 117 8.71 -7.79 3.33
CA THR A 117 8.56 -6.76 2.26
C THR A 117 9.95 -6.24 1.92
N MET A 118 10.12 -5.61 0.78
CA MET A 118 11.46 -5.08 0.41
C MET A 118 12.53 -6.12 0.79
N ALA A 119 12.22 -7.37 0.58
CA ALA A 119 13.21 -8.42 0.94
C ALA A 119 14.51 -8.15 0.20
N ASP A 120 14.45 -8.12 -1.11
CA ASP A 120 15.68 -7.83 -1.95
C ASP A 120 15.44 -8.38 -3.37
N SER A 121 16.00 -9.52 -3.68
CA SER A 121 15.82 -10.10 -5.05
C SER A 121 14.33 -10.25 -5.36
N SER A 122 13.57 -10.79 -4.44
CA SER A 122 12.12 -10.95 -4.69
C SER A 122 11.54 -9.62 -5.17
N TYR A 123 11.69 -8.59 -4.38
CA TYR A 123 11.16 -7.26 -4.76
C TYR A 123 11.69 -6.86 -6.14
N ASN A 124 12.81 -7.38 -6.55
CA ASN A 124 13.36 -7.01 -7.89
C ASN A 124 12.73 -7.85 -9.00
N LEU A 125 12.55 -9.12 -8.77
CA LEU A 125 11.98 -10.00 -9.82
C LEU A 125 10.46 -9.78 -9.95
N GLU A 126 9.83 -9.24 -8.95
CA GLU A 126 8.36 -9.02 -9.04
C GLU A 126 8.06 -7.79 -9.90
N VAL A 127 8.77 -6.72 -9.70
CA VAL A 127 8.51 -5.49 -10.51
C VAL A 127 8.93 -5.75 -11.95
N GLN A 128 9.95 -6.53 -12.10
CA GLN A 128 10.43 -6.85 -13.47
C GLN A 128 9.37 -7.68 -14.18
N ASN A 129 8.48 -8.27 -13.43
CA ASN A 129 7.42 -9.12 -14.05
C ASN A 129 6.25 -8.27 -14.57
N ILE A 130 5.77 -7.32 -13.79
CA ILE A 130 4.63 -6.49 -14.27
C ILE A 130 5.06 -5.67 -15.49
N LEU A 131 6.15 -4.96 -15.39
CA LEU A 131 6.63 -4.12 -16.54
C LEU A 131 6.40 -4.84 -17.87
N SER A 132 6.78 -6.09 -17.96
CA SER A 132 6.59 -6.84 -19.23
C SER A 132 5.12 -7.22 -19.43
N PHE A 133 4.41 -7.49 -18.37
CA PHE A 133 2.97 -7.88 -18.51
C PHE A 133 2.09 -6.63 -18.55
N LEU A 134 2.58 -5.53 -18.07
CA LEU A 134 1.75 -4.30 -18.07
C LEU A 134 1.39 -3.94 -19.52
N LYS A 135 2.30 -4.12 -20.44
CA LYS A 135 2.01 -3.79 -21.86
C LYS A 135 1.24 -4.95 -22.49
N MET A 136 1.53 -6.14 -22.05
CA MET A 136 0.82 -7.35 -22.60
C MET A 136 -0.30 -7.77 -21.65
N GLN A 137 -0.69 -6.91 -20.75
CA GLN A 137 -1.77 -7.28 -19.79
C GLN A 137 -3.05 -7.61 -20.57
N HIS A 138 -3.31 -6.87 -21.63
CA HIS A 138 -4.53 -7.14 -22.43
C HIS A 138 -4.37 -6.52 -23.82
C1 4IP B . -10.38 8.36 8.44
O1 4IP B . -11.52 8.95 7.80
C2 4IP B . -9.73 7.34 7.50
O2 4IP B . -10.69 6.36 7.10
C3 4IP B . -8.56 6.63 8.21
O3 4IP B . -8.01 5.64 7.33
C4 4IP B . -9.05 5.95 9.49
O4 4IP B . -10.02 4.96 9.16
C5 4IP B . -9.68 6.99 10.42
O5 4IP B . -10.15 6.35 11.61
C6 4IP B . -10.85 7.68 9.72
O6 4IP B . -11.40 8.67 10.60
P1 4IP B . -11.54 9.29 6.21
O1P 4IP B . -10.54 10.31 5.83
O2P 4IP B . -13.05 9.74 5.88
O3P 4IP B . -11.32 7.88 5.45
P3 4IP B . -6.42 5.57 7.07
O4P 4IP B . -5.99 6.38 5.91
O5P 4IP B . -6.06 4.01 6.92
O6P 4IP B . -5.72 6.04 8.45
P4 4IP B . -9.57 3.43 8.91
O7P 4IP B . -10.43 2.74 7.92
O8P 4IP B . -9.57 2.73 10.35
O9P 4IP B . -8.03 3.50 8.45
P5 4IP B . -9.77 6.93 13.07
OPF 4IP B . -8.51 6.37 13.60
OPG 4IP B . -11.04 6.63 14.01
OPH 4IP B . -9.71 8.54 12.90
H1 4IP B . -9.67 9.14 8.68
H2 4IP B . -9.34 7.85 6.63
HO2 4IP B . -10.25 5.69 6.50
H3 4IP B . -7.81 7.37 8.46
H4 4IP B . -8.20 5.49 9.98
H5 4IP B . -8.93 7.73 10.68
H6 4IP B . -11.60 6.95 9.49
HO6 4IP B . -10.73 9.40 10.76
N GLY A 1 16.40 -0.09 29.35
CA GLY A 1 15.03 -0.73 29.09
C GLY A 1 13.97 0.06 28.41
N SER A 2 14.32 1.19 27.85
CA SER A 2 13.30 2.03 27.16
C SER A 2 13.99 2.89 26.11
N HIS A 3 15.17 2.51 25.70
CA HIS A 3 15.91 3.32 24.67
C HIS A 3 16.91 2.41 23.95
N MET A 4 18.04 2.94 23.55
CA MET A 4 19.04 2.11 22.84
C MET A 4 18.36 1.29 21.74
N GLY A 5 18.24 1.84 20.55
CA GLY A 5 17.58 1.09 19.46
C GLY A 5 18.09 1.61 18.11
N ASP A 6 17.89 0.85 17.06
CA ASP A 6 18.36 1.30 15.72
C ASP A 6 17.36 2.27 15.11
N ILE A 7 17.64 2.78 13.94
CA ILE A 7 16.71 3.75 13.29
C ILE A 7 15.32 3.11 13.20
N THR A 8 15.25 1.82 13.29
CA THR A 8 13.95 1.10 13.19
C THR A 8 13.46 1.16 11.74
N SER A 9 12.45 0.41 11.44
CA SER A 9 11.93 0.39 10.05
C SER A 9 13.07 0.19 9.05
N ILE A 10 13.86 -0.83 9.23
CA ILE A 10 14.99 -1.07 8.28
C ILE A 10 14.44 -1.24 6.85
N PRO A 11 13.34 -1.94 6.69
CA PRO A 11 12.72 -2.17 5.36
C PRO A 11 11.56 -1.20 5.12
N GLU A 12 11.86 0.01 4.73
CA GLU A 12 10.78 1.01 4.51
C GLU A 12 10.21 0.89 3.09
N LEU A 13 8.90 0.96 2.98
CA LEU A 13 8.24 0.89 1.65
C LEU A 13 7.13 1.94 1.66
N ALA A 14 7.27 2.99 0.89
CA ALA A 14 6.24 4.05 0.90
C ALA A 14 6.20 4.80 -0.43
N ASP A 15 5.09 5.41 -0.73
CA ASP A 15 4.97 6.18 -2.00
C ASP A 15 3.75 7.10 -1.93
N TYR A 16 3.64 8.00 -2.87
CA TYR A 16 2.47 8.93 -2.87
C TYR A 16 1.28 8.20 -3.50
N ILE A 17 0.13 8.23 -2.87
CA ILE A 17 -1.04 7.49 -3.44
C ILE A 17 -2.33 8.28 -3.20
N LYS A 18 -3.38 7.92 -3.91
CA LYS A 18 -4.68 8.63 -3.76
C LYS A 18 -5.79 7.58 -3.79
N VAL A 19 -6.76 7.68 -2.90
CA VAL A 19 -7.87 6.67 -2.88
C VAL A 19 -9.22 7.36 -2.66
N PHE A 20 -10.27 6.72 -3.11
CA PHE A 20 -11.65 7.26 -2.91
C PHE A 20 -12.44 6.15 -2.19
N LYS A 21 -12.57 6.26 -0.91
CA LYS A 21 -13.29 5.21 -0.14
C LYS A 21 -14.77 5.17 -0.54
N PRO A 22 -15.36 4.00 -0.65
CA PRO A 22 -16.81 3.89 -1.01
C PRO A 22 -17.68 4.46 0.12
N LYS A 23 -17.04 4.86 1.19
CA LYS A 23 -17.76 5.47 2.35
C LYS A 23 -18.68 4.47 3.05
N LYS A 24 -18.44 4.21 4.31
CA LYS A 24 -19.36 3.31 5.07
C LYS A 24 -20.47 4.21 5.61
N LEU A 25 -20.08 5.23 6.34
CA LEU A 25 -21.07 6.20 6.89
C LEU A 25 -21.21 7.33 5.86
N THR A 26 -20.22 8.20 5.77
CA THR A 26 -20.23 9.33 4.78
C THR A 26 -19.32 10.46 5.29
N LEU A 27 -18.03 10.24 5.37
CA LEU A 27 -17.11 11.33 5.83
C LEU A 27 -16.69 12.16 4.60
N LYS A 28 -15.52 11.95 4.04
CA LYS A 28 -15.12 12.74 2.82
C LYS A 28 -14.20 11.91 1.90
N GLY A 29 -13.39 11.05 2.44
CA GLY A 29 -12.48 10.23 1.57
C GLY A 29 -11.77 11.14 0.57
N TYR A 30 -11.31 10.58 -0.53
CA TYR A 30 -10.58 11.40 -1.55
C TYR A 30 -9.48 12.22 -0.85
N LYS A 31 -8.34 11.62 -0.70
CA LYS A 31 -7.20 12.32 -0.04
C LYS A 31 -5.89 11.66 -0.46
N GLN A 32 -4.83 11.95 0.24
CA GLN A 32 -3.49 11.37 -0.12
C GLN A 32 -2.93 10.54 1.05
N TYR A 33 -2.93 9.24 0.91
CA TYR A 33 -2.40 8.36 1.99
C TYR A 33 -0.92 8.04 1.71
N TRP A 34 -0.07 8.30 2.66
CA TRP A 34 1.38 7.94 2.52
C TRP A 34 1.71 7.02 3.69
N CYS A 35 1.64 5.73 3.48
CA CYS A 35 1.93 4.77 4.59
C CYS A 35 3.39 4.33 4.55
N THR A 36 3.87 3.77 5.63
CA THR A 36 5.29 3.30 5.67
C THR A 36 5.34 1.97 6.42
N PHE A 37 6.03 0.99 5.88
CA PHE A 37 6.09 -0.34 6.56
C PHE A 37 7.29 -0.37 7.53
N LYS A 38 7.03 -0.25 8.81
CA LYS A 38 8.15 -0.28 9.79
C LYS A 38 8.54 -1.72 10.09
N ASP A 39 9.44 -1.91 11.03
CA ASP A 39 9.91 -3.27 11.42
C ASP A 39 8.79 -4.30 11.28
N THR A 40 7.68 -4.08 11.93
CA THR A 40 6.55 -5.06 11.84
C THR A 40 5.22 -4.32 11.92
N SER A 41 5.22 -3.09 12.37
CA SER A 41 3.94 -2.32 12.48
C SER A 41 3.89 -1.19 11.46
N ILE A 42 2.70 -0.80 11.08
CA ILE A 42 2.52 0.28 10.07
C ILE A 42 1.93 1.54 10.72
N SER A 43 2.22 2.70 10.17
CA SER A 43 1.66 3.98 10.70
C SER A 43 0.83 4.61 9.57
N CYS A 44 -0.15 5.44 9.89
CA CYS A 44 -0.99 6.04 8.81
C CYS A 44 -1.37 7.49 9.14
N TYR A 45 -0.95 8.41 8.31
CA TYR A 45 -1.29 9.86 8.53
C TYR A 45 -1.73 10.45 7.17
N LYS A 46 -2.86 11.09 7.14
CA LYS A 46 -3.37 11.69 5.86
C LYS A 46 -3.03 13.16 5.79
N SER A 47 -2.21 13.65 6.70
CA SER A 47 -1.86 15.10 6.67
C SER A 47 -0.50 15.32 7.34
N LYS A 48 0.14 16.41 7.05
CA LYS A 48 1.46 16.70 7.67
C LYS A 48 1.26 17.19 9.10
N GLU A 49 0.03 17.39 9.49
CA GLU A 49 -0.24 17.88 10.88
C GLU A 49 -0.13 16.71 11.86
N GLU A 50 -0.59 15.54 11.47
CA GLU A 50 -0.51 14.36 12.38
C GLU A 50 0.88 13.74 12.28
N SER A 51 1.62 14.09 11.26
CA SER A 51 2.99 13.52 11.09
C SER A 51 3.73 13.56 12.42
N SER A 52 3.28 14.41 13.33
CA SER A 52 3.93 14.52 14.67
C SER A 52 2.88 14.32 15.76
N GLY A 53 1.63 14.34 15.41
CA GLY A 53 0.55 14.15 16.43
C GLY A 53 0.26 12.67 16.54
N THR A 54 -0.94 12.26 16.22
CA THR A 54 -1.32 10.81 16.32
C THR A 54 -1.89 10.36 14.95
N PRO A 55 -1.38 9.30 14.35
CA PRO A 55 -1.91 8.83 13.04
C PRO A 55 -3.33 8.29 13.19
N ALA A 56 -4.09 8.27 12.12
CA ALA A 56 -5.49 7.76 12.21
C ALA A 56 -5.47 6.32 12.72
N HIS A 57 -4.50 5.54 12.31
CA HIS A 57 -4.44 4.13 12.78
C HIS A 57 -3.01 3.60 12.60
N GLN A 58 -2.40 3.13 13.66
CA GLN A 58 -1.01 2.59 13.58
C GLN A 58 -0.98 1.17 14.13
N MET A 59 -0.74 0.19 13.29
CA MET A 59 -0.70 -1.20 13.78
C MET A 59 -0.24 -2.13 12.66
N ASN A 60 0.08 -3.35 12.99
CA ASN A 60 0.53 -4.32 11.95
C ASN A 60 -0.68 -4.89 11.23
N LEU A 61 -1.06 -4.31 10.11
CA LEU A 61 -2.23 -4.85 9.38
C LEU A 61 -1.94 -6.30 9.05
N ARG A 62 -0.86 -6.55 8.34
CA ARG A 62 -0.46 -7.94 7.98
C ARG A 62 -1.62 -8.70 7.31
N GLY A 63 -1.31 -9.55 6.37
CA GLY A 63 -2.37 -10.35 5.69
C GLY A 63 -3.18 -9.48 4.71
N CYS A 64 -2.70 -8.33 4.36
CA CYS A 64 -3.47 -7.48 3.41
C CYS A 64 -3.74 -8.28 2.13
N GLU A 65 -4.95 -8.25 1.65
CA GLU A 65 -5.26 -9.02 0.41
C GLU A 65 -4.84 -8.19 -0.80
N VAL A 66 -4.75 -8.82 -1.93
CA VAL A 66 -4.32 -8.08 -3.16
C VAL A 66 -4.91 -8.75 -4.40
N THR A 67 -5.48 -7.97 -5.29
CA THR A 67 -6.08 -8.52 -6.54
C THR A 67 -5.50 -7.73 -7.74
N PRO A 68 -4.59 -8.29 -8.51
CA PRO A 68 -3.99 -7.57 -9.67
C PRO A 68 -4.88 -7.57 -10.90
N ASP A 69 -5.22 -6.42 -11.41
CA ASP A 69 -6.10 -6.34 -12.61
C ASP A 69 -5.95 -4.96 -13.25
N VAL A 70 -5.03 -4.83 -14.16
CA VAL A 70 -4.81 -3.52 -14.86
C VAL A 70 -4.94 -3.74 -16.37
N ASN A 71 -5.62 -2.84 -17.04
CA ASN A 71 -5.80 -2.98 -18.53
C ASN A 71 -4.90 -1.95 -19.22
N ILE A 72 -4.09 -2.37 -20.15
CA ILE A 72 -3.17 -1.42 -20.85
C ILE A 72 -3.93 -0.61 -21.90
N SER A 73 -4.98 -1.15 -22.46
CA SER A 73 -5.73 -0.38 -23.50
C SER A 73 -5.96 1.05 -23.03
N GLY A 74 -6.32 1.21 -21.78
CA GLY A 74 -6.56 2.57 -21.20
C GLY A 74 -5.65 2.72 -19.99
N GLN A 75 -4.66 1.87 -19.89
CA GLN A 75 -3.71 1.96 -18.76
C GLN A 75 -4.47 2.15 -17.45
N LYS A 76 -5.60 1.52 -17.35
CA LYS A 76 -6.44 1.62 -16.13
C LYS A 76 -5.84 0.75 -15.03
N PHE A 77 -5.03 1.32 -14.17
CA PHE A 77 -4.42 0.52 -13.06
C PHE A 77 -5.43 0.41 -11.91
N ASN A 78 -5.91 -0.77 -11.62
CA ASN A 78 -6.92 -0.93 -10.52
C ASN A 78 -6.50 -2.04 -9.54
N ILE A 79 -5.93 -1.69 -8.41
CA ILE A 79 -5.53 -2.70 -7.40
C ILE A 79 -6.46 -2.57 -6.20
N LYS A 80 -7.23 -3.59 -5.91
CA LYS A 80 -8.17 -3.50 -4.76
C LYS A 80 -7.46 -3.97 -3.49
N LEU A 81 -7.55 -3.20 -2.43
CA LEU A 81 -6.87 -3.61 -1.14
C LEU A 81 -7.95 -4.06 -0.17
N LEU A 82 -7.99 -5.34 0.15
CA LEU A 82 -9.03 -5.85 1.08
C LEU A 82 -8.39 -6.62 2.24
N ILE A 83 -8.96 -6.53 3.42
CA ILE A 83 -8.37 -7.26 4.59
C ILE A 83 -9.50 -7.62 5.57
N PRO A 84 -9.52 -8.82 6.11
CA PRO A 84 -10.59 -9.24 7.08
C PRO A 84 -10.42 -8.57 8.46
N VAL A 85 -11.48 -8.06 9.04
CA VAL A 85 -11.37 -7.39 10.38
C VAL A 85 -12.61 -7.70 11.23
N ALA A 86 -12.63 -7.20 12.43
CA ALA A 86 -13.80 -7.45 13.33
C ALA A 86 -15.07 -6.98 12.63
N GLU A 87 -15.05 -5.82 12.04
CA GLU A 87 -16.28 -5.35 11.34
C GLU A 87 -16.61 -6.34 10.24
N GLY A 88 -15.60 -6.98 9.70
CA GLY A 88 -15.82 -7.97 8.61
C GLY A 88 -14.66 -7.85 7.64
N MET A 89 -14.68 -6.86 6.80
CA MET A 89 -13.57 -6.66 5.83
C MET A 89 -13.40 -5.15 5.57
N ASN A 90 -12.19 -4.66 5.58
CA ASN A 90 -11.98 -3.20 5.32
C ASN A 90 -11.88 -2.99 3.81
N GLU A 91 -12.95 -2.56 3.21
CA GLU A 91 -12.95 -2.34 1.75
C GLU A 91 -12.21 -1.04 1.44
N ILE A 92 -11.08 -1.16 0.80
CA ILE A 92 -10.24 0.03 0.48
C ILE A 92 -9.47 -0.24 -0.82
N TRP A 93 -9.29 0.75 -1.65
CA TRP A 93 -8.52 0.55 -2.91
C TRP A 93 -7.68 1.81 -3.21
N LEU A 94 -6.92 1.81 -4.28
CA LEU A 94 -6.06 2.98 -4.65
C LEU A 94 -6.51 3.55 -6.00
N ARG A 95 -6.18 4.78 -6.28
CA ARG A 95 -6.56 5.36 -7.59
C ARG A 95 -5.53 4.98 -8.64
N CYS A 96 -5.91 4.97 -9.87
CA CYS A 96 -4.93 4.64 -10.94
C CYS A 96 -3.93 5.79 -11.07
N ASP A 97 -2.75 5.54 -11.56
CA ASP A 97 -1.76 6.64 -11.67
C ASP A 97 -0.75 6.35 -12.80
N ASN A 98 -0.18 5.18 -12.82
CA ASN A 98 0.81 4.84 -13.89
C ASN A 98 1.52 3.53 -13.52
N GLU A 99 2.50 3.13 -14.29
CA GLU A 99 3.24 1.88 -13.96
C GLU A 99 4.13 2.13 -12.74
N LYS A 100 4.61 3.34 -12.60
CA LYS A 100 5.48 3.66 -11.44
C LYS A 100 4.74 3.33 -10.14
N GLN A 101 3.52 3.78 -10.02
CA GLN A 101 2.75 3.52 -8.78
C GLN A 101 2.50 2.01 -8.63
N TYR A 102 1.86 1.40 -9.59
CA TYR A 102 1.59 -0.07 -9.48
C TYR A 102 2.88 -0.82 -9.08
N ALA A 103 3.89 -0.72 -9.90
CA ALA A 103 5.15 -1.46 -9.61
C ALA A 103 5.60 -1.30 -8.16
N HIS A 104 5.43 -0.15 -7.57
CA HIS A 104 5.90 0.05 -6.17
C HIS A 104 4.98 -0.68 -5.17
N TRP A 105 3.74 -0.28 -5.09
CA TRP A 105 2.80 -0.91 -4.12
C TRP A 105 2.24 -2.25 -4.65
N MET A 106 1.78 -2.30 -5.87
CA MET A 106 1.21 -3.58 -6.38
C MET A 106 2.17 -4.74 -6.04
N ALA A 107 3.44 -4.47 -6.00
CA ALA A 107 4.41 -5.54 -5.64
C ALA A 107 4.52 -5.61 -4.12
N ALA A 108 4.50 -4.47 -3.47
CA ALA A 108 4.61 -4.44 -1.98
C ALA A 108 3.44 -5.21 -1.36
N CYS A 109 2.24 -4.90 -1.77
CA CYS A 109 1.06 -5.59 -1.19
C CYS A 109 1.21 -7.10 -1.33
N ARG A 110 1.78 -7.55 -2.42
CA ARG A 110 1.97 -9.01 -2.60
C ARG A 110 2.91 -9.56 -1.51
N LEU A 111 4.12 -9.09 -1.51
CA LEU A 111 5.09 -9.57 -0.48
C LEU A 111 4.57 -9.16 0.92
N ALA A 112 4.04 -7.98 1.06
CA ALA A 112 3.50 -7.57 2.40
C ALA A 112 2.71 -8.73 3.01
N SER A 113 2.28 -9.63 2.16
CA SER A 113 1.51 -10.81 2.64
C SER A 113 2.45 -11.96 3.03
N LYS A 114 3.65 -12.03 2.49
CA LYS A 114 4.53 -13.18 2.88
C LYS A 114 4.86 -13.05 4.37
N GLY A 115 4.32 -12.04 5.01
CA GLY A 115 4.54 -11.87 6.48
C GLY A 115 5.36 -10.62 6.79
N LYS A 116 6.39 -10.37 6.01
CA LYS A 116 7.25 -9.17 6.27
C LYS A 116 7.55 -8.48 4.95
N THR A 117 8.00 -7.26 5.00
CA THR A 117 8.33 -6.54 3.73
C THR A 117 9.64 -7.10 3.18
N MET A 118 9.68 -7.44 1.92
CA MET A 118 10.93 -7.99 1.31
C MET A 118 11.27 -7.18 0.07
N ALA A 119 11.90 -6.07 0.25
CA ALA A 119 12.30 -5.25 -0.92
C ALA A 119 13.43 -5.98 -1.62
N ASP A 120 13.67 -7.19 -1.21
CA ASP A 120 14.77 -7.99 -1.80
C ASP A 120 14.37 -8.54 -3.18
N SER A 121 14.97 -9.64 -3.57
CA SER A 121 14.65 -10.24 -4.91
C SER A 121 13.14 -10.40 -5.07
N SER A 122 12.45 -10.83 -4.04
CA SER A 122 10.98 -11.01 -4.17
C SER A 122 10.36 -9.77 -4.82
N TYR A 123 10.55 -8.62 -4.23
CA TYR A 123 9.98 -7.36 -4.81
C TYR A 123 10.48 -7.18 -6.25
N ASN A 124 11.71 -7.51 -6.52
CA ASN A 124 12.26 -7.31 -7.90
C ASN A 124 11.44 -8.05 -8.96
N LEU A 125 11.36 -9.35 -8.87
CA LEU A 125 10.61 -10.13 -9.90
C LEU A 125 9.15 -9.63 -10.00
N GLU A 126 8.65 -8.98 -9.00
CA GLU A 126 7.23 -8.51 -9.07
C GLU A 126 7.08 -7.29 -9.96
N VAL A 127 8.02 -6.38 -9.95
CA VAL A 127 7.89 -5.19 -10.82
C VAL A 127 8.26 -5.59 -12.24
N GLN A 128 9.21 -6.47 -12.38
CA GLN A 128 9.61 -6.93 -13.73
C GLN A 128 8.39 -7.48 -14.45
N ASN A 129 7.36 -7.81 -13.72
CA ASN A 129 6.15 -8.38 -14.38
C ASN A 129 5.33 -7.26 -15.03
N ILE A 130 4.88 -6.30 -14.27
CA ILE A 130 4.07 -5.19 -14.86
C ILE A 130 4.85 -4.47 -15.97
N LEU A 131 6.12 -4.21 -15.74
CA LEU A 131 6.93 -3.51 -16.77
C LEU A 131 7.05 -4.39 -18.02
N SER A 132 7.07 -5.68 -17.86
CA SER A 132 7.20 -6.58 -19.05
C SER A 132 5.84 -6.84 -19.70
N PHE A 133 4.79 -6.90 -18.93
CA PHE A 133 3.44 -7.17 -19.50
C PHE A 133 3.01 -5.98 -20.37
N LEU A 134 3.34 -4.80 -19.94
CA LEU A 134 2.95 -3.60 -20.72
C LEU A 134 3.81 -3.50 -21.98
N LYS A 135 4.99 -4.06 -21.94
CA LYS A 135 5.89 -4.02 -23.12
C LYS A 135 5.34 -4.99 -24.18
N MET A 136 4.45 -5.86 -23.79
CA MET A 136 3.89 -6.84 -24.76
C MET A 136 2.80 -6.20 -25.64
N GLN A 137 1.86 -5.50 -25.05
CA GLN A 137 0.77 -4.87 -25.85
C GLN A 137 0.91 -3.34 -25.85
N HIS A 138 1.71 -2.81 -24.98
CA HIS A 138 1.88 -1.33 -24.93
C HIS A 138 0.52 -0.64 -24.83
C1 4IP B . -11.84 8.67 7.80
O1 4IP B . -12.93 9.54 8.13
C2 4IP B . -12.26 7.75 6.64
O2 4IP B . -13.42 7.00 7.03
C3 4IP B . -11.12 6.80 6.28
O3 4IP B . -11.50 5.93 5.20
C4 4IP B . -10.72 5.95 7.49
O4 4IP B . -11.80 5.11 7.91
C5 4IP B . -10.33 6.86 8.67
O5 4IP B . -9.95 6.06 9.81
C6 4IP B . -11.48 7.81 9.02
O6 4IP B . -11.10 8.66 10.10
P1 4IP B . -12.66 11.03 8.68
O1P 4IP B . -12.06 11.92 7.65
O2P 4IP B . -11.73 10.87 9.98
O3P 4IP B . -14.07 11.57 9.21
P3 4IP B . -13.01 5.38 5.02
O4P 4IP B . -13.93 6.40 4.47
O5P 4IP B . -13.47 4.81 6.44
O6P 4IP B . -12.89 4.10 4.05
P4 4IP B . -11.55 3.54 8.20
O7P 4IP B . -12.79 2.74 8.15
O8P 4IP B . -10.81 3.46 9.64
O9P 4IP B . -10.45 3.06 7.12
P5 4IP B . -10.99 5.72 11.00
OPF 4IP B . -11.25 6.88 11.88
OPG 4IP B . -10.35 4.47 11.80
OPH 4IP B . -12.32 5.16 10.30
H1 4IP B . -10.98 9.25 7.51
H2 4IP B . -12.49 8.37 5.78
HO2 4IP B . -13.18 6.39 7.79
H3 4IP B . -10.27 7.38 5.97
H4 4IP B . -9.87 5.33 7.22
H5 4IP B . -9.47 7.45 8.36
H6 4IP B . -12.35 7.23 9.30
HO6 4IP B . -11.90 9.15 10.45
N GLY A 1 4.00 -2.42 19.02
CA GLY A 1 4.48 -1.06 18.53
C GLY A 1 4.56 0.08 19.48
N SER A 2 4.45 1.29 19.01
CA SER A 2 4.53 2.46 19.91
C SER A 2 5.85 2.43 20.68
N HIS A 3 5.84 2.83 21.92
CA HIS A 3 7.10 2.82 22.73
C HIS A 3 8.07 3.85 22.15
N MET A 4 8.47 3.69 20.92
CA MET A 4 9.42 4.65 20.28
C MET A 4 9.04 4.84 18.81
N GLY A 5 9.77 4.22 17.92
CA GLY A 5 9.45 4.36 16.47
C GLY A 5 10.26 3.34 15.66
N ASP A 6 11.40 3.73 15.17
CA ASP A 6 12.24 2.78 14.38
C ASP A 6 13.62 3.39 14.15
N ILE A 7 14.52 2.63 13.56
CA ILE A 7 15.89 3.16 13.30
C ILE A 7 15.97 3.68 11.87
N THR A 8 15.60 2.86 10.91
CA THR A 8 15.66 3.31 9.49
C THR A 8 14.75 2.42 8.64
N SER A 9 13.84 1.73 9.26
CA SER A 9 12.92 0.84 8.49
C SER A 9 13.73 0.04 7.46
N ILE A 10 14.38 -1.00 7.90
CA ILE A 10 15.20 -1.82 6.96
C ILE A 10 14.42 -2.08 5.66
N PRO A 11 13.16 -2.41 5.74
CA PRO A 11 12.32 -2.67 4.55
C PRO A 11 11.49 -1.43 4.19
N GLU A 12 12.13 -0.30 4.09
CA GLU A 12 11.37 0.94 3.77
C GLU A 12 10.71 0.85 2.39
N LEU A 13 9.45 1.11 2.37
CA LEU A 13 8.66 1.09 1.10
C LEU A 13 7.54 2.10 1.26
N ALA A 14 7.57 3.17 0.49
CA ALA A 14 6.50 4.19 0.63
C ALA A 14 6.27 4.94 -0.69
N ASP A 15 5.06 5.35 -0.92
CA ASP A 15 4.72 6.11 -2.15
C ASP A 15 3.47 6.95 -1.87
N TYR A 16 3.16 7.88 -2.73
CA TYR A 16 1.98 8.75 -2.51
C TYR A 16 0.87 8.42 -3.51
N ILE A 17 -0.23 7.86 -3.05
CA ILE A 17 -1.36 7.54 -3.97
C ILE A 17 -2.67 7.94 -3.28
N LYS A 18 -3.71 8.18 -4.04
CA LYS A 18 -5.00 8.60 -3.45
C LYS A 18 -5.93 7.39 -3.34
N VAL A 19 -6.66 7.33 -2.26
CA VAL A 19 -7.57 6.19 -2.00
C VAL A 19 -8.88 6.74 -1.45
N PHE A 20 -9.98 6.11 -1.76
CA PHE A 20 -11.30 6.56 -1.25
C PHE A 20 -12.07 5.31 -0.80
N LYS A 21 -12.08 5.05 0.47
CA LYS A 21 -12.79 3.82 0.96
C LYS A 21 -14.29 4.10 0.94
N PRO A 22 -15.12 3.14 1.30
CA PRO A 22 -16.59 3.34 1.28
C PRO A 22 -17.00 4.43 2.27
N LYS A 23 -17.13 4.11 3.53
CA LYS A 23 -17.53 5.14 4.54
C LYS A 23 -17.94 4.48 5.86
N LYS A 24 -17.24 4.81 6.92
CA LYS A 24 -17.59 4.28 8.26
C LYS A 24 -18.30 5.41 9.01
N LEU A 25 -17.56 6.43 9.36
CA LEU A 25 -18.13 7.60 10.07
C LEU A 25 -18.33 8.74 9.05
N THR A 26 -18.26 8.40 7.78
CA THR A 26 -18.43 9.40 6.67
C THR A 26 -18.02 10.83 7.08
N LEU A 27 -16.87 11.25 6.65
CA LEU A 27 -16.39 12.64 6.94
C LEU A 27 -15.50 13.11 5.76
N LYS A 28 -14.77 12.21 5.13
CA LYS A 28 -13.93 12.61 3.95
C LYS A 28 -13.77 11.42 2.99
N GLY A 29 -12.70 10.66 3.07
CA GLY A 29 -12.52 9.50 2.14
C GLY A 29 -11.65 9.93 0.95
N TYR A 30 -12.09 10.91 0.20
CA TYR A 30 -11.27 11.37 -0.96
C TYR A 30 -10.08 12.18 -0.46
N LYS A 31 -8.95 11.56 -0.33
CA LYS A 31 -7.75 12.28 0.17
C LYS A 31 -6.49 11.54 -0.29
N GLN A 32 -5.37 11.89 0.29
CA GLN A 32 -4.07 11.24 -0.08
C GLN A 32 -3.39 10.64 1.15
N TYR A 33 -3.25 9.34 1.18
CA TYR A 33 -2.58 8.66 2.33
C TYR A 33 -1.08 8.50 2.01
N TRP A 34 -0.24 8.74 2.97
CA TRP A 34 1.24 8.55 2.79
C TRP A 34 1.67 7.52 3.84
N CYS A 35 1.74 6.27 3.45
CA CYS A 35 2.11 5.20 4.43
C CYS A 35 3.60 4.89 4.37
N THR A 36 4.08 4.11 5.32
CA THR A 36 5.52 3.73 5.35
C THR A 36 5.63 2.33 5.95
N PHE A 37 6.37 1.45 5.33
CA PHE A 37 6.50 0.05 5.84
C PHE A 37 7.72 -0.06 6.76
N LYS A 38 7.52 -0.21 8.04
CA LYS A 38 8.67 -0.34 8.98
C LYS A 38 9.13 -1.79 9.04
N ASP A 39 10.07 -2.07 9.91
CA ASP A 39 10.59 -3.46 10.07
C ASP A 39 9.47 -4.49 9.92
N THR A 40 8.43 -4.38 10.72
CA THR A 40 7.31 -5.36 10.63
C THR A 40 5.98 -4.64 10.86
N SER A 41 6.02 -3.42 11.36
CA SER A 41 4.74 -2.67 11.62
C SER A 41 4.55 -1.55 10.59
N ILE A 42 3.34 -1.06 10.47
CA ILE A 42 3.05 0.02 9.48
C ILE A 42 2.66 1.32 10.21
N SER A 43 2.61 2.41 9.49
CA SER A 43 2.22 3.73 10.09
C SER A 43 1.19 4.38 9.15
N CYS A 44 0.33 5.23 9.67
CA CYS A 44 -0.71 5.86 8.78
C CYS A 44 -0.98 7.33 9.16
N TYR A 45 -0.82 8.23 8.21
CA TYR A 45 -1.12 9.68 8.48
C TYR A 45 -2.06 10.19 7.38
N LYS A 46 -3.16 10.78 7.76
CA LYS A 46 -4.13 11.28 6.74
C LYS A 46 -4.02 12.80 6.57
N SER A 47 -3.13 13.45 7.28
CA SER A 47 -3.02 14.92 7.13
C SER A 47 -1.61 15.38 7.54
N LYS A 48 -1.25 16.58 7.15
CA LYS A 48 0.10 17.11 7.50
C LYS A 48 0.10 17.55 8.98
N GLU A 49 -1.04 17.52 9.62
CA GLU A 49 -1.09 17.94 11.04
C GLU A 49 -0.41 16.88 11.91
N GLU A 50 -0.29 15.67 11.40
CA GLU A 50 0.38 14.59 12.18
C GLU A 50 1.81 14.41 11.68
N SER A 51 2.10 14.93 10.53
CA SER A 51 3.48 14.80 9.98
C SER A 51 4.49 15.19 11.06
N SER A 52 4.01 15.80 12.13
CA SER A 52 4.91 16.21 13.24
C SER A 52 4.31 15.73 14.56
N GLY A 53 3.45 14.73 14.51
CA GLY A 53 2.83 14.20 15.76
C GLY A 53 2.77 12.67 15.69
N THR A 54 1.63 12.09 15.95
CA THR A 54 1.48 10.60 15.90
C THR A 54 0.42 10.22 14.85
N PRO A 55 0.57 9.11 14.16
CA PRO A 55 -0.40 8.68 13.13
C PRO A 55 -1.76 8.26 13.73
N ALA A 56 -2.78 8.23 12.93
CA ALA A 56 -4.12 7.84 13.45
C ALA A 56 -4.08 6.38 13.89
N HIS A 57 -3.45 5.53 13.13
CA HIS A 57 -3.36 4.09 13.51
C HIS A 57 -2.03 3.51 12.99
N GLN A 58 -1.26 2.92 13.87
CA GLN A 58 0.06 2.34 13.45
C GLN A 58 0.17 0.92 14.00
N MET A 59 0.15 -0.06 13.13
CA MET A 59 0.24 -1.46 13.61
C MET A 59 0.56 -2.39 12.43
N ASN A 60 0.91 -3.62 12.72
CA ASN A 60 1.25 -4.58 11.63
C ASN A 60 -0.04 -5.17 11.06
N LEU A 61 -0.35 -4.89 9.83
CA LEU A 61 -1.59 -5.45 9.23
C LEU A 61 -1.30 -6.87 8.75
N ARG A 62 -0.31 -7.03 7.91
CA ARG A 62 0.06 -8.39 7.40
C ARG A 62 -1.18 -9.12 6.86
N GLY A 63 -0.96 -10.20 6.14
CA GLY A 63 -2.09 -11.00 5.59
C GLY A 63 -3.07 -10.13 4.79
N CYS A 64 -2.59 -9.13 4.10
CA CYS A 64 -3.51 -8.29 3.29
C CYS A 64 -3.87 -9.04 2.01
N GLU A 65 -5.05 -8.80 1.48
CA GLU A 65 -5.46 -9.49 0.23
C GLU A 65 -4.96 -8.68 -0.96
N VAL A 66 -4.55 -9.35 -2.01
CA VAL A 66 -4.03 -8.63 -3.21
C VAL A 66 -4.61 -9.24 -4.50
N THR A 67 -5.28 -8.43 -5.29
CA THR A 67 -5.87 -8.93 -6.57
C THR A 67 -5.49 -7.94 -7.70
N PRO A 68 -4.44 -8.20 -8.43
CA PRO A 68 -3.99 -7.30 -9.56
C PRO A 68 -5.00 -7.23 -10.71
N ASP A 69 -5.16 -6.07 -11.31
CA ASP A 69 -6.10 -5.93 -12.45
C ASP A 69 -5.81 -4.62 -13.16
N VAL A 70 -4.88 -4.63 -14.09
CA VAL A 70 -4.50 -3.39 -14.84
C VAL A 70 -4.70 -3.61 -16.33
N ASN A 71 -5.48 -2.76 -16.95
CA ASN A 71 -5.70 -2.88 -18.43
C ASN A 71 -4.93 -1.75 -19.11
N ILE A 72 -3.74 -2.02 -19.58
CA ILE A 72 -2.94 -0.95 -20.23
C ILE A 72 -3.56 -0.64 -21.60
N SER A 73 -4.36 -1.53 -22.12
CA SER A 73 -5.00 -1.25 -23.43
C SER A 73 -5.79 0.05 -23.31
N GLY A 74 -6.21 0.37 -22.11
CA GLY A 74 -6.98 1.63 -21.87
C GLY A 74 -6.21 2.52 -20.89
N GLN A 75 -5.10 2.02 -20.39
CA GLN A 75 -4.22 2.80 -19.44
C GLN A 75 -4.85 2.92 -18.04
N LYS A 76 -5.32 1.84 -17.45
CA LYS A 76 -5.90 1.93 -16.06
C LYS A 76 -5.30 0.84 -15.16
N PHE A 77 -4.81 1.23 -14.00
CA PHE A 77 -4.25 0.22 -13.03
C PHE A 77 -5.20 0.17 -11.82
N ASN A 78 -5.96 -0.90 -11.67
CA ASN A 78 -6.94 -0.99 -10.53
C ASN A 78 -6.53 -2.08 -9.52
N ILE A 79 -5.92 -1.69 -8.42
CA ILE A 79 -5.53 -2.72 -7.39
C ILE A 79 -6.64 -2.77 -6.32
N LYS A 80 -7.07 -3.95 -5.99
CA LYS A 80 -8.14 -4.12 -4.96
C LYS A 80 -7.48 -4.60 -3.66
N LEU A 81 -7.29 -3.71 -2.71
CA LEU A 81 -6.67 -4.11 -1.42
C LEU A 81 -7.77 -4.37 -0.39
N LEU A 82 -7.85 -5.58 0.10
CA LEU A 82 -8.90 -5.95 1.10
C LEU A 82 -8.22 -6.65 2.28
N ILE A 83 -8.79 -6.56 3.46
CA ILE A 83 -8.17 -7.22 4.64
C ILE A 83 -9.27 -7.70 5.61
N PRO A 84 -9.28 -8.95 6.01
CA PRO A 84 -10.32 -9.47 6.95
C PRO A 84 -10.03 -9.05 8.40
N VAL A 85 -11.04 -8.69 9.13
CA VAL A 85 -10.83 -8.26 10.56
C VAL A 85 -12.00 -8.73 11.41
N ALA A 86 -12.00 -8.39 12.67
CA ALA A 86 -13.10 -8.81 13.57
C ALA A 86 -14.39 -8.06 13.18
N GLU A 87 -14.29 -6.79 12.89
CA GLU A 87 -15.49 -6.03 12.51
C GLU A 87 -16.10 -6.64 11.25
N GLY A 88 -15.29 -7.15 10.37
CA GLY A 88 -15.83 -7.78 9.13
C GLY A 88 -14.74 -7.84 8.05
N MET A 89 -14.71 -6.86 7.18
CA MET A 89 -13.70 -6.86 6.10
C MET A 89 -13.39 -5.40 5.75
N ASN A 90 -12.14 -5.02 5.78
CA ASN A 90 -11.79 -3.60 5.44
C ASN A 90 -11.59 -3.50 3.93
N GLU A 91 -12.61 -3.09 3.23
CA GLU A 91 -12.52 -2.98 1.75
C GLU A 91 -11.86 -1.64 1.39
N ILE A 92 -10.81 -1.69 0.60
CA ILE A 92 -10.09 -0.44 0.21
C ILE A 92 -9.84 -0.41 -1.31
N TRP A 93 -9.71 0.77 -1.87
CA TRP A 93 -9.46 0.92 -3.33
C TRP A 93 -8.52 2.11 -3.57
N LEU A 94 -7.38 1.89 -4.17
CA LEU A 94 -6.44 3.03 -4.41
C LEU A 94 -6.77 3.71 -5.74
N ARG A 95 -6.26 4.89 -5.94
CA ARG A 95 -6.50 5.64 -7.19
C ARG A 95 -5.54 5.18 -8.27
N CYS A 96 -6.00 5.13 -9.47
CA CYS A 96 -5.10 4.74 -10.61
C CYS A 96 -4.35 6.00 -11.03
N ASP A 97 -3.07 5.90 -11.33
CA ASP A 97 -2.32 7.13 -11.70
C ASP A 97 -1.30 6.81 -12.81
N ASN A 98 -0.46 5.84 -12.63
CA ASN A 98 0.55 5.53 -13.70
C ASN A 98 1.23 4.19 -13.42
N GLU A 99 2.32 3.92 -14.09
CA GLU A 99 3.05 2.64 -13.89
C GLU A 99 3.94 2.73 -12.64
N LYS A 100 4.59 3.84 -12.44
CA LYS A 100 5.48 3.99 -11.26
C LYS A 100 4.68 3.62 -10.01
N GLN A 101 3.54 4.22 -9.85
CA GLN A 101 2.70 3.95 -8.66
C GLN A 101 2.47 2.43 -8.49
N TYR A 102 1.82 1.80 -9.43
CA TYR A 102 1.56 0.34 -9.31
C TYR A 102 2.85 -0.39 -8.84
N ALA A 103 3.91 -0.26 -9.58
CA ALA A 103 5.17 -0.96 -9.19
C ALA A 103 5.50 -0.75 -7.70
N HIS A 104 5.12 0.37 -7.13
CA HIS A 104 5.46 0.61 -5.69
C HIS A 104 4.52 -0.19 -4.75
N TRP A 105 3.25 0.11 -4.75
CA TRP A 105 2.32 -0.63 -3.83
C TRP A 105 1.97 -2.02 -4.37
N MET A 106 1.66 -2.15 -5.62
CA MET A 106 1.28 -3.49 -6.15
C MET A 106 2.30 -4.55 -5.71
N ALA A 107 3.56 -4.32 -5.94
CA ALA A 107 4.57 -5.33 -5.53
C ALA A 107 4.57 -5.45 -3.99
N ALA A 108 4.78 -4.35 -3.32
CA ALA A 108 4.81 -4.37 -1.83
C ALA A 108 3.58 -5.11 -1.27
N CYS A 109 2.40 -4.74 -1.70
CA CYS A 109 1.18 -5.40 -1.16
C CYS A 109 1.36 -6.92 -1.17
N ARG A 110 1.83 -7.47 -2.26
CA ARG A 110 2.03 -8.94 -2.30
C ARG A 110 3.03 -9.33 -1.21
N LEU A 111 4.09 -8.59 -1.08
CA LEU A 111 5.08 -8.91 -0.01
C LEU A 111 4.43 -8.65 1.34
N ALA A 112 3.70 -7.58 1.47
CA ALA A 112 3.02 -7.28 2.75
C ALA A 112 2.24 -8.52 3.21
N SER A 113 1.93 -9.40 2.32
CA SER A 113 1.18 -10.63 2.69
C SER A 113 2.08 -11.55 3.51
N LYS A 114 3.31 -11.72 3.11
CA LYS A 114 4.23 -12.61 3.88
C LYS A 114 4.72 -11.89 5.13
N GLY A 115 4.48 -10.61 5.22
CA GLY A 115 4.91 -9.83 6.43
C GLY A 115 6.16 -9.00 6.12
N LYS A 116 7.04 -9.52 5.30
CA LYS A 116 8.30 -8.76 4.99
C LYS A 116 8.08 -7.93 3.72
N THR A 117 8.92 -6.96 3.47
CA THR A 117 8.74 -6.11 2.24
C THR A 117 10.11 -5.69 1.66
N MET A 118 10.13 -5.47 0.38
CA MET A 118 11.36 -5.03 -0.38
C MET A 118 12.61 -5.88 -0.11
N ALA A 119 12.69 -6.61 0.99
CA ALA A 119 13.92 -7.43 1.25
C ALA A 119 13.72 -8.85 0.72
N ASP A 120 12.54 -9.15 0.27
CA ASP A 120 12.27 -10.52 -0.25
C ASP A 120 13.01 -10.69 -1.58
N SER A 121 13.36 -11.89 -1.92
CA SER A 121 14.07 -12.12 -3.21
C SER A 121 13.07 -12.00 -4.36
N SER A 122 11.80 -12.08 -4.06
CA SER A 122 10.77 -11.97 -5.13
C SER A 122 10.52 -10.49 -5.48
N TYR A 123 10.82 -9.61 -4.56
CA TYR A 123 10.61 -8.15 -4.83
C TYR A 123 11.14 -7.82 -6.25
N ASN A 124 12.42 -7.95 -6.45
CA ASN A 124 13.00 -7.63 -7.79
C ASN A 124 12.20 -8.33 -8.90
N LEU A 125 11.74 -9.52 -8.66
CA LEU A 125 10.98 -10.24 -9.73
C LEU A 125 9.63 -9.57 -9.97
N GLU A 126 8.87 -9.31 -8.94
CA GLU A 126 7.54 -8.68 -9.12
C GLU A 126 7.64 -7.35 -9.87
N VAL A 127 8.57 -6.51 -9.52
CA VAL A 127 8.68 -5.19 -10.24
C VAL A 127 9.28 -5.43 -11.62
N GLN A 128 10.28 -6.24 -11.70
CA GLN A 128 10.90 -6.52 -13.02
C GLN A 128 9.88 -7.19 -13.94
N ASN A 129 8.82 -7.71 -13.37
CA ASN A 129 7.80 -8.42 -14.21
C ASN A 129 6.83 -7.43 -14.90
N ILE A 130 6.33 -6.45 -14.21
CA ILE A 130 5.34 -5.52 -14.86
C ILE A 130 6.02 -4.66 -15.94
N LEU A 131 6.95 -3.81 -15.57
CA LEU A 131 7.62 -2.93 -16.58
C LEU A 131 7.93 -3.74 -17.84
N SER A 132 8.65 -4.82 -17.73
CA SER A 132 8.97 -5.63 -18.94
C SER A 132 7.66 -5.93 -19.68
N PHE A 133 6.57 -5.92 -18.97
CA PHE A 133 5.26 -6.20 -19.62
C PHE A 133 4.75 -4.97 -20.36
N LEU A 134 4.59 -3.87 -19.66
CA LEU A 134 4.07 -2.63 -20.31
C LEU A 134 4.78 -2.41 -21.64
N LYS A 135 6.08 -2.37 -21.65
CA LYS A 135 6.80 -2.17 -22.94
C LYS A 135 6.25 -3.19 -23.94
N MET A 136 5.76 -4.27 -23.42
CA MET A 136 5.18 -5.35 -24.28
C MET A 136 3.64 -5.29 -24.19
N GLN A 137 3.10 -4.25 -23.60
CA GLN A 137 1.60 -4.13 -23.48
C GLN A 137 0.93 -4.64 -24.76
N HIS A 138 1.58 -4.50 -25.88
CA HIS A 138 1.00 -4.97 -27.17
C HIS A 138 -0.49 -4.62 -27.24
C1 4IP B . -10.88 8.36 9.01
O1 4IP B . -11.51 9.26 9.93
C2 4IP B . -11.69 8.30 7.72
O2 4IP B . -13.02 7.87 8.02
C3 4IP B . -11.06 7.33 6.72
O3 4IP B . -11.85 7.30 5.51
C4 4IP B . -10.98 5.93 7.33
O4 4IP B . -12.30 5.45 7.63
C5 4IP B . -10.18 5.98 8.65
O5 4IP B . -10.17 4.66 9.24
C6 4IP B . -10.82 6.96 9.63
O6 4IP B . -10.05 7.01 10.83
P1 4IP B . -10.65 10.40 10.67
O1P 4IP B . -10.56 11.66 9.88
O2P 4IP B . -9.21 9.75 10.97
O3P 4IP B . -11.35 10.62 12.10
P3 4IP B . -13.24 6.49 5.40
O4P 4IP B . -14.26 6.93 6.37
O5P 4IP B . -12.87 4.93 5.52
O6P 4IP B . -13.74 6.70 3.88
P4 4IP B . -12.51 3.90 8.02
O7P 4IP B . -13.70 3.31 7.37
O8P 4IP B . -12.55 3.84 9.62
O9P 4IP B . -11.14 3.16 7.60
P5 4IP B . -8.78 3.87 9.45
OPF 4IP B . -8.36 3.13 8.25
OPG 4IP B . -9.01 2.93 10.74
OPH 4IP B . -7.71 4.98 9.91
H1 4IP B . -9.88 8.69 8.79
H2 4IP B . -11.73 9.30 7.28
HO2 4IP B . -13.66 8.26 7.35
H3 4IP B . -10.07 7.67 6.48
H4 4IP B . -10.50 5.27 6.65
H5 4IP B . -9.18 6.29 8.43
H6 4IP B . -11.82 6.64 9.85
HO6 4IP B . -9.11 7.27 10.61
N GLY A 1 8.96 17.73 19.39
CA GLY A 1 7.56 17.14 19.53
C GLY A 1 7.30 15.75 19.05
N SER A 2 8.32 15.06 18.58
CA SER A 2 8.13 13.67 18.09
C SER A 2 8.46 12.69 19.21
N HIS A 3 8.55 11.42 18.90
CA HIS A 3 8.87 10.42 19.95
C HIS A 3 10.36 10.46 20.26
N MET A 4 11.17 9.88 19.42
CA MET A 4 12.65 9.89 19.66
C MET A 4 13.37 9.72 18.33
N GLY A 5 12.88 8.86 17.47
CA GLY A 5 13.54 8.65 16.15
C GLY A 5 12.70 7.70 15.30
N ASP A 6 12.40 6.54 15.83
CA ASP A 6 11.57 5.55 15.08
C ASP A 6 12.38 5.00 13.89
N ILE A 7 13.67 5.14 13.92
CA ILE A 7 14.49 4.62 12.79
C ILE A 7 14.63 3.10 12.93
N THR A 8 13.91 2.51 13.83
CA THR A 8 14.00 1.04 14.02
C THR A 8 13.31 0.33 12.85
N SER A 9 13.07 1.04 11.78
CA SER A 9 12.42 0.41 10.59
C SER A 9 13.48 -0.28 9.74
N ILE A 10 13.50 -1.58 9.74
CA ILE A 10 14.53 -2.31 8.94
C ILE A 10 14.11 -2.33 7.43
N PRO A 11 13.20 -3.18 6.95
CA PRO A 11 12.81 -3.15 5.51
C PRO A 11 11.80 -2.03 5.24
N GLU A 12 12.26 -0.86 4.92
CA GLU A 12 11.32 0.27 4.66
C GLU A 12 10.67 0.14 3.28
N LEU A 13 9.35 0.23 3.25
CA LEU A 13 8.60 0.16 1.95
C LEU A 13 7.48 1.18 2.04
N ALA A 14 7.51 2.22 1.23
CA ALA A 14 6.44 3.25 1.33
C ALA A 14 6.33 4.03 0.01
N ASP A 15 5.20 4.65 -0.19
CA ASP A 15 4.97 5.46 -1.42
C ASP A 15 3.87 6.47 -1.14
N TYR A 16 3.70 7.44 -2.01
CA TYR A 16 2.64 8.49 -1.80
C TYR A 16 1.49 8.28 -2.79
N ILE A 17 0.38 7.70 -2.36
CA ILE A 17 -0.78 7.50 -3.28
C ILE A 17 -2.08 7.88 -2.54
N LYS A 18 -3.15 8.11 -3.26
CA LYS A 18 -4.44 8.52 -2.62
C LYS A 18 -5.34 7.28 -2.39
N VAL A 19 -6.35 7.42 -1.57
CA VAL A 19 -7.26 6.25 -1.31
C VAL A 19 -8.73 6.68 -1.32
N PHE A 20 -9.60 5.74 -1.62
CA PHE A 20 -11.06 6.03 -1.65
C PHE A 20 -11.83 4.74 -1.35
N LYS A 21 -13.08 4.84 -0.96
CA LYS A 21 -13.86 3.60 -0.65
C LYS A 21 -15.37 3.92 -0.67
N PRO A 22 -16.24 2.95 -0.48
CA PRO A 22 -17.71 3.20 -0.49
C PRO A 22 -18.09 4.27 0.54
N LYS A 23 -17.58 4.11 1.75
CA LYS A 23 -17.77 5.05 2.91
C LYS A 23 -18.05 4.22 4.16
N LYS A 24 -17.15 4.28 5.10
CA LYS A 24 -17.32 3.54 6.37
C LYS A 24 -18.06 4.43 7.36
N LEU A 25 -17.45 5.51 7.75
CA LEU A 25 -18.09 6.43 8.71
C LEU A 25 -19.16 7.30 8.01
N THR A 26 -18.81 8.14 7.04
CA THR A 26 -19.90 8.96 6.41
C THR A 26 -19.46 9.77 5.17
N LEU A 27 -18.21 10.19 5.02
CA LEU A 27 -17.92 11.04 3.81
C LEU A 27 -16.42 11.19 3.47
N LYS A 28 -15.54 11.10 4.44
CA LYS A 28 -14.06 11.28 4.18
C LYS A 28 -13.67 10.86 2.76
N GLY A 29 -13.04 9.71 2.62
CA GLY A 29 -12.65 9.24 1.25
C GLY A 29 -11.39 9.97 0.77
N TYR A 30 -11.53 10.75 -0.27
CA TYR A 30 -10.35 11.49 -0.84
C TYR A 30 -9.46 12.02 0.28
N LYS A 31 -8.42 11.30 0.60
CA LYS A 31 -7.46 11.76 1.65
C LYS A 31 -6.04 11.46 1.19
N GLN A 32 -5.09 11.62 2.07
CA GLN A 32 -3.66 11.34 1.72
C GLN A 32 -3.17 10.20 2.61
N TYR A 33 -2.87 9.06 2.02
CA TYR A 33 -2.42 7.88 2.83
C TYR A 33 -1.07 7.38 2.36
N TRP A 34 -0.07 7.59 3.17
CA TRP A 34 1.32 7.10 2.85
C TRP A 34 1.75 6.18 3.99
N CYS A 35 1.56 4.89 3.84
CA CYS A 35 1.94 3.96 4.94
C CYS A 35 3.45 3.68 4.91
N THR A 36 3.95 3.02 5.93
CA THR A 36 5.41 2.70 5.97
C THR A 36 5.59 1.34 6.65
N PHE A 37 6.31 0.44 6.02
CA PHE A 37 6.52 -0.91 6.62
C PHE A 37 7.77 -0.86 7.50
N LYS A 38 7.63 -1.14 8.77
CA LYS A 38 8.80 -1.11 9.71
C LYS A 38 8.83 -2.38 10.54
N ASP A 39 9.99 -2.69 11.08
CA ASP A 39 10.17 -3.91 11.94
C ASP A 39 9.24 -5.05 11.47
N THR A 40 8.04 -5.10 11.98
CA THR A 40 7.09 -6.20 11.58
C THR A 40 5.67 -5.65 11.46
N SER A 41 5.40 -4.50 12.03
CA SER A 41 4.02 -3.91 11.95
C SER A 41 4.03 -2.74 10.96
N ILE A 42 2.89 -2.16 10.72
CA ILE A 42 2.79 -1.02 9.75
C ILE A 42 2.47 0.27 10.50
N SER A 43 2.61 1.39 9.83
CA SER A 43 2.31 2.72 10.44
C SER A 43 1.25 3.41 9.58
N CYS A 44 0.61 4.43 10.09
CA CYS A 44 -0.45 5.12 9.27
C CYS A 44 -0.41 6.63 9.52
N TYR A 45 -0.10 7.38 8.49
CA TYR A 45 -0.06 8.87 8.60
C TYR A 45 -1.01 9.46 7.55
N LYS A 46 -1.90 10.32 7.95
CA LYS A 46 -2.87 10.91 6.96
C LYS A 46 -2.43 12.30 6.54
N SER A 47 -1.57 12.91 7.29
CA SER A 47 -1.10 14.30 6.94
C SER A 47 0.37 14.47 7.30
N LYS A 48 0.99 15.52 6.81
CA LYS A 48 2.42 15.76 7.13
C LYS A 48 2.55 16.35 8.53
N GLU A 49 1.46 16.83 9.08
CA GLU A 49 1.53 17.43 10.45
C GLU A 49 1.86 16.31 11.45
N GLU A 50 1.68 15.08 11.05
CA GLU A 50 1.98 13.93 11.95
C GLU A 50 3.24 13.21 11.47
N SER A 51 3.63 13.45 10.25
CA SER A 51 4.85 12.79 9.71
C SER A 51 5.98 12.87 10.75
N SER A 52 5.83 13.74 11.72
CA SER A 52 6.88 13.90 12.78
C SER A 52 6.22 13.70 14.14
N GLY A 53 5.07 13.08 14.17
CA GLY A 53 4.33 12.84 15.46
C GLY A 53 4.05 11.35 15.59
N THR A 54 2.82 10.99 15.87
CA THR A 54 2.45 9.54 16.02
C THR A 54 1.28 9.21 15.08
N PRO A 55 1.25 8.04 14.48
CA PRO A 55 0.14 7.64 13.56
C PRO A 55 -1.12 7.24 14.35
N ALA A 56 -2.27 7.32 13.73
CA ALA A 56 -3.52 6.94 14.45
C ALA A 56 -3.66 5.42 14.48
N HIS A 57 -3.03 4.73 13.57
CA HIS A 57 -3.11 3.23 13.53
C HIS A 57 -1.70 2.66 13.32
N GLN A 58 -1.30 1.72 14.13
CA GLN A 58 0.05 1.11 13.96
C GLN A 58 -0.02 -0.37 14.34
N MET A 59 0.12 -1.24 13.38
CA MET A 59 0.06 -2.69 13.69
C MET A 59 0.31 -3.51 12.42
N ASN A 60 0.51 -4.78 12.56
CA ASN A 60 0.76 -5.66 11.38
C ASN A 60 -0.57 -6.10 10.78
N LEU A 61 -1.07 -5.38 9.82
CA LEU A 61 -2.36 -5.78 9.20
C LEU A 61 -2.24 -7.20 8.67
N ARG A 62 -1.29 -7.46 7.81
CA ARG A 62 -1.10 -8.83 7.25
C ARG A 62 -2.42 -9.34 6.63
N GLY A 63 -2.33 -10.23 5.69
CA GLY A 63 -3.58 -10.78 5.06
C GLY A 63 -4.02 -9.88 3.90
N CYS A 64 -3.26 -8.87 3.60
CA CYS A 64 -3.62 -7.98 2.48
C CYS A 64 -3.85 -8.80 1.23
N GLU A 65 -5.01 -8.67 0.66
CA GLU A 65 -5.31 -9.43 -0.59
C GLU A 65 -4.86 -8.58 -1.76
N VAL A 66 -4.88 -9.11 -2.95
CA VAL A 66 -4.40 -8.30 -4.10
C VAL A 66 -5.08 -8.75 -5.41
N THR A 67 -5.66 -7.81 -6.11
CA THR A 67 -6.31 -8.11 -7.42
C THR A 67 -6.16 -6.85 -8.28
N PRO A 68 -5.16 -6.79 -9.14
CA PRO A 68 -4.89 -5.59 -9.98
C PRO A 68 -5.65 -5.57 -11.32
N ASP A 69 -5.85 -4.39 -11.85
CA ASP A 69 -6.55 -4.23 -13.15
C ASP A 69 -6.32 -2.79 -13.62
N VAL A 70 -5.43 -2.58 -14.54
CA VAL A 70 -5.12 -1.20 -15.02
C VAL A 70 -5.15 -1.11 -16.54
N ASN A 71 -5.91 -0.17 -17.07
CA ASN A 71 -5.99 0.01 -18.54
C ASN A 71 -5.22 1.27 -18.94
N ILE A 72 -4.05 1.13 -19.49
CA ILE A 72 -3.26 2.34 -19.87
C ILE A 72 -4.12 3.24 -20.77
N SER A 73 -5.12 2.69 -21.39
CA SER A 73 -5.99 3.52 -22.28
C SER A 73 -6.38 4.82 -21.56
N GLY A 74 -6.87 4.72 -20.35
CA GLY A 74 -7.30 5.94 -19.59
C GLY A 74 -6.46 6.08 -18.31
N GLN A 75 -5.29 5.48 -18.29
CA GLN A 75 -4.44 5.60 -17.06
C GLN A 75 -5.30 5.27 -15.84
N LYS A 76 -5.83 4.08 -15.78
CA LYS A 76 -6.71 3.68 -14.62
C LYS A 76 -5.96 2.75 -13.69
N PHE A 77 -5.03 3.27 -12.93
CA PHE A 77 -4.27 2.40 -11.99
C PHE A 77 -5.15 2.13 -10.75
N ASN A 78 -5.86 1.03 -10.74
CA ASN A 78 -6.74 0.73 -9.56
C ASN A 78 -6.32 -0.58 -8.88
N ILE A 79 -5.57 -0.50 -7.81
CA ILE A 79 -5.16 -1.73 -7.11
C ILE A 79 -6.20 -2.05 -6.04
N LYS A 80 -6.78 -3.22 -6.08
CA LYS A 80 -7.84 -3.57 -5.12
C LYS A 80 -7.25 -4.26 -3.89
N LEU A 81 -7.18 -3.55 -2.78
CA LEU A 81 -6.66 -4.17 -1.52
C LEU A 81 -7.88 -4.66 -0.73
N LEU A 82 -7.95 -5.93 -0.48
CA LEU A 82 -9.13 -6.50 0.27
C LEU A 82 -8.64 -7.39 1.42
N ILE A 83 -9.30 -7.36 2.55
CA ILE A 83 -8.87 -8.21 3.71
C ILE A 83 -10.12 -8.72 4.48
N PRO A 84 -10.20 -10.00 4.78
CA PRO A 84 -11.36 -10.56 5.54
C PRO A 84 -11.30 -10.18 7.02
N VAL A 85 -12.36 -9.61 7.55
CA VAL A 85 -12.37 -9.20 8.99
C VAL A 85 -13.67 -9.69 9.65
N ALA A 86 -13.80 -9.51 10.94
CA ALA A 86 -15.02 -9.96 11.66
C ALA A 86 -16.27 -9.38 10.98
N GLU A 87 -16.28 -8.10 10.71
CA GLU A 87 -17.47 -7.48 10.05
C GLU A 87 -17.68 -8.15 8.70
N GLY A 88 -16.61 -8.53 8.05
CA GLY A 88 -16.73 -9.18 6.71
C GLY A 88 -15.44 -8.94 5.94
N MET A 89 -15.42 -7.92 5.11
CA MET A 89 -14.18 -7.63 4.32
C MET A 89 -14.06 -6.11 4.12
N ASN A 90 -12.91 -5.55 4.42
CA ASN A 90 -12.73 -4.08 4.24
C ASN A 90 -12.25 -3.82 2.81
N GLU A 91 -13.07 -3.20 2.00
CA GLU A 91 -12.65 -2.93 0.59
C GLU A 91 -11.80 -1.66 0.52
N ILE A 92 -10.66 -1.76 -0.11
CA ILE A 92 -9.75 -0.57 -0.24
C ILE A 92 -9.32 -0.41 -1.70
N TRP A 93 -9.39 0.78 -2.22
CA TRP A 93 -8.98 1.05 -3.63
C TRP A 93 -8.03 2.25 -3.67
N LEU A 94 -6.78 2.03 -4.01
CA LEU A 94 -5.80 3.15 -4.06
C LEU A 94 -5.72 3.70 -5.47
N ARG A 95 -5.57 5.00 -5.62
CA ARG A 95 -5.48 5.61 -6.99
C ARG A 95 -4.01 5.83 -7.35
N CYS A 96 -3.70 5.74 -8.62
CA CYS A 96 -2.30 5.94 -9.08
C CYS A 96 -2.34 6.45 -10.53
N ASP A 97 -1.22 6.81 -11.12
CA ASP A 97 -1.24 7.34 -12.52
C ASP A 97 0.00 6.87 -13.30
N ASN A 98 0.78 5.95 -12.79
CA ASN A 98 1.98 5.52 -13.55
C ASN A 98 2.39 4.11 -13.12
N GLU A 99 3.32 3.52 -13.84
CA GLU A 99 3.76 2.12 -13.50
C GLU A 99 4.68 2.14 -12.28
N LYS A 100 5.57 3.09 -12.19
CA LYS A 100 6.49 3.13 -11.02
C LYS A 100 5.66 3.05 -9.74
N GLN A 101 4.57 3.78 -9.71
CA GLN A 101 3.71 3.77 -8.50
C GLN A 101 3.17 2.35 -8.28
N TYR A 102 2.33 1.87 -9.18
CA TYR A 102 1.78 0.49 -9.04
C TYR A 102 2.87 -0.50 -8.58
N ALA A 103 3.99 -0.48 -9.24
CA ALA A 103 5.10 -1.42 -8.91
C ALA A 103 5.38 -1.51 -7.40
N HIS A 104 5.20 -0.45 -6.64
CA HIS A 104 5.54 -0.55 -5.18
C HIS A 104 4.39 -1.19 -4.37
N TRP A 105 3.27 -0.54 -4.28
CA TRP A 105 2.15 -1.12 -3.48
C TRP A 105 1.64 -2.42 -4.11
N MET A 106 1.35 -2.43 -5.38
CA MET A 106 0.82 -3.67 -6.01
C MET A 106 1.70 -4.86 -5.59
N ALA A 107 2.98 -4.65 -5.49
CA ALA A 107 3.88 -5.76 -5.08
C ALA A 107 3.86 -5.87 -3.55
N ALA A 108 3.87 -4.76 -2.86
CA ALA A 108 3.85 -4.81 -1.38
C ALA A 108 2.72 -5.73 -0.90
N CYS A 109 1.51 -5.51 -1.35
CA CYS A 109 0.40 -6.38 -0.91
C CYS A 109 0.73 -7.84 -1.24
N ARG A 110 0.93 -8.13 -2.49
CA ARG A 110 1.29 -9.53 -2.88
C ARG A 110 2.46 -10.00 -2.02
N LEU A 111 3.44 -9.16 -1.88
CA LEU A 111 4.63 -9.51 -1.04
C LEU A 111 4.17 -9.68 0.41
N ALA A 112 3.63 -8.65 0.99
CA ALA A 112 3.14 -8.74 2.40
C ALA A 112 2.35 -10.05 2.57
N SER A 113 1.76 -10.52 1.50
CA SER A 113 0.99 -11.78 1.59
C SER A 113 1.84 -12.86 2.27
N LYS A 114 3.09 -12.99 1.89
CA LYS A 114 3.92 -14.03 2.57
C LYS A 114 4.28 -13.53 3.98
N GLY A 115 3.83 -12.34 4.33
CA GLY A 115 4.11 -11.80 5.69
C GLY A 115 5.34 -10.89 5.70
N LYS A 116 6.36 -11.21 4.94
CA LYS A 116 7.58 -10.36 4.93
C LYS A 116 7.36 -9.16 4.00
N THR A 117 8.38 -8.36 3.78
CA THR A 117 8.25 -7.17 2.88
C THR A 117 9.18 -7.39 1.66
N MET A 118 9.29 -6.41 0.80
CA MET A 118 10.17 -6.56 -0.40
C MET A 118 11.65 -6.58 0.02
N ALA A 119 11.96 -7.21 1.12
CA ALA A 119 13.38 -7.25 1.57
C ALA A 119 14.10 -8.42 0.92
N ASP A 120 13.39 -9.21 0.15
CA ASP A 120 14.02 -10.39 -0.50
C ASP A 120 14.45 -10.01 -1.92
N SER A 121 15.73 -9.85 -2.14
CA SER A 121 16.22 -9.49 -3.50
C SER A 121 15.59 -10.44 -4.52
N SER A 122 15.08 -11.55 -4.06
CA SER A 122 14.45 -12.52 -4.99
C SER A 122 13.07 -12.02 -5.44
N TYR A 123 12.18 -11.76 -4.52
CA TYR A 123 10.84 -11.27 -4.93
C TYR A 123 10.97 -9.84 -5.48
N ASN A 124 12.00 -9.15 -5.07
CA ASN A 124 12.19 -7.76 -5.57
C ASN A 124 12.11 -7.75 -7.10
N LEU A 125 12.60 -8.77 -7.73
CA LEU A 125 12.56 -8.83 -9.22
C LEU A 125 11.12 -9.07 -9.70
N GLU A 126 10.37 -9.88 -8.98
CA GLU A 126 8.97 -10.17 -9.40
C GLU A 126 8.24 -8.86 -9.76
N VAL A 127 8.53 -7.79 -9.09
CA VAL A 127 7.84 -6.53 -9.43
C VAL A 127 8.45 -6.00 -10.74
N GLN A 128 9.75 -5.90 -10.79
CA GLN A 128 10.41 -5.43 -12.03
C GLN A 128 9.87 -6.20 -13.23
N ASN A 129 9.22 -7.31 -12.99
CA ASN A 129 8.69 -8.13 -14.10
C ASN A 129 7.37 -7.54 -14.63
N ILE A 130 6.58 -6.89 -13.80
CA ILE A 130 5.30 -6.33 -14.34
C ILE A 130 5.60 -5.11 -15.20
N LEU A 131 6.73 -4.47 -14.99
CA LEU A 131 7.06 -3.28 -15.82
C LEU A 131 7.22 -3.75 -17.26
N SER A 132 7.78 -4.91 -17.46
CA SER A 132 7.94 -5.43 -18.84
C SER A 132 6.58 -5.66 -19.48
N PHE A 133 5.54 -5.78 -18.68
CA PHE A 133 4.20 -6.01 -19.26
C PHE A 133 3.76 -4.77 -20.06
N LEU A 134 3.65 -3.65 -19.43
CA LEU A 134 3.24 -2.42 -20.15
C LEU A 134 4.12 -2.21 -21.38
N LYS A 135 5.34 -2.68 -21.33
CA LYS A 135 6.24 -2.49 -22.48
C LYS A 135 5.62 -3.08 -23.75
N MET A 136 4.78 -4.09 -23.61
CA MET A 136 4.16 -4.73 -24.82
C MET A 136 2.64 -4.88 -24.65
N GLN A 137 1.99 -3.98 -23.95
CA GLN A 137 0.50 -4.11 -23.80
C GLN A 137 -0.17 -3.53 -25.05
N HIS A 138 0.33 -2.43 -25.54
CA HIS A 138 -0.28 -1.82 -26.76
C HIS A 138 0.37 -2.41 -28.01
C1 4IP B . -11.40 6.85 8.07
O1 4IP B . -12.34 7.94 8.06
C2 4IP B . -11.13 6.43 6.62
O2 4IP B . -12.36 6.05 6.00
C3 4IP B . -10.16 5.25 6.60
O3 4IP B . -9.94 4.85 5.25
C4 4IP B . -10.74 4.07 7.39
O4 4IP B . -11.96 3.62 6.78
C5 4IP B . -11.03 4.50 8.83
O5 4IP B . -11.61 3.40 9.55
C6 4IP B . -11.99 5.69 8.86
O6 4IP B . -12.22 6.10 10.21
P1 4IP B . -12.52 8.85 9.38
O1P 4IP B . -13.48 8.26 10.34
O2P 4IP B . -12.96 10.30 8.86
O3P 4IP B . -11.05 9.04 10.00
P3 4IP B . -8.54 4.17 4.82
O4P 4IP B . -7.45 5.16 4.61
O5P 4IP B . -8.84 3.32 3.49
O6P 4IP B . -8.20 3.09 5.97
P4 4IP B . -12.11 2.09 6.29
O7P 4IP B . -13.35 1.85 5.52
O8P 4IP B . -12.03 1.19 7.63
O9P 4IP B . -10.77 1.75 5.46
P5 4IP B . -11.31 3.20 11.12
OPF 4IP B . -10.07 2.43 11.38
OPG 4IP B . -12.63 2.49 11.73
OPH 4IP B . -11.27 4.68 11.76
H1 4IP B . -10.49 7.17 8.53
H2 4IP B . -10.70 7.27 6.09
HO2 4IP B . -12.20 5.85 5.03
H3 4IP B . -9.23 5.55 7.05
H4 4IP B . -10.02 3.26 7.39
H5 4IP B . -10.10 4.78 9.30
H6 4IP B . -12.93 5.39 8.41
HO6 4IP B . -11.35 6.36 10.62
N GLY A 1 14.10 -1.47 30.94
CA GLY A 1 14.48 -1.92 29.53
C GLY A 1 14.40 -0.93 28.41
N SER A 2 14.52 0.32 28.71
CA SER A 2 14.44 1.36 27.63
C SER A 2 13.08 1.30 26.95
N HIS A 3 12.50 2.44 26.66
CA HIS A 3 11.17 2.45 26.00
C HIS A 3 11.34 2.15 24.51
N MET A 4 11.41 0.91 24.13
CA MET A 4 11.57 0.56 22.70
C MET A 4 10.40 1.13 21.89
N GLY A 5 10.64 1.48 20.66
CA GLY A 5 9.53 2.05 19.82
C GLY A 5 9.74 1.61 18.36
N ASP A 6 9.34 2.43 17.43
CA ASP A 6 9.51 2.07 15.99
C ASP A 6 9.46 3.33 15.13
N ILE A 7 10.13 4.37 15.54
CA ILE A 7 10.12 5.63 14.75
C ILE A 7 11.16 5.52 13.64
N THR A 8 12.27 4.91 13.93
CA THR A 8 13.34 4.76 12.90
C THR A 8 13.01 3.58 11.99
N SER A 9 12.18 3.80 11.02
CA SER A 9 11.81 2.71 10.08
C SER A 9 13.04 2.27 9.28
N ILE A 10 13.62 1.15 9.64
CA ILE A 10 14.83 0.69 8.90
C ILE A 10 14.43 0.26 7.47
N PRO A 11 13.29 -0.36 7.28
CA PRO A 11 12.81 -0.80 5.94
C PRO A 11 11.70 0.10 5.38
N GLU A 12 12.05 1.16 4.68
CA GLU A 12 11.00 2.08 4.15
C GLU A 12 10.43 1.65 2.80
N LEU A 13 9.13 1.73 2.70
CA LEU A 13 8.41 1.44 1.43
C LEU A 13 7.18 2.34 1.44
N ALA A 14 7.12 3.34 0.62
CA ALA A 14 5.93 4.23 0.67
C ALA A 14 5.80 5.07 -0.59
N ASP A 15 4.61 5.54 -0.85
CA ASP A 15 4.36 6.40 -2.03
C ASP A 15 3.10 7.22 -1.75
N TYR A 16 2.94 8.32 -2.40
CA TYR A 16 1.73 9.17 -2.16
C TYR A 16 0.66 8.87 -3.20
N ILE A 17 -0.39 8.16 -2.83
CA ILE A 17 -1.50 7.86 -3.80
C ILE A 17 -2.84 8.22 -3.14
N LYS A 18 -3.91 8.29 -3.91
CA LYS A 18 -5.24 8.67 -3.33
C LYS A 18 -6.10 7.40 -3.15
N VAL A 19 -7.04 7.45 -2.24
CA VAL A 19 -7.93 6.27 -1.99
C VAL A 19 -9.38 6.75 -1.83
N PHE A 20 -10.32 5.89 -2.07
CA PHE A 20 -11.76 6.28 -1.93
C PHE A 20 -12.58 5.03 -1.60
N LYS A 21 -13.12 4.96 -0.40
CA LYS A 21 -13.93 3.76 0.01
C LYS A 21 -15.31 4.21 0.50
N PRO A 22 -16.39 3.54 0.14
CA PRO A 22 -17.76 3.90 0.60
C PRO A 22 -18.16 3.07 1.80
N LYS A 23 -17.20 2.70 2.61
CA LYS A 23 -17.46 1.84 3.81
C LYS A 23 -18.81 2.18 4.44
N LYS A 24 -18.79 2.99 5.45
CA LYS A 24 -20.05 3.37 6.16
C LYS A 24 -20.46 4.78 5.74
N LEU A 25 -19.79 5.77 6.24
CA LEU A 25 -20.12 7.19 5.91
C LEU A 25 -19.13 7.73 4.87
N THR A 26 -17.85 7.64 5.13
CA THR A 26 -16.85 8.18 4.16
C THR A 26 -17.17 9.65 3.90
N LEU A 27 -16.86 10.51 4.82
CA LEU A 27 -17.15 11.96 4.62
C LEU A 27 -16.19 12.55 3.59
N LYS A 28 -14.94 12.15 3.61
CA LYS A 28 -13.97 12.70 2.62
C LYS A 28 -13.86 11.76 1.43
N GLY A 29 -13.32 10.59 1.63
CA GLY A 29 -13.17 9.63 0.51
C GLY A 29 -12.02 10.07 -0.39
N TYR A 30 -12.20 11.12 -1.14
CA TYR A 30 -11.09 11.61 -2.02
C TYR A 30 -10.07 12.36 -1.15
N LYS A 31 -9.15 11.64 -0.57
CA LYS A 31 -8.11 12.27 0.30
C LYS A 31 -6.74 11.72 -0.10
N GLN A 32 -5.74 11.94 0.72
CA GLN A 32 -4.36 11.45 0.39
C GLN A 32 -3.85 10.49 1.48
N TYR A 33 -3.84 9.23 1.19
CA TYR A 33 -3.36 8.21 2.17
C TYR A 33 -1.94 7.79 1.79
N TRP A 34 -0.99 8.14 2.59
CA TRP A 34 0.43 7.74 2.34
C TRP A 34 0.95 6.95 3.54
N CYS A 35 0.92 5.64 3.45
CA CYS A 35 1.39 4.80 4.58
C CYS A 35 2.85 4.38 4.36
N THR A 36 3.54 4.03 5.42
CA THR A 36 4.97 3.59 5.30
C THR A 36 5.16 2.27 6.05
N PHE A 37 6.00 1.42 5.53
CA PHE A 37 6.25 0.10 6.20
C PHE A 37 7.41 0.26 7.18
N LYS A 38 7.12 0.33 8.45
CA LYS A 38 8.21 0.50 9.46
C LYS A 38 8.72 -0.90 9.85
N ASP A 39 9.63 -0.94 10.80
CA ASP A 39 10.24 -2.23 11.29
C ASP A 39 9.54 -3.47 10.70
N THR A 40 8.26 -3.62 10.93
CA THR A 40 7.55 -4.81 10.39
C THR A 40 6.07 -4.49 10.14
N SER A 41 5.56 -3.44 10.76
CA SER A 41 4.13 -3.06 10.58
C SER A 41 4.01 -1.79 9.73
N ILE A 42 2.80 -1.37 9.43
CA ILE A 42 2.58 -0.15 8.60
C ILE A 42 2.17 1.00 9.51
N SER A 43 2.17 2.19 8.98
CA SER A 43 1.77 3.39 9.76
C SER A 43 0.88 4.27 8.88
N CYS A 44 -0.32 4.54 9.32
CA CYS A 44 -1.25 5.37 8.49
C CYS A 44 -1.10 6.85 8.83
N TYR A 45 -0.69 7.65 7.87
CA TYR A 45 -0.57 9.12 8.11
C TYR A 45 -0.99 9.83 6.83
N LYS A 46 -1.90 10.78 6.92
CA LYS A 46 -2.40 11.49 5.70
C LYS A 46 -1.71 12.85 5.51
N SER A 47 -1.28 13.51 6.57
CA SER A 47 -0.63 14.84 6.42
C SER A 47 0.87 14.72 6.72
N LYS A 48 1.69 15.26 5.86
CA LYS A 48 3.16 15.19 6.09
C LYS A 48 3.60 16.33 7.01
N GLU A 49 2.70 17.22 7.32
CA GLU A 49 3.05 18.36 8.21
C GLU A 49 3.03 17.92 9.68
N GLU A 50 2.49 16.75 9.97
CA GLU A 50 2.46 16.29 11.39
C GLU A 50 3.72 15.48 11.70
N SER A 51 4.81 15.85 11.13
CA SER A 51 6.08 15.11 11.38
C SER A 51 6.27 14.90 12.88
N SER A 52 6.04 15.92 13.67
CA SER A 52 6.20 15.78 15.15
C SER A 52 4.94 15.13 15.74
N GLY A 53 4.16 14.48 14.91
CA GLY A 53 2.90 13.82 15.40
C GLY A 53 3.03 12.30 15.22
N THR A 54 1.97 11.58 15.51
CA THR A 54 1.99 10.09 15.35
C THR A 54 0.82 9.67 14.45
N PRO A 55 0.97 8.64 13.65
CA PRO A 55 -0.13 8.18 12.74
C PRO A 55 -1.41 7.83 13.52
N ALA A 56 -2.49 7.64 12.82
CA ALA A 56 -3.77 7.32 13.51
C ALA A 56 -3.88 5.81 13.75
N HIS A 57 -3.26 5.00 12.92
CA HIS A 57 -3.36 3.53 13.13
C HIS A 57 -2.27 2.80 12.34
N GLN A 58 -2.07 1.54 12.65
CA GLN A 58 -1.05 0.71 11.93
C GLN A 58 -1.70 -0.62 11.56
N MET A 59 -1.30 -1.22 10.46
CA MET A 59 -1.91 -2.52 10.04
C MET A 59 -1.03 -3.68 10.50
N ASN A 60 -1.52 -4.88 10.35
CA ASN A 60 -0.74 -6.08 10.76
C ASN A 60 0.47 -6.25 9.85
N LEU A 61 1.52 -6.82 10.34
CA LEU A 61 2.73 -7.02 9.51
C LEU A 61 2.41 -7.96 8.35
N ARG A 62 1.18 -8.38 8.22
CA ARG A 62 0.82 -9.30 7.10
C ARG A 62 -0.70 -9.47 7.03
N GLY A 63 -1.25 -9.55 5.85
CA GLY A 63 -2.73 -9.74 5.72
C GLY A 63 -3.27 -8.93 4.54
N CYS A 64 -2.45 -8.14 3.89
CA CYS A 64 -2.98 -7.35 2.74
C CYS A 64 -3.18 -8.27 1.54
N GLU A 65 -4.35 -8.25 0.96
CA GLU A 65 -4.61 -9.12 -0.23
C GLU A 65 -4.20 -8.34 -1.48
N VAL A 66 -3.39 -8.93 -2.30
CA VAL A 66 -2.91 -8.23 -3.53
C VAL A 66 -3.64 -8.76 -4.77
N THR A 67 -4.13 -7.88 -5.60
CA THR A 67 -4.84 -8.31 -6.83
C THR A 67 -4.73 -7.18 -7.89
N PRO A 68 -3.93 -7.35 -8.93
CA PRO A 68 -3.75 -6.28 -9.97
C PRO A 68 -4.87 -6.26 -11.01
N ASP A 69 -5.25 -5.08 -11.42
CA ASP A 69 -6.31 -4.95 -12.46
C ASP A 69 -6.17 -3.59 -13.14
N VAL A 70 -5.33 -3.50 -14.14
CA VAL A 70 -5.15 -2.20 -14.85
C VAL A 70 -6.00 -2.21 -16.12
N ASN A 71 -6.85 -1.23 -16.27
CA ASN A 71 -7.71 -1.14 -17.47
C ASN A 71 -7.14 -0.07 -18.39
N ILE A 72 -6.38 -0.46 -19.38
CA ILE A 72 -5.80 0.56 -20.28
C ILE A 72 -6.89 1.10 -21.20
N SER A 73 -7.97 0.39 -21.35
CA SER A 73 -9.07 0.87 -22.24
C SER A 73 -9.34 2.34 -21.94
N GLY A 74 -9.49 2.67 -20.67
CA GLY A 74 -9.70 4.09 -20.28
C GLY A 74 -8.34 4.67 -19.87
N GLN A 75 -7.30 3.92 -20.14
CA GLN A 75 -5.92 4.36 -19.78
C GLN A 75 -5.79 4.55 -18.26
N LYS A 76 -5.91 3.50 -17.48
CA LYS A 76 -5.77 3.67 -16.00
C LYS A 76 -5.25 2.40 -15.32
N PHE A 77 -4.63 2.55 -14.16
CA PHE A 77 -4.11 1.37 -13.39
C PHE A 77 -4.85 1.34 -12.03
N ASN A 78 -5.56 0.27 -11.74
CA ASN A 78 -6.33 0.20 -10.46
C ASN A 78 -5.74 -0.81 -9.48
N ILE A 79 -5.26 -0.34 -8.35
CA ILE A 79 -4.70 -1.26 -7.32
C ILE A 79 -5.88 -1.81 -6.50
N LYS A 80 -6.20 -3.08 -6.66
CA LYS A 80 -7.34 -3.65 -5.89
C LYS A 80 -6.80 -4.29 -4.59
N LEU A 81 -6.76 -3.52 -3.53
CA LEU A 81 -6.26 -4.07 -2.22
C LEU A 81 -7.47 -4.46 -1.36
N LEU A 82 -7.44 -5.65 -0.81
CA LEU A 82 -8.57 -6.11 0.06
C LEU A 82 -8.00 -6.66 1.37
N ILE A 83 -8.71 -6.50 2.48
CA ILE A 83 -8.17 -6.99 3.79
C ILE A 83 -9.33 -7.50 4.69
N PRO A 84 -9.21 -8.68 5.28
CA PRO A 84 -10.27 -9.22 6.19
C PRO A 84 -10.22 -8.57 7.58
N VAL A 85 -11.35 -8.22 8.14
CA VAL A 85 -11.35 -7.58 9.50
C VAL A 85 -12.56 -8.06 10.30
N ALA A 86 -12.65 -7.65 11.53
CA ALA A 86 -13.81 -8.08 12.38
C ALA A 86 -15.13 -7.68 11.72
N GLU A 87 -15.26 -6.45 11.30
CA GLU A 87 -16.54 -6.02 10.66
C GLU A 87 -16.77 -6.87 9.42
N GLY A 88 -15.73 -7.34 8.81
CA GLY A 88 -15.88 -8.19 7.58
C GLY A 88 -14.64 -8.05 6.72
N MET A 89 -14.68 -7.19 5.74
CA MET A 89 -13.49 -6.99 4.85
C MET A 89 -13.41 -5.51 4.50
N ASN A 90 -12.26 -4.92 4.70
CA ASN A 90 -12.09 -3.48 4.37
C ASN A 90 -11.70 -3.35 2.90
N GLU A 91 -12.66 -3.03 2.07
CA GLU A 91 -12.35 -2.91 0.62
C GLU A 91 -11.63 -1.59 0.39
N ILE A 92 -10.46 -1.67 -0.18
CA ILE A 92 -9.65 -0.43 -0.44
C ILE A 92 -9.55 -0.24 -1.94
N TRP A 93 -9.50 1.00 -2.37
CA TRP A 93 -9.40 1.30 -3.83
C TRP A 93 -8.49 2.50 -4.02
N LEU A 94 -7.29 2.27 -4.48
CA LEU A 94 -6.35 3.40 -4.71
C LEU A 94 -6.62 3.95 -6.12
N ARG A 95 -6.46 5.24 -6.32
CA ARG A 95 -6.77 5.81 -7.66
C ARG A 95 -5.59 5.63 -8.63
N CYS A 96 -5.90 5.58 -9.90
CA CYS A 96 -4.85 5.41 -10.94
C CYS A 96 -3.97 6.66 -10.97
N ASP A 97 -2.78 6.55 -11.50
CA ASP A 97 -1.88 7.73 -11.57
C ASP A 97 -0.78 7.49 -12.61
N ASN A 98 -0.31 6.27 -12.73
CA ASN A 98 0.77 5.97 -13.72
C ASN A 98 1.29 4.54 -13.49
N GLU A 99 2.07 4.02 -14.40
CA GLU A 99 2.61 2.64 -14.21
C GLU A 99 3.59 2.66 -13.04
N LYS A 100 4.40 3.67 -12.95
CA LYS A 100 5.37 3.77 -11.83
C LYS A 100 4.60 3.55 -10.53
N GLN A 101 3.47 4.19 -10.39
CA GLN A 101 2.66 4.03 -9.16
C GLN A 101 2.40 2.55 -8.88
N TYR A 102 1.92 1.82 -9.86
CA TYR A 102 1.63 0.37 -9.64
C TYR A 102 2.81 -0.29 -8.90
N ALA A 103 3.96 -0.29 -9.50
CA ALA A 103 5.15 -0.96 -8.90
C ALA A 103 5.46 -0.50 -7.47
N HIS A 104 5.02 0.64 -7.04
CA HIS A 104 5.38 1.06 -5.64
C HIS A 104 4.59 0.24 -4.60
N TRP A 105 3.29 0.34 -4.57
CA TRP A 105 2.48 -0.43 -3.58
C TRP A 105 2.16 -1.83 -4.12
N MET A 106 1.66 -1.89 -5.33
CA MET A 106 1.28 -3.22 -5.90
C MET A 106 2.39 -4.25 -5.65
N ALA A 107 3.64 -3.91 -5.84
CA ALA A 107 4.70 -4.92 -5.57
C ALA A 107 4.71 -5.16 -4.07
N ALA A 108 4.75 -4.11 -3.31
CA ALA A 108 4.75 -4.24 -1.82
C ALA A 108 3.69 -5.24 -1.37
N CYS A 109 2.48 -5.02 -1.77
CA CYS A 109 1.37 -5.92 -1.36
C CYS A 109 1.79 -7.40 -1.51
N ARG A 110 2.70 -7.72 -2.39
CA ARG A 110 3.11 -9.15 -2.53
C ARG A 110 4.15 -9.51 -1.45
N LEU A 111 5.32 -8.91 -1.47
CA LEU A 111 6.30 -9.26 -0.41
C LEU A 111 5.69 -8.86 0.94
N ALA A 112 4.82 -7.89 0.95
CA ALA A 112 4.18 -7.50 2.23
C ALA A 112 3.60 -8.78 2.85
N SER A 113 3.23 -9.71 2.00
CA SER A 113 2.67 -11.00 2.50
C SER A 113 3.70 -11.67 3.41
N LYS A 114 4.90 -11.88 2.95
CA LYS A 114 5.91 -12.56 3.84
C LYS A 114 6.25 -11.64 5.02
N GLY A 115 5.51 -10.57 5.20
CA GLY A 115 5.79 -9.66 6.35
C GLY A 115 7.24 -9.17 6.32
N LYS A 116 7.77 -8.92 5.16
CA LYS A 116 9.18 -8.40 5.04
C LYS A 116 9.17 -7.26 4.03
N THR A 117 10.17 -6.43 4.01
CA THR A 117 10.18 -5.30 3.05
C THR A 117 11.64 -4.89 2.78
N MET A 118 11.83 -3.86 2.00
CA MET A 118 13.20 -3.36 1.68
C MET A 118 14.14 -4.50 1.26
N ALA A 119 13.65 -5.71 1.15
CA ALA A 119 14.55 -6.82 0.72
C ALA A 119 14.87 -6.59 -0.77
N ASP A 120 13.87 -6.61 -1.60
CA ASP A 120 14.08 -6.36 -3.06
C ASP A 120 14.92 -7.47 -3.70
N SER A 121 15.80 -8.08 -2.96
CA SER A 121 16.64 -9.16 -3.55
C SER A 121 15.79 -10.12 -4.39
N SER A 122 14.75 -10.66 -3.82
CA SER A 122 13.88 -11.59 -4.58
C SER A 122 12.79 -10.81 -5.33
N TYR A 123 12.29 -9.76 -4.72
CA TYR A 123 11.21 -8.98 -5.41
C TYR A 123 11.78 -8.32 -6.67
N ASN A 124 13.08 -8.12 -6.73
CA ASN A 124 13.69 -7.47 -7.93
C ASN A 124 13.04 -8.00 -9.21
N LEU A 125 12.77 -9.27 -9.28
CA LEU A 125 12.13 -9.83 -10.50
C LEU A 125 10.61 -9.59 -10.41
N GLU A 126 10.08 -9.48 -9.22
CA GLU A 126 8.61 -9.26 -9.08
C GLU A 126 8.24 -7.85 -9.56
N VAL A 127 9.04 -6.86 -9.25
CA VAL A 127 8.72 -5.46 -9.68
C VAL A 127 9.02 -5.31 -11.17
N GLN A 128 9.98 -6.04 -11.64
CA GLN A 128 10.35 -5.98 -13.07
C GLN A 128 9.39 -6.86 -13.86
N ASN A 129 8.66 -7.68 -13.16
CA ASN A 129 7.74 -8.62 -13.83
C ASN A 129 6.43 -7.94 -14.19
N ILE A 130 5.86 -7.19 -13.29
CA ILE A 130 4.55 -6.57 -13.62
C ILE A 130 4.72 -5.53 -14.73
N LEU A 131 5.82 -4.82 -14.77
CA LEU A 131 6.02 -3.81 -15.85
C LEU A 131 5.72 -4.49 -17.20
N SER A 132 6.26 -5.67 -17.41
CA SER A 132 6.03 -6.37 -18.70
C SER A 132 4.56 -6.81 -18.83
N PHE A 133 3.92 -7.16 -17.74
CA PHE A 133 2.50 -7.60 -17.82
C PHE A 133 1.68 -6.44 -18.35
N LEU A 134 1.98 -5.26 -17.90
CA LEU A 134 1.23 -4.06 -18.36
C LEU A 134 1.59 -3.81 -19.82
N LYS A 135 2.82 -4.01 -20.19
CA LYS A 135 3.23 -3.78 -21.60
C LYS A 135 2.64 -4.90 -22.47
N MET A 136 2.47 -6.08 -21.91
CA MET A 136 1.89 -7.22 -22.67
C MET A 136 0.45 -7.48 -22.21
N GLN A 137 -0.11 -6.55 -21.50
CA GLN A 137 -1.51 -6.75 -21.01
C GLN A 137 -2.40 -7.25 -22.16
N HIS A 138 -2.60 -6.43 -23.16
CA HIS A 138 -3.45 -6.85 -24.32
C HIS A 138 -3.23 -5.86 -25.47
C1 4IP B . -10.80 9.31 8.14
O1 4IP B . -11.61 10.48 8.35
C2 4IP B . -11.62 8.33 7.30
O2 4IP B . -12.85 8.04 7.97
C3 4IP B . -10.83 7.03 7.08
O3 4IP B . -11.60 6.13 6.28
C4 4IP B . -10.49 6.39 8.43
O4 4IP B . -11.68 6.08 9.15
C5 4IP B . -9.65 7.38 9.27
O5 4IP B . -9.34 6.79 10.53
C6 4IP B . -10.43 8.68 9.49
O6 4IP B . -9.61 9.59 10.23
P1 4IP B . -11.25 11.56 9.50
O1P 4IP B . -9.92 12.17 9.32
O2P 4IP B . -11.41 10.79 10.90
O3P 4IP B . -12.44 12.64 9.46
P3 4IP B . -12.65 5.07 6.90
O4P 4IP B . -11.98 3.93 7.57
O5P 4IP B . -13.59 4.61 5.67
O6P 4IP B . -13.61 5.91 7.89
P4 4IP B . -11.62 5.10 10.42
O7P 4IP B . -12.87 4.35 10.63
O8P 4IP B . -11.25 6.05 11.68
O9P 4IP B . -10.34 4.16 10.19
P5 4IP B . -7.89 7.03 11.20
OPF 4IP B . -6.88 6.05 10.74
OPG 4IP B . -8.13 7.00 12.79
OPH 4IP B . -7.49 8.54 10.83
H1 4IP B . -9.91 9.58 7.61
H2 4IP B . -11.83 8.79 6.34
HO2 4IP B . -12.66 7.64 8.85
H3 4IP B . -9.92 7.27 6.57
H4 4IP B . -9.92 5.49 8.26
H5 4IP B . -8.74 7.60 8.73
H6 4IP B . -11.32 8.46 10.05
HO6 4IP B . -9.43 9.21 11.13
N GLY A 1 22.37 -7.47 16.82
CA GLY A 1 23.26 -7.75 18.04
C GLY A 1 23.15 -6.88 19.23
N SER A 2 21.98 -6.38 19.52
CA SER A 2 21.80 -5.50 20.70
C SER A 2 20.33 -5.49 21.11
N HIS A 3 19.99 -4.77 22.15
CA HIS A 3 18.56 -4.72 22.59
C HIS A 3 18.04 -6.14 22.75
N MET A 4 16.83 -6.39 22.31
CA MET A 4 16.27 -7.76 22.43
C MET A 4 16.88 -8.66 21.35
N GLY A 5 17.09 -8.13 20.18
CA GLY A 5 17.67 -8.95 19.07
C GLY A 5 16.56 -9.71 18.37
N ASP A 6 16.31 -9.39 17.12
CA ASP A 6 15.23 -10.10 16.38
C ASP A 6 15.32 -9.75 14.87
N ILE A 7 14.24 -9.87 14.16
CA ILE A 7 14.27 -9.56 12.70
C ILE A 7 14.50 -8.05 12.50
N THR A 8 13.66 -7.24 13.08
CA THR A 8 13.82 -5.77 12.93
C THR A 8 13.71 -5.40 11.45
N SER A 9 12.67 -4.69 11.08
CA SER A 9 12.49 -4.27 9.66
C SER A 9 11.92 -2.86 9.63
N ILE A 10 12.69 -1.89 9.18
CA ILE A 10 12.20 -0.47 9.14
C ILE A 10 12.34 0.12 7.72
N PRO A 11 12.03 -0.63 6.69
CA PRO A 11 12.11 -0.14 5.28
C PRO A 11 10.90 0.74 4.94
N GLU A 12 11.11 2.00 4.69
CA GLU A 12 9.95 2.88 4.37
C GLU A 12 9.48 2.64 2.94
N LEU A 13 8.20 2.71 2.73
CA LEU A 13 7.62 2.52 1.36
C LEU A 13 6.36 3.40 1.28
N ALA A 14 6.39 4.46 0.51
CA ALA A 14 5.19 5.34 0.43
C ALA A 14 5.20 6.16 -0.86
N ASP A 15 4.08 6.72 -1.21
CA ASP A 15 3.99 7.55 -2.46
C ASP A 15 2.74 8.44 -2.39
N TYR A 16 2.62 9.41 -3.25
CA TYR A 16 1.40 10.28 -3.21
C TYR A 16 0.21 9.46 -3.72
N ILE A 17 -0.87 9.38 -2.99
CA ILE A 17 -2.02 8.57 -3.47
C ILE A 17 -3.33 9.13 -2.87
N LYS A 18 -4.43 9.00 -3.60
CA LYS A 18 -5.77 9.51 -3.10
C LYS A 18 -6.73 8.34 -2.95
N VAL A 19 -7.48 8.32 -1.87
CA VAL A 19 -8.41 7.17 -1.62
C VAL A 19 -9.78 7.62 -1.07
N PHE A 20 -10.84 7.01 -1.54
CA PHE A 20 -12.21 7.35 -1.03
C PHE A 20 -13.13 6.14 -1.31
N LYS A 21 -13.61 5.41 -0.30
CA LYS A 21 -14.45 4.23 -0.65
C LYS A 21 -15.26 3.63 0.53
N PRO A 22 -14.86 3.72 1.78
CA PRO A 22 -15.63 3.10 2.89
C PRO A 22 -16.53 4.11 3.59
N LYS A 23 -15.91 5.01 4.28
CA LYS A 23 -16.67 6.06 5.01
C LYS A 23 -17.71 5.41 5.94
N LYS A 24 -17.46 5.45 7.22
CA LYS A 24 -18.45 4.88 8.19
C LYS A 24 -19.48 5.96 8.48
N LEU A 25 -19.02 7.11 8.90
CA LEU A 25 -19.97 8.23 9.20
C LEU A 25 -20.28 8.98 7.90
N THR A 26 -19.33 9.02 6.99
CA THR A 26 -19.54 9.71 5.68
C THR A 26 -19.40 11.23 5.85
N LEU A 27 -18.21 11.75 5.71
CA LEU A 27 -18.00 13.21 5.85
C LEU A 27 -17.02 13.71 4.77
N LYS A 28 -16.06 12.89 4.37
CA LYS A 28 -15.08 13.31 3.33
C LYS A 28 -14.94 12.21 2.27
N GLY A 29 -13.73 11.74 2.01
CA GLY A 29 -13.54 10.67 0.98
C GLY A 29 -12.32 11.02 0.12
N TYR A 30 -12.46 11.95 -0.77
CA TYR A 30 -11.31 12.35 -1.64
C TYR A 30 -10.22 12.98 -0.77
N LYS A 31 -9.13 12.28 -0.56
CA LYS A 31 -8.05 12.84 0.30
C LYS A 31 -6.72 12.16 -0.05
N GLN A 32 -5.65 12.92 -0.09
CA GLN A 32 -4.31 12.36 -0.45
C GLN A 32 -3.57 11.87 0.80
N TYR A 33 -3.14 10.61 0.81
CA TYR A 33 -2.40 10.08 2.01
C TYR A 33 -1.22 9.22 1.56
N TRP A 34 -0.14 9.25 2.31
CA TRP A 34 1.07 8.46 1.97
C TRP A 34 1.38 7.50 3.12
N CYS A 35 1.10 6.23 2.95
CA CYS A 35 1.38 5.26 4.03
C CYS A 35 2.85 4.81 3.96
N THR A 36 3.50 4.69 5.09
CA THR A 36 4.94 4.27 5.09
C THR A 36 5.07 3.02 5.95
N PHE A 37 5.82 2.04 5.50
CA PHE A 37 5.98 0.79 6.30
C PHE A 37 7.16 0.97 7.24
N LYS A 38 6.88 1.23 8.49
CA LYS A 38 7.96 1.44 9.51
C LYS A 38 7.84 0.35 10.58
N ASP A 39 8.94 -0.26 10.93
CA ASP A 39 8.89 -1.32 11.98
C ASP A 39 7.81 -2.35 11.61
N THR A 40 6.98 -2.75 12.55
CA THR A 40 5.91 -3.75 12.24
C THR A 40 4.55 -3.06 12.27
N SER A 41 4.51 -1.79 12.00
CA SER A 41 3.22 -1.05 12.02
C SER A 41 3.24 0.03 10.94
N ILE A 42 2.23 0.09 10.13
CA ILE A 42 2.16 1.12 9.05
C ILE A 42 1.43 2.34 9.60
N SER A 43 1.99 3.51 9.42
CA SER A 43 1.34 4.75 9.91
C SER A 43 0.49 5.36 8.79
N CYS A 44 -0.58 6.04 9.13
CA CYS A 44 -1.46 6.65 8.09
C CYS A 44 -1.35 8.18 8.15
N TYR A 45 -0.68 8.78 7.20
CA TYR A 45 -0.55 10.28 7.19
C TYR A 45 -1.34 10.85 6.02
N LYS A 46 -2.21 11.80 6.29
CA LYS A 46 -3.02 12.41 5.20
C LYS A 46 -2.36 13.71 4.73
N SER A 47 -1.95 14.55 5.64
CA SER A 47 -1.28 15.82 5.24
C SER A 47 -0.21 16.19 6.27
N LYS A 48 0.97 16.53 5.82
CA LYS A 48 2.06 16.89 6.77
C LYS A 48 1.73 18.24 7.41
N GLU A 49 0.67 18.88 6.98
CA GLU A 49 0.30 20.19 7.57
C GLU A 49 0.27 20.08 9.09
N GLU A 50 -0.13 18.94 9.61
CA GLU A 50 -0.18 18.78 11.09
C GLU A 50 1.23 18.54 11.62
N SER A 51 2.07 17.94 10.81
CA SER A 51 3.48 17.67 11.22
C SER A 51 3.52 16.93 12.56
N SER A 52 3.44 17.66 13.64
CA SER A 52 3.48 17.01 14.98
C SER A 52 2.14 16.33 15.28
N GLY A 53 1.38 16.00 14.27
CA GLY A 53 0.07 15.34 14.48
C GLY A 53 0.25 13.84 14.29
N THR A 54 -0.21 13.06 15.23
CA THR A 54 -0.07 11.59 15.10
C THR A 54 -1.07 11.08 14.04
N PRO A 55 -0.75 10.01 13.34
CA PRO A 55 -1.66 9.47 12.28
C PRO A 55 -3.05 9.14 12.82
N ALA A 56 -4.07 9.43 12.05
CA ALA A 56 -5.46 9.14 12.49
C ALA A 56 -5.53 7.73 13.06
N HIS A 57 -4.80 6.81 12.50
CA HIS A 57 -4.83 5.41 13.02
C HIS A 57 -3.54 4.69 12.61
N GLN A 58 -2.92 4.02 13.55
CA GLN A 58 -1.64 3.28 13.24
C GLN A 58 -1.84 1.80 13.58
N MET A 59 -1.81 0.94 12.58
CA MET A 59 -1.99 -0.51 12.84
C MET A 59 -1.32 -1.30 11.72
N ASN A 60 -1.19 -2.59 11.89
CA ASN A 60 -0.53 -3.42 10.84
C ASN A 60 -1.51 -3.71 9.70
N LEU A 61 -1.38 -3.02 8.61
CA LEU A 61 -2.29 -3.27 7.46
C LEU A 61 -1.79 -4.49 6.68
N ARG A 62 -0.76 -5.13 7.17
CA ARG A 62 -0.22 -6.33 6.46
C ARG A 62 -1.33 -7.37 6.28
N GLY A 63 -0.96 -8.58 5.97
CA GLY A 63 -1.99 -9.64 5.78
C GLY A 63 -3.10 -9.10 4.85
N CYS A 64 -2.81 -8.04 4.15
CA CYS A 64 -3.83 -7.46 3.23
C CYS A 64 -3.88 -8.25 1.94
N GLU A 65 -5.01 -8.27 1.29
CA GLU A 65 -5.13 -9.01 0.00
C GLU A 65 -4.82 -8.04 -1.13
N VAL A 66 -4.55 -8.54 -2.30
CA VAL A 66 -4.21 -7.64 -3.45
C VAL A 66 -4.65 -8.26 -4.78
N THR A 67 -5.28 -7.48 -5.62
CA THR A 67 -5.75 -7.98 -6.95
C THR A 67 -5.20 -7.03 -8.03
N PRO A 68 -4.12 -7.40 -8.72
CA PRO A 68 -3.51 -6.53 -9.76
C PRO A 68 -4.22 -6.61 -11.11
N ASP A 69 -4.60 -5.48 -11.68
CA ASP A 69 -5.28 -5.51 -12.99
C ASP A 69 -5.42 -4.10 -13.56
N VAL A 70 -4.55 -3.72 -14.44
CA VAL A 70 -4.64 -2.36 -15.08
C VAL A 70 -4.85 -2.56 -16.58
N ASN A 71 -5.71 -1.75 -17.13
CA ASN A 71 -5.98 -1.80 -18.60
C ASN A 71 -5.35 -0.57 -19.22
N ILE A 72 -4.19 -0.69 -19.78
CA ILE A 72 -3.56 0.50 -20.36
C ILE A 72 -4.33 0.94 -21.60
N SER A 73 -5.17 0.08 -22.12
CA SER A 73 -5.97 0.44 -23.33
C SER A 73 -6.53 1.85 -23.14
N GLY A 74 -6.99 2.14 -21.95
CA GLY A 74 -7.54 3.49 -21.63
C GLY A 74 -6.64 4.14 -20.58
N GLN A 75 -5.45 3.62 -20.39
CA GLN A 75 -4.53 4.20 -19.38
C GLN A 75 -5.28 4.32 -18.04
N LYS A 76 -5.69 3.22 -17.48
CA LYS A 76 -6.44 3.27 -16.19
C LYS A 76 -5.89 2.23 -15.22
N PHE A 77 -5.36 2.68 -14.12
CA PHE A 77 -4.80 1.73 -13.11
C PHE A 77 -5.87 1.42 -12.05
N ASN A 78 -6.14 0.15 -11.82
CA ASN A 78 -7.18 -0.23 -10.81
C ASN A 78 -6.62 -1.29 -9.84
N ILE A 79 -6.17 -0.87 -8.68
CA ILE A 79 -5.64 -1.84 -7.66
C ILE A 79 -6.58 -1.82 -6.45
N LYS A 80 -7.23 -2.90 -6.17
CA LYS A 80 -8.16 -2.95 -5.01
C LYS A 80 -7.45 -3.60 -3.82
N LEU A 81 -7.56 -3.01 -2.66
CA LEU A 81 -6.92 -3.59 -1.45
C LEU A 81 -8.01 -4.06 -0.50
N LEU A 82 -7.99 -5.32 -0.15
CA LEU A 82 -9.03 -5.89 0.77
C LEU A 82 -8.31 -6.49 1.97
N ILE A 83 -8.92 -6.44 3.13
CA ILE A 83 -8.24 -6.99 4.35
C ILE A 83 -9.25 -7.68 5.28
N PRO A 84 -9.30 -9.00 5.31
CA PRO A 84 -10.23 -9.75 6.22
C PRO A 84 -10.05 -9.34 7.70
N VAL A 85 -11.11 -8.98 8.38
CA VAL A 85 -10.99 -8.58 9.82
C VAL A 85 -12.09 -9.27 10.65
N ALA A 86 -12.21 -8.91 11.91
CA ALA A 86 -13.26 -9.54 12.76
C ALA A 86 -14.64 -9.16 12.23
N GLU A 87 -14.86 -7.90 11.96
CA GLU A 87 -16.19 -7.48 11.42
C GLU A 87 -16.43 -8.22 10.09
N GLY A 88 -15.38 -8.46 9.36
CA GLY A 88 -15.53 -9.16 8.05
C GLY A 88 -14.35 -8.79 7.16
N MET A 89 -14.49 -7.76 6.37
CA MET A 89 -13.37 -7.33 5.49
C MET A 89 -13.41 -5.81 5.33
N ASN A 90 -12.27 -5.16 5.40
CA ASN A 90 -12.24 -3.67 5.25
C ASN A 90 -12.10 -3.32 3.77
N GLU A 91 -13.03 -2.56 3.24
CA GLU A 91 -12.96 -2.18 1.80
C GLU A 91 -11.92 -1.08 1.60
N ILE A 92 -10.85 -1.37 0.90
CA ILE A 92 -9.79 -0.34 0.67
C ILE A 92 -9.36 -0.35 -0.79
N TRP A 93 -9.77 0.64 -1.54
CA TRP A 93 -9.38 0.74 -2.99
C TRP A 93 -8.56 2.03 -3.19
N LEU A 94 -7.27 1.93 -3.32
CA LEU A 94 -6.44 3.17 -3.53
C LEU A 94 -6.29 3.43 -5.03
N ARG A 95 -6.48 4.65 -5.44
CA ARG A 95 -6.36 4.98 -6.90
C ARG A 95 -4.93 5.45 -7.24
N CYS A 96 -4.48 5.14 -8.43
CA CYS A 96 -3.12 5.54 -8.89
C CYS A 96 -3.27 6.32 -10.20
N ASP A 97 -2.21 6.88 -10.73
CA ASP A 97 -2.35 7.66 -12.00
C ASP A 97 -1.11 7.46 -12.89
N ASN A 98 -0.31 6.47 -12.61
CA ASN A 98 0.90 6.23 -13.45
C ASN A 98 1.31 4.76 -13.36
N GLU A 99 1.76 4.20 -14.45
CA GLU A 99 2.20 2.78 -14.42
C GLU A 99 3.39 2.69 -13.48
N LYS A 100 4.20 3.71 -13.47
CA LYS A 100 5.38 3.73 -12.57
C LYS A 100 4.88 3.60 -11.13
N GLN A 101 3.82 4.30 -10.82
CA GLN A 101 3.27 4.22 -9.45
C GLN A 101 2.78 2.80 -9.18
N TYR A 102 1.98 2.25 -10.06
CA TYR A 102 1.48 0.86 -9.83
C TYR A 102 2.62 -0.06 -9.36
N ALA A 103 3.65 -0.18 -10.15
CA ALA A 103 4.78 -1.07 -9.80
C ALA A 103 5.28 -0.82 -8.37
N HIS A 104 5.09 0.36 -7.83
CA HIS A 104 5.61 0.63 -6.45
C HIS A 104 4.62 0.11 -5.39
N TRP A 105 3.43 0.63 -5.33
CA TRP A 105 2.46 0.15 -4.30
C TRP A 105 1.97 -1.26 -4.62
N MET A 106 1.58 -1.53 -5.84
CA MET A 106 1.08 -2.90 -6.16
C MET A 106 2.05 -3.96 -5.62
N ALA A 107 3.32 -3.84 -5.94
CA ALA A 107 4.30 -4.85 -5.43
C ALA A 107 4.38 -4.73 -3.91
N ALA A 108 4.48 -3.53 -3.40
CA ALA A 108 4.58 -3.35 -1.93
C ALA A 108 3.38 -3.99 -1.23
N CYS A 109 2.25 -4.07 -1.87
CA CYS A 109 1.06 -4.66 -1.20
C CYS A 109 1.18 -6.19 -1.22
N ARG A 110 1.88 -6.74 -2.18
CA ARG A 110 2.02 -8.21 -2.26
C ARG A 110 2.92 -8.73 -1.14
N LEU A 111 4.16 -8.31 -1.07
CA LEU A 111 5.01 -8.84 0.03
C LEU A 111 4.49 -8.32 1.37
N ALA A 112 3.79 -7.21 1.37
CA ALA A 112 3.25 -6.68 2.65
C ALA A 112 2.49 -7.83 3.33
N SER A 113 2.03 -8.75 2.55
CA SER A 113 1.29 -9.92 3.12
C SER A 113 2.27 -10.81 3.88
N LYS A 114 3.45 -11.07 3.33
CA LYS A 114 4.41 -11.95 4.06
C LYS A 114 4.87 -11.25 5.35
N GLY A 115 4.48 -10.02 5.54
CA GLY A 115 4.89 -9.28 6.79
C GLY A 115 6.04 -8.33 6.48
N LYS A 116 6.89 -8.69 5.55
CA LYS A 116 8.04 -7.80 5.20
C LYS A 116 7.59 -6.77 4.16
N THR A 117 8.48 -5.89 3.76
CA THR A 117 8.15 -4.85 2.75
C THR A 117 8.96 -5.16 1.47
N MET A 118 9.00 -4.24 0.55
CA MET A 118 9.76 -4.47 -0.70
C MET A 118 11.24 -4.73 -0.38
N ALA A 119 11.60 -4.67 0.87
CA ALA A 119 13.03 -4.89 1.24
C ALA A 119 13.34 -6.39 1.29
N ASP A 120 12.36 -7.21 1.10
CA ASP A 120 12.60 -8.67 1.12
C ASP A 120 13.72 -9.01 0.13
N SER A 121 14.25 -10.21 0.19
CA SER A 121 15.34 -10.59 -0.76
C SER A 121 14.73 -11.10 -2.07
N SER A 122 13.53 -11.61 -2.01
CA SER A 122 12.87 -12.14 -3.24
C SER A 122 12.12 -11.01 -3.97
N TYR A 123 11.88 -9.91 -3.31
CA TYR A 123 11.14 -8.79 -3.95
C TYR A 123 11.68 -8.53 -5.37
N ASN A 124 12.97 -8.61 -5.56
CA ASN A 124 13.55 -8.33 -6.91
C ASN A 124 12.71 -9.02 -7.99
N LEU A 125 12.29 -10.22 -7.76
CA LEU A 125 11.48 -10.94 -8.78
C LEU A 125 10.04 -10.44 -8.74
N GLU A 126 9.53 -10.13 -7.57
CA GLU A 126 8.13 -9.66 -7.47
C GLU A 126 7.94 -8.34 -8.21
N VAL A 127 8.88 -7.42 -8.09
CA VAL A 127 8.71 -6.11 -8.80
C VAL A 127 9.01 -6.31 -10.28
N GLN A 128 10.08 -6.98 -10.58
CA GLN A 128 10.44 -7.23 -12.00
C GLN A 128 9.33 -8.03 -12.67
N ASN A 129 8.47 -8.63 -11.89
CA ASN A 129 7.39 -9.46 -12.49
C ASN A 129 6.18 -8.62 -12.89
N ILE A 130 5.92 -7.51 -12.23
CA ILE A 130 4.73 -6.69 -12.62
C ILE A 130 5.07 -5.82 -13.83
N LEU A 131 6.32 -5.48 -13.99
CA LEU A 131 6.72 -4.66 -15.16
C LEU A 131 6.68 -5.59 -16.37
N SER A 132 6.68 -6.87 -16.11
CA SER A 132 6.64 -7.87 -17.22
C SER A 132 5.26 -7.87 -17.88
N PHE A 133 4.23 -7.56 -17.14
CA PHE A 133 2.87 -7.55 -17.75
C PHE A 133 2.70 -6.31 -18.63
N LEU A 134 2.87 -5.15 -18.07
CA LEU A 134 2.70 -3.91 -18.86
C LEU A 134 3.69 -3.87 -20.02
N LYS A 135 4.78 -4.59 -19.91
CA LYS A 135 5.76 -4.62 -21.02
C LYS A 135 5.11 -5.40 -22.17
N MET A 136 4.16 -6.23 -21.85
CA MET A 136 3.46 -7.03 -22.89
C MET A 136 2.07 -6.43 -23.12
N GLN A 137 1.85 -5.24 -22.65
CA GLN A 137 0.51 -4.60 -22.82
C GLN A 137 -0.54 -5.48 -22.17
N HIS A 138 -0.47 -5.65 -20.88
CA HIS A 138 -1.47 -6.51 -20.17
C HIS A 138 -1.41 -7.93 -20.77
C1 4IP B . -11.36 8.13 6.15
O1 4IP B . -12.62 8.76 5.84
C2 4IP B . -10.94 7.29 4.93
O2 4IP B . -12.00 6.40 4.59
C3 4IP B . -9.67 6.48 5.23
O3 4IP B . -9.38 5.65 4.11
C4 4IP B . -9.88 5.61 6.47
O4 4IP B . -10.93 4.66 6.23
C5 4IP B . -10.24 6.47 7.67
O5 4IP B . -10.44 5.64 8.83
C6 4IP B . -11.54 7.25 7.39
O6 4IP B . -11.85 8.07 8.52
P1 4IP B . -13.46 9.52 6.98
O1P 4IP B . -14.05 8.58 7.98
O2P 4IP B . -14.57 10.37 6.20
O3P 4IP B . -12.45 10.58 7.65
P3 4IP B . -8.01 4.82 4.06
O4P 4IP B . -8.08 3.53 4.78
O5P 4IP B . -6.87 5.80 4.66
O6P 4IP B . -7.65 4.64 2.50
P4 4IP B . -11.34 3.60 7.37
O7P 4IP B . -11.88 2.34 6.82
O8P 4IP B . -12.37 4.37 8.34
O9P 4IP B . -10.00 3.37 8.25
P5 4IP B . -9.87 6.11 10.26
OPF 4IP B . -10.73 7.10 10.93
OPG 4IP B . -8.38 6.64 10.00
OPH 4IP B . -9.70 4.75 11.12
H1 4IP B . -10.62 8.89 6.35
H2 4IP B . -10.75 7.96 4.11
HO2 4IP B . -11.76 5.89 3.76
H3 4IP B . -8.85 7.16 5.40
H4 4IP B . -8.96 5.07 6.68
H5 4IP B . -9.44 7.16 7.86
H6 4IP B . -12.34 6.55 7.22
HO6 4IP B . -11.93 7.49 9.34
N GLY A 1 21.10 3.35 27.92
CA GLY A 1 19.88 2.65 27.34
C GLY A 1 19.65 2.65 25.88
N SER A 2 18.44 2.48 25.45
CA SER A 2 18.15 2.47 23.99
C SER A 2 16.64 2.68 23.77
N HIS A 3 16.22 2.78 22.53
CA HIS A 3 14.76 2.97 22.26
C HIS A 3 14.52 2.97 20.76
N MET A 4 13.30 3.25 20.35
CA MET A 4 12.97 3.25 18.89
C MET A 4 13.15 4.67 18.34
N GLY A 5 13.43 5.63 19.19
CA GLY A 5 13.62 7.04 18.72
C GLY A 5 14.43 7.07 17.43
N ASP A 6 15.40 6.20 17.30
CA ASP A 6 16.23 6.19 16.06
C ASP A 6 15.32 6.14 14.83
N ILE A 7 15.85 6.46 13.68
CA ILE A 7 15.02 6.45 12.43
C ILE A 7 15.24 5.12 11.70
N THR A 8 15.81 4.16 12.37
CA THR A 8 16.08 2.85 11.71
C THR A 8 14.77 2.13 11.37
N SER A 9 14.83 1.20 10.45
CA SER A 9 13.62 0.43 10.04
C SER A 9 14.07 -0.69 9.09
N ILE A 10 14.37 -1.84 9.62
CA ILE A 10 14.84 -2.95 8.75
C ILE A 10 13.89 -3.16 7.55
N PRO A 11 12.60 -3.16 7.78
CA PRO A 11 11.60 -3.35 6.71
C PRO A 11 10.94 -2.04 6.30
N GLU A 12 11.61 -1.21 5.53
CA GLU A 12 11.02 0.09 5.11
C GLU A 12 10.44 0.01 3.69
N LEU A 13 9.17 0.28 3.57
CA LEU A 13 8.49 0.28 2.23
C LEU A 13 7.40 1.34 2.31
N ALA A 14 7.57 2.44 1.62
CA ALA A 14 6.55 3.53 1.72
C ALA A 14 6.42 4.29 0.42
N ASP A 15 5.23 4.68 0.11
CA ASP A 15 4.97 5.43 -1.14
C ASP A 15 3.73 6.30 -0.93
N TYR A 16 3.47 7.23 -1.81
CA TYR A 16 2.28 8.13 -1.65
C TYR A 16 1.25 7.84 -2.75
N ILE A 17 0.10 7.34 -2.38
CA ILE A 17 -0.97 7.06 -3.38
C ILE A 17 -2.33 7.43 -2.78
N LYS A 18 -3.37 7.42 -3.58
CA LYS A 18 -4.73 7.82 -3.07
C LYS A 18 -5.72 6.66 -3.29
N VAL A 19 -6.64 6.53 -2.38
CA VAL A 19 -7.67 5.44 -2.44
C VAL A 19 -9.05 6.07 -2.23
N PHE A 20 -10.09 5.42 -2.70
CA PHE A 20 -11.48 5.96 -2.50
C PHE A 20 -12.41 4.81 -2.12
N LYS A 21 -12.69 4.65 -0.85
CA LYS A 21 -13.62 3.55 -0.41
C LYS A 21 -15.01 4.16 -0.20
N PRO A 22 -16.03 3.33 -0.19
CA PRO A 22 -17.40 3.84 0.02
C PRO A 22 -17.44 4.71 1.27
N LYS A 23 -17.25 4.11 2.43
CA LYS A 23 -17.23 4.86 3.73
C LYS A 23 -17.57 3.89 4.87
N LYS A 24 -16.66 3.75 5.80
CA LYS A 24 -16.93 2.87 6.98
C LYS A 24 -17.47 3.75 8.10
N LEU A 25 -16.93 4.94 8.22
CA LEU A 25 -17.40 5.89 9.27
C LEU A 25 -18.65 6.63 8.75
N THR A 26 -18.47 7.59 7.88
CA THR A 26 -19.66 8.33 7.35
C THR A 26 -19.21 9.37 6.31
N LEU A 27 -17.98 9.83 6.39
CA LEU A 27 -17.49 10.87 5.45
C LEU A 27 -16.02 10.52 5.07
N LYS A 28 -15.28 11.42 4.49
CA LYS A 28 -13.88 11.14 4.09
C LYS A 28 -13.88 10.01 3.05
N GLY A 29 -13.11 10.21 2.03
CA GLY A 29 -12.99 9.21 0.93
C GLY A 29 -11.83 9.63 0.03
N TYR A 30 -12.08 10.49 -0.94
CA TYR A 30 -10.95 10.95 -1.81
C TYR A 30 -9.89 11.50 -0.87
N LYS A 31 -8.83 10.77 -0.69
CA LYS A 31 -7.77 11.20 0.26
C LYS A 31 -6.44 10.57 -0.13
N GLN A 32 -5.35 11.15 0.33
CA GLN A 32 -3.99 10.60 0.00
C GLN A 32 -3.38 9.92 1.23
N TYR A 33 -3.31 8.63 1.22
CA TYR A 33 -2.71 7.89 2.38
C TYR A 33 -1.23 7.59 2.10
N TRP A 34 -0.34 8.01 2.95
CA TRP A 34 1.11 7.67 2.77
C TRP A 34 1.52 6.82 3.99
N CYS A 35 1.47 5.53 3.85
CA CYS A 35 1.81 4.62 4.98
C CYS A 35 3.28 4.23 4.91
N THR A 36 3.77 3.56 5.92
CA THR A 36 5.21 3.12 5.93
C THR A 36 5.33 1.85 6.77
N PHE A 37 6.04 0.87 6.26
CA PHE A 37 6.20 -0.40 7.03
C PHE A 37 7.48 -0.33 7.87
N LYS A 38 7.43 -0.74 9.11
CA LYS A 38 8.64 -0.70 9.97
C LYS A 38 8.61 -1.84 10.99
N ASP A 39 9.75 -2.23 11.48
CA ASP A 39 9.84 -3.33 12.49
C ASP A 39 8.81 -4.43 12.18
N THR A 40 7.73 -4.48 12.93
CA THR A 40 6.69 -5.52 12.69
C THR A 40 5.31 -4.91 12.83
N SER A 41 5.23 -3.60 12.92
CA SER A 41 3.91 -2.91 13.05
C SER A 41 3.88 -1.78 12.04
N ILE A 42 2.71 -1.23 11.79
CA ILE A 42 2.59 -0.12 10.79
C ILE A 42 2.24 1.19 11.48
N SER A 43 2.36 2.27 10.75
CA SER A 43 2.02 3.62 11.27
C SER A 43 1.16 4.30 10.20
N CYS A 44 0.02 4.84 10.56
CA CYS A 44 -0.89 5.44 9.52
C CYS A 44 -1.14 6.93 9.73
N TYR A 45 -0.66 7.74 8.82
CA TYR A 45 -0.92 9.21 8.86
C TYR A 45 -1.37 9.62 7.46
N LYS A 46 -2.45 10.34 7.34
CA LYS A 46 -2.95 10.73 5.99
C LYS A 46 -2.51 12.15 5.65
N SER A 47 -2.58 13.03 6.61
CA SER A 47 -2.20 14.45 6.36
C SER A 47 -0.82 14.75 6.95
N LYS A 48 -0.09 15.63 6.33
CA LYS A 48 1.26 15.99 6.86
C LYS A 48 1.06 17.00 7.99
N GLU A 49 -0.12 17.55 8.08
CA GLU A 49 -0.41 18.53 9.17
C GLU A 49 -0.07 17.88 10.51
N GLU A 50 0.15 16.61 10.47
CA GLU A 50 0.49 15.83 11.71
C GLU A 50 1.47 16.63 12.57
N SER A 51 2.14 17.60 12.01
CA SER A 51 3.09 18.41 12.82
C SER A 51 2.40 18.83 14.11
N SER A 52 1.09 18.74 14.14
CA SER A 52 0.32 19.10 15.36
C SER A 52 -0.73 18.01 15.63
N GLY A 53 -0.52 16.85 15.06
CA GLY A 53 -1.50 15.73 15.26
C GLY A 53 -0.76 14.38 15.21
N THR A 54 -1.42 13.32 15.60
CA THR A 54 -0.77 11.96 15.61
C THR A 54 -1.45 11.08 14.54
N PRO A 55 -0.76 10.08 14.04
CA PRO A 55 -1.33 9.16 13.01
C PRO A 55 -2.64 8.53 13.47
N ALA A 56 -3.44 8.06 12.55
CA ALA A 56 -4.74 7.44 12.94
C ALA A 56 -4.49 6.34 13.98
N HIS A 57 -3.54 5.47 13.72
CA HIS A 57 -3.26 4.37 14.68
C HIS A 57 -2.02 3.60 14.23
N GLN A 58 -1.61 2.62 15.00
CA GLN A 58 -0.41 1.82 14.64
C GLN A 58 -0.68 0.35 14.95
N MET A 59 -0.71 -0.50 13.96
CA MET A 59 -0.98 -1.95 14.22
C MET A 59 -0.41 -2.79 13.08
N ASN A 60 -0.38 -4.08 13.25
CA ASN A 60 0.18 -4.99 12.19
C ASN A 60 -0.96 -5.44 11.28
N LEU A 61 -1.16 -4.77 10.18
CA LEU A 61 -2.26 -5.16 9.23
C LEU A 61 -1.79 -6.28 8.32
N ARG A 62 -0.61 -6.80 8.53
CA ARG A 62 -0.08 -7.90 7.67
C ARG A 62 -1.18 -8.92 7.39
N GLY A 63 -1.16 -9.53 6.23
CA GLY A 63 -2.18 -10.56 5.88
C GLY A 63 -3.30 -9.92 5.04
N CYS A 64 -2.97 -9.03 4.15
CA CYS A 64 -4.02 -8.39 3.31
C CYS A 64 -4.20 -9.23 2.05
N GLU A 65 -5.34 -9.13 1.39
CA GLU A 65 -5.52 -9.94 0.15
C GLU A 65 -4.93 -9.15 -1.01
N VAL A 66 -4.80 -9.76 -2.16
CA VAL A 66 -4.22 -9.03 -3.33
C VAL A 66 -4.77 -9.59 -4.64
N THR A 67 -5.25 -8.73 -5.49
CA THR A 67 -5.79 -9.16 -6.81
C THR A 67 -5.64 -8.00 -7.79
N PRO A 68 -4.62 -8.00 -8.63
CA PRO A 68 -4.38 -6.87 -9.59
C PRO A 68 -5.26 -6.94 -10.84
N ASP A 69 -5.81 -5.82 -11.23
CA ASP A 69 -6.65 -5.79 -12.45
C ASP A 69 -6.38 -4.45 -13.16
N VAL A 70 -5.36 -4.41 -13.98
CA VAL A 70 -5.02 -3.15 -14.70
C VAL A 70 -5.45 -3.24 -16.16
N ASN A 71 -6.30 -2.35 -16.57
CA ASN A 71 -6.76 -2.31 -17.99
C ASN A 71 -5.90 -1.28 -18.70
N ILE A 72 -4.86 -1.69 -19.36
CA ILE A 72 -4.00 -0.69 -20.03
C ILE A 72 -4.75 -0.12 -21.25
N SER A 73 -5.75 -0.82 -21.74
CA SER A 73 -6.52 -0.28 -22.89
C SER A 73 -6.98 1.12 -22.50
N GLY A 74 -7.06 1.33 -21.22
CA GLY A 74 -7.47 2.65 -20.66
C GLY A 74 -6.28 3.18 -19.85
N GLN A 75 -5.09 2.75 -20.20
CA GLN A 75 -3.84 3.16 -19.50
C GLN A 75 -4.11 3.45 -18.02
N LYS A 76 -4.93 2.63 -17.38
CA LYS A 76 -5.26 2.86 -15.95
C LYS A 76 -4.92 1.63 -15.12
N PHE A 77 -4.24 1.82 -14.02
CA PHE A 77 -3.86 0.69 -13.10
C PHE A 77 -4.70 0.79 -11.82
N ASN A 78 -5.50 -0.22 -11.53
CA ASN A 78 -6.33 -0.18 -10.29
C ASN A 78 -6.15 -1.49 -9.49
N ILE A 79 -5.39 -1.45 -8.42
CA ILE A 79 -5.19 -2.69 -7.61
C ILE A 79 -6.43 -2.90 -6.74
N LYS A 80 -6.92 -4.11 -6.67
CA LYS A 80 -8.11 -4.39 -5.82
C LYS A 80 -7.64 -4.88 -4.45
N LEU A 81 -7.49 -4.00 -3.50
CA LEU A 81 -7.02 -4.45 -2.15
C LEU A 81 -8.23 -4.93 -1.34
N LEU A 82 -8.11 -6.05 -0.68
CA LEU A 82 -9.25 -6.56 0.15
C LEU A 82 -8.70 -7.19 1.43
N ILE A 83 -9.37 -7.00 2.54
CA ILE A 83 -8.86 -7.55 3.84
C ILE A 83 -10.00 -8.27 4.59
N PRO A 84 -9.82 -9.50 5.02
CA PRO A 84 -10.88 -10.22 5.80
C PRO A 84 -10.83 -9.79 7.27
N VAL A 85 -11.95 -9.38 7.84
CA VAL A 85 -11.94 -8.92 9.27
C VAL A 85 -13.20 -9.37 9.99
N ALA A 86 -13.32 -9.04 11.26
CA ALA A 86 -14.51 -9.45 12.03
C ALA A 86 -15.77 -8.82 11.43
N GLU A 87 -15.71 -7.57 11.05
CA GLU A 87 -16.90 -6.93 10.45
C GLU A 87 -17.26 -7.70 9.17
N GLY A 88 -16.28 -8.30 8.56
CA GLY A 88 -16.52 -9.08 7.31
C GLY A 88 -15.31 -8.93 6.38
N MET A 89 -15.40 -8.03 5.45
CA MET A 89 -14.27 -7.79 4.50
C MET A 89 -14.15 -6.29 4.25
N ASN A 90 -13.00 -5.73 4.50
CA ASN A 90 -12.81 -4.27 4.30
C ASN A 90 -12.38 -4.01 2.85
N GLU A 91 -13.23 -3.37 2.09
CA GLU A 91 -12.88 -3.09 0.67
C GLU A 91 -11.95 -1.89 0.61
N ILE A 92 -10.83 -2.04 -0.04
CA ILE A 92 -9.82 -0.94 -0.13
C ILE A 92 -9.10 -1.07 -1.47
N TRP A 93 -9.00 0.00 -2.20
CA TRP A 93 -8.28 -0.06 -3.50
C TRP A 93 -7.60 1.29 -3.76
N LEU A 94 -6.44 1.27 -4.33
CA LEU A 94 -5.68 2.53 -4.60
C LEU A 94 -6.08 3.11 -5.96
N ARG A 95 -5.93 4.39 -6.14
CA ARG A 95 -6.29 5.03 -7.44
C ARG A 95 -5.13 4.87 -8.42
N CYS A 96 -5.41 5.00 -9.68
CA CYS A 96 -4.34 4.86 -10.72
C CYS A 96 -3.46 6.12 -10.72
N ASP A 97 -2.19 5.97 -11.02
CA ASP A 97 -1.27 7.15 -11.02
C ASP A 97 -0.24 7.00 -12.14
N ASN A 98 0.39 5.86 -12.25
CA ASN A 98 1.42 5.66 -13.32
C ASN A 98 2.10 4.30 -13.12
N GLU A 99 2.70 3.77 -14.15
CA GLU A 99 3.37 2.44 -14.03
C GLU A 99 4.40 2.45 -12.89
N LYS A 100 5.18 3.49 -12.78
CA LYS A 100 6.19 3.54 -11.69
C LYS A 100 5.52 3.31 -10.34
N GLN A 101 4.39 3.91 -10.11
CA GLN A 101 3.69 3.72 -8.82
C GLN A 101 3.18 2.29 -8.72
N TYR A 102 2.49 1.81 -9.72
CA TYR A 102 1.96 0.43 -9.62
C TYR A 102 3.09 -0.54 -9.26
N ALA A 103 4.33 -0.16 -9.42
CA ALA A 103 5.46 -1.10 -9.11
C ALA A 103 5.79 -1.13 -7.60
N HIS A 104 5.48 -0.10 -6.86
CA HIS A 104 5.86 -0.10 -5.41
C HIS A 104 4.86 -0.84 -4.49
N TRP A 105 3.65 -0.37 -4.38
CA TRP A 105 2.65 -1.03 -3.46
C TRP A 105 2.25 -2.41 -3.98
N MET A 106 2.41 -2.67 -5.24
CA MET A 106 1.99 -3.98 -5.79
C MET A 106 3.02 -5.04 -5.40
N ALA A 107 4.27 -4.71 -5.51
CA ALA A 107 5.32 -5.69 -5.12
C ALA A 107 5.29 -5.83 -3.59
N ALA A 108 4.77 -4.83 -2.93
CA ALA A 108 4.70 -4.86 -1.44
C ALA A 108 3.51 -5.71 -1.00
N CYS A 109 2.37 -5.56 -1.63
CA CYS A 109 1.17 -6.35 -1.24
C CYS A 109 1.43 -7.85 -1.44
N ARG A 110 1.74 -8.27 -2.64
CA ARG A 110 2.01 -9.72 -2.86
C ARG A 110 3.10 -10.15 -1.88
N LEU A 111 4.03 -9.28 -1.63
CA LEU A 111 5.12 -9.60 -0.68
C LEU A 111 4.54 -9.63 0.74
N ALA A 112 3.84 -8.60 1.12
CA ALA A 112 3.22 -8.60 2.48
C ALA A 112 2.46 -9.91 2.68
N SER A 113 2.09 -10.54 1.60
CA SER A 113 1.35 -11.82 1.70
C SER A 113 2.20 -12.87 2.43
N LYS A 114 3.46 -13.01 2.07
CA LYS A 114 4.29 -14.02 2.78
C LYS A 114 4.67 -13.49 4.17
N GLY A 115 4.28 -12.28 4.47
CA GLY A 115 4.57 -11.70 5.82
C GLY A 115 6.01 -11.17 5.91
N LYS A 116 6.54 -10.63 4.84
CA LYS A 116 7.92 -10.07 4.87
C LYS A 116 7.92 -8.72 4.12
N THR A 117 9.00 -7.97 4.11
CA THR A 117 8.98 -6.66 3.39
C THR A 117 10.37 -6.32 2.80
N MET A 118 10.36 -5.92 1.55
CA MET A 118 11.61 -5.49 0.81
C MET A 118 12.83 -6.43 1.00
N ALA A 119 12.78 -7.41 1.87
CA ALA A 119 13.99 -8.30 2.03
C ALA A 119 13.85 -9.56 1.16
N ASP A 120 12.77 -9.69 0.47
CA ASP A 120 12.58 -10.89 -0.38
C ASP A 120 13.28 -10.70 -1.72
N SER A 121 14.04 -11.68 -2.15
CA SER A 121 14.74 -11.54 -3.47
C SER A 121 13.70 -11.57 -4.59
N SER A 122 12.56 -12.14 -4.34
CA SER A 122 11.51 -12.21 -5.39
C SER A 122 10.86 -10.84 -5.58
N TYR A 123 10.94 -9.98 -4.61
CA TYR A 123 10.29 -8.64 -4.74
C TYR A 123 10.64 -8.02 -6.10
N ASN A 124 11.85 -8.21 -6.55
CA ASN A 124 12.26 -7.62 -7.86
C ASN A 124 11.39 -8.21 -8.98
N LEU A 125 11.45 -9.49 -9.17
CA LEU A 125 10.65 -10.15 -10.25
C LEU A 125 9.24 -9.55 -10.31
N GLU A 126 8.76 -8.99 -9.23
CA GLU A 126 7.38 -8.41 -9.23
C GLU A 126 7.34 -7.10 -10.03
N VAL A 127 8.34 -6.28 -9.89
CA VAL A 127 8.34 -4.99 -10.64
C VAL A 127 8.66 -5.27 -12.11
N GLN A 128 9.48 -6.25 -12.34
CA GLN A 128 9.84 -6.62 -13.73
C GLN A 128 8.61 -7.23 -14.42
N ASN A 129 7.61 -7.60 -13.64
CA ASN A 129 6.40 -8.24 -14.24
C ASN A 129 5.39 -7.20 -14.74
N ILE A 130 5.10 -6.20 -13.97
CA ILE A 130 4.08 -5.21 -14.42
C ILE A 130 4.67 -4.24 -15.45
N LEU A 131 5.96 -4.05 -15.46
CA LEU A 131 6.55 -3.11 -16.45
C LEU A 131 6.51 -3.74 -17.85
N SER A 132 7.07 -4.91 -18.01
CA SER A 132 7.06 -5.56 -19.35
C SER A 132 5.65 -5.49 -19.95
N PHE A 133 4.64 -5.44 -19.13
CA PHE A 133 3.26 -5.38 -19.67
C PHE A 133 3.13 -4.15 -20.58
N LEU A 134 3.51 -3.02 -20.09
CA LEU A 134 3.40 -1.76 -20.88
C LEU A 134 3.90 -1.96 -22.32
N LYS A 135 4.93 -2.74 -22.53
CA LYS A 135 5.41 -2.93 -23.94
C LYS A 135 4.27 -3.52 -24.78
N MET A 136 3.42 -4.28 -24.17
CA MET A 136 2.28 -4.89 -24.91
C MET A 136 1.40 -3.79 -25.49
N GLN A 137 0.98 -2.85 -24.68
CA GLN A 137 0.10 -1.75 -25.19
C GLN A 137 0.97 -0.54 -25.54
N HIS A 138 1.28 0.30 -24.59
CA HIS A 138 2.12 1.49 -24.89
C HIS A 138 2.58 2.14 -23.58
C1 4IP B . -11.13 8.15 7.71
O1 4IP B . -11.78 9.22 8.41
C2 4IP B . -12.18 7.45 6.84
O2 4IP B . -13.25 6.99 7.66
C3 4IP B . -11.56 6.25 6.11
O3 4IP B . -12.57 5.57 5.37
C4 4IP B . -10.94 5.28 7.10
O4 4IP B . -11.97 4.76 7.95
C5 4IP B . -9.89 5.99 7.97
O5 4IP B . -9.33 5.08 8.91
C6 4IP B . -10.54 7.16 8.71
O6 4IP B . -9.55 7.82 9.51
P1 4IP B . -10.97 10.06 9.53
O1P 4IP B . -10.94 9.37 10.84
O2P 4IP B . -11.70 11.50 9.61
O3P 4IP B . -9.51 10.32 8.91
P3 4IP B . -13.50 6.39 4.33
O4P 4IP B . -14.62 7.09 4.99
O5P 4IP B . -14.00 5.31 3.24
O6P 4IP B . -12.51 7.38 3.55
P4 4IP B . -11.61 3.73 9.14
O7P 4IP B . -12.73 2.86 9.52
O8P 4IP B . -11.09 4.64 10.36
O9P 4IP B . -10.32 2.91 8.63
P5 4IP B . -7.98 4.28 8.56
OPF 4IP B . -6.75 5.02 8.90
OPG 4IP B . -8.08 3.94 6.98
OPH 4IP B . -8.09 2.86 9.31
H1 4IP B . -10.36 8.55 7.08
H2 4IP B . -12.55 8.15 6.10
HO2 4IP B . -13.60 7.76 8.20
H3 4IP B . -10.79 6.61 5.43
H4 4IP B . -10.48 4.47 6.57
H5 4IP B . -9.11 6.37 7.32
H6 4IP B . -11.33 6.79 9.35
HO6 4IP B . -9.20 7.18 10.19
#